data_6LYH
#
_entry.id   6LYH
#
_cell.length_a   87.744
_cell.length_b   86.812
_cell.length_c   123.258
_cell.angle_alpha   90.211
_cell.angle_beta   90.039
_cell.angle_gamma   90.172
#
_symmetry.space_group_name_H-M   'P 1'
#
loop_
_entity.id
_entity.type
_entity.pdbx_description
1 polymer 'N-methyltransferase CkTcS'
2 non-polymer S-ADENOSYL-L-HOMOCYSTEINE
3 non-polymer 1,3,7-trimethyl-9H-purine-2,6,8-trione
#
_entity_poly.entity_id   1
_entity_poly.type   'polypeptide(L)'
_entity_poly.pdbx_seq_one_letter_code
;SVKEVLFMNTGEGESSYVQNSSFTEKVASMAMPALENAVETLFSKDFHLFQAINAADLGCATGPNTFAVISTIKRMMEKK
CRELNCQTLELQVYMNDLFGNDFNTLFKGLSSKVIGNKCEEVSCYVMGVPGSFHGRLFPRNSLHLVHSSYSVHWLTQAPK
GLTSREGLALNKGRIYISKTSPPVVREAYLSQFHEDFTMFLNARSQEVVPNGCMVLILRGRQSSDPSDMQSCFIWELLAI
AIAELVSQGLIDEDKLDTFNIPCYFPSLEEVKDIVERDGSFTIDHMEGFELDSLQMQENDKWVRGEKFAKIVRAFTEPII
SNQFGHEIMDKLYDKFTHIVVSDLEAKLPKTTSIILVLSKIVG
;
_entity_poly.pdbx_strand_id   B,A,C,D,E,F,G,H
#
loop_
_chem_comp.id
_chem_comp.type
_chem_comp.name
_chem_comp.formula
EXU non-polymer 1,3,7-trimethyl-9H-purine-2,6,8-trione 'C8 H10 N4 O3'
#
# COMPACT_ATOMS: atom_id res chain seq x y z
N VAL A 2 -12.76 -4.83 -49.50
CA VAL A 2 -12.47 -3.68 -48.66
C VAL A 2 -13.57 -3.44 -47.64
N LYS A 3 -14.82 -3.56 -48.09
CA LYS A 3 -15.96 -3.48 -47.19
C LYS A 3 -16.22 -4.87 -46.60
N GLU A 4 -15.52 -5.86 -47.14
CA GLU A 4 -15.64 -7.24 -46.69
C GLU A 4 -14.92 -7.45 -45.37
N VAL A 5 -14.05 -6.51 -45.01
CA VAL A 5 -13.25 -6.65 -43.80
C VAL A 5 -13.30 -5.41 -42.91
N LEU A 6 -14.17 -4.47 -43.24
CA LEU A 6 -14.37 -3.29 -42.40
C LEU A 6 -15.58 -3.45 -41.50
N PHE A 7 -15.35 -3.33 -40.19
CA PHE A 7 -16.39 -3.41 -39.18
C PHE A 7 -15.76 -3.13 -37.81
N MET A 8 -16.55 -3.19 -36.75
CA MET A 8 -16.03 -3.00 -35.39
C MET A 8 -15.95 -4.36 -34.70
N ASN A 9 -15.32 -4.40 -33.52
CA ASN A 9 -15.13 -5.65 -32.79
C ASN A 9 -16.44 -6.42 -32.59
N THR A 10 -16.51 -7.61 -33.19
CA THR A 10 -17.71 -8.43 -33.12
C THR A 10 -17.97 -8.87 -31.68
N GLY A 11 -19.22 -9.20 -31.38
CA GLY A 11 -19.61 -9.47 -30.00
C GLY A 11 -19.56 -8.19 -29.20
N GLU A 12 -19.70 -8.27 -27.88
CA GLU A 12 -19.95 -9.53 -27.15
C GLU A 12 -20.76 -9.33 -25.84
N GLY A 13 -20.37 -8.42 -24.94
CA GLY A 13 -19.28 -7.46 -25.10
C GLY A 13 -18.25 -7.42 -23.99
N GLU A 14 -17.05 -7.88 -24.29
CA GLU A 14 -15.91 -7.78 -23.37
C GLU A 14 -14.72 -7.20 -24.13
N SER A 15 -14.41 -5.93 -23.87
CA SER A 15 -13.40 -5.17 -24.60
C SER A 15 -13.72 -5.14 -26.10
N SER A 16 -15.00 -5.19 -26.42
CA SER A 16 -15.46 -5.06 -27.80
C SER A 16 -15.93 -3.64 -28.04
N TYR A 17 -16.76 -3.45 -29.06
CA TYR A 17 -17.24 -2.10 -29.38
C TYR A 17 -18.36 -1.64 -28.43
N VAL A 18 -19.24 -2.56 -28.06
CA VAL A 18 -20.42 -2.22 -27.27
C VAL A 18 -20.06 -1.74 -25.86
N GLN A 19 -18.99 -2.28 -25.29
CA GLN A 19 -18.56 -1.88 -23.95
C GLN A 19 -17.83 -0.55 -24.01
N ASN A 20 -17.08 -0.35 -25.09
CA ASN A 20 -16.31 0.85 -25.30
C ASN A 20 -17.02 1.81 -26.24
N SER A 21 -18.15 2.34 -25.79
CA SER A 21 -18.94 3.26 -26.60
C SER A 21 -19.33 4.47 -25.78
N SER A 22 -18.49 4.81 -24.80
CA SER A 22 -18.76 5.93 -23.91
C SER A 22 -18.69 7.26 -24.64
N PHE A 23 -17.63 7.46 -25.41
CA PHE A 23 -17.42 8.69 -26.16
C PHE A 23 -18.53 8.95 -27.18
N THR A 24 -18.77 7.97 -28.04
CA THR A 24 -19.70 8.12 -29.17
C THR A 24 -21.13 8.36 -28.69
N GLU A 25 -21.44 7.89 -27.48
CA GLU A 25 -22.74 8.12 -26.88
C GLU A 25 -22.93 9.59 -26.55
N LYS A 26 -21.82 10.27 -26.24
CA LYS A 26 -21.86 11.69 -25.92
C LYS A 26 -22.05 12.53 -27.17
N VAL A 27 -21.52 12.05 -28.30
CA VAL A 27 -21.69 12.73 -29.57
C VAL A 27 -23.17 12.73 -29.95
N ALA A 28 -23.82 11.59 -29.75
CA ALA A 28 -25.26 11.48 -29.96
C ALA A 28 -26.01 12.38 -28.99
N SER A 29 -25.49 12.50 -27.77
CA SER A 29 -26.10 13.35 -26.76
C SER A 29 -25.99 14.82 -27.16
N MET A 30 -24.86 15.17 -27.78
CA MET A 30 -24.64 16.53 -28.23
C MET A 30 -25.41 16.84 -29.51
N ALA A 31 -25.88 15.79 -30.18
CA ALA A 31 -26.60 15.96 -31.43
C ALA A 31 -28.00 15.35 -31.38
N MET A 32 -28.47 15.04 -30.18
CA MET A 32 -29.84 14.55 -29.99
C MET A 32 -30.91 15.59 -30.36
N PRO A 33 -30.73 16.87 -29.97
CA PRO A 33 -31.73 17.87 -30.38
C PRO A 33 -31.86 18.03 -31.89
N ALA A 34 -30.77 17.80 -32.62
CA ALA A 34 -30.78 17.87 -34.08
C ALA A 34 -31.78 16.87 -34.65
N LEU A 35 -31.78 15.66 -34.09
CA LEU A 35 -32.75 14.64 -34.47
C LEU A 35 -34.15 15.09 -34.10
N GLU A 36 -34.31 15.56 -32.87
CA GLU A 36 -35.60 15.97 -32.33
C GLU A 36 -36.26 17.03 -33.20
N ASN A 37 -35.49 18.03 -33.61
CA ASN A 37 -36.01 19.05 -34.53
C ASN A 37 -36.34 18.46 -35.89
N ALA A 38 -35.49 17.57 -36.36
CA ALA A 38 -35.67 16.90 -37.65
C ALA A 38 -36.97 16.11 -37.69
N VAL A 39 -37.31 15.47 -36.59
CA VAL A 39 -38.56 14.71 -36.48
C VAL A 39 -39.75 15.67 -36.54
N GLU A 40 -39.60 16.82 -35.90
CA GLU A 40 -40.66 17.83 -35.88
C GLU A 40 -40.93 18.37 -37.28
N THR A 41 -39.86 18.54 -38.06
CA THR A 41 -39.99 19.04 -39.43
C THR A 41 -40.78 18.05 -40.29
N LEU A 42 -40.58 16.76 -40.02
CA LEU A 42 -41.32 15.72 -40.73
C LEU A 42 -42.81 15.81 -40.42
N PHE A 43 -43.12 16.29 -39.22
CA PHE A 43 -44.51 16.47 -38.81
C PHE A 43 -45.08 17.77 -39.39
N SER A 44 -44.22 18.78 -39.53
CA SER A 44 -44.60 20.03 -40.18
C SER A 44 -44.85 19.80 -41.67
N LYS A 45 -44.24 18.75 -42.21
CA LYS A 45 -44.40 18.41 -43.62
C LYS A 45 -45.82 17.93 -43.91
N ASP A 46 -46.48 17.40 -42.88
CA ASP A 46 -47.87 16.94 -42.96
C ASP A 46 -48.08 15.77 -43.91
N PHE A 47 -47.32 15.72 -45.00
CA PHE A 47 -47.43 14.64 -45.97
C PHE A 47 -46.92 13.32 -45.41
N HIS A 48 -46.04 13.40 -44.41
CA HIS A 48 -45.42 12.21 -43.82
C HIS A 48 -46.27 11.64 -42.68
N LEU A 49 -47.42 12.25 -42.44
CA LEU A 49 -48.29 11.84 -41.35
C LEU A 49 -49.20 10.68 -41.77
N PHE A 50 -49.17 10.36 -43.06
CA PHE A 50 -49.95 9.26 -43.61
C PHE A 50 -49.13 8.44 -44.59
N GLN A 51 -48.98 7.15 -44.31
CA GLN A 51 -49.59 6.53 -43.13
C GLN A 51 -48.51 6.03 -42.18
N ALA A 52 -47.37 5.67 -42.73
CA ALA A 52 -46.25 5.18 -41.93
C ALA A 52 -44.99 5.98 -42.24
N ILE A 53 -44.17 6.22 -41.24
CA ILE A 53 -42.94 6.98 -41.43
C ILE A 53 -41.72 6.05 -41.39
N ASN A 54 -40.92 6.10 -42.44
CA ASN A 54 -39.74 5.28 -42.56
C ASN A 54 -38.46 6.03 -42.20
N ALA A 55 -37.83 5.60 -41.13
CA ALA A 55 -36.54 6.16 -40.71
C ALA A 55 -35.47 5.08 -40.79
N ALA A 56 -34.21 5.49 -40.90
CA ALA A 56 -33.12 4.53 -41.01
C ALA A 56 -31.82 5.06 -40.40
N ASP A 57 -31.11 4.20 -39.67
CA ASP A 57 -29.80 4.55 -39.13
C ASP A 57 -28.70 3.79 -39.88
N LEU A 58 -27.78 4.54 -40.47
CA LEU A 58 -26.70 3.96 -41.27
C LEU A 58 -25.41 3.87 -40.46
N GLY A 59 -24.86 2.66 -40.38
CA GLY A 59 -23.68 2.43 -39.55
C GLY A 59 -24.05 2.32 -38.10
N CYS A 60 -24.61 1.19 -37.69
CA CYS A 60 -25.12 1.02 -36.33
C CYS A 60 -24.20 0.18 -35.46
N ALA A 61 -23.21 -0.48 -36.09
CA ALA A 61 -22.28 -1.37 -35.39
C ALA A 61 -23.00 -2.41 -34.54
N THR A 62 -22.43 -2.66 -33.36
CA THR A 62 -23.05 -3.54 -32.37
C THR A 62 -23.38 -2.72 -31.13
N GLY A 63 -22.80 -1.53 -31.07
CA GLY A 63 -22.87 -0.69 -29.88
C GLY A 63 -24.24 -0.23 -29.46
N PRO A 64 -24.33 0.32 -28.24
CA PRO A 64 -25.56 0.81 -27.60
C PRO A 64 -26.03 2.17 -28.09
N ASN A 65 -25.43 2.69 -29.15
CA ASN A 65 -25.72 4.04 -29.60
C ASN A 65 -26.89 4.11 -30.57
N THR A 66 -27.13 3.01 -31.29
CA THR A 66 -28.07 3.03 -32.39
C THR A 66 -29.54 2.96 -31.99
N PHE A 67 -29.83 2.36 -30.85
CA PHE A 67 -31.21 2.34 -30.38
C PHE A 67 -31.47 3.55 -29.48
N ALA A 68 -30.42 4.31 -29.20
CA ALA A 68 -30.57 5.58 -28.52
C ALA A 68 -31.40 6.50 -29.40
N VAL A 69 -31.04 6.57 -30.68
CA VAL A 69 -31.74 7.46 -31.60
C VAL A 69 -33.11 6.92 -31.97
N ILE A 70 -33.27 5.60 -31.98
CA ILE A 70 -34.58 4.99 -32.22
C ILE A 70 -35.54 5.38 -31.09
N SER A 71 -34.99 5.47 -29.89
CA SER A 71 -35.76 5.88 -28.71
C SER A 71 -36.22 7.33 -28.83
N THR A 72 -35.35 8.22 -29.29
CA THR A 72 -35.70 9.62 -29.42
C THR A 72 -36.72 9.83 -30.52
N ILE A 73 -36.56 9.11 -31.63
CA ILE A 73 -37.48 9.21 -32.76
C ILE A 73 -38.89 8.81 -32.34
N LYS A 74 -39.01 7.67 -31.67
CA LYS A 74 -40.31 7.17 -31.19
C LYS A 74 -40.91 8.09 -30.13
N ARG A 75 -40.08 8.50 -29.17
CA ARG A 75 -40.50 9.40 -28.10
C ARG A 75 -41.04 10.71 -28.66
N MET A 76 -40.27 11.34 -29.54
CA MET A 76 -40.68 12.58 -30.17
C MET A 76 -41.94 12.39 -31.01
N MET A 77 -41.97 11.30 -31.76
CA MET A 77 -43.11 10.97 -32.63
C MET A 77 -44.37 10.77 -31.81
N GLU A 78 -44.26 10.02 -30.72
CA GLU A 78 -45.39 9.75 -29.85
C GLU A 78 -45.88 11.03 -29.19
N LYS A 79 -44.95 11.96 -28.95
CA LYS A 79 -45.28 13.25 -28.37
C LYS A 79 -46.13 14.09 -29.33
N LYS A 80 -45.68 14.22 -30.57
CA LYS A 80 -46.42 14.98 -31.57
C LYS A 80 -47.68 14.24 -31.99
N CYS A 81 -47.65 12.92 -31.83
CA CYS A 81 -48.82 12.08 -32.05
C CYS A 81 -49.93 12.46 -31.09
N ARG A 82 -49.53 12.86 -29.88
CA ARG A 82 -50.47 13.24 -28.83
C ARG A 82 -51.09 14.61 -29.12
N GLU A 83 -50.29 15.51 -29.69
CA GLU A 83 -50.78 16.83 -30.07
C GLU A 83 -51.78 16.72 -31.21
N LEU A 84 -51.48 15.85 -32.18
CA LEU A 84 -52.36 15.62 -33.32
C LEU A 84 -53.61 14.87 -32.91
N ASN A 85 -53.58 14.27 -31.72
CA ASN A 85 -54.69 13.46 -31.21
C ASN A 85 -55.13 12.39 -32.20
N CYS A 86 -54.17 11.63 -32.69
CA CYS A 86 -54.39 10.69 -33.79
C CYS A 86 -53.49 9.47 -33.68
N GLN A 87 -54.07 8.35 -33.22
CA GLN A 87 -53.29 7.12 -32.98
C GLN A 87 -53.21 6.25 -34.24
N THR A 88 -52.59 6.77 -35.28
CA THR A 88 -52.42 6.03 -36.53
C THR A 88 -50.95 5.90 -36.93
N LEU A 89 -50.08 6.57 -36.19
CA LEU A 89 -48.67 6.66 -36.58
C LEU A 89 -47.94 5.33 -36.39
N GLU A 90 -47.29 4.88 -37.46
CA GLU A 90 -46.44 3.70 -37.40
C GLU A 90 -45.02 4.07 -37.81
N LEU A 91 -44.04 3.36 -37.25
CA LEU A 91 -42.63 3.68 -37.49
C LEU A 91 -41.81 2.45 -37.83
N GLN A 92 -41.21 2.45 -39.02
CA GLN A 92 -40.31 1.37 -39.42
C GLN A 92 -38.88 1.88 -39.44
N VAL A 93 -37.99 1.21 -38.71
CA VAL A 93 -36.59 1.62 -38.62
C VAL A 93 -35.68 0.61 -39.28
N TYR A 94 -34.81 1.10 -40.16
CA TYR A 94 -33.85 0.24 -40.85
C TYR A 94 -32.45 0.44 -40.29
N MET A 95 -31.92 -0.60 -39.66
CA MET A 95 -30.57 -0.54 -39.11
C MET A 95 -29.56 -1.07 -40.13
N ASN A 96 -28.63 -0.21 -40.54
CA ASN A 96 -27.68 -0.57 -41.57
C ASN A 96 -26.24 -0.61 -41.09
N ASP A 97 -25.51 -1.59 -41.59
CA ASP A 97 -24.08 -1.71 -41.37
C ASP A 97 -23.51 -2.64 -42.41
N LEU A 98 -22.18 -2.64 -42.53
CA LEU A 98 -21.51 -3.59 -43.40
C LEU A 98 -21.80 -5.03 -42.98
N PHE A 99 -21.68 -5.95 -43.93
CA PHE A 99 -22.02 -7.36 -43.70
C PHE A 99 -21.26 -7.99 -42.54
N GLY A 100 -19.97 -7.68 -42.44
CA GLY A 100 -19.11 -8.28 -41.44
C GLY A 100 -19.51 -7.97 -40.01
N ASN A 101 -20.34 -6.95 -39.83
CA ASN A 101 -20.81 -6.56 -38.50
C ASN A 101 -21.52 -7.70 -37.77
N ASP A 102 -21.37 -7.73 -36.44
CA ASP A 102 -22.00 -8.79 -35.64
C ASP A 102 -23.45 -8.44 -35.30
N PHE A 103 -24.36 -8.74 -36.23
CA PHE A 103 -25.78 -8.40 -36.07
C PHE A 103 -26.43 -9.07 -34.87
N ASN A 104 -26.04 -10.31 -34.57
CA ASN A 104 -26.61 -11.04 -33.44
C ASN A 104 -26.43 -10.31 -32.10
N THR A 105 -25.27 -9.67 -31.94
CA THR A 105 -25.02 -8.88 -30.74
C THR A 105 -25.96 -7.68 -30.69
N LEU A 106 -26.10 -7.00 -31.83
CA LEU A 106 -27.00 -5.86 -31.92
C LEU A 106 -28.46 -6.30 -31.83
N PHE A 107 -28.77 -7.44 -32.44
CA PHE A 107 -30.12 -8.00 -32.40
C PHE A 107 -30.53 -8.37 -30.98
N LYS A 108 -29.60 -9.01 -30.25
CA LYS A 108 -29.84 -9.35 -28.85
C LYS A 108 -30.07 -8.09 -28.03
N GLY A 109 -29.39 -7.02 -28.43
CA GLY A 109 -29.60 -5.72 -27.80
C GLY A 109 -30.91 -5.13 -28.25
N LEU A 110 -31.23 -5.28 -29.53
CA LEU A 110 -32.48 -4.78 -30.08
C LEU A 110 -33.66 -5.62 -29.62
N SER A 111 -33.36 -6.85 -29.19
CA SER A 111 -34.41 -7.76 -28.73
C SER A 111 -35.06 -7.25 -27.43
N SER A 112 -34.25 -6.62 -26.59
CA SER A 112 -34.72 -6.18 -25.28
C SER A 112 -35.64 -4.97 -25.35
N LYS A 113 -35.33 -4.04 -26.24
CA LYS A 113 -36.01 -2.76 -26.28
C LYS A 113 -37.13 -2.70 -27.32
N VAL A 114 -38.29 -3.27 -26.98
CA VAL A 114 -39.47 -3.16 -27.82
C VAL A 114 -40.71 -2.63 -27.02
N ILE A 115 -41.23 -3.25 -25.95
CA ILE A 115 -40.97 -4.59 -25.34
C ILE A 115 -39.54 -5.12 -25.27
N GLU A 120 -48.64 2.64 -25.38
CA GLU A 120 -47.75 2.87 -26.51
C GLU A 120 -48.53 3.35 -27.73
N GLU A 121 -48.39 4.64 -28.04
CA GLU A 121 -49.12 5.24 -29.14
C GLU A 121 -48.61 4.79 -30.51
N VAL A 122 -47.29 4.80 -30.67
CA VAL A 122 -46.68 4.44 -31.95
C VAL A 122 -46.01 3.07 -31.89
N SER A 123 -46.35 2.21 -32.84
CA SER A 123 -45.67 0.93 -33.00
C SER A 123 -44.33 1.16 -33.69
N CYS A 124 -43.35 0.34 -33.33
CA CYS A 124 -42.01 0.48 -33.90
C CYS A 124 -41.53 -0.83 -34.51
N TYR A 125 -41.08 -0.76 -35.77
CA TYR A 125 -40.62 -1.95 -36.48
C TYR A 125 -39.16 -1.83 -36.89
N VAL A 126 -38.33 -2.68 -36.30
CA VAL A 126 -36.89 -2.62 -36.54
C VAL A 126 -36.44 -3.72 -37.50
N MET A 127 -35.85 -3.30 -38.61
CA MET A 127 -35.31 -4.23 -39.60
C MET A 127 -33.83 -3.95 -39.84
N GLY A 128 -33.07 -5.01 -40.10
CA GLY A 128 -31.64 -4.87 -40.33
C GLY A 128 -31.29 -4.93 -41.81
N VAL A 129 -30.48 -3.97 -42.25
CA VAL A 129 -30.08 -3.90 -43.65
C VAL A 129 -28.57 -3.95 -43.80
N PRO A 130 -28.02 -5.15 -44.09
CA PRO A 130 -26.58 -5.31 -44.29
C PRO A 130 -26.14 -4.84 -45.66
N GLY A 131 -24.91 -4.36 -45.76
CA GLY A 131 -24.38 -3.84 -47.01
C GLY A 131 -23.85 -2.44 -46.88
N SER A 132 -23.06 -2.02 -47.87
CA SER A 132 -22.47 -0.69 -47.87
C SER A 132 -23.51 0.38 -48.23
N PHE A 133 -23.42 1.53 -47.56
CA PHE A 133 -24.32 2.63 -47.85
C PHE A 133 -23.74 3.56 -48.92
N HIS A 134 -22.66 3.12 -49.55
CA HIS A 134 -22.06 3.84 -50.67
C HIS A 134 -22.78 3.50 -51.96
N GLY A 135 -23.69 2.54 -51.87
CA GLY A 135 -24.57 2.20 -52.97
C GLY A 135 -26.02 2.37 -52.52
N ARG A 136 -26.96 1.91 -53.33
CA ARG A 136 -28.37 2.00 -52.96
C ARG A 136 -28.75 0.84 -52.05
N LEU A 137 -29.47 1.14 -50.97
CA LEU A 137 -29.86 0.13 -50.01
C LEU A 137 -31.36 -0.06 -49.95
N PHE A 138 -32.09 1.03 -50.18
CA PHE A 138 -33.55 1.02 -50.09
C PHE A 138 -34.17 1.44 -51.41
N PRO A 139 -35.34 0.86 -51.75
CA PRO A 139 -36.12 1.24 -52.93
C PRO A 139 -36.34 2.75 -53.04
N ARG A 140 -36.80 3.21 -54.19
CA ARG A 140 -36.97 4.64 -54.43
C ARG A 140 -38.01 5.29 -53.50
N ASN A 141 -37.67 6.46 -52.96
CA ASN A 141 -38.55 7.23 -52.08
C ASN A 141 -39.05 6.43 -50.88
N SER A 142 -38.17 5.63 -50.30
CA SER A 142 -38.55 4.74 -49.21
C SER A 142 -38.26 5.34 -47.85
N LEU A 143 -37.59 6.49 -47.82
CA LEU A 143 -37.16 7.05 -46.54
C LEU A 143 -37.60 8.49 -46.35
N HIS A 144 -38.21 8.77 -45.21
CA HIS A 144 -38.56 10.13 -44.84
C HIS A 144 -37.40 10.74 -44.05
N LEU A 145 -36.75 9.90 -43.25
CA LEU A 145 -35.66 10.34 -42.39
C LEU A 145 -34.45 9.42 -42.47
N VAL A 146 -33.27 10.01 -42.55
CA VAL A 146 -32.02 9.25 -42.53
C VAL A 146 -31.12 9.80 -41.42
N HIS A 147 -30.45 8.89 -40.70
CA HIS A 147 -29.55 9.28 -39.62
C HIS A 147 -28.25 8.48 -39.68
N SER A 148 -27.13 9.16 -39.49
CA SER A 148 -25.83 8.52 -39.53
C SER A 148 -24.84 9.17 -38.57
N SER A 149 -24.23 8.36 -37.71
CA SER A 149 -23.27 8.84 -36.73
C SER A 149 -21.94 8.12 -36.85
N TYR A 150 -20.87 8.88 -37.10
CA TYR A 150 -19.51 8.35 -37.13
C TYR A 150 -19.32 7.14 -38.05
N SER A 151 -19.90 7.21 -39.24
CA SER A 151 -19.78 6.11 -40.19
C SER A 151 -19.50 6.63 -41.60
N VAL A 152 -19.82 7.89 -41.84
CA VAL A 152 -19.66 8.51 -43.15
C VAL A 152 -18.19 8.65 -43.55
N HIS A 153 -17.34 8.97 -42.59
CA HIS A 153 -15.94 9.25 -42.87
C HIS A 153 -15.16 8.02 -43.32
N TRP A 154 -15.68 6.83 -43.05
CA TRP A 154 -15.06 5.61 -43.54
C TRP A 154 -15.23 5.51 -45.05
N LEU A 155 -14.11 5.42 -45.77
CA LEU A 155 -14.12 5.50 -47.23
C LEU A 155 -14.45 4.16 -47.89
N THR A 156 -14.79 4.22 -49.18
CA THR A 156 -14.99 3.02 -49.99
C THR A 156 -13.72 2.18 -50.00
N GLN A 157 -12.61 2.83 -50.34
CA GLN A 157 -11.30 2.20 -50.42
C GLN A 157 -10.24 3.17 -49.91
N ALA A 158 -9.03 2.66 -49.69
CA ALA A 158 -7.90 3.53 -49.40
C ALA A 158 -7.63 4.41 -50.61
N PRO A 159 -7.25 5.68 -50.37
CA PRO A 159 -7.03 6.67 -51.44
C PRO A 159 -6.07 6.21 -52.52
N LYS A 160 -6.41 6.50 -53.78
CA LYS A 160 -5.60 6.10 -54.92
C LYS A 160 -5.98 6.92 -56.15
N LEU A 168 6.14 1.11 -56.66
CA LEU A 168 6.31 1.11 -55.22
C LEU A 168 5.96 2.47 -54.60
N ALA A 169 4.67 2.79 -54.59
CA ALA A 169 4.20 4.03 -53.99
C ALA A 169 4.35 3.97 -52.47
N LEU A 170 4.29 5.12 -51.82
CA LEU A 170 4.53 5.16 -50.38
C LEU A 170 3.92 6.35 -49.64
N ASN A 171 3.42 6.06 -48.45
CA ASN A 171 3.04 7.08 -47.47
C ASN A 171 3.88 6.85 -46.22
N LYS A 172 5.19 6.89 -46.40
CA LYS A 172 6.13 6.58 -45.32
C LYS A 172 6.25 7.74 -44.34
N GLY A 173 6.24 7.42 -43.04
CA GLY A 173 5.98 6.07 -42.57
C GLY A 173 4.70 6.06 -41.76
N ARG A 174 3.60 6.42 -42.42
CA ARG A 174 2.34 6.64 -41.74
C ARG A 174 1.20 5.82 -42.31
N ILE A 175 0.08 5.81 -41.58
CA ILE A 175 -1.15 5.16 -42.02
C ILE A 175 -2.18 6.21 -42.42
N TYR A 176 -1.73 7.46 -42.49
CA TYR A 176 -2.64 8.59 -42.68
C TYR A 176 -1.91 9.89 -42.98
N ILE A 177 -2.67 10.90 -43.36
CA ILE A 177 -2.14 12.23 -43.60
C ILE A 177 -1.45 12.80 -42.38
N SER A 178 -0.19 13.16 -42.54
CA SER A 178 0.59 13.71 -41.43
C SER A 178 1.49 14.84 -41.91
N LYS A 179 2.22 15.44 -40.98
CA LYS A 179 3.21 16.46 -41.32
C LYS A 179 4.36 15.85 -42.12
N THR A 180 4.55 14.54 -41.98
CA THR A 180 5.65 13.83 -42.61
C THR A 180 5.30 13.24 -43.98
N SER A 181 4.15 13.64 -44.52
CA SER A 181 3.66 13.03 -45.75
C SER A 181 3.21 14.04 -46.79
N PRO A 182 4.11 14.36 -47.74
CA PRO A 182 3.77 15.23 -48.87
C PRO A 182 3.66 14.49 -50.21
N PRO A 183 2.83 14.99 -51.14
CA PRO A 183 1.77 15.98 -50.93
C PRO A 183 0.40 15.50 -51.41
N VAL A 184 0.42 14.50 -52.28
CA VAL A 184 -0.78 13.91 -52.86
C VAL A 184 -1.45 13.01 -51.84
N VAL A 185 -0.79 12.82 -50.70
CA VAL A 185 -1.37 12.08 -49.60
C VAL A 185 -2.50 12.90 -48.99
N ARG A 186 -2.36 14.21 -48.97
CA ARG A 186 -3.45 15.06 -48.49
C ARG A 186 -4.51 15.22 -49.57
N GLU A 187 -4.06 15.38 -50.81
CA GLU A 187 -4.96 15.62 -51.93
C GLU A 187 -5.84 14.42 -52.25
N ALA A 188 -5.25 13.21 -52.21
CA ALA A 188 -5.99 12.00 -52.53
C ALA A 188 -7.16 11.79 -51.59
N TYR A 189 -6.91 11.91 -50.28
CA TYR A 189 -7.97 11.78 -49.28
C TYR A 189 -9.08 12.79 -49.52
N LEU A 190 -8.71 13.99 -49.94
CA LEU A 190 -9.69 15.04 -50.21
C LEU A 190 -10.61 14.65 -51.36
N SER A 191 -10.00 14.22 -52.47
CA SER A 191 -10.76 13.82 -53.64
C SER A 191 -11.48 12.50 -53.40
N GLN A 192 -10.90 11.66 -52.55
CA GLN A 192 -11.49 10.35 -52.26
C GLN A 192 -12.76 10.48 -51.43
N PHE A 193 -12.74 11.39 -50.46
CA PHE A 193 -13.93 11.63 -49.67
C PHE A 193 -15.03 12.18 -50.58
N HIS A 194 -14.65 13.10 -51.46
CA HIS A 194 -15.58 13.61 -52.47
C HIS A 194 -16.11 12.47 -53.33
N GLU A 195 -15.25 11.49 -53.60
CA GLU A 195 -15.62 10.33 -54.40
C GLU A 195 -16.64 9.47 -53.67
N ASP A 196 -16.37 9.18 -52.41
CA ASP A 196 -17.21 8.31 -51.60
C ASP A 196 -18.48 9.03 -51.11
N PHE A 197 -18.32 10.26 -50.65
CA PHE A 197 -19.45 11.03 -50.14
C PHE A 197 -20.47 11.28 -51.25
N THR A 198 -19.99 11.51 -52.47
CA THR A 198 -20.89 11.73 -53.60
C THR A 198 -21.75 10.50 -53.87
N MET A 199 -21.13 9.33 -53.86
CA MET A 199 -21.86 8.08 -54.02
C MET A 199 -22.94 7.98 -52.95
N PHE A 200 -22.54 8.22 -51.71
CA PHE A 200 -23.44 8.21 -50.58
C PHE A 200 -24.60 9.18 -50.81
N LEU A 201 -24.29 10.46 -50.99
CA LEU A 201 -25.31 11.48 -51.22
C LEU A 201 -26.21 11.16 -52.42
N ASN A 202 -25.62 10.68 -53.51
CA ASN A 202 -26.38 10.36 -54.71
C ASN A 202 -27.21 9.08 -54.56
N ALA A 203 -26.67 8.11 -53.84
CA ALA A 203 -27.41 6.89 -53.57
C ALA A 203 -28.63 7.20 -52.72
N ARG A 204 -28.45 8.11 -51.77
CA ARG A 204 -29.56 8.58 -50.94
C ARG A 204 -30.58 9.34 -51.78
N SER A 205 -30.07 10.10 -52.75
CA SER A 205 -30.89 11.00 -53.58
C SER A 205 -32.15 10.30 -54.09
N GLN A 206 -31.98 9.06 -54.57
CA GLN A 206 -33.12 8.29 -55.06
C GLN A 206 -33.81 7.54 -53.92
N GLU A 207 -33.16 7.49 -52.76
CA GLU A 207 -33.69 6.75 -51.61
C GLU A 207 -34.61 7.58 -50.74
N VAL A 208 -34.26 8.85 -50.50
CA VAL A 208 -35.09 9.69 -49.66
C VAL A 208 -36.27 10.28 -50.41
N VAL A 209 -37.39 10.37 -49.70
CA VAL A 209 -38.59 11.05 -50.18
C VAL A 209 -38.27 12.53 -50.38
N PRO A 210 -38.78 13.13 -51.47
CA PRO A 210 -38.66 14.59 -51.67
C PRO A 210 -39.05 15.38 -50.41
N ASN A 211 -38.31 16.44 -50.13
CA ASN A 211 -38.47 17.24 -48.91
C ASN A 211 -38.27 16.40 -47.65
N GLY A 212 -37.54 15.30 -47.79
CA GLY A 212 -37.19 14.47 -46.65
C GLY A 212 -36.13 15.15 -45.81
N CYS A 213 -35.67 14.50 -44.75
CA CYS A 213 -34.66 15.09 -43.88
C CYS A 213 -33.50 14.13 -43.66
N MET A 214 -32.33 14.70 -43.33
CA MET A 214 -31.13 13.89 -43.16
C MET A 214 -30.28 14.46 -42.03
N VAL A 215 -29.83 13.60 -41.13
CA VAL A 215 -28.97 14.00 -40.02
C VAL A 215 -27.70 13.17 -39.97
N LEU A 216 -26.59 13.77 -40.37
CA LEU A 216 -25.31 13.07 -40.41
C LEU A 216 -24.30 13.67 -39.42
N ILE A 217 -23.71 12.82 -38.61
CA ILE A 217 -22.63 13.22 -37.72
C ILE A 217 -21.38 12.41 -38.03
N LEU A 218 -20.27 13.10 -38.30
CA LEU A 218 -19.01 12.42 -38.57
C LEU A 218 -17.86 13.14 -37.90
N ARG A 219 -16.73 12.46 -37.76
CA ARG A 219 -15.56 13.04 -37.14
C ARG A 219 -14.79 13.89 -38.14
N GLY A 220 -14.63 15.17 -37.82
CA GLY A 220 -13.88 16.07 -38.67
C GLY A 220 -12.84 16.86 -37.90
N ARG A 221 -12.48 18.03 -38.42
CA ARG A 221 -11.49 18.89 -37.80
C ARG A 221 -11.76 20.36 -38.13
N GLN A 222 -11.31 21.26 -37.26
CA GLN A 222 -11.48 22.69 -37.47
C GLN A 222 -10.29 23.31 -38.18
N SER A 223 -9.20 22.56 -38.31
CA SER A 223 -7.98 23.06 -38.92
C SER A 223 -8.08 23.09 -40.45
N SER A 224 -7.34 23.99 -41.07
CA SER A 224 -7.32 24.06 -42.53
C SER A 224 -6.53 22.88 -43.08
N ASP A 225 -5.47 22.53 -42.38
CA ASP A 225 -4.63 21.40 -42.78
C ASP A 225 -4.79 20.26 -41.77
N PRO A 226 -5.07 19.06 -42.27
CA PRO A 226 -5.40 17.88 -41.45
C PRO A 226 -4.20 17.28 -40.72
N SER A 227 -3.00 17.74 -41.04
CA SER A 227 -1.80 17.21 -40.42
C SER A 227 -1.62 17.73 -39.00
N ASP A 228 -2.41 18.74 -38.64
CA ASP A 228 -2.43 19.26 -37.28
C ASP A 228 -2.76 18.14 -36.31
N MET A 229 -2.11 18.15 -35.15
CA MET A 229 -2.19 17.04 -34.19
C MET A 229 -3.63 16.71 -33.80
N GLN A 230 -4.43 17.74 -33.54
CA GLN A 230 -5.84 17.57 -33.16
C GLN A 230 -6.65 16.77 -34.17
N SER A 231 -6.29 16.94 -35.45
CA SER A 231 -7.04 16.34 -36.55
C SER A 231 -6.69 14.88 -36.79
N CYS A 232 -5.42 14.52 -36.58
CA CYS A 232 -4.93 13.22 -37.01
C CYS A 232 -4.15 12.44 -35.95
N PHE A 233 -4.36 12.75 -34.68
CA PHE A 233 -3.57 12.13 -33.63
C PHE A 233 -3.81 10.63 -33.49
N ILE A 234 -5.05 10.19 -33.70
CA ILE A 234 -5.38 8.77 -33.59
C ILE A 234 -4.51 7.94 -34.53
N TRP A 235 -4.40 8.38 -35.77
CA TRP A 235 -3.66 7.65 -36.78
C TRP A 235 -2.17 7.91 -36.66
N GLU A 236 -1.82 9.09 -36.17
CA GLU A 236 -0.42 9.44 -35.94
C GLU A 236 0.15 8.58 -34.81
N LEU A 237 -0.63 8.41 -33.75
CA LEU A 237 -0.20 7.60 -32.62
C LEU A 237 -0.16 6.12 -32.99
N LEU A 238 -1.17 5.68 -33.73
CA LEU A 238 -1.20 4.32 -34.25
C LEU A 238 0.00 4.06 -35.16
N ALA A 239 0.36 5.07 -35.94
CA ALA A 239 1.50 4.97 -36.86
C ALA A 239 2.82 4.86 -36.12
N ILE A 240 2.89 5.46 -34.93
CA ILE A 240 4.10 5.40 -34.10
C ILE A 240 4.26 4.02 -33.48
N ALA A 241 3.16 3.51 -32.93
CA ALA A 241 3.18 2.23 -32.23
C ALA A 241 3.53 1.07 -33.15
N ILE A 242 3.06 1.12 -34.41
CA ILE A 242 3.39 0.07 -35.36
C ILE A 242 4.85 0.21 -35.80
N ALA A 243 5.31 1.45 -35.97
CA ALA A 243 6.68 1.71 -36.40
C ALA A 243 7.70 1.26 -35.35
N GLU A 244 7.35 1.42 -34.08
CA GLU A 244 8.25 1.01 -33.00
C GLU A 244 8.37 -0.50 -32.95
N LEU A 245 7.31 -1.20 -33.33
CA LEU A 245 7.33 -2.65 -33.40
C LEU A 245 8.21 -3.13 -34.54
N VAL A 246 8.36 -2.29 -35.56
CA VAL A 246 9.25 -2.59 -36.67
C VAL A 246 10.70 -2.48 -36.22
N SER A 247 10.97 -1.50 -35.35
CA SER A 247 12.29 -1.34 -34.76
C SER A 247 12.66 -2.59 -33.97
N GLN A 248 11.66 -3.16 -33.30
CA GLN A 248 11.84 -4.41 -32.57
C GLN A 248 11.95 -5.58 -33.54
N GLY A 249 11.45 -5.40 -34.76
CA GLY A 249 11.54 -6.43 -35.78
C GLY A 249 10.31 -7.32 -35.81
N LEU A 250 9.32 -6.99 -34.99
CA LEU A 250 8.08 -7.76 -34.94
C LEU A 250 7.29 -7.64 -36.23
N ILE A 251 7.35 -6.47 -36.87
CA ILE A 251 6.64 -6.22 -38.11
C ILE A 251 7.56 -5.64 -39.18
N ASP A 252 7.31 -5.97 -40.44
CA ASP A 252 8.07 -5.38 -41.55
C ASP A 252 7.50 -4.02 -41.92
N GLU A 253 8.37 -3.03 -42.11
CA GLU A 253 7.93 -1.65 -42.29
C GLU A 253 7.32 -1.38 -43.66
N ASP A 254 7.67 -2.19 -44.65
CA ASP A 254 7.19 -1.93 -46.00
C ASP A 254 5.69 -2.20 -46.07
N LYS A 255 5.19 -2.96 -45.11
CA LYS A 255 3.76 -3.16 -44.93
C LYS A 255 3.13 -1.89 -44.33
N LEU A 256 3.88 -1.21 -43.47
CA LEU A 256 3.41 0.02 -42.85
C LEU A 256 3.44 1.18 -43.83
N ASP A 257 4.49 1.22 -44.64
CA ASP A 257 4.61 2.21 -45.70
C ASP A 257 3.44 2.10 -46.68
N THR A 258 3.05 0.87 -46.98
CA THR A 258 1.98 0.63 -47.94
C THR A 258 0.58 0.82 -47.35
N PHE A 259 0.40 0.41 -46.10
CA PHE A 259 -0.94 0.47 -45.51
C PHE A 259 -1.29 1.87 -45.03
N ASN A 260 -2.33 2.42 -45.64
CA ASN A 260 -2.95 3.66 -45.17
C ASN A 260 -4.43 3.39 -44.94
N ILE A 261 -4.96 3.90 -43.83
CA ILE A 261 -6.34 3.60 -43.43
C ILE A 261 -7.39 4.34 -44.28
N PRO A 262 -8.36 3.58 -44.81
CA PRO A 262 -9.47 4.12 -45.61
C PRO A 262 -10.48 4.89 -44.76
N CYS A 263 -10.08 6.08 -44.33
CA CYS A 263 -10.93 6.94 -43.51
C CYS A 263 -10.44 8.38 -43.64
N TYR A 264 -11.31 9.35 -43.34
CA TYR A 264 -10.94 10.75 -43.54
C TYR A 264 -11.75 11.75 -42.71
N PHE A 265 -11.05 12.62 -41.99
CA PHE A 265 -11.69 13.71 -41.26
C PHE A 265 -11.48 15.01 -41.99
N PRO A 266 -12.55 15.57 -42.56
CA PRO A 266 -12.49 16.80 -43.36
C PRO A 266 -12.87 18.07 -42.59
N SER A 267 -12.59 19.23 -43.18
CA SER A 267 -12.99 20.51 -42.62
C SER A 267 -14.39 20.86 -43.08
N LEU A 268 -15.03 21.80 -42.39
CA LEU A 268 -16.43 22.12 -42.64
C LEU A 268 -16.67 22.64 -44.06
N GLU A 269 -15.78 23.51 -44.53
CA GLU A 269 -15.90 24.11 -45.85
C GLU A 269 -15.81 23.05 -46.94
N GLU A 270 -14.91 22.09 -46.76
CA GLU A 270 -14.76 20.96 -47.66
C GLU A 270 -16.06 20.15 -47.68
N VAL A 271 -16.64 19.97 -46.50
CA VAL A 271 -17.88 19.22 -46.34
C VAL A 271 -19.05 19.96 -46.98
N LYS A 272 -19.10 21.28 -46.77
CA LYS A 272 -20.14 22.09 -47.41
C LYS A 272 -20.04 21.95 -48.91
N ASP A 273 -18.91 22.39 -49.47
CA ASP A 273 -18.66 22.29 -50.92
C ASP A 273 -18.99 20.91 -51.49
N ILE A 274 -18.74 19.87 -50.69
CA ILE A 274 -19.09 18.51 -51.08
C ILE A 274 -20.61 18.34 -51.26
N VAL A 275 -21.38 18.93 -50.35
CA VAL A 275 -22.84 18.85 -50.42
C VAL A 275 -23.43 19.82 -51.45
N GLU A 276 -22.78 20.97 -51.61
CA GLU A 276 -23.26 22.02 -52.52
C GLU A 276 -23.31 21.58 -53.96
N ARG A 277 -22.21 21.03 -54.46
CA ARG A 277 -22.10 20.68 -55.87
C ARG A 277 -23.20 19.70 -56.27
N ASP A 278 -23.41 18.70 -55.45
CA ASP A 278 -24.53 17.78 -55.65
C ASP A 278 -25.80 18.35 -55.01
N GLY A 279 -26.57 19.10 -55.78
CA GLY A 279 -27.71 19.82 -55.25
C GLY A 279 -28.93 18.97 -54.91
N SER A 280 -28.70 17.72 -54.49
CA SER A 280 -29.78 16.82 -54.08
C SER A 280 -30.49 17.32 -52.83
N PHE A 281 -29.73 17.53 -51.76
CA PHE A 281 -30.28 18.05 -50.52
C PHE A 281 -29.61 19.37 -50.16
N THR A 282 -30.42 20.38 -49.86
CA THR A 282 -29.91 21.65 -49.36
C THR A 282 -29.50 21.49 -47.89
N ILE A 283 -28.52 22.28 -47.48
CA ILE A 283 -28.03 22.24 -46.11
C ILE A 283 -28.94 23.02 -45.18
N ASP A 284 -29.74 22.31 -44.40
CA ASP A 284 -30.64 22.95 -43.44
C ASP A 284 -29.86 23.60 -42.31
N HIS A 285 -28.88 22.85 -41.78
CA HIS A 285 -28.08 23.33 -40.65
C HIS A 285 -26.77 22.54 -40.54
N MET A 286 -25.66 23.26 -40.54
CA MET A 286 -24.35 22.65 -40.31
C MET A 286 -23.63 23.32 -39.14
N GLU A 287 -22.77 22.58 -38.47
CA GLU A 287 -22.15 23.03 -37.23
C GLU A 287 -20.93 22.17 -36.87
N GLY A 288 -19.90 22.80 -36.29
CA GLY A 288 -18.73 22.07 -35.82
C GLY A 288 -18.49 22.28 -34.33
N PHE A 289 -18.28 21.18 -33.61
CA PHE A 289 -18.06 21.24 -32.17
C PHE A 289 -16.96 20.27 -31.72
N GLU A 290 -16.20 20.67 -30.71
CA GLU A 290 -15.10 19.85 -30.20
C GLU A 290 -15.34 19.38 -28.77
N LEU A 291 -15.41 18.07 -28.58
CA LEU A 291 -15.53 17.50 -27.24
C LEU A 291 -14.15 17.12 -26.70
N ASP A 292 -14.04 17.03 -25.37
CA ASP A 292 -12.83 16.50 -24.77
C ASP A 292 -12.67 15.06 -25.24
N SER A 293 -11.53 14.76 -25.87
CA SER A 293 -11.29 13.47 -26.53
C SER A 293 -11.66 12.27 -25.68
N LEU A 294 -11.31 12.33 -24.39
CA LEU A 294 -11.65 11.29 -23.44
C LEU A 294 -11.85 11.90 -22.07
N GLN A 295 -12.65 11.27 -21.22
CA GLN A 295 -12.76 11.65 -19.82
C GLN A 295 -11.74 10.83 -19.03
N MET A 296 -10.67 11.39 -18.42
CA MET A 296 -10.35 12.79 -18.00
C MET A 296 -10.92 13.04 -16.61
N GLN A 297 -11.73 12.11 -16.13
CA GLN A 297 -12.21 12.16 -14.74
C GLN A 297 -11.24 11.42 -13.83
N GLU A 298 -10.46 10.51 -14.43
CA GLU A 298 -9.48 9.72 -13.68
C GLU A 298 -8.13 10.42 -13.60
N ASN A 299 -7.54 10.44 -12.41
CA ASN A 299 -6.25 11.06 -12.21
C ASN A 299 -5.11 10.07 -12.49
N ASP A 300 -5.47 8.81 -12.71
CA ASP A 300 -4.50 7.79 -13.11
C ASP A 300 -4.31 7.81 -14.62
N LYS A 301 -3.10 8.11 -15.06
CA LYS A 301 -2.80 8.18 -16.49
C LYS A 301 -3.04 6.85 -17.19
N TRP A 302 -2.83 5.76 -16.44
CA TRP A 302 -3.07 4.42 -16.95
C TRP A 302 -4.57 4.19 -17.13
N VAL A 303 -5.36 4.76 -16.23
CA VAL A 303 -6.82 4.64 -16.29
C VAL A 303 -7.38 5.39 -17.49
N ARG A 304 -6.91 6.62 -17.68
CA ARG A 304 -7.31 7.42 -18.83
C ARG A 304 -6.89 6.75 -20.13
N GLY A 305 -5.68 6.22 -20.14
CA GLY A 305 -5.13 5.58 -21.33
C GLY A 305 -5.85 4.29 -21.69
N GLU A 306 -6.07 3.43 -20.70
CA GLU A 306 -6.72 2.15 -20.93
C GLU A 306 -8.14 2.29 -21.45
N LYS A 307 -8.90 3.20 -20.84
CA LYS A 307 -10.26 3.48 -21.26
C LYS A 307 -10.28 4.03 -22.67
N PHE A 308 -9.22 4.77 -23.03
CA PHE A 308 -9.11 5.34 -24.35
C PHE A 308 -8.48 4.36 -25.35
N ALA A 309 -7.69 3.43 -24.84
CA ALA A 309 -7.06 2.43 -25.69
C ALA A 309 -8.10 1.42 -26.12
N LYS A 310 -8.88 0.94 -25.15
CA LYS A 310 -9.90 -0.06 -25.39
C LYS A 310 -11.00 0.47 -26.31
N ILE A 311 -11.23 1.78 -26.31
CA ILE A 311 -12.24 2.35 -27.17
C ILE A 311 -11.67 2.61 -28.57
N VAL A 312 -10.38 2.88 -28.65
CA VAL A 312 -9.71 3.08 -29.94
C VAL A 312 -9.43 1.74 -30.61
N ARG A 313 -8.96 0.76 -29.83
CA ARG A 313 -8.75 -0.58 -30.34
C ARG A 313 -10.06 -1.21 -30.79
N ALA A 314 -11.16 -0.78 -30.17
CA ALA A 314 -12.47 -1.35 -30.47
C ALA A 314 -12.90 -1.09 -31.91
N PHE A 315 -12.72 0.13 -32.39
CA PHE A 315 -13.16 0.47 -33.74
C PHE A 315 -12.03 0.43 -34.77
N THR A 316 -10.86 -0.08 -34.38
CA THR A 316 -9.73 -0.14 -35.30
C THR A 316 -9.08 -1.52 -35.41
N GLU A 317 -9.43 -2.43 -34.51
CA GLU A 317 -8.76 -3.73 -34.51
C GLU A 317 -8.96 -4.54 -35.80
N PRO A 318 -10.21 -4.70 -36.28
CA PRO A 318 -10.36 -5.55 -37.47
C PRO A 318 -9.70 -4.99 -38.73
N ILE A 319 -9.77 -3.68 -38.92
CA ILE A 319 -9.23 -3.06 -40.14
C ILE A 319 -7.70 -3.09 -40.12
N ILE A 320 -7.11 -2.96 -38.94
CA ILE A 320 -5.66 -2.99 -38.80
C ILE A 320 -5.12 -4.43 -38.79
N SER A 321 -5.83 -5.33 -38.10
CA SER A 321 -5.41 -6.73 -38.01
C SER A 321 -5.39 -7.41 -39.37
N ASN A 322 -6.24 -6.94 -40.29
CA ASN A 322 -6.23 -7.44 -41.65
C ASN A 322 -4.86 -7.30 -42.28
N GLN A 323 -4.24 -6.15 -42.05
CA GLN A 323 -2.96 -5.82 -42.66
C GLN A 323 -1.77 -6.31 -41.85
N PHE A 324 -1.91 -6.33 -40.52
CA PHE A 324 -0.76 -6.65 -39.68
C PHE A 324 -0.88 -7.97 -38.91
N GLY A 325 -2.07 -8.56 -38.91
CA GLY A 325 -2.24 -9.87 -38.30
C GLY A 325 -2.94 -9.89 -36.96
N HIS A 326 -3.76 -10.92 -36.74
CA HIS A 326 -4.49 -11.10 -35.49
C HIS A 326 -3.58 -11.23 -34.27
N GLU A 327 -2.45 -11.90 -34.46
CA GLU A 327 -1.59 -12.34 -33.36
C GLU A 327 -0.88 -11.20 -32.63
N ILE A 328 -0.37 -10.24 -33.39
CA ILE A 328 0.46 -9.16 -32.86
C ILE A 328 -0.39 -8.02 -32.29
N MET A 329 -1.70 -8.11 -32.54
CA MET A 329 -2.67 -7.09 -32.09
C MET A 329 -2.52 -6.64 -30.65
N ASP A 330 -2.32 -7.60 -29.74
CA ASP A 330 -2.27 -7.31 -28.32
C ASP A 330 -1.07 -6.44 -27.95
N LYS A 331 0.06 -6.70 -28.58
CA LYS A 331 1.29 -5.99 -28.28
C LYS A 331 1.24 -4.54 -28.77
N LEU A 332 0.65 -4.34 -29.95
CA LEU A 332 0.56 -3.02 -30.57
C LEU A 332 -0.26 -2.05 -29.72
N TYR A 333 -1.44 -2.50 -29.28
CA TYR A 333 -2.31 -1.63 -28.49
C TYR A 333 -1.76 -1.39 -27.09
N ASP A 334 -0.96 -2.33 -26.59
CA ASP A 334 -0.26 -2.14 -25.32
C ASP A 334 0.78 -1.05 -25.47
N LYS A 335 1.49 -1.06 -26.60
CA LYS A 335 2.47 -0.03 -26.89
C LYS A 335 1.78 1.30 -27.16
N PHE A 336 0.60 1.24 -27.75
CA PHE A 336 -0.20 2.44 -28.01
C PHE A 336 -0.68 3.05 -26.70
N THR A 337 -1.14 2.21 -25.78
CA THR A 337 -1.62 2.68 -24.49
C THR A 337 -0.49 3.31 -23.68
N HIS A 338 0.70 2.73 -23.83
CA HIS A 338 1.87 3.17 -23.08
C HIS A 338 2.31 4.58 -23.47
N ILE A 339 2.35 4.84 -24.78
CA ILE A 339 2.78 6.15 -25.27
C ILE A 339 1.72 7.22 -25.04
N VAL A 340 0.48 6.82 -24.77
CA VAL A 340 -0.55 7.79 -24.42
C VAL A 340 -0.38 8.21 -22.96
N VAL A 341 -0.22 7.23 -22.08
CA VAL A 341 -0.10 7.51 -20.65
C VAL A 341 1.26 8.09 -20.29
N SER A 342 2.33 7.44 -20.74
CA SER A 342 3.68 7.86 -20.38
C SER A 342 4.22 8.99 -21.26
N ASP A 343 4.22 8.80 -22.57
CA ASP A 343 4.80 9.77 -23.50
C ASP A 343 3.95 11.05 -23.63
N LEU A 344 2.65 10.94 -23.45
CA LEU A 344 1.74 12.06 -23.68
C LEU A 344 1.02 12.52 -22.40
N GLU A 345 1.36 11.90 -21.28
CA GLU A 345 0.83 12.27 -19.96
C GLU A 345 -0.70 12.23 -19.90
N ALA A 346 -1.30 11.25 -20.57
CA ALA A 346 -2.75 11.07 -20.62
C ALA A 346 -3.49 12.33 -21.04
N LYS A 347 -2.86 13.14 -21.88
CA LYS A 347 -3.46 14.36 -22.39
C LYS A 347 -3.53 14.34 -23.92
N LEU A 348 -4.73 14.51 -24.45
CA LEU A 348 -4.93 14.50 -25.90
C LEU A 348 -5.67 15.74 -26.39
N PRO A 349 -5.39 16.14 -27.65
CA PRO A 349 -6.09 17.27 -28.27
C PRO A 349 -7.59 17.01 -28.39
N LYS A 350 -8.39 18.07 -28.42
CA LYS A 350 -9.84 17.93 -28.51
C LYS A 350 -10.25 17.15 -29.77
N THR A 351 -11.47 16.61 -29.75
CA THR A 351 -11.97 15.86 -30.90
C THR A 351 -13.16 16.58 -31.55
N THR A 352 -12.95 17.07 -32.77
CA THR A 352 -14.00 17.78 -33.48
C THR A 352 -15.03 16.81 -34.03
N SER A 353 -16.29 17.25 -34.04
CA SER A 353 -17.36 16.49 -34.66
C SER A 353 -18.27 17.46 -35.41
N ILE A 354 -18.91 16.97 -36.46
CA ILE A 354 -19.72 17.82 -37.33
C ILE A 354 -21.16 17.36 -37.46
N ILE A 355 -22.10 18.18 -36.99
CA ILE A 355 -23.52 17.90 -37.17
C ILE A 355 -23.95 18.40 -38.55
N LEU A 356 -24.50 17.50 -39.36
CA LEU A 356 -24.81 17.80 -40.75
C LEU A 356 -26.28 17.47 -41.05
N VAL A 357 -27.10 18.50 -41.18
CA VAL A 357 -28.53 18.31 -41.40
C VAL A 357 -28.98 18.77 -42.79
N LEU A 358 -29.56 17.84 -43.56
CA LEU A 358 -29.96 18.12 -44.94
C LEU A 358 -31.46 17.89 -45.19
N SER A 359 -31.91 18.35 -46.35
CA SER A 359 -33.28 18.10 -46.81
C SER A 359 -33.32 18.03 -48.34
N LYS A 360 -33.76 16.89 -48.88
CA LYS A 360 -33.79 16.65 -50.32
C LYS A 360 -34.62 17.71 -51.06
N ILE A 361 -34.08 18.23 -52.16
CA ILE A 361 -34.66 19.39 -52.83
C ILE A 361 -35.76 19.05 -53.84
N VAL A 362 -35.74 17.83 -54.38
CA VAL A 362 -36.65 17.46 -55.46
C VAL A 362 -38.09 17.41 -54.99
N VAL B 2 16.76 -22.61 18.07
CA VAL B 2 16.84 -21.64 19.15
C VAL B 2 15.59 -21.68 20.02
N LYS B 3 14.43 -21.64 19.37
CA LYS B 3 13.16 -21.80 20.08
C LYS B 3 12.96 -23.26 20.48
N GLU B 4 13.92 -24.10 20.08
CA GLU B 4 13.89 -25.52 20.40
C GLU B 4 14.66 -25.81 21.68
N VAL B 5 15.48 -24.86 22.12
CA VAL B 5 16.29 -25.06 23.32
C VAL B 5 16.18 -23.91 24.30
N LEU B 6 15.31 -22.95 24.01
CA LEU B 6 15.08 -21.84 24.93
C LEU B 6 13.85 -22.07 25.79
N PHE B 7 14.07 -22.11 27.10
CA PHE B 7 12.98 -22.20 28.07
C PHE B 7 13.53 -21.86 29.46
N MET B 8 12.64 -21.72 30.43
CA MET B 8 13.08 -21.46 31.80
C MET B 8 13.42 -22.77 32.49
N ASN B 9 14.10 -22.68 33.63
CA ASN B 9 14.43 -23.87 34.41
C ASN B 9 13.17 -24.60 34.84
N THR B 10 13.06 -25.86 34.40
CA THR B 10 11.90 -26.70 34.68
C THR B 10 11.62 -26.81 36.18
N GLY B 11 10.35 -26.70 36.56
CA GLY B 11 9.93 -26.84 37.94
C GLY B 11 10.36 -28.16 38.55
N GLU B 12 10.24 -28.28 39.88
CA GLU B 12 9.65 -27.24 40.70
C GLU B 12 10.60 -26.87 41.83
N GLY B 13 11.81 -27.44 41.76
CA GLY B 13 12.79 -27.30 42.81
C GLY B 13 13.35 -25.89 42.96
N GLU B 14 14.34 -25.75 43.85
CA GLU B 14 14.93 -24.46 44.15
C GLU B 14 15.62 -23.84 42.94
N SER B 15 16.12 -24.69 42.04
CA SER B 15 16.83 -24.23 40.87
C SER B 15 15.89 -23.79 39.75
N SER B 16 14.59 -23.98 39.95
CA SER B 16 13.59 -23.68 38.93
C SER B 16 13.24 -22.21 38.86
N TYR B 17 12.50 -21.83 37.84
CA TYR B 17 12.10 -20.44 37.64
C TYR B 17 10.90 -20.10 38.51
N VAL B 18 10.00 -21.06 38.68
CA VAL B 18 8.83 -20.88 39.52
C VAL B 18 9.23 -20.58 40.97
N GLN B 19 10.35 -21.16 41.39
CA GLN B 19 10.87 -20.93 42.73
C GLN B 19 11.70 -19.65 42.80
N ASN B 20 12.22 -19.23 41.66
CA ASN B 20 13.04 -18.02 41.59
C ASN B 20 12.44 -16.97 40.66
N SER B 21 11.19 -16.61 40.91
CA SER B 21 10.54 -15.55 40.14
C SER B 21 10.39 -14.31 41.01
N SER B 22 11.29 -14.17 41.98
CA SER B 22 11.24 -13.07 42.95
C SER B 22 11.17 -11.72 42.26
N PHE B 23 12.18 -11.42 41.45
CA PHE B 23 12.28 -10.16 40.75
C PHE B 23 11.10 -9.92 39.80
N THR B 24 10.77 -10.93 39.02
CA THR B 24 9.78 -10.76 37.95
C THR B 24 8.38 -10.52 38.53
N GLU B 25 8.20 -10.85 39.80
CA GLU B 25 6.96 -10.57 40.51
C GLU B 25 6.87 -9.09 40.85
N LYS B 26 8.04 -8.48 41.12
CA LYS B 26 8.09 -7.06 41.45
C LYS B 26 7.73 -6.21 40.25
N VAL B 27 8.12 -6.69 39.07
CA VAL B 27 7.79 -6.02 37.81
C VAL B 27 6.29 -6.07 37.53
N ALA B 28 5.68 -7.21 37.83
CA ALA B 28 4.25 -7.40 37.61
C ALA B 28 3.43 -6.37 38.38
N SER B 29 3.95 -5.94 39.53
CA SER B 29 3.26 -4.94 40.35
C SER B 29 3.30 -3.56 39.72
N MET B 30 4.47 -3.13 39.26
CA MET B 30 4.62 -1.81 38.68
C MET B 30 3.86 -1.67 37.37
N ALA B 31 3.62 -2.80 36.71
CA ALA B 31 2.91 -2.79 35.43
C ALA B 31 1.45 -3.17 35.60
N MET B 32 1.06 -3.48 36.83
CA MET B 32 -0.33 -3.81 37.15
C MET B 32 -1.29 -2.63 36.85
N PRO B 33 -0.91 -1.39 37.19
CA PRO B 33 -1.78 -0.29 36.77
C PRO B 33 -1.95 -0.22 35.26
N ALA B 34 -0.87 -0.44 34.52
CA ALA B 34 -0.90 -0.42 33.06
C ALA B 34 -1.84 -1.51 32.55
N LEU B 35 -1.81 -2.66 33.23
CA LEU B 35 -2.69 -3.77 32.91
C LEU B 35 -4.14 -3.41 33.23
N GLU B 36 -4.35 -2.88 34.44
CA GLU B 36 -5.68 -2.57 34.94
C GLU B 36 -6.44 -1.60 34.06
N ASN B 37 -5.82 -0.46 33.73
CA ASN B 37 -6.44 0.54 32.89
C ASN B 37 -6.75 -0.04 31.50
N ALA B 38 -5.82 -0.80 30.95
CA ALA B 38 -5.97 -1.43 29.65
C ALA B 38 -7.20 -2.33 29.59
N VAL B 39 -7.42 -3.10 30.66
CA VAL B 39 -8.61 -3.95 30.75
C VAL B 39 -9.86 -3.10 30.79
N GLU B 40 -9.80 -1.99 31.52
CA GLU B 40 -10.94 -1.08 31.64
C GLU B 40 -11.25 -0.35 30.34
N THR B 41 -10.24 -0.12 29.51
CA THR B 41 -10.43 0.51 28.22
C THR B 41 -11.17 -0.43 27.27
N LEU B 42 -10.94 -1.73 27.44
CA LEU B 42 -11.63 -2.75 26.65
C LEU B 42 -13.13 -2.63 26.88
N PHE B 43 -13.53 -2.36 28.11
CA PHE B 43 -14.94 -2.16 28.43
C PHE B 43 -15.46 -0.86 27.82
N SER B 44 -14.59 0.14 27.72
CA SER B 44 -14.95 1.41 27.08
C SER B 44 -15.20 1.24 25.58
N LYS B 45 -14.51 0.27 24.99
CA LYS B 45 -14.66 -0.01 23.56
C LYS B 45 -16.00 -0.69 23.26
N ASP B 46 -16.67 -1.14 24.32
CA ASP B 46 -18.03 -1.70 24.24
C ASP B 46 -18.15 -2.94 23.35
N PHE B 47 -17.52 -2.92 22.19
CA PHE B 47 -17.56 -4.06 21.27
C PHE B 47 -16.88 -5.29 21.87
N HIS B 48 -16.17 -5.10 22.97
CA HIS B 48 -15.48 -6.19 23.64
C HIS B 48 -16.30 -6.68 24.83
N LEU B 49 -17.38 -5.97 25.13
CA LEU B 49 -18.34 -6.40 26.15
C LEU B 49 -19.09 -7.64 25.68
N PHE B 50 -19.16 -7.81 24.36
CA PHE B 50 -19.85 -8.95 23.77
C PHE B 50 -18.93 -9.76 22.86
N GLN B 51 -18.90 -11.07 23.08
CA GLN B 51 -19.64 -11.71 24.16
C GLN B 51 -18.68 -12.31 25.19
N ALA B 52 -17.53 -12.76 24.70
CA ALA B 52 -16.48 -13.30 25.55
C ALA B 52 -15.17 -12.59 25.25
N ILE B 53 -14.43 -12.25 26.31
CA ILE B 53 -13.15 -11.57 26.13
C ILE B 53 -11.99 -12.56 26.09
N ASN B 54 -11.22 -12.51 25.00
CA ASN B 54 -10.06 -13.37 24.84
C ASN B 54 -8.78 -12.65 25.17
N ALA B 55 -8.05 -13.18 26.15
CA ALA B 55 -6.78 -12.58 26.53
C ALA B 55 -5.67 -13.62 26.43
N ALA B 56 -4.48 -13.17 26.09
CA ALA B 56 -3.34 -14.07 25.92
C ALA B 56 -2.16 -13.59 26.74
N ASP B 57 -1.44 -14.53 27.33
CA ASP B 57 -0.22 -14.19 28.05
C ASP B 57 0.98 -14.81 27.36
N LEU B 58 1.66 -14.03 26.53
CA LEU B 58 2.74 -14.55 25.71
C LEU B 58 4.04 -14.58 26.51
N GLY B 59 4.55 -15.78 26.74
CA GLY B 59 5.71 -15.97 27.59
C GLY B 59 5.28 -16.08 29.04
N CYS B 60 4.87 -17.28 29.45
CA CYS B 60 4.34 -17.50 30.79
C CYS B 60 5.25 -18.37 31.64
N ALA B 61 6.18 -19.05 30.99
CA ALA B 61 7.10 -19.98 31.67
C ALA B 61 6.35 -20.99 32.51
N THR B 62 7.01 -21.46 33.56
CA THR B 62 6.38 -22.36 34.52
C THR B 62 6.01 -21.55 35.76
N GLY B 63 6.60 -20.37 35.84
CA GLY B 63 6.45 -19.48 36.98
C GLY B 63 5.02 -19.09 37.30
N PRO B 64 4.80 -18.62 38.53
CA PRO B 64 3.49 -18.27 39.08
C PRO B 64 3.02 -16.86 38.69
N ASN B 65 3.88 -16.07 38.05
CA ASN B 65 3.54 -14.70 37.72
C ASN B 65 2.37 -14.59 36.75
N THR B 66 2.24 -15.57 35.87
CA THR B 66 1.21 -15.55 34.84
C THR B 66 -0.20 -15.69 35.42
N PHE B 67 -0.30 -16.27 36.61
CA PHE B 67 -1.59 -16.44 37.25
C PHE B 67 -2.05 -15.13 37.85
N ALA B 68 -1.09 -14.29 38.21
CA ALA B 68 -1.40 -12.96 38.71
C ALA B 68 -2.06 -12.12 37.61
N VAL B 69 -1.53 -12.19 36.39
CA VAL B 69 -2.05 -11.35 35.31
C VAL B 69 -3.42 -11.84 34.87
N ILE B 70 -3.73 -13.11 35.15
CA ILE B 70 -5.06 -13.64 34.89
C ILE B 70 -6.00 -13.15 35.97
N SER B 71 -5.54 -13.23 37.22
CA SER B 71 -6.34 -12.85 38.38
C SER B 71 -6.79 -11.40 38.29
N THR B 72 -5.85 -10.48 38.04
CA THR B 72 -6.19 -9.06 37.94
C THR B 72 -7.09 -8.80 36.73
N ILE B 73 -6.81 -9.47 35.62
CA ILE B 73 -7.62 -9.32 34.42
C ILE B 73 -9.03 -9.88 34.64
N LYS B 74 -9.14 -10.87 35.51
CA LYS B 74 -10.42 -11.47 35.85
C LYS B 74 -11.14 -10.65 36.92
N ARG B 75 -10.43 -10.29 37.97
CA ARG B 75 -10.99 -9.50 39.07
C ARG B 75 -11.52 -8.17 38.56
N MET B 76 -10.73 -7.52 37.72
CA MET B 76 -11.14 -6.26 37.09
C MET B 76 -12.41 -6.45 36.29
N MET B 77 -12.47 -7.55 35.56
CA MET B 77 -13.61 -7.87 34.72
C MET B 77 -14.84 -8.13 35.57
N GLU B 78 -14.62 -8.67 36.76
CA GLU B 78 -15.70 -8.99 37.68
C GLU B 78 -16.32 -7.74 38.28
N LYS B 79 -15.49 -6.73 38.52
CA LYS B 79 -15.97 -5.47 39.08
C LYS B 79 -16.74 -4.67 38.04
N LYS B 80 -16.20 -4.58 36.84
CA LYS B 80 -16.86 -3.88 35.75
C LYS B 80 -18.12 -4.62 35.32
N CYS B 81 -18.14 -5.92 35.59
CA CYS B 81 -19.31 -6.77 35.37
C CYS B 81 -20.44 -6.36 36.29
N ARG B 82 -20.10 -6.01 37.53
CA ARG B 82 -21.09 -5.63 38.54
C ARG B 82 -21.79 -4.31 38.21
N GLU B 83 -21.01 -3.34 37.73
CA GLU B 83 -21.56 -2.05 37.34
C GLU B 83 -22.56 -2.21 36.20
N LEU B 84 -22.16 -3.00 35.20
CA LEU B 84 -23.05 -3.33 34.09
C LEU B 84 -24.09 -4.37 34.51
N ASN B 85 -23.82 -5.04 35.63
CA ASN B 85 -24.70 -6.07 36.19
C ASN B 85 -24.92 -7.28 35.25
N CYS B 86 -24.30 -7.24 34.07
CA CYS B 86 -24.45 -8.32 33.09
C CYS B 86 -23.65 -9.55 33.50
N GLN B 87 -24.35 -10.64 33.78
CA GLN B 87 -23.70 -11.88 34.20
C GLN B 87 -23.27 -12.72 32.99
N THR B 88 -23.41 -12.15 31.80
CA THR B 88 -23.15 -12.88 30.56
C THR B 88 -21.65 -12.96 30.21
N LEU B 89 -20.81 -12.36 31.04
CA LEU B 89 -19.39 -12.23 30.71
C LEU B 89 -18.62 -13.54 30.88
N GLU B 90 -17.71 -13.78 29.95
CA GLU B 90 -16.83 -14.95 30.02
C GLU B 90 -15.42 -14.58 29.58
N LEU B 91 -14.43 -15.18 30.23
CA LEU B 91 -13.04 -14.91 29.90
C LEU B 91 -12.32 -16.15 29.41
N GLN B 92 -11.49 -15.98 28.37
CA GLN B 92 -10.69 -17.07 27.84
C GLN B 92 -9.22 -16.65 27.81
N VAL B 93 -8.42 -17.22 28.70
CA VAL B 93 -7.02 -16.86 28.81
C VAL B 93 -6.10 -17.89 28.15
N TYR B 94 -5.41 -17.46 27.11
CA TYR B 94 -4.42 -18.31 26.46
C TYR B 94 -3.07 -18.08 27.13
N MET B 95 -2.49 -19.13 27.69
CA MET B 95 -1.16 -19.02 28.27
C MET B 95 -0.13 -19.60 27.30
N ASN B 96 0.69 -18.72 26.74
CA ASN B 96 1.61 -19.08 25.67
C ASN B 96 3.08 -19.13 26.08
N ASP B 97 3.77 -20.14 25.57
CA ASP B 97 5.20 -20.27 25.72
C ASP B 97 5.72 -21.21 24.62
N LEU B 98 7.03 -21.35 24.52
CA LEU B 98 7.65 -22.26 23.56
C LEU B 98 7.41 -23.71 23.96
N PHE B 99 7.62 -24.62 23.01
CA PHE B 99 7.70 -26.03 23.36
C PHE B 99 8.97 -26.18 24.21
N GLY B 100 8.99 -27.18 25.07
CA GLY B 100 10.14 -27.37 25.94
C GLY B 100 9.91 -26.73 27.29
N ASN B 101 8.96 -25.80 27.34
CA ASN B 101 8.51 -25.25 28.61
C ASN B 101 7.75 -26.33 29.36
N ASP B 102 7.75 -26.24 30.69
CA ASP B 102 7.08 -27.25 31.48
C ASP B 102 5.62 -26.89 31.73
N PHE B 103 4.78 -27.12 30.73
CA PHE B 103 3.35 -26.89 30.83
C PHE B 103 2.74 -27.76 31.92
N ASN B 104 3.39 -28.89 32.19
CA ASN B 104 2.97 -29.76 33.27
C ASN B 104 2.96 -29.03 34.61
N THR B 105 4.11 -28.49 35.00
CA THR B 105 4.23 -27.69 36.22
C THR B 105 3.33 -26.47 36.13
N LEU B 106 3.26 -25.88 34.94
CA LEU B 106 2.41 -24.73 34.69
C LEU B 106 0.94 -25.06 34.95
N PHE B 107 0.47 -26.14 34.34
CA PHE B 107 -0.90 -26.59 34.56
C PHE B 107 -1.07 -27.11 35.98
N LYS B 108 0.02 -27.61 36.56
CA LYS B 108 -0.01 -28.10 37.93
C LYS B 108 -0.31 -26.96 38.89
N GLY B 109 0.31 -25.81 38.64
CA GLY B 109 0.06 -24.63 39.45
C GLY B 109 -1.28 -24.01 39.15
N LEU B 110 -1.79 -24.24 37.95
CA LEU B 110 -3.05 -23.66 37.53
C LEU B 110 -4.24 -24.35 38.18
N SER B 111 -4.11 -25.65 38.44
CA SER B 111 -5.23 -26.43 38.99
C SER B 111 -5.64 -25.93 40.37
N SER B 112 -4.68 -25.40 41.11
CA SER B 112 -4.96 -24.87 42.44
C SER B 112 -5.61 -23.49 42.34
N LYS B 113 -5.69 -22.95 41.12
CA LYS B 113 -6.27 -21.62 40.89
C LYS B 113 -7.05 -21.56 39.57
N VAL B 114 -8.34 -21.88 39.54
CA VAL B 114 -9.19 -22.27 40.67
C VAL B 114 -10.46 -22.91 40.08
N ILE B 115 -11.08 -23.88 40.75
CA ILE B 115 -10.62 -24.47 42.00
C ILE B 115 -11.02 -25.93 42.06
N ASN B 117 -15.65 -18.39 44.77
CA ASN B 117 -16.19 -19.43 43.90
C ASN B 117 -17.71 -19.56 44.01
N LYS B 118 -18.33 -20.12 42.98
CA LYS B 118 -19.78 -20.34 42.88
C LYS B 118 -20.57 -19.04 42.73
N CYS B 119 -19.86 -17.91 42.84
CA CYS B 119 -20.38 -16.57 42.56
C CYS B 119 -19.25 -15.54 42.63
N GLU B 120 -18.33 -15.46 41.65
CA GLU B 120 -18.32 -16.03 40.28
C GLU B 120 -19.46 -15.47 39.43
N GLU B 121 -19.36 -14.16 39.15
CA GLU B 121 -20.19 -13.51 38.15
C GLU B 121 -19.59 -13.72 36.75
N VAL B 122 -18.28 -13.94 36.72
CA VAL B 122 -17.57 -14.16 35.46
C VAL B 122 -16.95 -15.56 35.39
N SER B 123 -17.24 -16.29 34.31
CA SER B 123 -16.63 -17.58 34.09
C SER B 123 -15.28 -17.41 33.39
N CYS B 124 -14.27 -18.13 33.85
CA CYS B 124 -12.92 -18.00 33.29
C CYS B 124 -12.35 -19.35 32.83
N TYR B 125 -11.99 -19.42 31.55
CA TYR B 125 -11.42 -20.65 30.99
C TYR B 125 -10.00 -20.41 30.51
N VAL B 126 -9.11 -21.35 30.82
CA VAL B 126 -7.70 -21.17 30.52
C VAL B 126 -7.15 -22.26 29.61
N MET B 127 -6.41 -21.86 28.58
CA MET B 127 -5.80 -22.81 27.66
C MET B 127 -4.32 -22.54 27.51
N GLY B 128 -3.59 -23.58 27.09
CA GLY B 128 -2.16 -23.45 26.86
C GLY B 128 -1.81 -23.48 25.39
N VAL B 129 -1.04 -22.49 24.95
CA VAL B 129 -0.64 -22.40 23.55
C VAL B 129 0.87 -22.52 23.40
N PRO B 130 1.34 -23.69 22.95
CA PRO B 130 2.78 -23.90 22.73
C PRO B 130 3.25 -23.44 21.36
N GLY B 131 4.32 -22.63 21.33
CA GLY B 131 4.88 -22.17 20.07
C GLY B 131 5.50 -20.78 20.18
N SER B 132 6.31 -20.42 19.18
CA SER B 132 6.94 -19.11 19.16
C SER B 132 5.92 -18.01 18.86
N PHE B 133 5.99 -16.92 19.61
CA PHE B 133 5.13 -15.78 19.31
C PHE B 133 5.76 -14.89 18.24
N HIS B 134 6.79 -15.40 17.56
CA HIS B 134 7.32 -14.68 16.40
C HIS B 134 6.55 -15.13 15.17
N GLY B 135 5.76 -16.20 15.34
CA GLY B 135 4.87 -16.68 14.31
C GLY B 135 3.42 -16.50 14.70
N ARG B 136 2.53 -17.23 14.04
CA ARG B 136 1.11 -17.13 14.34
C ARG B 136 0.72 -18.16 15.38
N LEU B 137 -0.23 -17.80 16.24
CA LEU B 137 -0.66 -18.67 17.32
C LEU B 137 -2.18 -18.78 17.40
N PHE B 138 -2.88 -17.73 16.99
CA PHE B 138 -4.33 -17.68 17.09
C PHE B 138 -4.93 -17.28 15.74
N PRO B 139 -6.23 -17.61 15.53
CA PRO B 139 -6.91 -17.11 14.33
C PRO B 139 -6.96 -15.59 14.32
N ARG B 140 -7.09 -15.00 13.13
CA ARG B 140 -7.14 -13.55 13.01
C ARG B 140 -8.39 -12.98 13.70
N ASN B 141 -8.24 -11.80 14.31
CA ASN B 141 -9.33 -11.16 15.05
C ASN B 141 -9.91 -12.07 16.13
N SER B 142 -9.05 -12.63 16.98
CA SER B 142 -9.49 -13.54 18.02
C SER B 142 -9.03 -13.08 19.40
N LEU B 143 -8.25 -12.00 19.45
CA LEU B 143 -7.73 -11.49 20.72
C LEU B 143 -8.18 -10.06 21.00
N HIS B 144 -8.75 -9.84 22.19
CA HIS B 144 -9.10 -8.50 22.61
C HIS B 144 -7.95 -7.88 23.39
N LEU B 145 -7.30 -8.70 24.22
CA LEU B 145 -6.22 -8.23 25.07
C LEU B 145 -5.01 -9.14 24.97
N VAL B 146 -3.83 -8.52 24.93
CA VAL B 146 -2.59 -9.29 24.90
C VAL B 146 -1.65 -8.82 25.99
N HIS B 147 -1.05 -9.78 26.68
CA HIS B 147 -0.12 -9.45 27.76
C HIS B 147 1.17 -10.26 27.61
N SER B 148 2.30 -9.64 27.95
CA SER B 148 3.59 -10.27 27.84
C SER B 148 4.62 -9.58 28.73
N SER B 149 5.04 -10.25 29.79
CA SER B 149 6.05 -9.71 30.69
C SER B 149 7.38 -10.44 30.54
N TYR B 150 8.42 -9.69 30.18
CA TYR B 150 9.78 -10.20 30.14
C TYR B 150 10.00 -11.40 29.22
N SER B 151 9.40 -11.37 28.03
CA SER B 151 9.58 -12.48 27.11
C SER B 151 9.93 -12.03 25.69
N VAL B 152 9.53 -10.81 25.34
CA VAL B 152 9.74 -10.32 23.99
C VAL B 152 11.21 -10.05 23.67
N HIS B 153 11.99 -9.70 24.69
CA HIS B 153 13.39 -9.32 24.47
C HIS B 153 14.26 -10.48 24.00
N TRP B 154 13.76 -11.70 24.11
CA TRP B 154 14.46 -12.86 23.57
C TRP B 154 14.31 -12.90 22.05
N LEU B 155 15.41 -13.16 21.35
CA LEU B 155 15.40 -13.13 19.88
C LEU B 155 15.14 -14.53 19.31
N THR B 156 14.91 -14.61 18.00
CA THR B 156 14.71 -15.89 17.33
C THR B 156 16.03 -16.64 17.15
N GLN B 157 17.14 -15.94 17.38
CA GLN B 157 18.47 -16.48 17.13
C GLN B 157 19.53 -15.53 17.67
N ALA B 158 20.74 -16.05 17.83
CA ALA B 158 21.89 -15.20 18.11
C ALA B 158 22.05 -14.27 16.92
N PRO B 159 22.31 -12.98 17.19
CA PRO B 159 22.32 -11.93 16.16
C PRO B 159 23.05 -12.31 14.87
N LYS B 160 22.34 -12.25 13.74
CA LYS B 160 22.92 -12.56 12.44
C LYS B 160 23.96 -11.52 12.06
N GLY B 161 25.18 -11.99 11.75
CA GLY B 161 26.25 -11.10 11.36
C GLY B 161 27.36 -11.04 12.40
N LEU B 162 27.42 -12.06 13.25
CA LEU B 162 28.46 -12.18 14.27
C LEU B 162 29.42 -13.31 13.92
N THR B 163 29.41 -13.70 12.65
CA THR B 163 30.31 -14.69 12.08
C THR B 163 29.94 -14.85 10.62
N SER B 164 30.93 -14.84 9.74
CA SER B 164 32.32 -14.65 10.14
C SER B 164 33.11 -13.52 9.44
N ARG B 165 33.00 -13.30 8.13
CA ARG B 165 32.18 -14.07 7.19
C ARG B 165 32.94 -15.29 6.67
N GLU B 166 34.24 -15.32 6.94
CA GLU B 166 35.08 -16.45 6.57
C GLU B 166 36.32 -16.45 7.46
N ALA B 169 36.20 -14.57 14.29
CA ALA B 169 34.89 -13.95 14.37
C ALA B 169 34.23 -14.28 15.70
N LEU B 170 33.58 -13.32 16.35
CA LEU B 170 33.51 -11.91 15.91
C LEU B 170 33.37 -11.06 17.17
N ASN B 171 32.63 -11.60 18.13
CA ASN B 171 32.48 -11.00 19.45
C ASN B 171 33.31 -11.79 20.47
N LYS B 172 34.61 -11.86 20.24
CA LYS B 172 35.52 -12.55 21.14
C LYS B 172 35.96 -11.57 22.23
N GLY B 173 35.88 -12.01 23.49
CA GLY B 173 35.40 -13.34 23.84
C GLY B 173 34.31 -13.25 24.88
N ARG B 174 33.12 -12.84 24.46
CA ARG B 174 31.99 -12.66 25.36
C ARG B 174 30.72 -13.30 24.81
N ILE B 175 29.58 -12.98 25.40
CA ILE B 175 28.30 -13.53 24.96
C ILE B 175 27.24 -12.45 24.69
N TYR B 176 27.67 -11.19 24.71
CA TYR B 176 26.73 -10.07 24.54
C TYR B 176 27.50 -8.80 24.17
N ILE B 177 26.76 -7.73 23.86
CA ILE B 177 27.36 -6.44 23.63
C ILE B 177 28.12 -6.01 24.87
N SER B 178 29.35 -5.57 24.68
CA SER B 178 30.18 -5.13 25.80
C SER B 178 31.04 -3.94 25.42
N LYS B 179 31.78 -3.43 26.39
CA LYS B 179 32.71 -2.34 26.16
C LYS B 179 33.80 -2.78 25.19
N THR B 180 34.39 -3.94 25.46
CA THR B 180 35.46 -4.46 24.63
C THR B 180 34.90 -5.26 23.45
N SER B 181 33.91 -4.68 22.77
CA SER B 181 33.27 -5.36 21.65
C SER B 181 33.33 -4.53 20.38
N PRO B 182 33.61 -5.20 19.25
CA PRO B 182 33.60 -4.59 17.92
C PRO B 182 32.30 -3.85 17.63
N PRO B 183 32.37 -2.75 16.86
CA PRO B 183 31.24 -1.87 16.57
C PRO B 183 30.05 -2.55 15.92
N VAL B 184 30.29 -3.64 15.20
CA VAL B 184 29.23 -4.34 14.49
C VAL B 184 28.25 -5.02 15.45
N VAL B 185 28.71 -5.39 16.64
CA VAL B 185 27.89 -6.12 17.59
C VAL B 185 26.67 -5.31 18.03
N ARG B 186 26.90 -4.06 18.41
CA ARG B 186 25.83 -3.16 18.82
C ARG B 186 24.83 -2.93 17.67
N GLU B 187 25.34 -2.94 16.45
CA GLU B 187 24.50 -2.78 15.27
C GLU B 187 23.75 -4.06 14.94
N ALA B 188 24.41 -5.20 15.15
CA ALA B 188 23.84 -6.49 14.80
C ALA B 188 22.70 -6.87 15.72
N TYR B 189 22.90 -6.66 17.02
CA TYR B 189 21.88 -6.96 18.03
C TYR B 189 20.60 -6.15 17.79
N LEU B 190 20.74 -4.85 17.60
CA LEU B 190 19.59 -3.99 17.32
C LEU B 190 18.92 -4.40 16.02
N SER B 191 19.72 -4.75 15.02
CA SER B 191 19.19 -5.17 13.72
C SER B 191 18.33 -6.41 13.88
N GLN B 192 18.80 -7.34 14.70
CA GLN B 192 18.06 -8.57 14.94
C GLN B 192 16.78 -8.29 15.70
N PHE B 193 16.88 -7.49 16.76
CA PHE B 193 15.72 -7.17 17.58
C PHE B 193 14.63 -6.47 16.77
N HIS B 194 15.04 -5.62 15.82
CA HIS B 194 14.07 -4.96 14.95
C HIS B 194 13.35 -5.97 14.08
N GLU B 195 14.09 -6.96 13.59
CA GLU B 195 13.53 -8.00 12.71
C GLU B 195 12.50 -8.85 13.46
N ASP B 196 12.88 -9.30 14.65
CA ASP B 196 12.09 -10.24 15.44
C ASP B 196 10.88 -9.57 16.07
N PHE B 197 11.10 -8.39 16.64
CA PHE B 197 10.01 -7.63 17.24
C PHE B 197 8.96 -7.30 16.20
N THR B 198 9.40 -7.03 14.97
CA THR B 198 8.49 -6.71 13.89
C THR B 198 7.58 -7.90 13.59
N MET B 199 8.14 -9.10 13.62
CA MET B 199 7.36 -10.32 13.42
C MET B 199 6.28 -10.42 14.50
N PHE B 200 6.69 -10.21 15.76
CA PHE B 200 5.75 -10.23 16.89
C PHE B 200 4.62 -9.23 16.63
N LEU B 201 5.00 -8.01 16.27
CA LEU B 201 4.04 -6.97 15.95
C LEU B 201 3.19 -7.32 14.74
N ASN B 202 3.81 -7.95 13.75
CA ASN B 202 3.12 -8.30 12.51
C ASN B 202 2.16 -9.46 12.72
N ALA B 203 2.57 -10.42 13.54
CA ALA B 203 1.74 -11.57 13.85
C ALA B 203 0.55 -11.17 14.71
N ARG B 204 0.81 -10.33 15.70
CA ARG B 204 -0.25 -9.84 16.56
C ARG B 204 -1.20 -8.92 15.79
N SER B 205 -0.70 -8.32 14.71
CA SER B 205 -1.51 -7.43 13.87
C SER B 205 -2.72 -8.18 13.30
N GLN B 206 -2.49 -9.40 12.82
CA GLN B 206 -3.58 -10.19 12.28
C GLN B 206 -4.45 -10.77 13.40
N GLU B 207 -3.81 -11.23 14.47
CA GLU B 207 -4.50 -11.95 15.53
C GLU B 207 -5.38 -11.07 16.41
N VAL B 208 -4.91 -9.85 16.71
CA VAL B 208 -5.64 -8.98 17.64
C VAL B 208 -6.76 -8.22 16.94
N VAL B 209 -7.93 -8.20 17.59
CA VAL B 209 -9.09 -7.48 17.11
C VAL B 209 -8.78 -6.01 16.89
N PRO B 210 -9.32 -5.41 15.82
CA PRO B 210 -9.26 -3.95 15.64
C PRO B 210 -9.70 -3.21 16.89
N ASN B 211 -9.03 -2.10 17.22
CA ASN B 211 -9.29 -1.36 18.45
C ASN B 211 -8.99 -2.21 19.69
N GLY B 212 -8.23 -3.28 19.50
CA GLY B 212 -7.85 -4.18 20.58
C GLY B 212 -6.69 -3.60 21.38
N CYS B 213 -6.28 -4.32 22.42
CA CYS B 213 -5.26 -3.79 23.32
C CYS B 213 -4.10 -4.76 23.54
N MET B 214 -2.96 -4.19 23.93
CA MET B 214 -1.76 -4.99 24.16
C MET B 214 -0.90 -4.36 25.24
N VAL B 215 -0.51 -5.16 26.22
CA VAL B 215 0.35 -4.70 27.30
C VAL B 215 1.62 -5.53 27.34
N LEU B 216 2.73 -4.89 26.99
CA LEU B 216 4.00 -5.58 26.92
C LEU B 216 4.98 -5.03 27.95
N ILE B 217 5.66 -5.93 28.66
CA ILE B 217 6.68 -5.53 29.61
C ILE B 217 7.96 -6.31 29.33
N LEU B 218 9.04 -5.59 29.09
CA LEU B 218 10.31 -6.22 28.79
C LEU B 218 11.47 -5.50 29.44
N ARG B 219 12.63 -6.17 29.49
CA ARG B 219 13.84 -5.56 29.99
C ARG B 219 14.29 -4.44 29.07
N GLY B 220 14.76 -3.35 29.67
CA GLY B 220 15.27 -2.24 28.88
C GLY B 220 16.58 -1.72 29.44
N ARG B 221 16.84 -0.44 29.21
CA ARG B 221 18.05 0.19 29.71
C ARG B 221 17.84 1.70 29.71
N GLN B 222 18.54 2.40 30.60
CA GLN B 222 18.40 3.84 30.69
C GLN B 222 19.40 4.54 29.77
N SER B 223 20.67 4.20 29.93
CA SER B 223 21.73 4.71 29.06
C SER B 223 21.51 4.29 27.61
N SER B 224 21.91 5.14 26.68
CA SER B 224 21.71 4.85 25.26
C SER B 224 22.81 3.95 24.71
N ASP B 225 23.87 3.75 25.50
CA ASP B 225 24.96 2.88 25.10
C ASP B 225 24.68 1.45 25.59
N PRO B 226 24.67 0.49 24.66
CA PRO B 226 24.35 -0.91 24.95
C PRO B 226 25.36 -1.57 25.88
N SER B 227 26.54 -0.97 26.00
CA SER B 227 27.63 -1.57 26.74
C SER B 227 27.78 -1.00 28.15
N ASP B 228 26.99 0.02 28.45
CA ASP B 228 26.98 0.59 29.80
C ASP B 228 26.63 -0.51 30.79
N MET B 229 27.46 -0.62 31.83
CA MET B 229 27.37 -1.71 32.81
C MET B 229 25.94 -1.96 33.29
N GLN B 230 25.19 -0.89 33.48
CA GLN B 230 23.79 -0.98 33.92
C GLN B 230 22.92 -1.78 32.95
N SER B 231 23.20 -1.65 31.66
CA SER B 231 22.41 -2.31 30.64
C SER B 231 22.76 -3.79 30.49
N CYS B 232 24.04 -4.11 30.60
CA CYS B 232 24.51 -5.43 30.21
C CYS B 232 25.23 -6.20 31.32
N PHE B 233 25.04 -5.82 32.58
CA PHE B 233 25.81 -6.44 33.68
C PHE B 233 25.53 -7.93 33.82
N ILE B 234 24.32 -8.36 33.49
CA ILE B 234 23.95 -9.76 33.61
C ILE B 234 24.86 -10.63 32.74
N TRP B 235 24.88 -10.33 31.46
CA TRP B 235 25.68 -11.10 30.50
C TRP B 235 27.17 -10.79 30.66
N GLU B 236 27.48 -9.59 31.11
CA GLU B 236 28.85 -9.18 31.36
C GLU B 236 29.45 -10.06 32.45
N LEU B 237 28.77 -10.14 33.59
CA LEU B 237 29.21 -10.99 34.70
C LEU B 237 29.29 -12.46 34.27
N LEU B 238 28.28 -12.92 33.55
CA LEU B 238 28.25 -14.30 33.06
C LEU B 238 29.48 -14.59 32.18
N ALA B 239 29.77 -13.69 31.25
CA ALA B 239 30.91 -13.85 30.35
C ALA B 239 32.23 -13.92 31.13
N ILE B 240 32.31 -13.18 32.24
CA ILE B 240 33.48 -13.20 33.08
C ILE B 240 33.60 -14.55 33.80
N ALA B 241 32.47 -15.02 34.35
CA ALA B 241 32.43 -16.30 35.02
C ALA B 241 32.81 -17.43 34.07
N ILE B 242 32.34 -17.33 32.82
CA ILE B 242 32.68 -18.31 31.80
C ILE B 242 34.18 -18.24 31.49
N ALA B 243 34.68 -17.02 31.29
CA ALA B 243 36.08 -16.80 30.93
C ALA B 243 37.02 -17.31 32.02
N GLU B 244 36.61 -17.18 33.27
CA GLU B 244 37.39 -17.67 34.40
C GLU B 244 37.54 -19.19 34.32
N LEU B 245 36.45 -19.87 33.96
CA LEU B 245 36.47 -21.31 33.79
C LEU B 245 37.23 -21.70 32.52
N VAL B 246 37.20 -20.81 31.52
CA VAL B 246 37.95 -21.02 30.29
C VAL B 246 39.45 -21.07 30.57
N SER B 247 39.93 -20.13 31.37
CA SER B 247 41.33 -20.07 31.74
C SER B 247 41.73 -21.26 32.61
N GLN B 248 40.79 -21.72 33.43
CA GLN B 248 41.03 -22.86 34.30
C GLN B 248 41.18 -24.16 33.51
N GLY B 249 40.76 -24.13 32.25
CA GLY B 249 40.88 -25.29 31.38
C GLY B 249 39.63 -26.15 31.41
N LEU B 250 38.67 -25.78 32.24
CA LEU B 250 37.42 -26.52 32.35
C LEU B 250 36.57 -26.37 31.09
N ILE B 251 36.69 -25.23 30.42
CA ILE B 251 35.90 -24.95 29.22
C ILE B 251 36.79 -24.55 28.04
N ASP B 252 36.49 -25.10 26.87
CA ASP B 252 37.19 -24.74 25.64
C ASP B 252 36.97 -23.26 25.32
N GLU B 253 38.03 -22.59 24.90
CA GLU B 253 37.98 -21.13 24.71
C GLU B 253 37.19 -20.72 23.48
N ASP B 254 37.30 -21.51 22.42
CA ASP B 254 36.62 -21.20 21.15
C ASP B 254 35.10 -21.15 21.32
N LYS B 255 34.60 -21.84 22.35
CA LYS B 255 33.17 -21.89 22.60
C LYS B 255 32.62 -20.54 23.08
N LEU B 256 33.43 -19.79 23.81
CA LEU B 256 33.02 -18.48 24.33
C LEU B 256 32.89 -17.47 23.18
N ASP B 257 33.87 -17.49 22.28
CA ASP B 257 33.92 -16.53 21.19
C ASP B 257 32.68 -16.61 20.28
N THR B 258 32.36 -17.82 19.85
CA THR B 258 31.26 -18.03 18.90
C THR B 258 29.88 -17.82 19.52
N PHE B 259 29.71 -18.26 20.76
CA PHE B 259 28.39 -18.18 21.38
C PHE B 259 28.06 -16.79 21.90
N ASN B 260 26.94 -16.26 21.44
CA ASN B 260 26.42 -14.99 21.93
C ASN B 260 24.93 -15.13 22.27
N ILE B 261 24.48 -14.43 23.31
CA ILE B 261 23.10 -14.55 23.79
C ILE B 261 22.07 -14.03 22.78
N PRO B 262 21.03 -14.83 22.50
CA PRO B 262 19.94 -14.43 21.62
C PRO B 262 18.92 -13.56 22.32
N CYS B 263 19.39 -12.52 22.99
CA CYS B 263 18.52 -11.63 23.74
C CYS B 263 19.00 -10.19 23.61
N TYR B 264 18.07 -9.24 23.63
CA TYR B 264 18.44 -7.84 23.48
C TYR B 264 17.61 -6.94 24.40
N PHE B 265 18.30 -6.05 25.11
CA PHE B 265 17.65 -5.10 26.00
C PHE B 265 17.65 -3.73 25.35
N PRO B 266 16.53 -3.36 24.72
CA PRO B 266 16.44 -2.14 23.91
C PRO B 266 16.21 -0.87 24.73
N SER B 267 16.51 0.27 24.13
CA SER B 267 16.26 1.57 24.75
C SER B 267 14.84 2.02 24.42
N LEU B 268 14.38 3.05 25.10
CA LEU B 268 13.05 3.60 24.89
C LEU B 268 12.84 4.05 23.44
N GLU B 269 13.85 4.71 22.88
CA GLU B 269 13.77 5.24 21.52
C GLU B 269 13.69 4.12 20.48
N GLU B 270 14.45 3.05 20.71
CA GLU B 270 14.51 1.94 19.77
C GLU B 270 13.17 1.21 19.62
N VAL B 271 12.50 0.91 20.74
CA VAL B 271 11.23 0.19 20.68
C VAL B 271 10.12 1.08 20.13
N LYS B 272 10.28 2.40 20.27
CA LYS B 272 9.26 3.33 19.78
C LYS B 272 9.34 3.44 18.27
N ASP B 273 10.58 3.44 17.75
CA ASP B 273 10.80 3.45 16.32
C ASP B 273 10.20 2.20 15.69
N ILE B 274 10.57 1.04 16.23
CA ILE B 274 10.09 -0.24 15.71
C ILE B 274 8.56 -0.32 15.65
N VAL B 275 7.89 0.14 16.71
CA VAL B 275 6.43 0.14 16.76
C VAL B 275 5.83 1.04 15.68
N GLU B 276 6.51 2.14 15.38
CA GLU B 276 6.03 3.06 14.36
C GLU B 276 6.25 2.53 12.95
N ARG B 277 7.44 1.98 12.70
CA ARG B 277 7.79 1.44 11.40
C ARG B 277 6.75 0.43 10.94
N ASP B 278 6.56 -0.62 11.73
CA ASP B 278 5.44 -1.53 11.57
C ASP B 278 4.16 -0.81 11.96
N GLY B 279 3.53 -0.15 11.01
CA GLY B 279 2.42 0.75 11.28
C GLY B 279 1.11 0.13 11.74
N SER B 280 1.17 -1.09 12.27
CA SER B 280 -0.05 -1.81 12.64
C SER B 280 -0.56 -1.44 14.04
N PHE B 281 0.31 -0.90 14.89
CA PHE B 281 -0.10 -0.54 16.25
C PHE B 281 0.25 0.90 16.63
N THR B 282 -0.52 1.44 17.58
CA THR B 282 -0.26 2.78 18.11
C THR B 282 0.08 2.71 19.59
N ILE B 283 0.98 3.59 20.03
CA ILE B 283 1.43 3.59 21.42
C ILE B 283 0.52 4.46 22.30
N ASP B 284 -0.36 3.82 23.05
CA ASP B 284 -1.21 4.52 24.01
C ASP B 284 -0.35 5.09 25.14
N HIS B 285 0.59 4.28 25.62
CA HIS B 285 1.45 4.67 26.73
C HIS B 285 2.77 3.92 26.72
N MET B 286 3.86 4.64 26.98
CA MET B 286 5.18 4.02 27.11
C MET B 286 5.94 4.65 28.28
N GLU B 287 6.64 3.82 29.04
CA GLU B 287 7.27 4.26 30.28
C GLU B 287 8.31 3.25 30.76
N GLY B 288 9.42 3.75 31.31
CA GLY B 288 10.43 2.90 31.88
C GLY B 288 10.59 3.11 33.37
N PHE B 289 10.86 2.03 34.10
CA PHE B 289 11.10 2.11 35.53
C PHE B 289 12.25 1.18 35.92
N GLU B 290 12.91 1.49 37.03
CA GLU B 290 14.05 0.71 37.47
C GLU B 290 13.86 0.19 38.89
N LEU B 291 14.13 -1.10 39.06
CA LEU B 291 14.06 -1.76 40.36
C LEU B 291 15.44 -2.30 40.74
N ASP B 292 15.66 -2.49 42.04
CA ASP B 292 16.90 -3.08 42.52
C ASP B 292 17.07 -4.48 41.95
N SER B 293 18.26 -4.79 41.47
CA SER B 293 18.54 -6.13 40.94
C SER B 293 18.50 -7.16 42.06
N LEU B 294 18.58 -6.68 43.30
CA LEU B 294 18.54 -7.52 44.49
C LEU B 294 18.20 -6.70 45.74
N GLN B 295 17.52 -7.32 46.71
CA GLN B 295 17.35 -6.73 48.04
C GLN B 295 18.56 -7.12 48.88
N MET B 296 19.40 -6.22 49.42
CA MET B 296 19.27 -4.76 49.69
C MET B 296 18.34 -4.50 50.88
N GLN B 297 17.36 -5.38 51.09
CA GLN B 297 16.64 -5.40 52.35
C GLN B 297 17.30 -6.44 53.25
N GLU B 298 18.36 -7.05 52.74
CA GLU B 298 19.10 -8.07 53.46
C GLU B 298 20.55 -7.62 53.65
N ASN B 299 21.16 -8.00 54.76
CA ASN B 299 22.49 -7.51 55.11
C ASN B 299 23.63 -8.49 54.85
N ASP B 300 23.32 -9.78 54.82
CA ASP B 300 24.33 -10.79 54.54
C ASP B 300 24.61 -10.82 53.04
N LYS B 301 25.84 -10.49 52.67
CA LYS B 301 26.21 -10.38 51.25
C LYS B 301 26.08 -11.69 50.49
N TRP B 302 26.54 -12.78 51.10
CA TRP B 302 26.50 -14.10 50.47
C TRP B 302 25.07 -14.56 50.21
N VAL B 303 24.17 -14.25 51.13
CA VAL B 303 22.76 -14.58 50.99
C VAL B 303 22.13 -13.78 49.85
N ARG B 304 22.52 -12.51 49.74
CA ARG B 304 22.06 -11.63 48.68
C ARG B 304 22.40 -12.17 47.30
N GLY B 305 23.70 -12.44 47.09
CA GLY B 305 24.18 -12.92 45.81
C GLY B 305 23.56 -14.23 45.42
N GLU B 306 23.44 -15.13 46.39
CA GLU B 306 22.85 -16.46 46.16
C GLU B 306 21.44 -16.36 45.59
N LYS B 307 20.64 -15.45 46.13
CA LYS B 307 19.28 -15.24 45.64
C LYS B 307 19.30 -14.68 44.22
N PHE B 308 20.24 -13.79 43.94
CA PHE B 308 20.38 -13.24 42.59
C PHE B 308 21.06 -14.24 41.67
N ALA B 309 21.90 -15.12 42.23
CA ALA B 309 22.57 -16.12 41.43
C ALA B 309 21.57 -17.20 40.99
N LYS B 310 20.74 -17.63 41.94
CA LYS B 310 19.73 -18.64 41.68
C LYS B 310 18.74 -18.20 40.60
N ILE B 311 18.27 -16.96 40.69
CA ILE B 311 17.28 -16.48 39.72
C ILE B 311 17.89 -16.33 38.34
N VAL B 312 19.15 -15.91 38.27
CA VAL B 312 19.84 -15.79 36.99
C VAL B 312 19.98 -17.17 36.36
N ARG B 313 20.33 -18.17 37.17
CA ARG B 313 20.40 -19.55 36.71
C ARG B 313 19.03 -20.03 36.26
N ALA B 314 17.98 -19.56 36.92
CA ALA B 314 16.62 -19.98 36.60
C ALA B 314 16.22 -19.62 35.16
N PHE B 315 16.64 -18.45 34.69
CA PHE B 315 16.29 -18.05 33.33
C PHE B 315 17.46 -18.08 32.35
N THR B 316 18.57 -18.73 32.72
CA THR B 316 19.71 -18.84 31.81
C THR B 316 20.37 -20.22 31.77
N GLU B 317 19.99 -21.12 32.65
CA GLU B 317 20.63 -22.44 32.66
C GLU B 317 20.37 -23.23 31.37
N PRO B 318 19.10 -23.34 30.93
CA PRO B 318 18.88 -24.12 29.71
C PRO B 318 19.64 -23.61 28.48
N ILE B 319 19.69 -22.30 28.29
CA ILE B 319 20.30 -21.73 27.09
C ILE B 319 21.83 -21.84 27.15
N ILE B 320 22.39 -21.75 28.35
CA ILE B 320 23.84 -21.80 28.52
C ILE B 320 24.32 -23.25 28.57
N SER B 321 23.58 -24.11 29.25
CA SER B 321 23.94 -25.52 29.34
C SER B 321 23.94 -26.19 27.97
N ASN B 322 23.15 -25.63 27.05
CA ASN B 322 23.15 -26.10 25.67
C ASN B 322 24.54 -26.01 25.04
N GLN B 323 25.24 -24.90 25.29
CA GLN B 323 26.51 -24.62 24.64
C GLN B 323 27.70 -25.27 25.33
N PHE B 324 27.66 -25.32 26.66
CA PHE B 324 28.83 -25.75 27.43
C PHE B 324 28.58 -27.07 28.19
N GLY B 325 27.39 -27.63 28.04
CA GLY B 325 27.06 -28.86 28.72
C GLY B 325 26.50 -28.61 30.12
N HIS B 326 25.83 -29.61 30.69
CA HIS B 326 25.22 -29.46 32.00
C HIS B 326 26.21 -29.71 33.13
N GLU B 327 27.26 -30.48 32.83
CA GLU B 327 28.23 -30.90 33.83
C GLU B 327 28.95 -29.71 34.48
N ILE B 328 29.21 -28.68 33.69
CA ILE B 328 30.02 -27.55 34.13
C ILE B 328 29.17 -26.39 34.66
N MET B 329 27.85 -26.57 34.64
CA MET B 329 26.92 -25.51 35.03
C MET B 329 27.01 -25.14 36.51
N ASP B 330 27.24 -26.14 37.35
CA ASP B 330 27.33 -25.93 38.79
C ASP B 330 28.55 -25.10 39.17
N LYS B 331 29.65 -25.28 38.44
CA LYS B 331 30.85 -24.47 38.65
C LYS B 331 30.63 -23.05 38.16
N LEU B 332 29.95 -22.91 37.04
CA LEU B 332 29.72 -21.61 36.40
C LEU B 332 28.94 -20.65 37.29
N TYR B 333 27.85 -21.12 37.87
CA TYR B 333 27.02 -20.24 38.69
C TYR B 333 27.56 -20.07 40.11
N ASP B 334 28.50 -20.92 40.50
CA ASP B 334 29.17 -20.75 41.78
C ASP B 334 30.20 -19.63 41.66
N LYS B 335 30.93 -19.63 40.55
CA LYS B 335 31.86 -18.56 40.25
C LYS B 335 31.13 -17.24 40.06
N PHE B 336 30.00 -17.30 39.36
CA PHE B 336 29.16 -16.14 39.10
C PHE B 336 28.71 -15.48 40.40
N THR B 337 28.39 -16.31 41.39
CA THR B 337 27.96 -15.81 42.68
C THR B 337 29.12 -15.13 43.40
N HIS B 338 30.30 -15.71 43.29
CA HIS B 338 31.51 -15.16 43.92
C HIS B 338 31.80 -13.76 43.40
N ILE B 339 31.72 -13.57 42.08
CA ILE B 339 31.94 -12.27 41.47
C ILE B 339 31.00 -11.22 42.07
N VAL B 340 29.74 -11.61 42.22
CA VAL B 340 28.74 -10.72 42.80
C VAL B 340 29.07 -10.37 44.25
N VAL B 341 29.37 -11.39 45.04
CA VAL B 341 29.61 -11.21 46.48
C VAL B 341 31.01 -10.68 46.80
N SER B 342 32.03 -11.24 46.16
CA SER B 342 33.42 -10.89 46.48
C SER B 342 33.90 -9.62 45.77
N ASP B 343 33.57 -9.50 44.49
CA ASP B 343 34.05 -8.37 43.70
C ASP B 343 33.13 -7.16 43.81
N LEU B 344 31.94 -7.25 43.22
CA LEU B 344 30.99 -6.14 43.23
C LEU B 344 30.39 -5.92 44.62
N GLU B 345 30.72 -6.81 45.55
CA GLU B 345 30.34 -6.69 46.96
C GLU B 345 28.82 -6.57 47.15
N ALA B 346 28.10 -7.55 46.62
CA ALA B 346 26.64 -7.65 46.78
C ALA B 346 25.93 -6.38 46.33
N LYS B 347 26.49 -5.71 45.33
CA LYS B 347 25.89 -4.51 44.77
C LYS B 347 25.93 -4.56 43.25
N LEU B 348 24.78 -4.28 42.63
CA LEU B 348 24.69 -4.29 41.17
C LEU B 348 23.83 -3.14 40.68
N PRO B 349 24.07 -2.70 39.43
CA PRO B 349 23.27 -1.64 38.81
C PRO B 349 21.78 -1.98 38.79
N LYS B 350 20.94 -0.95 38.90
CA LYS B 350 19.50 -1.14 38.89
C LYS B 350 19.01 -1.69 37.55
N THR B 351 18.04 -2.59 37.61
CA THR B 351 17.52 -3.22 36.40
C THR B 351 16.35 -2.42 35.81
N THR B 352 16.41 -2.14 34.51
CA THR B 352 15.41 -1.31 33.85
C THR B 352 14.35 -2.14 33.14
N SER B 353 13.09 -1.74 33.29
CA SER B 353 11.98 -2.40 32.62
C SER B 353 11.16 -1.40 31.81
N ILE B 354 10.51 -1.87 30.75
CA ILE B 354 9.74 -0.98 29.89
C ILE B 354 8.27 -1.41 29.80
N ILE B 355 7.37 -0.44 29.95
CA ILE B 355 5.94 -0.72 29.85
C ILE B 355 5.38 -0.21 28.52
N LEU B 356 5.05 -1.15 27.64
CA LEU B 356 4.48 -0.81 26.34
C LEU B 356 2.98 -1.11 26.31
N VAL B 357 2.17 -0.08 26.11
CA VAL B 357 0.73 -0.26 25.96
C VAL B 357 0.30 0.10 24.55
N LEU B 358 -0.15 -0.90 23.79
CA LEU B 358 -0.46 -0.71 22.38
C LEU B 358 -1.94 -0.96 22.09
N SER B 359 -2.47 -0.22 21.11
CA SER B 359 -3.81 -0.46 20.59
C SER B 359 -3.76 -0.66 19.08
N LYS B 360 -4.72 -1.39 18.53
CA LYS B 360 -4.73 -1.62 17.10
C LYS B 360 -5.33 -0.44 16.36
N ILE B 361 -4.70 -0.06 15.26
CA ILE B 361 -5.04 1.18 14.56
C ILE B 361 -6.27 1.02 13.65
N VAL B 362 -6.61 -0.21 13.29
CA VAL B 362 -7.73 -0.45 12.38
C VAL B 362 -9.05 0.07 12.95
N VAL C 2 -17.04 50.14 21.78
CA VAL C 2 -16.69 49.38 20.60
C VAL C 2 -16.19 50.31 19.49
N LYS C 3 -16.85 51.45 19.34
CA LYS C 3 -16.45 52.45 18.36
C LYS C 3 -15.01 52.93 18.61
N GLU C 4 -14.58 52.88 19.86
CA GLU C 4 -13.24 53.32 20.23
C GLU C 4 -12.19 52.22 20.00
N VAL C 5 -12.59 50.98 20.23
CA VAL C 5 -11.65 49.86 20.17
C VAL C 5 -11.78 49.02 18.90
N LEU C 6 -12.57 49.48 17.95
CA LEU C 6 -12.69 48.75 16.68
C LEU C 6 -11.91 49.45 15.58
N PHE C 7 -11.11 48.65 14.90
CA PHE C 7 -10.35 49.04 13.73
C PHE C 7 -9.82 47.74 13.15
N MET C 8 -9.39 47.71 11.89
CA MET C 8 -8.77 46.50 11.38
C MET C 8 -7.32 46.48 11.82
N ASN C 9 -6.63 45.37 11.58
CA ASN C 9 -5.22 45.26 11.98
C ASN C 9 -4.37 46.32 11.29
N THR C 10 -3.88 47.26 12.10
CA THR C 10 -3.15 48.43 11.61
C THR C 10 -1.67 48.15 11.40
N GLY C 11 -1.20 48.47 10.20
CA GLY C 11 0.19 48.24 9.84
C GLY C 11 0.28 47.96 8.35
N GLU C 12 1.41 47.42 7.92
CA GLU C 12 1.59 47.08 6.52
C GLU C 12 2.40 45.78 6.39
N GLY C 13 1.72 44.67 6.62
CA GLY C 13 2.38 43.37 6.66
C GLY C 13 2.84 43.05 8.07
N GLU C 14 2.82 41.77 8.42
CA GLU C 14 2.39 40.73 7.50
C GLU C 14 0.97 40.25 7.85
N SER C 15 0.45 40.75 8.97
CA SER C 15 -0.89 40.38 9.41
C SER C 15 -1.86 41.52 9.18
N SER C 16 -1.36 42.62 8.62
CA SER C 16 -2.18 43.79 8.34
C SER C 16 -3.25 43.48 7.31
N TYR C 17 -4.40 44.14 7.47
CA TYR C 17 -5.55 43.92 6.61
C TYR C 17 -5.28 44.29 5.16
N VAL C 18 -4.33 45.20 4.94
CA VAL C 18 -3.96 45.60 3.59
C VAL C 18 -3.31 44.44 2.84
N GLN C 19 -2.50 43.65 3.54
CA GLN C 19 -1.89 42.47 2.96
C GLN C 19 -2.88 41.32 2.91
N ASN C 20 -4.00 41.47 3.61
CA ASN C 20 -5.05 40.46 3.63
C ASN C 20 -6.34 40.99 3.04
N SER C 21 -6.33 41.21 1.73
CA SER C 21 -7.50 41.71 1.01
C SER C 21 -8.02 40.62 0.08
N SER C 22 -7.51 39.42 0.26
CA SER C 22 -7.75 38.28 -0.63
C SER C 22 -9.23 38.06 -0.96
N PHE C 23 -10.05 38.02 0.08
CA PHE C 23 -11.47 37.74 -0.09
C PHE C 23 -12.26 38.96 -0.56
N THR C 24 -11.93 40.11 0.00
CA THR C 24 -12.70 41.32 -0.23
C THR C 24 -12.56 41.85 -1.65
N GLU C 25 -11.39 41.66 -2.24
CA GLU C 25 -11.14 42.16 -3.60
C GLU C 25 -12.05 41.45 -4.60
N LYS C 26 -12.46 40.23 -4.26
CA LYS C 26 -13.39 39.47 -5.08
C LYS C 26 -14.81 40.02 -4.98
N VAL C 27 -15.21 40.42 -3.79
CA VAL C 27 -16.54 40.98 -3.56
C VAL C 27 -16.68 42.32 -4.28
N ALA C 28 -15.61 43.12 -4.26
CA ALA C 28 -15.59 44.42 -4.93
C ALA C 28 -15.72 44.25 -6.44
N SER C 29 -15.26 43.11 -6.94
CA SER C 29 -15.36 42.78 -8.36
C SER C 29 -16.81 42.55 -8.75
N MET C 30 -17.52 41.76 -7.94
CA MET C 30 -18.92 41.44 -8.22
C MET C 30 -19.82 42.66 -8.08
N ALA C 31 -19.46 43.57 -7.19
CA ALA C 31 -20.26 44.76 -6.95
C ALA C 31 -19.80 45.93 -7.81
N MET C 32 -18.74 45.72 -8.58
CA MET C 32 -18.27 46.73 -9.52
C MET C 32 -19.34 47.10 -10.55
N PRO C 33 -20.03 46.10 -11.16
CA PRO C 33 -21.15 46.48 -12.03
C PRO C 33 -22.24 47.26 -11.28
N ALA C 34 -22.52 46.86 -10.05
CA ALA C 34 -23.50 47.56 -9.22
C ALA C 34 -23.03 48.99 -8.96
N LEU C 35 -21.72 49.14 -8.79
CA LEU C 35 -21.10 50.44 -8.62
C LEU C 35 -21.06 51.19 -9.94
N GLU C 36 -20.71 50.48 -11.02
CA GLU C 36 -20.64 51.06 -12.35
C GLU C 36 -21.93 51.76 -12.75
N ASN C 37 -23.06 51.06 -12.56
CA ASN C 37 -24.37 51.58 -12.92
C ASN C 37 -24.73 52.82 -12.11
N ALA C 38 -24.69 52.69 -10.79
CA ALA C 38 -25.01 53.77 -9.86
C ALA C 38 -24.26 55.07 -10.17
N VAL C 39 -22.98 54.94 -10.50
CA VAL C 39 -22.17 56.10 -10.90
C VAL C 39 -22.76 56.74 -12.16
N GLU C 40 -23.27 55.91 -13.07
CA GLU C 40 -23.85 56.39 -14.31
C GLU C 40 -25.27 56.92 -14.16
N THR C 41 -26.01 56.42 -13.17
CA THR C 41 -27.36 56.93 -12.92
C THR C 41 -27.30 58.34 -12.35
N LEU C 42 -26.19 58.64 -11.68
CA LEU C 42 -25.96 59.98 -11.14
C LEU C 42 -25.81 60.96 -12.29
N PHE C 43 -25.22 60.50 -13.39
CA PHE C 43 -25.14 61.30 -14.61
C PHE C 43 -26.53 61.39 -15.25
N SER C 44 -27.32 60.32 -15.11
CA SER C 44 -28.70 60.33 -15.60
C SER C 44 -29.55 61.31 -14.80
N LYS C 45 -29.15 61.54 -13.56
CA LYS C 45 -29.83 62.51 -12.70
C LYS C 45 -29.57 63.93 -13.19
N ASP C 46 -28.58 64.06 -14.08
CA ASP C 46 -28.30 65.30 -14.81
C ASP C 46 -27.85 66.46 -13.94
N PHE C 47 -28.59 66.74 -12.86
CA PHE C 47 -28.25 67.85 -11.96
C PHE C 47 -26.85 67.69 -11.35
N HIS C 48 -26.36 66.46 -11.28
CA HIS C 48 -25.08 66.17 -10.64
C HIS C 48 -23.90 66.47 -11.55
N LEU C 49 -24.18 66.72 -12.82
CA LEU C 49 -23.19 67.21 -13.76
C LEU C 49 -22.58 68.51 -13.24
N PHE C 50 -23.43 69.34 -12.66
CA PHE C 50 -23.01 70.59 -12.06
C PHE C 50 -22.99 70.45 -10.54
N GLN C 51 -21.82 70.65 -9.93
CA GLN C 51 -20.59 70.98 -10.65
C GLN C 51 -19.49 69.99 -10.29
N ALA C 52 -19.52 69.53 -9.05
CA ALA C 52 -18.57 68.54 -8.55
C ALA C 52 -19.31 67.47 -7.76
N ILE C 53 -18.92 66.21 -7.96
CA ILE C 53 -19.61 65.10 -7.31
C ILE C 53 -18.88 64.62 -6.06
N ASN C 54 -19.63 64.48 -4.97
CA ASN C 54 -19.05 64.02 -3.72
C ASN C 54 -19.33 62.54 -3.47
N ALA C 55 -18.26 61.75 -3.36
CA ALA C 55 -18.39 60.34 -3.04
C ALA C 55 -17.78 60.06 -1.66
N ALA C 56 -18.31 59.05 -0.98
CA ALA C 56 -17.83 58.71 0.36
C ALA C 56 -17.79 57.20 0.59
N ASP C 57 -16.62 56.70 0.97
CA ASP C 57 -16.46 55.30 1.35
C ASP C 57 -16.52 55.17 2.87
N LEU C 58 -17.60 54.61 3.38
CA LEU C 58 -17.79 54.46 4.82
C LEU C 58 -17.28 53.11 5.29
N GLY C 59 -16.06 53.09 5.83
CA GLY C 59 -15.39 51.86 6.17
C GLY C 59 -14.38 51.52 5.10
N CYS C 60 -13.16 52.02 5.26
CA CYS C 60 -12.11 51.85 4.24
C CYS C 60 -10.92 51.08 4.77
N ALA C 61 -10.92 50.83 6.09
CA ALA C 61 -9.81 50.15 6.76
C ALA C 61 -8.47 50.79 6.42
N THR C 62 -7.44 49.97 6.28
CA THR C 62 -6.14 50.43 5.80
C THR C 62 -5.84 49.71 4.50
N GLY C 63 -6.73 48.79 4.14
CA GLY C 63 -6.57 47.97 2.96
C GLY C 63 -6.66 48.74 1.66
N PRO C 64 -6.27 48.09 0.56
CA PRO C 64 -6.24 48.70 -0.77
C PRO C 64 -7.58 48.65 -1.50
N ASN C 65 -8.57 48.00 -0.88
CA ASN C 65 -9.86 47.78 -1.52
C ASN C 65 -10.67 49.07 -1.71
N THR C 66 -10.34 50.09 -0.91
CA THR C 66 -11.06 51.36 -0.97
C THR C 66 -10.60 52.20 -2.17
N PHE C 67 -9.39 51.94 -2.65
CA PHE C 67 -8.90 52.58 -3.86
C PHE C 67 -9.53 51.93 -5.06
N ALA C 68 -9.83 50.65 -4.92
CA ALA C 68 -10.54 49.93 -5.95
C ALA C 68 -11.90 50.58 -6.22
N VAL C 69 -12.59 51.06 -5.20
CA VAL C 69 -13.90 51.68 -5.42
C VAL C 69 -13.71 53.05 -6.06
N ILE C 70 -12.76 53.84 -5.56
CA ILE C 70 -12.54 55.16 -6.14
C ILE C 70 -12.15 55.13 -7.61
N SER C 71 -11.28 54.21 -7.96
CA SER C 71 -10.71 54.16 -9.29
C SER C 71 -11.78 54.02 -10.34
N THR C 72 -12.79 53.19 -10.06
CA THR C 72 -13.89 53.06 -11.00
C THR C 72 -14.85 54.26 -11.01
N ILE C 73 -15.04 54.95 -9.88
CA ILE C 73 -15.89 56.16 -9.92
C ILE C 73 -15.24 57.14 -10.87
N LYS C 74 -13.95 57.35 -10.67
CA LYS C 74 -13.19 58.34 -11.44
C LYS C 74 -13.03 57.92 -12.91
N ARG C 75 -12.73 56.65 -13.14
CA ARG C 75 -12.54 56.17 -14.50
C ARG C 75 -13.84 56.15 -15.29
N MET C 76 -14.93 55.74 -14.65
CA MET C 76 -16.24 55.72 -15.29
C MET C 76 -16.68 57.13 -15.67
N MET C 77 -16.40 58.09 -14.77
CA MET C 77 -16.73 59.48 -15.01
C MET C 77 -15.97 60.05 -16.20
N GLU C 78 -14.73 59.61 -16.37
CA GLU C 78 -13.87 60.11 -17.44
C GLU C 78 -14.50 59.87 -18.81
N LYS C 79 -15.23 58.77 -18.95
CA LYS C 79 -15.90 58.45 -20.19
C LYS C 79 -17.21 59.22 -20.32
N LYS C 80 -17.90 59.40 -19.21
CA LYS C 80 -19.20 60.06 -19.21
C LYS C 80 -19.07 61.55 -19.55
N CYS C 81 -18.00 62.18 -19.08
CA CYS C 81 -17.80 63.61 -19.28
C CYS C 81 -17.56 63.94 -20.75
N ARG C 82 -16.74 63.14 -21.42
CA ARG C 82 -16.35 63.40 -22.82
C ARG C 82 -17.55 63.37 -23.77
N GLU C 83 -18.43 62.41 -23.58
CA GLU C 83 -19.66 62.34 -24.38
C GLU C 83 -20.54 63.54 -24.07
N LEU C 84 -20.53 63.95 -22.81
CA LEU C 84 -21.29 65.12 -22.38
C LEU C 84 -20.49 66.40 -22.58
N ASN C 85 -19.24 66.26 -22.99
CA ASN C 85 -18.33 67.38 -23.21
C ASN C 85 -18.19 68.27 -21.97
N THR C 88 -14.39 69.29 -17.69
CA THR C 88 -14.44 70.27 -16.61
C THR C 88 -15.26 69.74 -15.44
N LEU C 89 -14.85 68.60 -14.90
CA LEU C 89 -15.55 68.00 -13.78
C LEU C 89 -14.61 67.83 -12.58
N GLU C 90 -15.18 67.49 -11.44
CA GLU C 90 -14.40 67.29 -10.23
C GLU C 90 -15.05 66.28 -9.29
N LEU C 91 -14.22 65.43 -8.69
CA LEU C 91 -14.70 64.42 -7.77
C LEU C 91 -14.07 64.59 -6.39
N GLN C 92 -14.90 64.53 -5.35
CA GLN C 92 -14.41 64.59 -3.99
C GLN C 92 -14.74 63.32 -3.24
N VAL C 93 -13.73 62.50 -2.98
CA VAL C 93 -13.94 61.23 -2.30
C VAL C 93 -13.55 61.32 -0.82
N TYR C 94 -14.47 60.91 0.05
CA TYR C 94 -14.21 60.91 1.48
C TYR C 94 -13.92 59.51 2.00
N MET C 95 -12.72 59.32 2.55
CA MET C 95 -12.40 58.05 3.18
C MET C 95 -12.83 58.06 4.64
N ASN C 96 -13.83 57.26 4.96
CA ASN C 96 -14.37 57.26 6.30
C ASN C 96 -14.15 55.95 7.04
N ASP C 97 -13.66 56.07 8.28
CA ASP C 97 -13.44 54.93 9.15
C ASP C 97 -13.30 55.45 10.58
N LEU C 98 -13.37 54.54 11.55
CA LEU C 98 -13.19 54.88 12.95
C LEU C 98 -11.79 55.38 13.23
N PHE C 99 -11.59 56.00 14.40
CA PHE C 99 -10.25 56.38 14.84
C PHE C 99 -9.47 55.11 15.18
N GLY C 100 -8.14 55.20 15.18
CA GLY C 100 -7.33 54.03 15.41
C GLY C 100 -7.05 53.33 14.09
N ASN C 101 -7.84 53.69 13.07
CA ASN C 101 -7.58 53.20 11.72
C ASN C 101 -6.25 53.78 11.25
N ASP C 102 -5.36 52.92 10.75
CA ASP C 102 -4.05 53.39 10.35
C ASP C 102 -4.15 54.24 9.09
N PHE C 103 -4.65 55.46 9.26
CA PHE C 103 -4.77 56.40 8.16
C PHE C 103 -3.40 56.70 7.56
N ASN C 104 -2.35 56.59 8.37
CA ASN C 104 -0.99 56.71 7.86
C ASN C 104 -0.72 55.60 6.84
N THR C 105 -1.12 54.38 7.16
CA THR C 105 -0.97 53.26 6.23
C THR C 105 -1.88 53.50 5.02
N LEU C 106 -3.11 53.94 5.31
CA LEU C 106 -4.10 54.30 4.29
C LEU C 106 -3.59 55.33 3.30
N PHE C 107 -2.99 56.37 3.85
CA PHE C 107 -2.49 57.49 3.06
C PHE C 107 -1.15 57.14 2.43
N LYS C 108 -0.45 56.20 3.05
CA LYS C 108 0.81 55.70 2.49
C LYS C 108 0.52 54.89 1.23
N GLY C 109 -0.64 54.22 1.23
CA GLY C 109 -1.05 53.46 0.07
C GLY C 109 -1.77 54.34 -0.94
N LEU C 110 -2.11 55.56 -0.52
CA LEU C 110 -2.84 56.48 -1.38
C LEU C 110 -1.99 56.98 -2.54
N SER C 111 -0.99 57.78 -2.23
CA SER C 111 -0.11 58.38 -3.22
C SER C 111 0.62 57.34 -4.07
N SER C 123 -10.43 65.95 -12.45
CA SER C 123 -9.69 66.12 -11.20
C SER C 123 -10.30 65.30 -10.07
N CYS C 124 -9.43 64.74 -9.23
CA CYS C 124 -9.85 63.91 -8.11
C CYS C 124 -9.17 64.33 -6.81
N TYR C 125 -9.96 64.77 -5.85
CA TYR C 125 -9.45 65.19 -4.54
C TYR C 125 -10.03 64.35 -3.43
N VAL C 126 -9.18 63.61 -2.74
CA VAL C 126 -9.63 62.67 -1.71
C VAL C 126 -9.28 63.19 -0.32
N MET C 127 -10.18 62.97 0.64
CA MET C 127 -9.96 63.41 2.01
C MET C 127 -10.28 62.31 3.02
N GLY C 128 -9.67 62.40 4.20
CA GLY C 128 -9.91 61.41 5.23
C GLY C 128 -10.90 61.89 6.28
N VAL C 129 -11.95 61.11 6.49
CA VAL C 129 -12.99 61.49 7.45
C VAL C 129 -13.09 60.47 8.58
N PRO C 130 -12.43 60.75 9.71
CA PRO C 130 -12.44 59.83 10.85
C PRO C 130 -13.69 59.99 11.71
N GLY C 131 -14.30 58.86 12.07
CA GLY C 131 -15.51 58.86 12.88
C GLY C 131 -16.47 57.75 12.50
N SER C 132 -17.43 57.47 13.36
CA SER C 132 -18.42 56.44 13.08
C SER C 132 -19.47 56.94 12.10
N PHE C 133 -20.00 56.04 11.28
CA PHE C 133 -21.07 56.40 10.36
C PHE C 133 -22.44 56.16 11.00
N HIS C 134 -22.44 55.82 12.28
CA HIS C 134 -23.68 55.68 13.04
C HIS C 134 -24.15 57.05 13.52
N GLY C 135 -23.31 58.05 13.27
CA GLY C 135 -23.65 59.43 13.56
C GLY C 135 -23.37 60.32 12.37
N ARG C 136 -23.57 61.62 12.53
CA ARG C 136 -23.33 62.58 11.47
C ARG C 136 -21.84 62.72 11.15
N LEU C 137 -21.51 62.76 9.87
CA LEU C 137 -20.11 62.88 9.44
C LEU C 137 -19.93 63.97 8.41
N PHE C 138 -20.99 64.24 7.64
CA PHE C 138 -20.92 65.22 6.55
C PHE C 138 -22.02 66.28 6.69
N PRO C 139 -21.80 67.47 6.11
CA PRO C 139 -22.84 68.51 6.10
C PRO C 139 -24.11 68.07 5.36
N ARG C 140 -25.22 68.74 5.63
CA ARG C 140 -26.51 68.38 5.04
C ARG C 140 -26.52 68.61 3.52
N ASN C 141 -27.14 67.66 2.80
CA ASN C 141 -27.26 67.72 1.34
C ASN C 141 -25.93 67.96 0.64
N SER C 142 -24.90 67.18 1.00
CA SER C 142 -23.57 67.37 0.45
C SER C 142 -23.09 66.13 -0.29
N LEU C 143 -23.82 65.03 -0.19
CA LEU C 143 -23.40 63.78 -0.80
C LEU C 143 -24.29 63.37 -1.97
N HIS C 144 -23.66 62.95 -3.06
CA HIS C 144 -24.37 62.45 -4.22
C HIS C 144 -24.30 60.92 -4.26
N LEU C 145 -23.14 60.39 -3.87
CA LEU C 145 -22.91 58.95 -3.93
C LEU C 145 -22.18 58.47 -2.68
N VAL C 146 -22.65 57.35 -2.12
CA VAL C 146 -22.05 56.79 -0.93
C VAL C 146 -21.79 55.29 -1.10
N HIS C 147 -20.61 54.84 -0.71
CA HIS C 147 -20.23 53.44 -0.81
C HIS C 147 -19.74 52.90 0.53
N SER C 148 -19.99 51.62 0.77
CA SER C 148 -19.53 50.97 2.00
C SER C 148 -19.52 49.45 1.84
N SER C 149 -18.33 48.86 1.81
CA SER C 149 -18.21 47.42 1.65
C SER C 149 -17.73 46.72 2.92
N TYR C 150 -18.54 45.79 3.41
CA TYR C 150 -18.23 45.00 4.60
C TYR C 150 -17.93 45.85 5.81
N SER C 151 -18.77 46.85 6.07
CA SER C 151 -18.55 47.78 7.17
C SER C 151 -19.81 47.99 7.99
N VAL C 152 -20.96 47.96 7.31
CA VAL C 152 -22.22 48.31 7.93
C VAL C 152 -22.70 47.24 8.93
N HIS C 153 -22.30 45.99 8.71
CA HIS C 153 -22.76 44.89 9.56
C HIS C 153 -22.08 44.87 10.94
N TRP C 154 -21.28 45.89 11.23
CA TRP C 154 -20.68 46.05 12.56
C TRP C 154 -21.51 46.98 13.43
N LEU C 155 -21.90 46.50 14.60
CA LEU C 155 -22.71 47.29 15.54
C LEU C 155 -21.82 48.27 16.30
N THR C 156 -22.43 49.07 17.16
CA THR C 156 -21.70 50.01 18.00
C THR C 156 -21.45 49.41 19.38
N GLN C 157 -22.01 48.24 19.62
CA GLN C 157 -21.93 47.57 20.92
C GLN C 157 -22.37 46.11 20.81
N ALA C 158 -22.01 45.32 21.81
CA ALA C 158 -22.60 44.00 21.95
C ALA C 158 -24.10 44.19 22.12
N PRO C 159 -24.90 43.41 21.37
CA PRO C 159 -26.37 43.59 21.37
C PRO C 159 -26.99 43.62 22.77
N LYS C 160 -27.89 44.56 22.99
CA LYS C 160 -28.56 44.65 24.30
C LYS C 160 -29.45 43.43 24.49
N GLY C 161 -29.55 42.96 25.73
CA GLY C 161 -30.36 41.80 26.04
C GLY C 161 -29.53 40.54 26.29
N LEU C 162 -28.23 40.74 26.49
CA LEU C 162 -27.32 39.65 26.83
C LEU C 162 -26.91 39.77 28.29
N THR C 163 -27.65 40.62 28.99
CA THR C 163 -27.38 40.97 30.38
C THR C 163 -28.70 41.29 31.04
N SER C 164 -28.83 40.97 32.32
CA SER C 164 -27.78 40.30 33.12
C SER C 164 -28.05 38.83 33.55
N ARG C 165 -29.29 38.37 33.79
CA ARG C 165 -30.52 39.15 34.05
C ARG C 165 -30.36 40.00 35.32
N GLU C 166 -29.71 39.40 36.30
CA GLU C 166 -29.37 40.05 37.56
C GLU C 166 -28.55 39.12 38.44
N LEU C 168 -24.90 37.26 35.73
CA LEU C 168 -24.66 35.96 35.12
C LEU C 168 -24.89 36.04 33.60
N ALA C 169 -25.41 34.95 33.03
CA ALA C 169 -25.95 34.97 31.66
C ALA C 169 -24.90 35.31 30.57
N LEU C 170 -25.19 35.15 29.27
CA LEU C 170 -26.38 34.53 28.68
C LEU C 170 -25.96 33.61 27.54
N ASN C 171 -25.00 34.07 26.75
CA ASN C 171 -24.50 33.33 25.61
C ASN C 171 -23.37 32.39 25.99
N LYS C 172 -23.37 31.97 27.25
CA LYS C 172 -22.40 31.00 27.73
C LYS C 172 -22.61 29.67 27.03
N GLY C 173 -21.57 29.19 26.34
CA GLY C 173 -20.30 29.90 26.26
C GLY C 173 -19.80 30.08 24.84
N ARG C 174 -20.20 31.18 24.22
CA ARG C 174 -19.74 31.52 22.87
C ARG C 174 -19.71 33.02 22.69
N ILE C 175 -19.44 33.47 21.46
CA ILE C 175 -19.32 34.90 21.19
C ILE C 175 -20.35 35.40 20.19
N TYR C 176 -21.15 34.51 19.63
CA TYR C 176 -22.14 34.88 18.62
C TYR C 176 -23.34 33.93 18.68
N ILE C 177 -24.32 34.17 17.82
CA ILE C 177 -25.48 33.29 17.70
C ILE C 177 -25.05 31.88 17.30
N SER C 178 -25.49 30.89 18.09
CA SER C 178 -25.16 29.50 17.81
C SER C 178 -26.31 28.59 18.23
N LYS C 179 -26.16 27.30 17.97
CA LYS C 179 -27.19 26.33 18.36
C LYS C 179 -27.27 26.23 19.87
N THR C 180 -26.12 26.06 20.52
CA THR C 180 -26.06 25.98 21.97
C THR C 180 -26.26 27.35 22.62
N SER C 181 -27.50 27.85 22.55
CA SER C 181 -27.82 29.17 23.04
C SER C 181 -29.33 29.35 23.20
N PRO C 182 -29.75 30.21 24.14
CA PRO C 182 -31.17 30.53 24.31
C PRO C 182 -31.74 31.23 23.08
N PRO C 183 -33.05 31.08 22.84
CA PRO C 183 -33.74 31.71 21.70
C PRO C 183 -33.61 33.23 21.64
N VAL C 184 -33.36 33.89 22.76
CA VAL C 184 -33.36 35.35 22.80
C VAL C 184 -32.16 35.98 22.09
N VAL C 185 -31.09 35.22 21.86
CA VAL C 185 -29.91 35.79 21.22
C VAL C 185 -30.16 36.13 19.76
N ARG C 186 -31.03 35.35 19.11
CA ARG C 186 -31.40 35.61 17.73
C ARG C 186 -32.20 36.90 17.65
N GLU C 187 -33.09 37.07 18.64
CA GLU C 187 -33.86 38.29 18.77
C GLU C 187 -32.97 39.45 19.21
N ALA C 188 -31.99 39.16 20.06
CA ALA C 188 -31.10 40.19 20.58
C ALA C 188 -30.23 40.78 19.49
N TYR C 189 -29.60 39.92 18.69
CA TYR C 189 -28.74 40.37 17.60
C TYR C 189 -29.54 41.06 16.50
N LEU C 190 -30.77 40.62 16.29
CA LEU C 190 -31.64 41.26 15.30
C LEU C 190 -32.18 42.59 15.85
N SER C 191 -32.36 42.65 17.17
CA SER C 191 -32.81 43.88 17.80
C SER C 191 -31.77 44.98 17.65
N GLN C 192 -30.52 44.66 17.99
CA GLN C 192 -29.43 45.63 17.94
C GLN C 192 -29.20 46.14 16.52
N PHE C 193 -29.01 45.20 15.59
CA PHE C 193 -28.75 45.53 14.19
C PHE C 193 -29.78 46.48 13.61
N HIS C 194 -31.05 46.26 13.98
CA HIS C 194 -32.12 47.15 13.55
C HIS C 194 -31.86 48.57 14.03
N GLU C 195 -31.55 48.70 15.32
CA GLU C 195 -31.29 49.99 15.95
C GLU C 195 -30.12 50.73 15.30
N ASP C 196 -29.00 50.03 15.14
CA ASP C 196 -27.80 50.66 14.61
C ASP C 196 -27.90 51.00 13.12
N PHE C 197 -28.51 50.11 12.36
CA PHE C 197 -28.69 50.33 10.93
C PHE C 197 -29.59 51.53 10.67
N THR C 198 -30.65 51.68 11.47
CA THR C 198 -31.55 52.81 11.35
C THR C 198 -30.78 54.11 11.51
N MET C 199 -29.96 54.18 12.55
CA MET C 199 -29.11 55.35 12.79
C MET C 199 -28.20 55.64 11.60
N PHE C 200 -27.68 54.58 10.97
CA PHE C 200 -26.89 54.75 9.76
C PHE C 200 -27.77 55.30 8.65
N LEU C 201 -28.98 54.76 8.53
CA LEU C 201 -29.93 55.25 7.53
C LEU C 201 -30.46 56.62 7.91
N ASN C 202 -30.72 56.83 9.20
CA ASN C 202 -31.19 58.12 9.71
C ASN C 202 -30.18 59.22 9.46
N ALA C 203 -28.93 58.98 9.85
CA ALA C 203 -27.85 59.95 9.64
C ALA C 203 -27.64 60.21 8.15
N ARG C 204 -27.54 59.14 7.38
CA ARG C 204 -27.29 59.26 5.94
C ARG C 204 -28.45 59.88 5.20
N SER C 205 -29.65 59.81 5.78
CA SER C 205 -30.85 60.38 5.16
C SER C 205 -30.73 61.90 5.02
N GLN C 206 -29.93 62.50 5.89
CA GLN C 206 -29.80 63.96 5.92
C GLN C 206 -28.52 64.47 5.25
N GLU C 207 -27.72 63.57 4.68
CA GLU C 207 -26.50 63.99 3.98
C GLU C 207 -26.59 63.82 2.48
N VAL C 208 -27.18 62.71 2.04
CA VAL C 208 -27.36 62.47 0.61
C VAL C 208 -28.28 63.52 -0.01
N VAL C 209 -27.85 64.07 -1.14
CA VAL C 209 -28.71 64.97 -1.90
C VAL C 209 -29.95 64.22 -2.37
N PRO C 210 -31.09 64.93 -2.47
CA PRO C 210 -32.33 64.32 -2.96
C PRO C 210 -32.12 63.57 -4.28
N ASN C 211 -32.73 62.39 -4.39
CA ASN C 211 -32.50 61.48 -5.52
C ASN C 211 -31.03 61.06 -5.64
N GLY C 212 -30.30 61.14 -4.55
CA GLY C 212 -28.92 60.70 -4.52
C GLY C 212 -28.83 59.19 -4.46
N CYS C 213 -27.63 58.64 -4.59
CA CYS C 213 -27.46 57.19 -4.65
C CYS C 213 -26.61 56.65 -3.50
N MET C 214 -26.87 55.41 -3.12
CA MET C 214 -26.17 54.78 -2.01
C MET C 214 -25.99 53.28 -2.26
N VAL C 215 -24.75 52.87 -2.45
CA VAL C 215 -24.44 51.47 -2.69
C VAL C 215 -23.67 50.87 -1.53
N LEU C 216 -24.28 49.92 -0.84
CA LEU C 216 -23.71 49.32 0.36
C LEU C 216 -23.54 47.82 0.22
N ILE C 217 -22.44 47.29 0.73
CA ILE C 217 -22.18 45.85 0.69
C ILE C 217 -21.90 45.30 2.08
N LEU C 218 -22.54 44.18 2.41
CA LEU C 218 -22.29 43.48 3.66
C LEU C 218 -22.45 41.99 3.43
N ARG C 219 -22.11 41.19 4.44
CA ARG C 219 -22.35 39.75 4.35
C ARG C 219 -23.48 39.35 5.29
N GLY C 220 -24.30 38.41 4.83
CA GLY C 220 -25.42 37.95 5.61
C GLY C 220 -25.65 36.47 5.37
N ARG C 221 -26.76 35.94 5.88
CA ARG C 221 -27.07 34.53 5.68
C ARG C 221 -28.01 34.33 4.51
N GLN C 222 -27.97 33.14 3.94
CA GLN C 222 -28.93 32.74 2.91
C GLN C 222 -29.93 31.77 3.51
N SER C 223 -29.61 31.28 4.71
CA SER C 223 -30.41 30.26 5.38
C SER C 223 -31.62 30.85 6.09
N SER C 224 -31.60 32.16 6.33
CA SER C 224 -32.65 32.87 7.09
C SER C 224 -32.74 32.41 8.54
N ASP C 225 -31.86 31.48 8.92
CA ASP C 225 -31.71 31.04 10.31
C ASP C 225 -30.32 31.46 10.76
N PRO C 226 -30.24 32.37 11.75
CA PRO C 226 -28.98 32.95 12.21
C PRO C 226 -27.91 31.94 12.68
N SER C 227 -28.34 30.76 13.13
CA SER C 227 -27.43 29.81 13.78
C SER C 227 -26.92 28.74 12.83
N ASP C 228 -27.29 28.83 11.55
CA ASP C 228 -26.81 27.89 10.53
C ASP C 228 -25.29 27.99 10.42
N MET C 229 -24.63 26.83 10.41
CA MET C 229 -23.17 26.77 10.39
C MET C 229 -22.58 27.58 9.23
N GLN C 230 -23.26 27.52 8.09
CA GLN C 230 -22.87 28.30 6.92
C GLN C 230 -22.89 29.80 7.21
N SER C 231 -23.86 30.24 8.00
CA SER C 231 -24.08 31.67 8.24
C SER C 231 -23.12 32.24 9.28
N CYS C 232 -22.59 31.39 10.17
CA CYS C 232 -21.83 31.88 11.31
C CYS C 232 -20.61 31.04 11.62
N PHE C 233 -20.02 30.41 10.61
CA PHE C 233 -18.88 29.53 10.84
C PHE C 233 -17.67 30.28 11.35
N ILE C 234 -17.50 31.52 10.90
CA ILE C 234 -16.36 32.34 11.30
C ILE C 234 -16.32 32.51 12.82
N TRP C 235 -17.45 32.92 13.39
CA TRP C 235 -17.51 33.14 14.83
C TRP C 235 -17.60 31.81 15.56
N GLU C 236 -18.19 30.82 14.91
CA GLU C 236 -18.24 29.48 15.48
C GLU C 236 -16.84 28.89 15.59
N LEU C 237 -16.11 28.87 14.47
CA LEU C 237 -14.74 28.36 14.45
C LEU C 237 -13.84 29.14 15.42
N LEU C 238 -14.11 30.43 15.58
CA LEU C 238 -13.40 31.21 16.58
C LEU C 238 -13.83 30.79 17.97
N ALA C 239 -15.15 30.77 18.19
CA ALA C 239 -15.72 30.40 19.49
C ALA C 239 -15.17 29.08 20.03
N ILE C 240 -14.98 28.11 19.15
CA ILE C 240 -14.39 26.83 19.53
C ILE C 240 -12.91 27.01 19.78
N ALA C 241 -12.26 27.78 18.92
CA ALA C 241 -10.83 28.06 19.06
C ALA C 241 -10.54 28.74 20.39
N ILE C 242 -11.38 29.72 20.75
CA ILE C 242 -11.21 30.33 22.07
C ILE C 242 -11.49 29.31 23.16
N ALA C 243 -12.61 28.60 23.03
CA ALA C 243 -13.05 27.64 24.03
C ALA C 243 -12.03 26.55 24.36
N GLU C 244 -11.35 26.05 23.33
CA GLU C 244 -10.35 25.01 23.53
C GLU C 244 -9.16 25.54 24.34
N LEU C 245 -8.75 26.76 24.01
CA LEU C 245 -7.67 27.42 24.73
C LEU C 245 -8.10 27.77 26.15
N VAL C 246 -9.41 27.83 26.40
CA VAL C 246 -9.94 28.06 27.74
C VAL C 246 -9.78 26.80 28.58
N SER C 247 -10.03 25.65 27.97
CA SER C 247 -9.91 24.36 28.66
C SER C 247 -8.48 24.14 29.14
N GLN C 248 -7.51 24.62 28.37
CA GLN C 248 -6.10 24.50 28.73
C GLN C 248 -5.75 25.41 29.90
N GLY C 249 -6.67 26.29 30.27
CA GLY C 249 -6.46 27.19 31.40
C GLY C 249 -5.66 28.41 31.00
N LEU C 250 -5.39 28.54 29.70
CA LEU C 250 -4.61 29.66 29.18
C LEU C 250 -5.38 30.96 29.26
N ILE C 251 -6.70 30.88 29.03
CA ILE C 251 -7.56 32.06 29.11
C ILE C 251 -8.69 31.84 30.10
N ASP C 252 -9.12 32.93 30.74
CA ASP C 252 -10.21 32.90 31.71
C ASP C 252 -11.51 32.40 31.07
N GLU C 253 -12.26 31.61 31.84
CA GLU C 253 -13.44 30.93 31.34
C GLU C 253 -14.67 31.82 31.25
N ASP C 254 -14.84 32.69 32.25
CA ASP C 254 -16.00 33.57 32.32
C ASP C 254 -16.03 34.56 31.16
N LYS C 255 -14.84 34.92 30.67
CA LYS C 255 -14.72 35.93 29.62
C LYS C 255 -15.32 35.44 28.29
N LEU C 256 -15.07 34.18 27.96
CA LEU C 256 -15.59 33.61 26.72
C LEU C 256 -17.12 33.53 26.74
N ASP C 257 -17.68 33.43 27.94
CA ASP C 257 -19.13 33.34 28.10
C ASP C 257 -19.81 34.70 27.98
N THR C 258 -19.37 35.65 28.81
CA THR C 258 -19.97 36.98 28.84
C THR C 258 -19.80 37.76 27.55
N PHE C 259 -18.60 37.69 26.96
CA PHE C 259 -18.29 38.44 25.75
C PHE C 259 -19.05 37.96 24.52
N ASN C 260 -19.72 38.89 23.86
CA ASN C 260 -20.39 38.59 22.61
C ASN C 260 -19.96 39.59 21.56
N ILE C 261 -19.78 39.10 20.34
CA ILE C 261 -19.20 39.93 19.29
C ILE C 261 -20.16 41.00 18.76
N PRO C 262 -19.65 42.23 18.52
CA PRO C 262 -20.49 43.32 18.01
C PRO C 262 -20.62 43.33 16.49
N CYS C 263 -21.23 42.29 15.94
CA CYS C 263 -21.41 42.19 14.49
C CYS C 263 -22.61 41.30 14.18
N TYR C 264 -23.29 41.57 13.06
CA TYR C 264 -24.49 40.80 12.70
C TYR C 264 -24.61 40.56 11.20
N PHE C 265 -25.02 39.35 10.83
CA PHE C 265 -25.20 38.99 9.42
C PHE C 265 -26.67 38.79 9.11
N PRO C 266 -27.31 39.84 8.56
CA PRO C 266 -28.76 39.84 8.34
C PRO C 266 -29.21 39.05 7.11
N SER C 267 -30.46 38.58 7.15
CA SER C 267 -31.06 37.91 6.01
C SER C 267 -31.45 38.95 4.96
N LEU C 268 -31.78 38.50 3.76
CA LEU C 268 -32.22 39.40 2.70
C LEU C 268 -33.53 40.09 3.10
N GLU C 269 -34.45 39.31 3.66
CA GLU C 269 -35.76 39.84 4.04
C GLU C 269 -35.65 40.78 5.24
N GLU C 270 -34.77 40.46 6.18
CA GLU C 270 -34.59 41.27 7.37
C GLU C 270 -33.98 42.64 7.04
N VAL C 271 -33.17 42.67 5.98
CA VAL C 271 -32.58 43.92 5.49
C VAL C 271 -33.66 44.86 4.94
N LYS C 272 -34.56 44.29 4.14
CA LYS C 272 -35.65 45.04 3.52
C LYS C 272 -36.50 45.81 4.53
N ASP C 273 -36.94 45.13 5.59
CA ASP C 273 -37.77 45.75 6.61
C ASP C 273 -37.09 47.01 7.14
N ILE C 274 -35.85 46.86 7.58
CA ILE C 274 -35.05 47.98 8.08
C ILE C 274 -35.07 49.17 7.12
N VAL C 275 -34.93 48.89 5.83
CA VAL C 275 -34.93 49.94 4.82
C VAL C 275 -36.36 50.43 4.56
N GLU C 276 -37.34 49.54 4.68
CA GLU C 276 -38.74 49.90 4.48
C GLU C 276 -39.27 50.77 5.64
N ARG C 277 -38.95 50.36 6.86
CA ARG C 277 -39.39 51.07 8.06
C ARG C 277 -38.98 52.54 8.03
N ASP C 278 -37.72 52.79 7.66
CA ASP C 278 -37.21 54.14 7.48
C ASP C 278 -37.41 54.59 6.04
N GLY C 279 -38.42 55.42 5.80
CA GLY C 279 -38.86 55.74 4.45
C GLY C 279 -37.96 56.62 3.61
N SER C 280 -36.80 57.01 4.12
CA SER C 280 -35.94 57.94 3.41
C SER C 280 -35.28 57.33 2.16
N PHE C 281 -34.96 56.04 2.21
CA PHE C 281 -34.31 55.39 1.09
C PHE C 281 -35.17 54.30 0.45
N THR C 282 -35.16 54.25 -0.88
CA THR C 282 -35.88 53.20 -1.61
C THR C 282 -34.89 52.28 -2.30
N ILE C 283 -35.31 51.04 -2.55
CA ILE C 283 -34.41 50.03 -3.09
C ILE C 283 -34.49 49.92 -4.62
N ASP C 284 -33.46 50.43 -5.28
CA ASP C 284 -33.32 50.30 -6.73
C ASP C 284 -33.03 48.84 -7.10
N HIS C 285 -32.16 48.21 -6.30
CA HIS C 285 -31.74 46.84 -6.52
C HIS C 285 -31.22 46.21 -5.23
N MET C 286 -31.44 44.91 -5.07
CA MET C 286 -30.91 44.17 -3.94
C MET C 286 -30.76 42.70 -4.30
N GLU C 287 -29.55 42.17 -4.14
CA GLU C 287 -29.29 40.77 -4.49
C GLU C 287 -28.28 40.12 -3.55
N GLY C 288 -28.05 38.83 -3.76
CA GLY C 288 -27.10 38.09 -2.97
C GLY C 288 -26.23 37.18 -3.81
N PHE C 289 -24.98 37.01 -3.39
CA PHE C 289 -24.04 36.17 -4.12
C PHE C 289 -23.07 35.51 -3.17
N GLU C 290 -22.87 34.20 -3.37
CA GLU C 290 -22.03 33.41 -2.46
C GLU C 290 -20.68 33.06 -3.09
N LEU C 291 -19.62 33.43 -2.39
CA LEU C 291 -18.25 33.16 -2.87
C LEU C 291 -17.58 32.15 -1.97
N ASP C 292 -16.61 31.41 -2.53
CA ASP C 292 -15.84 30.46 -1.74
C ASP C 292 -15.11 31.19 -0.62
N SER C 293 -15.21 30.67 0.61
CA SER C 293 -14.53 31.27 1.75
C SER C 293 -13.02 31.27 1.53
N LEU C 294 -12.56 30.34 0.70
CA LEU C 294 -11.15 30.24 0.35
C LEU C 294 -10.94 29.53 -1.00
N GLN C 295 -9.80 29.79 -1.62
CA GLN C 295 -9.33 29.00 -2.75
C GLN C 295 -8.23 28.09 -2.21
N MET C 296 -8.35 26.75 -2.17
CA MET C 296 -9.28 25.81 -2.85
C MET C 296 -8.86 25.63 -4.31
N GLN C 297 -8.07 26.58 -4.80
CA GLN C 297 -7.30 26.36 -6.02
C GLN C 297 -5.93 25.81 -5.63
N GLU C 298 -5.66 25.83 -4.32
CA GLU C 298 -4.41 25.29 -3.78
C GLU C 298 -4.64 23.86 -3.29
N ASN C 299 -3.61 23.04 -3.33
CA ASN C 299 -3.76 21.64 -2.99
C ASN C 299 -3.44 21.33 -1.53
N ASP C 300 -2.54 22.09 -0.92
CA ASP C 300 -2.15 21.82 0.46
C ASP C 300 -3.11 22.51 1.43
N LYS C 301 -3.84 21.69 2.19
CA LYS C 301 -4.83 22.18 3.15
C LYS C 301 -4.19 23.05 4.24
N TRP C 302 -3.04 22.60 4.71
CA TRP C 302 -2.35 23.29 5.81
C TRP C 302 -1.67 24.58 5.36
N VAL C 303 -1.60 24.79 4.05
CA VAL C 303 -0.94 25.98 3.51
C VAL C 303 -1.94 26.85 2.73
N ARG C 304 -3.19 26.40 2.63
CA ARG C 304 -4.22 27.24 2.01
C ARG C 304 -5.22 27.74 3.05
N GLY C 305 -5.39 26.98 4.13
CA GLY C 305 -6.28 27.37 5.21
C GLY C 305 -5.65 28.46 6.05
N GLU C 306 -4.32 28.55 5.96
CA GLU C 306 -3.57 29.58 6.67
C GLU C 306 -3.89 30.96 6.10
N LYS C 307 -4.10 31.02 4.79
CA LYS C 307 -4.45 32.27 4.12
C LYS C 307 -5.83 32.73 4.60
N PHE C 308 -6.75 31.78 4.74
CA PHE C 308 -8.06 32.07 5.34
C PHE C 308 -7.88 32.43 6.81
N ALA C 309 -6.94 31.78 7.48
CA ALA C 309 -6.69 32.05 8.89
C ALA C 309 -6.08 33.43 9.07
N LYS C 310 -5.22 33.82 8.13
CA LYS C 310 -4.55 35.11 8.18
C LYS C 310 -5.52 36.27 8.01
N ILE C 311 -6.43 36.15 7.04
CA ILE C 311 -7.37 37.24 6.77
C ILE C 311 -8.40 37.35 7.89
N VAL C 312 -8.70 36.23 8.55
CA VAL C 312 -9.56 36.28 9.72
C VAL C 312 -8.85 37.07 10.81
N ARG C 313 -7.59 36.76 11.04
CA ARG C 313 -6.78 37.48 12.02
C ARG C 313 -6.61 38.96 11.65
N ALA C 314 -6.81 39.28 10.38
CA ALA C 314 -6.64 40.65 9.91
C ALA C 314 -7.73 41.58 10.42
N PHE C 315 -8.95 41.06 10.61
CA PHE C 315 -10.06 41.91 11.03
C PHE C 315 -10.61 41.57 12.41
N THR C 316 -10.11 40.50 13.03
CA THR C 316 -10.64 40.09 14.33
C THR C 316 -9.64 40.19 15.47
N GLU C 317 -8.36 40.31 15.14
CA GLU C 317 -7.31 40.43 16.16
C GLU C 317 -7.59 41.56 17.17
N PRO C 318 -7.84 42.79 16.71
CA PRO C 318 -8.01 43.86 17.69
C PRO C 318 -9.28 43.75 18.52
N ILE C 319 -10.38 43.31 17.92
CA ILE C 319 -11.64 43.22 18.65
C ILE C 319 -11.60 42.06 19.65
N ILE C 320 -10.74 41.08 19.39
CA ILE C 320 -10.61 39.91 20.27
C ILE C 320 -9.49 40.10 21.28
N SER C 321 -8.39 40.73 20.88
CA SER C 321 -7.29 41.03 21.79
C SER C 321 -7.74 41.97 22.90
N ASN C 322 -8.77 42.75 22.63
CA ASN C 322 -9.30 43.69 23.61
C ASN C 322 -9.82 43.00 24.87
N GLN C 323 -10.47 41.85 24.70
CA GLN C 323 -11.12 41.16 25.81
C GLN C 323 -10.25 40.08 26.43
N PHE C 324 -9.31 39.53 25.66
CA PHE C 324 -8.49 38.43 26.15
C PHE C 324 -7.02 38.78 26.25
N GLY C 325 -6.67 40.00 25.84
CA GLY C 325 -5.29 40.42 25.84
C GLY C 325 -4.59 39.92 24.59
N HIS C 326 -3.65 40.71 24.08
CA HIS C 326 -2.88 40.31 22.90
C HIS C 326 -1.83 39.26 23.26
N GLU C 327 -1.72 38.98 24.55
CA GLU C 327 -0.68 38.08 25.07
C GLU C 327 -0.85 36.64 24.58
N ILE C 328 -2.10 36.19 24.45
CA ILE C 328 -2.38 34.79 24.12
C ILE C 328 -3.00 34.68 22.71
N MET C 329 -2.81 35.73 21.90
CA MET C 329 -3.38 35.76 20.56
C MET C 329 -2.79 34.73 19.60
N ASP C 330 -1.46 34.63 19.59
CA ASP C 330 -0.77 33.77 18.62
C ASP C 330 -1.18 32.31 18.73
N LYS C 331 -1.40 31.84 19.96
CA LYS C 331 -1.80 30.47 20.19
C LYS C 331 -3.26 30.24 19.78
N LEU C 332 -4.05 31.30 19.80
CA LEU C 332 -5.47 31.22 19.44
C LEU C 332 -5.66 30.93 17.96
N TYR C 333 -5.06 31.77 17.12
CA TYR C 333 -5.18 31.60 15.68
C TYR C 333 -4.39 30.39 15.19
N ASP C 334 -3.50 29.89 16.05
CA ASP C 334 -2.76 28.68 15.77
C ASP C 334 -3.71 27.49 15.83
N LYS C 335 -4.63 27.53 16.79
CA LYS C 335 -5.65 26.49 16.91
C LYS C 335 -6.72 26.68 15.84
N PHE C 336 -7.05 27.93 15.54
CA PHE C 336 -8.00 28.27 14.48
C PHE C 336 -7.60 27.58 13.18
N THR C 337 -6.38 27.85 12.73
CA THR C 337 -5.85 27.25 11.51
C THR C 337 -5.87 25.73 11.60
N HIS C 338 -5.55 25.21 12.78
CA HIS C 338 -5.58 23.76 13.00
C HIS C 338 -6.98 23.20 12.85
N ILE C 339 -7.96 23.87 13.46
CA ILE C 339 -9.36 23.46 13.37
C ILE C 339 -9.85 23.50 11.92
N VAL C 340 -9.52 24.56 11.21
CA VAL C 340 -9.94 24.73 9.83
C VAL C 340 -9.32 23.68 8.90
N VAL C 341 -8.03 23.41 9.07
CA VAL C 341 -7.30 22.57 8.14
C VAL C 341 -7.32 21.07 8.48
N SER C 342 -7.58 20.72 9.74
CA SER C 342 -7.60 19.32 10.14
C SER C 342 -9.03 18.78 10.26
N ASP C 343 -9.85 19.46 11.05
CA ASP C 343 -11.20 18.99 11.33
C ASP C 343 -12.09 19.05 10.10
N LEU C 344 -12.09 20.21 9.44
CA LEU C 344 -12.94 20.43 8.27
C LEU C 344 -12.23 20.08 6.97
N GLU C 345 -10.97 19.69 7.07
CA GLU C 345 -10.13 19.34 5.92
C GLU C 345 -10.10 20.48 4.91
N ALA C 346 -9.94 21.71 5.41
CA ALA C 346 -9.88 22.92 4.60
C ALA C 346 -11.08 23.07 3.69
N LYS C 347 -12.27 22.84 4.23
CA LYS C 347 -13.51 23.00 3.48
C LYS C 347 -14.57 23.69 4.33
N LEU C 348 -15.01 24.87 3.89
CA LEU C 348 -16.02 25.63 4.62
C LEU C 348 -17.15 26.06 3.69
N PRO C 349 -18.33 26.32 4.27
CA PRO C 349 -19.44 26.87 3.48
C PRO C 349 -19.10 28.21 2.84
N LYS C 350 -19.75 28.53 1.73
CA LYS C 350 -19.50 29.78 1.02
C LYS C 350 -19.99 30.99 1.81
N THR C 351 -19.27 32.10 1.71
CA THR C 351 -19.66 33.33 2.38
C THR C 351 -20.64 34.15 1.54
N THR C 352 -21.86 34.29 2.03
CA THR C 352 -22.89 35.04 1.31
C THR C 352 -22.70 36.54 1.47
N SER C 353 -22.60 37.25 0.35
CA SER C 353 -22.43 38.70 0.38
C SER C 353 -23.66 39.38 -0.21
N ILE C 354 -23.95 40.60 0.24
CA ILE C 354 -25.18 41.27 -0.15
C ILE C 354 -24.95 42.65 -0.76
N ILE C 355 -25.36 42.82 -2.01
CA ILE C 355 -25.35 44.12 -2.67
C ILE C 355 -26.71 44.79 -2.52
N LEU C 356 -26.71 46.04 -2.05
CA LEU C 356 -27.95 46.78 -1.87
C LEU C 356 -27.81 48.21 -2.38
N VAL C 357 -28.58 48.55 -3.40
CA VAL C 357 -28.52 49.87 -4.01
C VAL C 357 -29.74 50.71 -3.65
N LEU C 358 -29.49 51.90 -3.11
CA LEU C 358 -30.58 52.74 -2.61
C LEU C 358 -30.61 54.15 -3.21
N SER C 359 -31.76 54.80 -3.09
CA SER C 359 -31.92 56.19 -3.53
C SER C 359 -32.77 56.95 -2.51
N LYS C 360 -32.36 58.18 -2.18
CA LYS C 360 -33.10 59.01 -1.24
C LYS C 360 -34.50 59.31 -1.78
N ILE C 361 -35.52 58.97 -1.01
CA ILE C 361 -36.91 59.07 -1.46
C ILE C 361 -37.39 60.51 -1.60
N VAL C 362 -36.53 61.46 -1.24
CA VAL C 362 -36.87 62.88 -1.31
C VAL C 362 -37.15 63.34 -2.74
N VAL D 2 -10.81 -38.23 41.83
CA VAL D 2 -10.72 -39.07 40.64
C VAL D 2 -10.08 -38.30 39.50
N LYS D 3 -10.61 -37.12 39.20
CA LYS D 3 -10.01 -36.22 38.22
C LYS D 3 -8.58 -35.85 38.61
N GLU D 4 -8.31 -35.91 39.91
CA GLU D 4 -6.99 -35.61 40.43
C GLU D 4 -6.00 -36.74 40.16
N VAL D 5 -6.51 -37.96 40.02
CA VAL D 5 -5.64 -39.13 39.89
C VAL D 5 -5.93 -40.00 38.67
N LEU D 6 -6.76 -39.53 37.76
CA LEU D 6 -7.04 -40.30 36.55
C LEU D 6 -6.27 -39.79 35.34
N PHE D 7 -5.47 -40.67 34.75
CA PHE D 7 -4.73 -40.37 33.53
C PHE D 7 -4.09 -41.63 32.97
N MET D 8 -3.32 -41.46 31.91
CA MET D 8 -2.61 -42.58 31.31
C MET D 8 -1.11 -42.47 31.63
N ASN D 9 -0.38 -43.57 31.47
CA ASN D 9 1.04 -43.60 31.81
C ASN D 9 1.87 -42.52 31.11
N THR D 10 2.69 -41.82 31.90
CA THR D 10 3.47 -40.70 31.40
C THR D 10 4.97 -41.04 31.42
N GLY D 11 5.66 -40.72 30.32
CA GLY D 11 5.05 -40.09 29.17
C GLY D 11 5.34 -40.80 27.87
N GLU D 12 6.61 -40.82 27.48
CA GLU D 12 7.02 -41.46 26.24
C GLU D 12 7.81 -42.74 26.50
N GLY D 13 7.71 -43.25 27.72
CA GLY D 13 8.45 -44.43 28.13
C GLY D 13 8.04 -45.71 27.40
N GLU D 14 8.70 -46.81 27.74
CA GLU D 14 8.47 -48.09 27.09
C GLU D 14 7.08 -48.65 27.40
N SER D 15 6.63 -48.45 28.64
CA SER D 15 5.34 -48.98 29.08
C SER D 15 4.28 -47.88 29.13
N SER D 16 4.56 -46.77 28.46
CA SER D 16 3.65 -45.63 28.46
C SER D 16 2.52 -45.78 27.45
N TYR D 17 1.59 -44.83 27.43
CA TYR D 17 0.41 -44.94 26.58
C TYR D 17 0.69 -44.60 25.12
N VAL D 18 1.53 -43.60 24.88
CA VAL D 18 1.88 -43.21 23.53
C VAL D 18 2.60 -44.36 22.81
N GLN D 19 3.31 -45.18 23.59
CA GLN D 19 4.00 -46.35 23.05
C GLN D 19 3.00 -47.46 22.75
N ASN D 20 1.97 -47.57 23.59
CA ASN D 20 0.97 -48.61 23.45
C ASN D 20 -0.44 -48.04 23.25
N SER D 21 -0.61 -47.25 22.19
CA SER D 21 -1.94 -46.76 21.83
C SER D 21 -2.37 -47.45 20.53
N SER D 22 -1.91 -48.67 20.34
CA SER D 22 -2.10 -49.39 19.08
C SER D 22 -3.54 -49.83 18.84
N PHE D 23 -4.20 -50.30 19.89
CA PHE D 23 -5.59 -50.72 19.77
C PHE D 23 -6.48 -49.53 19.45
N THR D 24 -6.28 -48.44 20.18
CA THR D 24 -7.12 -47.26 20.02
C THR D 24 -6.88 -46.59 18.67
N GLU D 25 -5.80 -46.97 18.01
CA GLU D 25 -5.54 -46.51 16.65
C GLU D 25 -6.53 -47.13 15.69
N LYS D 26 -6.87 -48.39 15.95
CA LYS D 26 -7.86 -49.11 15.16
C LYS D 26 -9.24 -48.48 15.29
N VAL D 27 -9.61 -48.13 16.52
CA VAL D 27 -10.93 -47.56 16.80
C VAL D 27 -11.10 -46.25 16.06
N ALA D 28 -10.09 -45.39 16.12
CA ALA D 28 -10.10 -44.13 15.40
C ALA D 28 -10.09 -44.38 13.89
N SER D 29 -9.37 -45.42 13.48
CA SER D 29 -9.31 -45.80 12.08
C SER D 29 -10.68 -46.26 11.57
N MET D 30 -11.45 -46.92 12.44
CA MET D 30 -12.77 -47.40 12.08
C MET D 30 -13.83 -46.31 12.20
N ALA D 31 -13.53 -45.28 12.98
CA ALA D 31 -14.49 -44.23 13.25
C ALA D 31 -14.18 -42.95 12.47
N MET D 32 -13.14 -43.01 11.64
CA MET D 32 -12.78 -41.87 10.79
C MET D 32 -13.92 -41.42 9.87
N PRO D 33 -14.62 -42.36 9.20
CA PRO D 33 -15.72 -41.91 8.32
C PRO D 33 -16.79 -41.09 9.05
N ALA D 34 -17.02 -41.38 10.33
CA ALA D 34 -17.93 -40.58 11.12
C ALA D 34 -17.40 -39.16 11.25
N LEU D 35 -16.11 -39.05 11.53
CA LEU D 35 -15.43 -37.76 11.58
C LEU D 35 -15.53 -37.04 10.24
N GLU D 36 -15.23 -37.77 9.18
CA GLU D 36 -15.18 -37.22 7.84
C GLU D 36 -16.52 -36.66 7.39
N ASN D 37 -17.60 -37.41 7.66
CA ASN D 37 -18.93 -36.93 7.35
C ASN D 37 -19.27 -35.66 8.14
N ALA D 38 -18.96 -35.69 9.44
CA ALA D 38 -19.24 -34.59 10.34
C ALA D 38 -18.66 -33.27 9.87
N VAL D 39 -17.41 -33.29 9.43
CA VAL D 39 -16.74 -32.08 8.96
C VAL D 39 -17.43 -31.53 7.71
N GLU D 40 -17.85 -32.45 6.84
CA GLU D 40 -18.48 -32.07 5.58
C GLU D 40 -19.88 -31.49 5.85
N THR D 41 -20.52 -31.92 6.93
CA THR D 41 -21.80 -31.36 7.31
C THR D 41 -21.62 -29.92 7.79
N LEU D 42 -20.52 -29.68 8.50
CA LEU D 42 -20.23 -28.34 9.00
C LEU D 42 -20.08 -27.37 7.84
N PHE D 43 -19.52 -27.85 6.73
CA PHE D 43 -19.40 -27.05 5.52
C PHE D 43 -20.75 -26.83 4.87
N SER D 44 -21.61 -27.84 4.92
CA SER D 44 -22.96 -27.73 4.36
C SER D 44 -23.81 -26.78 5.18
N LYS D 45 -23.45 -26.63 6.46
CA LYS D 45 -24.17 -25.74 7.36
C LYS D 45 -23.86 -24.28 7.06
N ASP D 46 -22.83 -24.06 6.25
CA ASP D 46 -22.47 -22.73 5.73
C ASP D 46 -22.05 -21.73 6.81
N PHE D 47 -22.81 -21.67 7.90
CA PHE D 47 -22.53 -20.73 8.98
C PHE D 47 -21.20 -21.00 9.68
N HIS D 48 -20.56 -22.12 9.32
CA HIS D 48 -19.28 -22.47 9.91
C HIS D 48 -18.14 -22.12 8.95
N LEU D 49 -18.50 -21.66 7.76
CA LEU D 49 -17.52 -21.21 6.77
C LEU D 49 -17.12 -19.75 6.99
N PHE D 50 -17.76 -19.10 7.96
CA PHE D 50 -17.44 -17.73 8.30
C PHE D 50 -17.69 -17.45 9.78
N GLN D 51 -16.61 -17.36 10.56
CA GLN D 51 -15.26 -17.43 10.01
C GLN D 51 -14.55 -18.73 10.39
N ALA D 52 -13.60 -18.64 11.31
CA ALA D 52 -12.75 -19.78 11.68
C ALA D 52 -13.54 -20.91 12.32
N ILE D 53 -13.08 -22.14 12.11
CA ILE D 53 -13.72 -23.33 12.67
C ILE D 53 -13.03 -23.81 13.93
N ASN D 54 -13.74 -23.73 15.06
CA ASN D 54 -13.21 -24.21 16.32
C ASN D 54 -13.62 -25.66 16.57
N ALA D 55 -12.65 -26.54 16.69
CA ALA D 55 -12.91 -27.94 16.99
C ALA D 55 -12.19 -28.33 18.27
N ALA D 56 -12.69 -29.37 18.94
CA ALA D 56 -12.10 -29.80 20.20
C ALA D 56 -11.92 -31.32 20.22
N ASP D 57 -10.88 -31.76 20.92
CA ASP D 57 -10.65 -33.18 21.11
C ASP D 57 -10.56 -33.50 22.61
N LEU D 58 -11.66 -33.97 23.17
CA LEU D 58 -11.76 -34.19 24.60
C LEU D 58 -11.23 -35.56 24.99
N GLY D 59 -10.31 -35.59 25.95
CA GLY D 59 -9.65 -36.82 26.34
C GLY D 59 -8.67 -37.24 25.27
N CYS D 60 -7.51 -36.58 25.23
CA CYS D 60 -6.52 -36.79 24.18
C CYS D 60 -5.29 -37.55 24.67
N ALA D 61 -5.20 -37.72 25.98
CA ALA D 61 -4.07 -38.40 26.63
C ALA D 61 -2.74 -37.80 26.19
N THR D 62 -1.81 -38.67 25.80
CA THR D 62 -0.51 -38.25 25.29
C THR D 62 -0.23 -38.89 23.94
N GLY D 63 -0.95 -39.97 23.66
CA GLY D 63 -0.73 -40.76 22.46
C GLY D 63 -0.90 -40.04 21.14
N PRO D 64 -0.46 -40.67 20.04
CA PRO D 64 -0.46 -40.10 18.69
C PRO D 64 -1.84 -40.01 18.07
N ASN D 65 -2.83 -40.69 18.66
CA ASN D 65 -4.16 -40.78 18.06
C ASN D 65 -4.89 -39.45 17.98
N THR D 66 -4.50 -38.51 18.82
CA THR D 66 -5.14 -37.21 18.86
C THR D 66 -4.64 -36.31 17.75
N PHE D 67 -3.51 -36.68 17.16
CA PHE D 67 -2.98 -35.96 16.00
C PHE D 67 -3.63 -36.52 14.74
N ALA D 68 -4.04 -37.78 14.82
CA ALA D 68 -4.72 -38.43 13.71
C ALA D 68 -6.04 -37.74 13.40
N VAL D 69 -6.78 -37.34 14.42
CA VAL D 69 -8.07 -36.68 14.19
C VAL D 69 -7.86 -35.28 13.62
N ILE D 70 -6.93 -34.52 14.20
CA ILE D 70 -6.59 -33.19 13.69
C ILE D 70 -6.19 -33.24 12.22
N SER D 71 -5.41 -34.26 11.87
CA SER D 71 -4.94 -34.45 10.50
C SER D 71 -6.10 -34.59 9.51
N THR D 72 -7.07 -35.44 9.83
CA THR D 72 -8.19 -35.66 8.92
C THR D 72 -9.16 -34.48 8.94
N ILE D 73 -9.20 -33.75 10.05
CA ILE D 73 -10.03 -32.54 10.13
C ILE D 73 -9.46 -31.47 9.19
N LYS D 74 -8.14 -31.28 9.27
CA LYS D 74 -7.46 -30.34 8.40
C LYS D 74 -7.51 -30.83 6.96
N ARG D 75 -7.51 -32.14 6.80
CA ARG D 75 -7.56 -32.77 5.48
C ARG D 75 -8.85 -32.42 4.76
N MET D 76 -9.97 -32.58 5.47
CA MET D 76 -11.28 -32.25 4.93
C MET D 76 -11.42 -30.77 4.63
N MET D 77 -11.02 -29.96 5.61
CA MET D 77 -11.11 -28.51 5.51
C MET D 77 -10.35 -28.04 4.28
N GLU D 78 -9.16 -28.59 4.06
CA GLU D 78 -8.35 -28.23 2.90
C GLU D 78 -8.99 -28.74 1.61
N LYS D 79 -9.55 -29.94 1.66
CA LYS D 79 -10.21 -30.54 0.50
C LYS D 79 -11.44 -29.75 0.11
N LYS D 80 -12.21 -29.31 1.10
CA LYS D 80 -13.40 -28.52 0.85
C LYS D 80 -13.05 -27.04 0.62
N CYS D 81 -11.84 -26.67 1.01
CA CYS D 81 -11.35 -25.31 0.76
C CYS D 81 -11.18 -25.07 -0.73
N ARG D 82 -10.74 -26.11 -1.44
CA ARG D 82 -10.50 -26.02 -2.88
C ARG D 82 -11.80 -25.85 -3.66
N GLU D 83 -12.87 -26.45 -3.14
CA GLU D 83 -14.18 -26.37 -3.79
C GLU D 83 -14.72 -24.93 -3.77
N LEU D 84 -14.41 -24.21 -2.71
CA LEU D 84 -14.84 -22.82 -2.58
C LEU D 84 -13.69 -21.88 -2.92
N ASN D 85 -12.56 -22.45 -3.32
CA ASN D 85 -11.38 -21.70 -3.75
C ASN D 85 -10.73 -20.81 -2.69
N CYS D 86 -11.56 -20.19 -1.84
CA CYS D 86 -11.09 -19.25 -0.82
C CYS D 86 -10.09 -19.89 0.15
N GLN D 87 -9.12 -19.11 0.58
CA GLN D 87 -8.13 -19.59 1.55
C GLN D 87 -8.33 -18.93 2.90
N THR D 88 -9.55 -18.44 3.16
CA THR D 88 -9.84 -17.70 4.38
C THR D 88 -9.94 -18.60 5.60
N LEU D 89 -10.20 -19.88 5.37
CA LEU D 89 -10.51 -20.82 6.45
C LEU D 89 -9.37 -21.05 7.43
N GLU D 90 -9.71 -20.98 8.72
CA GLU D 90 -8.75 -21.25 9.79
C GLU D 90 -9.29 -22.31 10.73
N LEU D 91 -8.40 -23.12 11.28
CA LEU D 91 -8.80 -24.18 12.19
C LEU D 91 -8.24 -23.96 13.58
N GLN D 92 -9.13 -23.99 14.57
CA GLN D 92 -8.73 -23.90 15.96
C GLN D 92 -9.03 -25.23 16.66
N VAL D 93 -7.98 -25.88 17.16
CA VAL D 93 -8.14 -27.18 17.80
C VAL D 93 -7.84 -27.15 19.29
N TYR D 94 -8.81 -27.58 20.09
CA TYR D 94 -8.63 -27.65 21.54
C TYR D 94 -8.42 -29.09 21.98
N MET D 95 -7.21 -29.40 22.43
CA MET D 95 -6.90 -30.72 22.96
C MET D 95 -7.20 -30.78 24.44
N ASN D 96 -8.28 -31.44 24.81
CA ASN D 96 -8.66 -31.48 26.22
C ASN D 96 -8.33 -32.79 26.91
N ASP D 97 -7.89 -32.68 28.15
CA ASP D 97 -7.65 -33.83 29.02
C ASP D 97 -7.56 -33.32 30.45
N LEU D 98 -7.63 -34.24 31.40
CA LEU D 98 -7.52 -33.90 32.81
C LEU D 98 -6.14 -33.33 33.13
N PHE D 99 -6.05 -32.62 34.24
CA PHE D 99 -4.76 -32.26 34.82
C PHE D 99 -4.07 -33.55 35.22
N GLY D 100 -2.75 -33.51 35.37
CA GLY D 100 -2.01 -34.72 35.69
C GLY D 100 -1.81 -35.59 34.47
N ASN D 101 -2.10 -35.03 33.31
CA ASN D 101 -1.75 -35.64 32.04
C ASN D 101 -0.38 -35.13 31.64
N ASP D 102 0.30 -35.84 30.75
CA ASP D 102 1.61 -35.37 30.31
C ASP D 102 1.50 -34.50 29.07
N PHE D 103 1.06 -33.26 29.27
CA PHE D 103 0.98 -32.30 28.18
C PHE D 103 2.37 -31.97 27.64
N ASN D 104 3.39 -32.24 28.44
CA ASN D 104 4.77 -32.08 28.01
C ASN D 104 5.10 -33.02 26.86
N THR D 105 4.59 -34.24 26.96
CA THR D 105 4.83 -35.23 25.91
C THR D 105 3.82 -35.02 24.78
N LEU D 106 2.59 -34.66 25.13
CA LEU D 106 1.55 -34.35 24.15
C LEU D 106 1.99 -33.23 23.21
N PHE D 107 2.46 -32.12 23.78
CA PHE D 107 2.95 -31.00 23.00
C PHE D 107 4.24 -31.35 22.29
N LYS D 108 5.01 -32.27 22.87
CA LYS D 108 6.27 -32.70 22.29
C LYS D 108 6.03 -33.37 20.94
N GLY D 109 5.03 -34.25 20.91
CA GLY D 109 4.64 -34.90 19.68
C GLY D 109 3.97 -33.91 18.74
N LEU D 110 3.26 -32.94 19.33
CA LEU D 110 2.57 -31.91 18.56
C LEU D 110 3.56 -30.99 17.85
N SER D 111 4.74 -30.81 18.46
CA SER D 111 5.76 -29.95 17.91
C SER D 111 6.14 -30.37 16.49
N SER D 112 6.40 -31.67 16.31
CA SER D 112 6.76 -32.20 15.00
C SER D 112 5.53 -32.60 14.21
N LYS D 113 4.51 -31.73 14.23
CA LYS D 113 3.24 -32.03 13.57
C LYS D 113 2.71 -30.82 12.82
N VAL D 114 3.50 -29.75 12.78
CA VAL D 114 3.12 -28.52 12.08
C VAL D 114 4.32 -27.65 11.78
N ASN D 117 3.98 -27.10 7.95
CA ASN D 117 4.85 -26.87 6.81
C ASN D 117 4.11 -26.93 5.48
N LYS D 118 4.85 -26.82 4.39
CA LYS D 118 4.31 -26.88 3.03
C LYS D 118 3.22 -25.84 2.76
N CYS D 119 2.50 -26.03 1.67
CA CYS D 119 1.35 -25.20 1.32
C CYS D 119 0.10 -26.08 1.19
N GLU D 120 -0.87 -26.12 2.14
CA GLU D 120 -1.23 -25.26 3.30
C GLU D 120 -2.36 -24.31 2.88
N GLU D 121 -3.50 -24.89 2.52
CA GLU D 121 -4.69 -24.13 2.16
C GLU D 121 -5.33 -23.52 3.41
N VAL D 122 -5.27 -24.24 4.52
CA VAL D 122 -5.85 -23.79 5.78
C VAL D 122 -4.80 -23.70 6.88
N SER D 123 -4.97 -22.76 7.80
CA SER D 123 -4.08 -22.64 8.96
C SER D 123 -4.65 -23.42 10.14
N CYS D 124 -3.77 -24.10 10.86
CA CYS D 124 -4.19 -24.91 12.00
C CYS D 124 -3.51 -24.48 13.29
N TYR D 125 -4.29 -24.05 14.28
CA TYR D 125 -3.76 -23.64 15.57
C TYR D 125 -4.20 -24.60 16.66
N VAL D 126 -3.24 -25.05 17.48
CA VAL D 126 -3.53 -26.05 18.49
C VAL D 126 -3.30 -25.52 19.92
N MET D 127 -4.33 -25.64 20.75
CA MET D 127 -4.25 -25.27 22.16
C MET D 127 -4.32 -26.50 23.05
N GLY D 128 -3.90 -26.34 24.30
CA GLY D 128 -4.03 -27.40 25.29
C GLY D 128 -4.98 -27.00 26.40
N VAL D 129 -6.06 -27.76 26.56
CA VAL D 129 -7.09 -27.45 27.56
C VAL D 129 -7.12 -28.48 28.68
N PRO D 130 -6.55 -28.12 29.85
CA PRO D 130 -6.55 -29.01 31.00
C PRO D 130 -7.80 -28.85 31.87
N GLY D 131 -8.43 -29.98 32.22
CA GLY D 131 -9.66 -29.95 33.01
C GLY D 131 -10.63 -31.06 32.64
N SER D 132 -11.57 -31.33 33.53
CA SER D 132 -12.58 -32.37 33.31
C SER D 132 -13.68 -31.88 32.37
N PHE D 133 -14.09 -32.73 31.42
CA PHE D 133 -15.17 -32.37 30.52
C PHE D 133 -16.54 -32.68 31.12
N HIS D 134 -16.57 -33.01 32.40
CA HIS D 134 -17.85 -33.20 33.08
C HIS D 134 -18.36 -31.84 33.54
N GLY D 135 -17.48 -30.84 33.46
CA GLY D 135 -17.86 -29.47 33.73
C GLY D 135 -17.68 -28.61 32.48
N ARG D 136 -17.52 -27.31 32.65
CA ARG D 136 -17.35 -26.42 31.52
C ARG D 136 -15.87 -26.22 31.22
N LEU D 137 -15.54 -26.05 29.95
CA LEU D 137 -14.16 -25.87 29.53
C LEU D 137 -14.01 -24.70 28.56
N PHE D 138 -15.06 -24.45 27.78
CA PHE D 138 -15.04 -23.41 26.76
C PHE D 138 -16.20 -22.42 26.96
N PRO D 139 -16.04 -21.18 26.47
CA PRO D 139 -17.16 -20.22 26.46
C PRO D 139 -18.35 -20.76 25.68
N ARG D 140 -19.55 -20.22 25.95
CA ARG D 140 -20.77 -20.67 25.30
C ARG D 140 -20.72 -20.50 23.78
N ASN D 141 -21.25 -21.48 23.06
CA ASN D 141 -21.32 -21.44 21.60
C ASN D 141 -19.97 -21.12 20.97
N SER D 142 -18.96 -21.92 21.29
CA SER D 142 -17.61 -21.67 20.82
C SER D 142 -17.05 -22.82 19.99
N LEU D 143 -17.72 -23.96 20.03
CA LEU D 143 -17.27 -25.14 19.31
C LEU D 143 -18.22 -25.53 18.19
N HIS D 144 -17.67 -25.75 16.99
CA HIS D 144 -18.47 -26.24 15.87
C HIS D 144 -18.44 -27.76 15.85
N LEU D 145 -17.30 -28.32 16.22
CA LEU D 145 -17.10 -29.77 16.20
C LEU D 145 -16.44 -30.27 17.47
N VAL D 146 -17.09 -31.22 18.12
CA VAL D 146 -16.53 -31.84 19.31
C VAL D 146 -16.23 -33.31 19.04
N HIS D 147 -15.02 -33.75 19.37
CA HIS D 147 -14.61 -35.13 19.14
C HIS D 147 -14.02 -35.75 20.39
N SER D 148 -14.45 -36.98 20.70
CA SER D 148 -13.96 -37.70 21.87
C SER D 148 -13.96 -39.20 21.61
N SER D 149 -12.79 -39.81 21.73
CA SER D 149 -12.62 -41.24 21.50
C SER D 149 -12.13 -41.94 22.75
N TYR D 150 -12.97 -42.82 23.30
CA TYR D 150 -12.59 -43.67 24.43
C TYR D 150 -12.21 -42.88 25.69
N SER D 151 -13.07 -41.93 26.07
CA SER D 151 -12.86 -41.14 27.26
C SER D 151 -14.16 -40.96 28.04
N VAL D 152 -15.27 -40.84 27.30
CA VAL D 152 -16.55 -40.48 27.88
C VAL D 152 -17.06 -41.52 28.89
N HIS D 153 -16.64 -42.77 28.71
CA HIS D 153 -17.08 -43.85 29.60
C HIS D 153 -16.37 -43.83 30.95
N TRP D 154 -15.40 -42.94 31.11
CA TRP D 154 -14.77 -42.73 32.41
C TRP D 154 -15.66 -41.84 33.26
N LEU D 155 -15.94 -42.28 34.49
CA LEU D 155 -16.89 -41.61 35.36
C LEU D 155 -16.23 -40.52 36.22
N THR D 156 -17.06 -39.65 36.79
CA THR D 156 -16.59 -38.64 37.72
C THR D 156 -16.04 -39.26 39.00
N GLN D 157 -16.60 -40.42 39.35
CA GLN D 157 -16.32 -41.06 40.64
C GLN D 157 -16.78 -42.51 40.59
N ALA D 158 -16.33 -43.30 41.55
CA ALA D 158 -16.89 -44.61 41.76
C ALA D 158 -18.33 -44.43 42.19
N PRO D 159 -19.24 -45.30 41.69
CA PRO D 159 -20.67 -45.19 41.99
C PRO D 159 -20.97 -45.03 43.48
N LYS D 160 -21.87 -44.11 43.81
CA LYS D 160 -22.13 -43.74 45.20
C LYS D 160 -22.93 -44.80 45.97
N GLY D 161 -23.50 -45.76 45.25
CA GLY D 161 -24.36 -46.76 45.85
C GLY D 161 -23.69 -48.06 46.21
N LEU D 162 -22.36 -48.06 46.22
CA LEU D 162 -21.58 -49.27 46.51
C LEU D 162 -21.10 -49.27 47.96
N THR D 163 -21.62 -48.34 48.73
CA THR D 163 -21.26 -48.20 50.14
C THR D 163 -22.28 -47.28 50.82
N SER D 164 -22.72 -47.67 52.02
CA SER D 164 -22.27 -48.90 52.67
C SER D 164 -23.40 -49.81 53.18
N ARG D 165 -24.39 -49.32 53.95
CA ARG D 165 -24.52 -47.93 54.40
C ARG D 165 -23.98 -47.77 55.81
N GLU D 166 -23.64 -48.90 56.43
CA GLU D 166 -23.09 -48.91 57.78
C GLU D 166 -21.71 -48.28 57.81
N LEU D 168 -18.77 -53.32 55.23
CA LEU D 168 -19.20 -52.17 54.44
C LEU D 168 -18.54 -52.18 53.06
N ALA D 169 -18.86 -53.19 52.26
CA ALA D 169 -18.31 -53.33 50.91
C ALA D 169 -19.28 -54.09 50.02
N LEU D 170 -20.04 -53.37 49.20
CA LEU D 170 -21.10 -53.97 48.40
C LEU D 170 -20.59 -54.82 47.23
N ASN D 171 -19.55 -54.36 46.54
CA ASN D 171 -19.06 -55.08 45.38
C ASN D 171 -17.82 -55.93 45.67
N LYS D 172 -17.87 -56.69 46.75
CA LYS D 172 -16.83 -57.67 47.05
C LYS D 172 -17.06 -58.89 46.17
N GLY D 173 -15.99 -59.43 45.59
CA GLY D 173 -14.66 -58.90 45.75
C GLY D 173 -14.01 -58.62 44.40
N ARG D 174 -14.69 -57.82 43.58
CA ARG D 174 -14.18 -57.42 42.29
C ARG D 174 -13.90 -55.93 42.29
N ILE D 175 -13.69 -55.38 41.09
CA ILE D 175 -13.49 -53.96 40.93
C ILE D 175 -14.50 -53.39 39.92
N TYR D 176 -15.43 -54.24 39.49
CA TYR D 176 -16.40 -53.87 38.46
C TYR D 176 -17.63 -54.78 38.53
N ILE D 177 -18.63 -54.48 37.72
CA ILE D 177 -19.81 -55.33 37.58
C ILE D 177 -19.39 -56.72 37.14
N SER D 178 -19.68 -57.71 37.98
CA SER D 178 -19.29 -59.09 37.68
C SER D 178 -20.47 -60.04 37.86
N LYS D 179 -20.25 -61.30 37.53
CA LYS D 179 -21.28 -62.31 37.68
C LYS D 179 -21.60 -62.58 39.14
N THR D 180 -20.59 -62.40 40.00
CA THR D 180 -20.75 -62.64 41.42
C THR D 180 -21.16 -61.37 42.16
N SER D 181 -21.34 -60.30 41.40
CA SER D 181 -21.65 -58.99 41.96
C SER D 181 -23.15 -58.84 42.22
N PRO D 182 -23.52 -58.23 43.37
CA PRO D 182 -24.90 -57.94 43.79
C PRO D 182 -25.70 -57.17 42.73
N PRO D 183 -27.04 -57.15 42.85
CA PRO D 183 -27.86 -56.46 41.84
C PRO D 183 -27.74 -54.93 41.89
N VAL D 184 -27.44 -54.38 43.06
CA VAL D 184 -27.30 -52.93 43.23
C VAL D 184 -26.10 -52.37 42.49
N VAL D 185 -25.14 -53.24 42.19
CA VAL D 185 -23.90 -52.84 41.54
C VAL D 185 -24.14 -52.42 40.10
N ARG D 186 -24.80 -53.27 39.32
CA ARG D 186 -25.10 -52.93 37.93
C ARG D 186 -26.10 -51.79 37.88
N GLU D 187 -26.83 -51.61 38.99
CA GLU D 187 -27.78 -50.51 39.13
C GLU D 187 -27.07 -49.18 39.31
N ALA D 188 -26.03 -49.19 40.14
CA ALA D 188 -25.30 -47.99 40.48
C ALA D 188 -24.55 -47.41 39.27
N TYR D 189 -23.82 -48.28 38.57
CA TYR D 189 -23.04 -47.88 37.41
C TYR D 189 -23.92 -47.20 36.35
N LEU D 190 -25.02 -47.85 35.99
CA LEU D 190 -25.97 -47.28 35.04
C LEU D 190 -26.47 -45.92 35.51
N SER D 191 -26.83 -45.85 36.79
CA SER D 191 -27.32 -44.61 37.39
C SER D 191 -26.21 -43.56 37.43
N GLN D 192 -24.98 -44.03 37.61
CA GLN D 192 -23.82 -43.16 37.69
C GLN D 192 -23.47 -42.57 36.33
N PHE D 193 -23.31 -43.46 35.36
CA PHE D 193 -23.02 -43.08 33.99
C PHE D 193 -24.13 -42.20 33.43
N HIS D 194 -25.35 -42.42 33.90
CA HIS D 194 -26.48 -41.58 33.50
C HIS D 194 -26.18 -40.13 33.89
N GLU D 195 -25.88 -39.91 35.17
CA GLU D 195 -25.61 -38.58 35.69
C GLU D 195 -24.37 -37.94 35.07
N ASP D 196 -23.29 -38.72 34.93
CA ASP D 196 -22.02 -38.21 34.42
C ASP D 196 -22.10 -37.82 32.95
N PHE D 197 -22.64 -38.72 32.14
CA PHE D 197 -22.81 -38.47 30.72
C PHE D 197 -23.71 -37.25 30.49
N THR D 198 -24.68 -37.08 31.37
CA THR D 198 -25.59 -35.94 31.26
C THR D 198 -24.81 -34.64 31.48
N MET D 199 -23.89 -34.64 32.44
CA MET D 199 -23.05 -33.47 32.69
C MET D 199 -22.25 -33.13 31.45
N PHE D 200 -21.63 -34.16 30.87
CA PHE D 200 -20.90 -34.02 29.62
C PHE D 200 -21.81 -33.42 28.55
N LEU D 201 -23.00 -33.99 28.42
CA LEU D 201 -23.95 -33.54 27.40
C LEU D 201 -24.46 -32.13 27.69
N ASN D 202 -24.80 -31.86 28.95
CA ASN D 202 -25.35 -30.56 29.32
C ASN D 202 -24.30 -29.45 29.24
N ALA D 203 -23.08 -29.76 29.66
CA ALA D 203 -21.98 -28.81 29.57
C ALA D 203 -21.64 -28.52 28.11
N ARG D 204 -21.62 -29.56 27.29
CA ARG D 204 -21.33 -29.39 25.88
C ARG D 204 -22.49 -28.69 25.17
N SER D 205 -23.69 -28.82 25.75
CA SER D 205 -24.90 -28.22 25.17
C SER D 205 -24.84 -26.70 25.12
N GLN D 206 -23.83 -26.11 25.75
CA GLN D 206 -23.67 -24.67 25.74
C GLN D 206 -22.42 -24.27 24.97
N GLU D 207 -21.39 -25.12 25.06
CA GLU D 207 -20.11 -24.82 24.43
C GLU D 207 -20.13 -25.10 22.93
N VAL D 208 -21.23 -25.69 22.46
CA VAL D 208 -21.38 -25.98 21.05
C VAL D 208 -22.43 -25.07 20.42
N VAL D 209 -22.09 -24.50 19.27
CA VAL D 209 -23.01 -23.67 18.51
C VAL D 209 -24.27 -24.46 18.13
N PRO D 210 -25.39 -23.75 17.93
CA PRO D 210 -26.58 -24.44 17.42
C PRO D 210 -26.31 -25.07 16.06
N ASN D 211 -26.94 -26.21 15.78
CA ASN D 211 -26.74 -26.96 14.55
C ASN D 211 -25.31 -27.51 14.43
N GLY D 212 -24.55 -27.38 15.53
CA GLY D 212 -23.19 -27.88 15.56
C GLY D 212 -23.15 -29.38 15.66
N CYS D 213 -21.97 -29.98 15.46
CA CYS D 213 -21.87 -31.42 15.44
C CYS D 213 -20.95 -31.97 16.54
N MET D 214 -21.11 -33.25 16.84
CA MET D 214 -20.36 -33.90 17.91
C MET D 214 -20.18 -35.38 17.63
N VAL D 215 -18.93 -35.84 17.59
CA VAL D 215 -18.62 -37.24 17.33
C VAL D 215 -17.95 -37.90 18.53
N LEU D 216 -18.69 -38.79 19.20
CA LEU D 216 -18.18 -39.45 20.40
C LEU D 216 -17.96 -40.93 20.16
N ILE D 217 -16.82 -41.43 20.64
CA ILE D 217 -16.53 -42.86 20.55
C ILE D 217 -16.14 -43.40 21.93
N LEU D 218 -16.79 -44.48 22.34
CA LEU D 218 -16.53 -45.07 23.65
C LEU D 218 -16.67 -46.59 23.62
N ARG D 219 -15.98 -47.26 24.54
CA ARG D 219 -16.11 -48.70 24.67
C ARG D 219 -17.48 -49.05 25.22
N GLY D 220 -18.04 -50.17 24.76
CA GLY D 220 -19.36 -50.57 25.18
C GLY D 220 -19.55 -52.07 25.19
N ARG D 221 -20.74 -52.51 24.79
CA ARG D 221 -21.07 -53.94 24.74
C ARG D 221 -22.30 -54.20 23.89
N GLN D 222 -22.39 -55.43 23.38
CA GLN D 222 -23.59 -55.91 22.71
C GLN D 222 -24.17 -57.07 23.50
N SER D 223 -23.81 -57.14 24.78
CA SER D 223 -24.14 -58.29 25.61
C SER D 223 -25.33 -58.01 26.52
N SER D 224 -25.83 -56.78 26.46
CA SER D 224 -26.99 -56.36 27.27
C SER D 224 -26.76 -56.51 28.77
N ASP D 225 -26.37 -57.70 29.19
CA ASP D 225 -25.97 -57.95 30.58
C ASP D 225 -24.54 -57.48 30.77
N PRO D 226 -24.34 -56.45 31.62
CA PRO D 226 -23.03 -55.84 31.89
C PRO D 226 -22.04 -56.80 32.52
N SER D 227 -22.49 -57.99 32.91
CA SER D 227 -21.61 -58.95 33.57
C SER D 227 -21.09 -60.01 32.61
N ASP D 228 -21.64 -60.04 31.39
CA ASP D 228 -21.20 -60.99 30.37
C ASP D 228 -19.73 -60.73 30.04
N MET D 229 -18.94 -61.82 30.00
CA MET D 229 -17.49 -61.75 29.83
C MET D 229 -17.05 -60.88 28.66
N GLN D 230 -17.89 -60.81 27.64
CA GLN D 230 -17.62 -60.03 26.44
C GLN D 230 -17.43 -58.54 26.73
N SER D 231 -18.06 -58.05 27.78
CA SER D 231 -18.06 -56.62 28.09
C SER D 231 -16.98 -56.20 29.07
N CYS D 232 -16.64 -57.10 30.00
CA CYS D 232 -15.86 -56.71 31.17
C CYS D 232 -14.67 -57.60 31.46
N PHE D 233 -14.09 -58.21 30.43
CA PHE D 233 -12.98 -59.12 30.65
C PHE D 233 -11.75 -58.37 31.18
N ILE D 234 -11.64 -57.09 30.86
CA ILE D 234 -10.52 -56.27 31.33
C ILE D 234 -10.46 -56.23 32.85
N TRP D 235 -11.51 -55.70 33.46
CA TRP D 235 -11.57 -55.57 34.90
C TRP D 235 -11.71 -56.92 35.59
N GLU D 236 -12.39 -57.86 34.93
CA GLU D 236 -12.57 -59.20 35.48
C GLU D 236 -11.23 -59.89 35.66
N LEU D 237 -10.45 -59.94 34.60
CA LEU D 237 -9.12 -60.56 34.65
C LEU D 237 -8.21 -59.80 35.62
N LEU D 238 -8.33 -58.47 35.62
CA LEU D 238 -7.59 -57.62 36.54
C LEU D 238 -7.99 -57.92 37.98
N ALA D 239 -9.28 -58.13 38.20
CA ALA D 239 -9.80 -58.46 39.53
C ALA D 239 -9.22 -59.79 40.02
N ILE D 240 -9.06 -60.73 39.09
CA ILE D 240 -8.47 -62.03 39.41
C ILE D 240 -7.01 -61.86 39.79
N ALA D 241 -6.28 -61.08 39.00
CA ALA D 241 -4.86 -60.84 39.24
C ALA D 241 -4.63 -60.19 40.60
N ILE D 242 -5.44 -59.19 40.94
CA ILE D 242 -5.38 -58.57 42.25
C ILE D 242 -5.68 -59.59 43.35
N ALA D 243 -6.75 -60.36 43.16
CA ALA D 243 -7.17 -61.38 44.12
C ALA D 243 -6.08 -62.43 44.31
N GLU D 244 -5.44 -62.82 43.21
CA GLU D 244 -4.36 -63.81 43.26
C GLU D 244 -3.17 -63.27 44.04
N LEU D 245 -2.96 -61.96 43.96
CA LEU D 245 -1.90 -61.32 44.73
C LEU D 245 -2.27 -61.22 46.20
N VAL D 246 -3.57 -61.09 46.47
CA VAL D 246 -4.06 -61.04 47.84
C VAL D 246 -3.87 -62.39 48.51
N SER D 247 -4.11 -63.47 47.75
CA SER D 247 -3.89 -64.82 48.23
C SER D 247 -2.42 -65.03 48.59
N GLN D 248 -1.53 -64.40 47.83
CA GLN D 248 -0.10 -64.48 48.10
C GLN D 248 0.27 -63.59 49.29
N GLY D 249 -0.67 -62.74 49.70
CA GLY D 249 -0.46 -61.85 50.83
C GLY D 249 0.22 -60.56 50.42
N LEU D 250 0.36 -60.36 49.11
CA LEU D 250 1.03 -59.18 48.58
C LEU D 250 0.17 -57.93 48.74
N ILE D 251 -1.15 -58.12 48.72
CA ILE D 251 -2.08 -57.00 48.81
C ILE D 251 -3.13 -57.23 49.90
N ASP D 252 -3.41 -56.18 50.67
CA ASP D 252 -4.47 -56.24 51.68
C ASP D 252 -5.82 -56.54 51.03
N GLU D 253 -6.57 -57.45 51.64
CA GLU D 253 -7.82 -57.94 51.05
C GLU D 253 -8.92 -56.88 51.02
N ASP D 254 -8.96 -56.04 52.05
CA ASP D 254 -10.00 -55.01 52.18
C ASP D 254 -10.01 -54.06 50.99
N LYS D 255 -8.83 -53.82 50.44
CA LYS D 255 -8.68 -52.89 49.31
C LYS D 255 -9.46 -53.35 48.08
N LEU D 256 -9.31 -54.62 47.71
CA LEU D 256 -9.99 -55.20 46.54
C LEU D 256 -11.49 -54.98 46.64
N ASP D 257 -12.06 -55.33 47.80
CA ASP D 257 -13.50 -55.20 48.00
C ASP D 257 -13.94 -53.74 47.95
N THR D 258 -13.25 -52.88 48.71
CA THR D 258 -13.61 -51.46 48.75
C THR D 258 -13.41 -50.79 47.40
N PHE D 259 -12.26 -50.98 46.80
CA PHE D 259 -11.94 -50.31 45.54
C PHE D 259 -12.77 -50.82 44.37
N ASN D 260 -13.43 -49.89 43.69
CA ASN D 260 -14.10 -50.17 42.43
C ASN D 260 -13.62 -49.19 41.36
N ILE D 261 -13.72 -49.58 40.09
CA ILE D 261 -13.24 -48.73 39.00
C ILE D 261 -14.27 -47.67 38.62
N PRO D 262 -13.83 -46.41 38.48
CA PRO D 262 -14.71 -45.31 38.07
C PRO D 262 -14.90 -45.25 36.56
N CYS D 263 -15.42 -46.33 36.00
CA CYS D 263 -15.62 -46.44 34.56
C CYS D 263 -16.75 -47.43 34.27
N TYR D 264 -17.45 -47.21 33.16
CA TYR D 264 -18.60 -48.04 32.83
C TYR D 264 -18.86 -48.11 31.33
N PHE D 265 -18.98 -49.34 30.81
CA PHE D 265 -19.23 -49.54 29.39
C PHE D 265 -20.69 -49.86 29.17
N PRO D 266 -21.43 -48.94 28.54
CA PRO D 266 -22.88 -49.05 28.36
C PRO D 266 -23.29 -49.84 27.12
N SER D 267 -24.58 -50.17 27.04
CA SER D 267 -25.17 -50.71 25.82
C SER D 267 -25.81 -49.55 25.07
N LEU D 268 -25.94 -49.69 23.75
CA LEU D 268 -26.39 -48.59 22.91
C LEU D 268 -27.82 -48.14 23.22
N GLU D 269 -28.60 -49.00 23.85
CA GLU D 269 -29.96 -48.63 24.26
C GLU D 269 -29.89 -47.62 25.40
N GLU D 270 -29.00 -47.88 26.37
CA GLU D 270 -28.81 -46.99 27.50
C GLU D 270 -28.32 -45.62 27.04
N VAL D 271 -27.27 -45.64 26.22
CA VAL D 271 -26.71 -44.42 25.63
C VAL D 271 -27.78 -43.59 24.93
N LYS D 272 -28.61 -44.27 24.15
CA LYS D 272 -29.66 -43.60 23.39
C LYS D 272 -30.64 -42.89 24.31
N ASP D 273 -31.03 -43.55 25.39
CA ASP D 273 -31.99 -42.99 26.32
C ASP D 273 -31.43 -41.76 27.02
N ILE D 274 -30.15 -41.82 27.38
CA ILE D 274 -29.48 -40.70 28.04
C ILE D 274 -29.43 -39.47 27.13
N VAL D 275 -29.08 -39.69 25.86
CA VAL D 275 -29.00 -38.62 24.87
C VAL D 275 -30.36 -38.01 24.58
N GLU D 276 -31.40 -38.82 24.63
CA GLU D 276 -32.73 -38.36 24.27
C GLU D 276 -33.48 -37.69 25.42
N ARG D 277 -33.20 -38.11 26.65
CA ARG D 277 -33.81 -37.48 27.82
C ARG D 277 -33.37 -36.03 27.91
N ASP D 278 -32.06 -35.81 27.88
CA ASP D 278 -31.50 -34.47 27.75
C ASP D 278 -31.66 -34.03 26.29
N GLY D 279 -32.78 -33.38 25.99
CA GLY D 279 -33.10 -32.99 24.63
C GLY D 279 -32.25 -31.87 24.07
N SER D 280 -30.94 -31.92 24.32
CA SER D 280 -30.02 -30.91 23.83
C SER D 280 -29.32 -31.41 22.56
N PHE D 281 -29.24 -32.73 22.39
CA PHE D 281 -28.60 -33.30 21.21
C PHE D 281 -29.45 -34.34 20.52
N THR D 282 -29.58 -34.23 19.20
CA THR D 282 -30.28 -35.22 18.40
C THR D 282 -29.30 -36.21 17.79
N ILE D 283 -29.70 -37.48 17.73
CA ILE D 283 -28.82 -38.53 17.25
C ILE D 283 -28.91 -38.68 15.72
N ASP D 284 -27.93 -38.12 15.01
CA ASP D 284 -27.84 -38.27 13.57
C ASP D 284 -27.51 -39.70 13.20
N HIS D 285 -26.54 -40.29 13.90
CA HIS D 285 -26.14 -41.67 13.66
C HIS D 285 -25.55 -42.30 14.92
N MET D 286 -25.91 -43.55 15.15
CA MET D 286 -25.36 -44.31 16.27
C MET D 286 -25.09 -45.76 15.83
N GLU D 287 -23.92 -46.27 16.17
CA GLU D 287 -23.43 -47.54 15.62
C GLU D 287 -22.52 -48.26 16.61
N GLY D 288 -22.65 -49.58 16.69
CA GLY D 288 -21.73 -50.39 17.46
C GLY D 288 -21.00 -51.39 16.59
N PHE D 289 -19.71 -51.55 16.84
CA PHE D 289 -18.91 -52.56 16.14
C PHE D 289 -17.91 -53.21 17.09
N GLU D 290 -17.20 -54.20 16.59
CA GLU D 290 -16.21 -54.91 17.41
C GLU D 290 -14.88 -55.09 16.67
N LEU D 291 -13.79 -55.09 17.42
CA LEU D 291 -12.47 -55.40 16.89
C LEU D 291 -11.82 -56.44 17.79
N ASP D 292 -10.83 -57.15 17.24
CA ASP D 292 -10.06 -58.11 18.03
C ASP D 292 -9.40 -57.41 19.21
N SER D 293 -9.57 -57.97 20.41
CA SER D 293 -8.98 -57.41 21.63
C SER D 293 -7.47 -57.32 21.51
N LEU D 294 -6.91 -58.23 20.71
CA LEU D 294 -5.48 -58.26 20.45
C LEU D 294 -5.23 -58.82 19.05
N GLN D 295 -3.99 -58.75 18.58
CA GLN D 295 -3.57 -59.46 17.38
C GLN D 295 -2.66 -60.61 17.81
N MET D 296 -3.03 -61.90 17.66
CA MET D 296 -4.08 -62.58 16.86
C MET D 296 -3.66 -62.71 15.41
N GLN D 297 -2.75 -61.84 14.98
CA GLN D 297 -2.04 -62.04 13.73
C GLN D 297 -0.66 -62.58 14.07
N GLU D 298 -0.26 -62.38 15.31
CA GLU D 298 0.98 -62.93 15.86
C GLU D 298 0.83 -64.42 16.15
N ASN D 299 1.61 -65.24 15.46
CA ASN D 299 1.58 -66.69 15.65
C ASN D 299 1.92 -67.08 17.09
N ASP D 300 2.82 -66.31 17.71
CA ASP D 300 3.21 -66.52 19.09
C ASP D 300 2.05 -66.22 20.04
N LYS D 301 2.16 -66.66 21.29
CA LYS D 301 1.09 -66.48 22.27
C LYS D 301 1.47 -65.52 23.40
N TRP D 302 2.63 -65.75 23.99
CA TRP D 302 3.10 -64.91 25.10
C TRP D 302 3.37 -63.48 24.64
N VAL D 303 3.74 -63.33 23.37
CA VAL D 303 4.05 -62.00 22.81
C VAL D 303 2.78 -61.17 22.62
N ARG D 304 1.76 -61.76 22.00
CA ARG D 304 0.49 -61.06 21.79
C ARG D 304 -0.23 -60.83 23.12
N GLY D 305 0.15 -61.61 24.12
CA GLY D 305 -0.39 -61.45 25.46
C GLY D 305 0.34 -60.32 26.16
N GLU D 306 1.62 -60.18 25.87
CA GLU D 306 2.42 -59.09 26.39
C GLU D 306 2.03 -57.76 25.75
N LYS D 307 1.64 -57.83 24.47
CA LYS D 307 1.19 -56.63 23.75
C LYS D 307 -0.12 -56.15 24.34
N PHE D 308 -0.93 -57.08 24.83
CA PHE D 308 -2.21 -56.74 25.41
C PHE D 308 -2.08 -56.39 26.89
N ALA D 309 -1.11 -56.99 27.56
CA ALA D 309 -0.87 -56.70 28.97
C ALA D 309 -0.35 -55.28 29.15
N LYS D 310 0.65 -54.94 28.35
CA LYS D 310 1.23 -53.60 28.38
C LYS D 310 0.20 -52.53 27.99
N ILE D 311 -0.67 -52.85 27.02
CA ILE D 311 -1.65 -51.88 26.55
C ILE D 311 -2.71 -51.65 27.63
N VAL D 312 -2.91 -52.65 28.48
CA VAL D 312 -3.83 -52.52 29.61
C VAL D 312 -3.15 -51.71 30.72
N ARG D 313 -1.85 -51.98 30.92
CA ARG D 313 -1.08 -51.26 31.92
C ARG D 313 -0.99 -49.78 31.58
N ALA D 314 -1.03 -49.47 30.29
CA ALA D 314 -0.90 -48.10 29.82
C ALA D 314 -2.03 -47.22 30.36
N PHE D 315 -3.25 -47.75 30.37
CA PHE D 315 -4.41 -46.92 30.68
C PHE D 315 -5.10 -47.33 31.98
N THR D 316 -4.41 -48.11 32.81
CA THR D 316 -4.95 -48.51 34.12
C THR D 316 -3.97 -48.35 35.28
N GLU D 317 -2.67 -48.43 35.01
CA GLU D 317 -1.69 -48.37 36.09
C GLU D 317 -1.82 -47.13 36.99
N PRO D 318 -2.02 -45.93 36.42
CA PRO D 318 -2.18 -44.76 37.29
C PRO D 318 -3.32 -44.89 38.32
N ILE D 319 -4.53 -45.19 37.86
CA ILE D 319 -5.69 -45.25 38.76
C ILE D 319 -5.58 -46.41 39.75
N ILE D 320 -4.97 -47.52 39.32
CA ILE D 320 -4.80 -48.68 40.19
C ILE D 320 -3.71 -48.43 41.23
N SER D 321 -2.63 -47.76 40.80
CA SER D 321 -1.50 -47.49 41.69
C SER D 321 -1.92 -46.65 42.89
N ASN D 322 -2.83 -45.71 42.68
CA ASN D 322 -3.35 -44.85 43.74
C ASN D 322 -3.93 -45.64 44.90
N GLN D 323 -4.43 -46.84 44.62
CA GLN D 323 -5.07 -47.67 45.63
C GLN D 323 -4.17 -48.77 46.18
N PHE D 324 -3.36 -49.37 45.30
CA PHE D 324 -2.58 -50.55 45.68
C PHE D 324 -1.07 -50.25 45.78
N GLY D 325 -0.64 -49.14 45.21
CA GLY D 325 0.76 -48.72 45.32
C GLY D 325 1.60 -49.18 44.14
N HIS D 326 2.67 -48.44 43.86
CA HIS D 326 3.53 -48.72 42.72
C HIS D 326 4.38 -49.97 42.91
N GLU D 327 4.72 -50.25 44.16
CA GLU D 327 5.65 -51.31 44.50
C GLU D 327 5.22 -52.69 43.97
N ILE D 328 3.92 -52.91 43.89
CA ILE D 328 3.36 -54.22 43.56
C ILE D 328 2.84 -54.29 42.12
N MET D 329 2.84 -53.15 41.42
CA MET D 329 2.28 -53.06 40.08
C MET D 329 2.93 -54.02 39.09
N ASP D 330 4.24 -54.21 39.22
CA ASP D 330 4.97 -55.12 38.33
C ASP D 330 4.47 -56.54 38.50
N LYS D 331 4.25 -56.95 39.74
CA LYS D 331 3.70 -58.26 40.04
C LYS D 331 2.26 -58.40 39.54
N LEU D 332 1.51 -57.30 39.62
CA LEU D 332 0.13 -57.26 39.15
C LEU D 332 0.06 -57.59 37.67
N TYR D 333 0.73 -56.78 36.86
CA TYR D 333 0.67 -56.94 35.40
C TYR D 333 1.49 -58.13 34.91
N ASP D 334 2.36 -58.66 35.77
CA ASP D 334 3.04 -59.91 35.46
C ASP D 334 2.04 -61.05 35.61
N LYS D 335 1.24 -61.00 36.67
CA LYS D 335 0.21 -62.00 36.89
C LYS D 335 -0.92 -61.86 35.87
N PHE D 336 -1.28 -60.61 35.56
CA PHE D 336 -2.31 -60.34 34.57
C PHE D 336 -1.95 -60.94 33.22
N THR D 337 -0.68 -60.90 32.87
CA THR D 337 -0.20 -61.41 31.59
C THR D 337 -0.28 -62.93 31.51
N HIS D 338 0.09 -63.60 32.60
CA HIS D 338 0.04 -65.05 32.68
C HIS D 338 -1.39 -65.56 32.51
N ILE D 339 -2.32 -64.92 33.21
CA ILE D 339 -3.74 -65.27 33.13
C ILE D 339 -4.24 -65.22 31.68
N VAL D 340 -3.84 -64.19 30.94
CA VAL D 340 -4.21 -64.09 29.53
C VAL D 340 -3.56 -65.18 28.69
N VAL D 341 -2.25 -65.38 28.87
CA VAL D 341 -1.49 -66.30 28.05
C VAL D 341 -1.64 -67.76 28.48
N SER D 342 -1.57 -68.02 29.78
CA SER D 342 -1.62 -69.39 30.29
C SER D 342 -3.05 -69.90 30.49
N ASP D 343 -3.87 -69.13 31.21
CA ASP D 343 -5.22 -69.55 31.53
C ASP D 343 -6.19 -69.45 30.34
N LEU D 344 -6.16 -68.31 29.64
CA LEU D 344 -7.11 -68.09 28.54
C LEU D 344 -6.48 -68.37 27.17
N GLU D 345 -5.21 -68.76 27.17
CA GLU D 345 -4.48 -69.11 25.95
C GLU D 345 -4.51 -68.01 24.90
N ALA D 346 -4.25 -66.78 25.33
CA ALA D 346 -4.26 -65.61 24.46
C ALA D 346 -5.56 -65.47 23.67
N LYS D 347 -6.68 -65.77 24.33
CA LYS D 347 -7.99 -65.59 23.72
C LYS D 347 -8.91 -64.75 24.59
N LEU D 348 -9.37 -63.62 24.03
CA LEU D 348 -10.29 -62.75 24.73
C LEU D 348 -11.46 -62.40 23.84
N PRO D 349 -12.62 -62.12 24.46
CA PRO D 349 -13.77 -61.67 23.68
C PRO D 349 -13.48 -60.37 22.93
N LYS D 350 -14.06 -60.21 21.75
CA LYS D 350 -13.85 -59.03 20.93
C LYS D 350 -14.39 -57.76 21.61
N THR D 351 -13.56 -56.73 21.69
CA THR D 351 -13.95 -55.48 22.33
C THR D 351 -14.97 -54.70 21.49
N THR D 352 -16.05 -54.28 22.15
CA THR D 352 -17.13 -53.55 21.47
C THR D 352 -16.92 -52.04 21.58
N SER D 353 -17.10 -51.34 20.46
CA SER D 353 -16.99 -49.90 20.47
C SER D 353 -18.26 -49.25 19.92
N ILE D 354 -18.59 -48.07 20.42
CA ILE D 354 -19.82 -47.39 20.04
C ILE D 354 -19.50 -46.02 19.44
N ILE D 355 -20.21 -45.66 18.37
CA ILE D 355 -20.01 -44.38 17.72
C ILE D 355 -21.23 -43.49 17.88
N LEU D 356 -21.04 -42.31 18.47
CA LEU D 356 -22.11 -41.34 18.66
C LEU D 356 -21.88 -40.10 17.81
N VAL D 357 -22.78 -39.85 16.87
CA VAL D 357 -22.76 -38.61 16.10
C VAL D 357 -23.94 -37.74 16.53
N LEU D 358 -23.63 -36.58 17.11
CA LEU D 358 -24.67 -35.72 17.69
C LEU D 358 -24.79 -34.36 17.01
N SER D 359 -25.95 -33.74 17.18
CA SER D 359 -26.17 -32.37 16.69
C SER D 359 -26.91 -31.53 17.72
N LYS D 360 -26.35 -30.36 18.04
CA LYS D 360 -27.04 -29.39 18.88
C LYS D 360 -28.27 -28.93 18.11
N ILE D 361 -29.41 -28.87 18.79
CA ILE D 361 -30.69 -28.74 18.09
C ILE D 361 -31.46 -27.48 18.54
N VAL D 362 -30.73 -26.41 18.82
CA VAL D 362 -31.35 -25.14 19.18
C VAL D 362 -32.08 -24.52 17.99
N VAL E 2 52.48 19.57 5.04
CA VAL E 2 51.62 18.41 4.90
C VAL E 2 51.15 17.91 6.26
N LYS E 3 52.08 17.78 7.21
CA LYS E 3 51.72 17.34 8.56
C LYS E 3 50.94 18.41 9.33
N GLU E 4 50.58 19.49 8.66
CA GLU E 4 49.76 20.54 9.27
C GLU E 4 48.41 20.65 8.56
N VAL E 5 48.29 19.99 7.40
CA VAL E 5 47.07 20.05 6.61
C VAL E 5 46.45 18.66 6.41
N LEU E 6 47.18 17.62 6.83
CA LEU E 6 46.70 16.25 6.66
C LEU E 6 45.97 15.73 7.90
N PHE E 7 44.70 15.36 7.70
CA PHE E 7 43.92 14.67 8.72
C PHE E 7 42.70 14.04 8.05
N MET E 8 41.83 13.43 8.87
CA MET E 8 40.58 12.90 8.36
C MET E 8 39.46 13.88 8.67
N ASN E 9 38.32 13.73 8.00
CA ASN E 9 37.20 14.66 8.18
C ASN E 9 36.84 14.87 9.64
N THR E 10 37.00 16.11 10.11
CA THR E 10 36.75 16.46 11.50
C THR E 10 35.29 16.29 11.88
N GLY E 11 35.01 16.38 13.17
CA GLY E 11 33.65 16.26 13.67
C GLY E 11 33.18 14.83 13.72
N GLU E 12 31.97 14.63 14.23
CA GLU E 12 31.37 13.30 14.33
C GLU E 12 30.05 13.27 13.56
N GLY E 13 29.95 14.11 12.54
CA GLY E 13 28.72 14.27 11.79
C GLY E 13 28.48 13.25 10.71
N GLU E 14 27.78 13.66 9.66
CA GLU E 14 27.34 12.74 8.61
C GLU E 14 28.44 12.44 7.59
N SER E 15 29.33 13.40 7.38
CA SER E 15 30.37 13.25 6.36
C SER E 15 31.76 13.11 7.00
N SER E 16 31.78 12.78 8.28
CA SER E 16 33.03 12.63 9.03
C SER E 16 33.75 11.33 8.66
N TYR E 17 34.69 10.93 9.50
CA TYR E 17 35.43 9.69 9.26
C TYR E 17 34.98 8.57 10.18
N VAL E 18 34.63 8.93 11.40
CA VAL E 18 34.10 7.95 12.36
C VAL E 18 32.84 7.30 11.78
N GLN E 19 32.02 8.11 11.11
CA GLN E 19 30.82 7.60 10.48
C GLN E 19 31.15 6.74 9.27
N ASN E 20 32.25 7.06 8.60
CA ASN E 20 32.67 6.32 7.42
C ASN E 20 34.02 5.65 7.61
N SER E 21 34.14 4.85 8.66
CA SER E 21 35.37 4.12 8.94
C SER E 21 35.12 2.63 8.68
N SER E 22 34.16 2.36 7.80
CA SER E 22 33.65 1.01 7.57
C SER E 22 34.68 0.03 7.02
N PHE E 23 35.44 0.45 6.03
CA PHE E 23 36.41 -0.44 5.39
C PHE E 23 37.53 -0.81 6.35
N THR E 24 38.10 0.17 7.02
CA THR E 24 39.25 -0.06 7.88
C THR E 24 38.84 -0.87 9.12
N GLU E 25 37.54 -1.04 9.31
CA GLU E 25 37.03 -1.92 10.35
C GLU E 25 37.22 -3.37 9.95
N LYS E 26 37.04 -3.66 8.66
CA LYS E 26 37.31 -5.00 8.13
C LYS E 26 38.78 -5.33 8.34
N VAL E 27 39.64 -4.39 7.97
CA VAL E 27 41.08 -4.57 8.06
C VAL E 27 41.51 -4.85 9.50
N ALA E 28 40.85 -4.18 10.45
CA ALA E 28 41.12 -4.38 11.87
C ALA E 28 40.84 -5.82 12.27
N SER E 29 39.79 -6.39 11.70
CA SER E 29 39.43 -7.79 11.96
C SER E 29 40.48 -8.74 11.39
N MET E 30 40.85 -8.54 10.13
CA MET E 30 41.80 -9.40 9.46
C MET E 30 43.18 -9.30 10.08
N ALA E 31 43.48 -8.15 10.66
CA ALA E 31 44.80 -7.91 11.24
C ALA E 31 44.81 -8.19 12.73
N MET E 32 43.63 -8.50 13.27
CA MET E 32 43.50 -8.81 14.69
C MET E 32 44.35 -10.03 15.13
N PRO E 33 44.35 -11.13 14.35
CA PRO E 33 45.18 -12.26 14.78
C PRO E 33 46.66 -11.93 14.92
N ALA E 34 47.20 -11.16 13.98
CA ALA E 34 48.60 -10.76 14.06
C ALA E 34 48.84 -9.87 15.27
N LEU E 35 47.83 -9.08 15.62
CA LEU E 35 47.89 -8.21 16.79
C LEU E 35 47.92 -9.05 18.07
N GLU E 36 47.04 -10.05 18.14
CA GLU E 36 46.88 -10.87 19.33
C GLU E 36 48.15 -11.68 19.67
N ASN E 37 48.70 -12.39 18.69
CA ASN E 37 49.92 -13.15 18.90
C ASN E 37 51.08 -12.25 19.29
N ALA E 38 51.06 -11.03 18.78
CA ALA E 38 52.06 -10.02 19.14
C ALA E 38 51.97 -9.67 20.61
N VAL E 39 50.74 -9.66 21.14
CA VAL E 39 50.53 -9.39 22.55
C VAL E 39 51.03 -10.58 23.37
N GLU E 40 50.79 -11.79 22.86
CA GLU E 40 51.20 -13.00 23.55
C GLU E 40 52.72 -13.15 23.59
N THR E 41 53.40 -12.59 22.58
CA THR E 41 54.85 -12.62 22.54
C THR E 41 55.45 -11.75 23.64
N LEU E 42 54.80 -10.62 23.93
CA LEU E 42 55.24 -9.74 25.00
C LEU E 42 55.16 -10.46 26.33
N PHE E 43 54.12 -11.26 26.49
CA PHE E 43 53.95 -12.09 27.67
C PHE E 43 54.94 -13.25 27.66
N SER E 44 55.32 -13.69 26.47
CA SER E 44 56.35 -14.70 26.29
C SER E 44 57.73 -14.10 26.57
N LYS E 45 57.84 -12.78 26.41
CA LYS E 45 59.10 -12.07 26.63
C LYS E 45 59.39 -11.86 28.11
N ASP E 46 58.40 -12.16 28.96
CA ASP E 46 58.56 -12.18 30.41
C ASP E 46 58.82 -10.81 31.04
N PHE E 47 59.83 -10.11 30.53
CA PHE E 47 60.23 -8.82 31.08
C PHE E 47 59.10 -7.78 31.03
N HIS E 48 58.12 -8.01 30.16
CA HIS E 48 57.04 -7.05 29.97
C HIS E 48 55.94 -7.29 31.00
N LEU E 49 56.06 -8.35 31.76
CA LEU E 49 55.13 -8.64 32.85
C LEU E 49 55.31 -7.65 34.00
N PHE E 50 56.56 -7.41 34.36
CA PHE E 50 56.89 -6.48 35.44
C PHE E 50 57.45 -5.19 34.86
N GLN E 51 56.70 -4.09 35.02
CA GLN E 51 55.44 -4.09 35.75
C GLN E 51 54.29 -3.51 34.93
N ALA E 52 54.60 -2.54 34.09
CA ALA E 52 53.59 -1.85 33.30
C ALA E 52 53.92 -1.87 31.80
N ILE E 53 52.89 -2.14 30.99
CA ILE E 53 53.06 -2.23 29.54
C ILE E 53 52.56 -0.96 28.85
N ASN E 54 53.40 -0.40 27.98
CA ASN E 54 53.00 0.76 27.20
C ASN E 54 52.79 0.40 25.74
N ALA E 55 51.60 0.68 25.23
CA ALA E 55 51.29 0.44 23.83
C ALA E 55 50.87 1.74 23.16
N ALA E 56 51.18 1.87 21.88
CA ALA E 56 50.85 3.09 21.16
C ALA E 56 50.02 2.79 19.92
N ASP E 57 49.10 3.70 19.60
CA ASP E 57 48.31 3.57 18.38
C ASP E 57 48.64 4.72 17.43
N LEU E 58 49.60 4.50 16.55
CA LEU E 58 50.11 5.56 15.70
C LEU E 58 49.18 5.82 14.51
N GLY E 59 48.56 7.00 14.52
CA GLY E 59 47.56 7.35 13.53
C GLY E 59 46.21 6.80 13.94
N CYS E 60 45.64 7.36 15.01
CA CYS E 60 44.39 6.84 15.57
C CYS E 60 43.16 7.49 14.94
N ALA E 61 43.36 8.65 14.31
CA ALA E 61 42.28 9.43 13.73
C ALA E 61 41.20 9.74 14.76
N THR E 62 40.00 10.02 14.29
CA THR E 62 38.87 10.28 15.16
C THR E 62 37.99 9.03 15.20
N GLY E 63 38.17 8.17 14.20
CA GLY E 63 37.39 6.97 14.05
C GLY E 63 37.40 6.03 15.25
N PRO E 64 36.47 5.07 15.26
CA PRO E 64 36.26 4.16 16.39
C PRO E 64 37.21 2.94 16.41
N ASN E 65 37.98 2.75 15.35
CA ASN E 65 38.81 1.56 15.24
C ASN E 65 40.01 1.57 16.19
N THR E 66 40.39 2.75 16.63
CA THR E 66 41.48 2.88 17.60
C THR E 66 41.07 2.27 18.95
N PHE E 67 39.77 2.25 19.21
CA PHE E 67 39.25 1.63 20.43
C PHE E 67 39.28 0.12 20.29
N ALA E 68 39.11 -0.35 19.06
CA ALA E 68 39.05 -1.78 18.79
C ALA E 68 40.37 -2.47 19.14
N VAL E 69 41.49 -1.81 18.84
CA VAL E 69 42.81 -2.37 19.13
C VAL E 69 43.11 -2.25 20.63
N ILE E 70 42.71 -1.15 21.25
CA ILE E 70 42.87 -0.98 22.69
C ILE E 70 42.13 -2.08 23.44
N SER E 71 40.89 -2.35 23.01
CA SER E 71 40.04 -3.33 23.64
C SER E 71 40.66 -4.73 23.61
N THR E 72 41.16 -5.15 22.45
CA THR E 72 41.71 -6.49 22.31
C THR E 72 43.09 -6.63 22.97
N ILE E 73 43.83 -5.53 23.07
CA ILE E 73 45.07 -5.52 23.83
C ILE E 73 44.75 -5.71 25.32
N LYS E 74 43.74 -4.98 25.77
CA LYS E 74 43.25 -5.09 27.13
C LYS E 74 42.63 -6.46 27.37
N ARG E 75 41.92 -6.95 26.36
CA ARG E 75 41.23 -8.24 26.43
C ARG E 75 42.24 -9.38 26.52
N MET E 76 43.33 -9.28 25.77
CA MET E 76 44.39 -10.28 25.77
C MET E 76 45.13 -10.28 27.09
N MET E 77 45.41 -9.08 27.58
CA MET E 77 46.18 -8.90 28.82
C MET E 77 45.47 -9.56 30.00
N GLU E 78 44.20 -9.23 30.18
CA GLU E 78 43.39 -9.80 31.25
C GLU E 78 43.34 -11.32 31.14
N LYS E 79 43.19 -11.83 29.92
CA LYS E 79 43.21 -13.27 29.67
C LYS E 79 44.53 -13.88 30.10
N LYS E 80 45.64 -13.25 29.73
CA LYS E 80 46.96 -13.73 30.12
C LYS E 80 47.21 -13.43 31.60
N CYS E 81 46.52 -12.42 32.11
CA CYS E 81 46.60 -12.04 33.53
C CYS E 81 46.00 -13.14 34.40
N ARG E 82 44.92 -13.75 33.91
CA ARG E 82 44.22 -14.80 34.63
C ARG E 82 45.11 -16.03 34.83
N GLU E 83 45.95 -16.32 33.85
CA GLU E 83 46.83 -17.47 33.89
C GLU E 83 48.11 -17.17 34.67
N LEU E 84 48.47 -15.89 34.74
CA LEU E 84 49.73 -15.46 35.36
C LEU E 84 49.63 -15.37 36.89
N ASN E 85 48.41 -15.19 37.38
CA ASN E 85 48.06 -15.22 38.81
C ASN E 85 48.43 -13.95 39.60
N CYS E 86 48.36 -12.80 38.93
CA CYS E 86 48.57 -11.51 39.61
C CYS E 86 47.85 -10.39 38.86
N GLN E 87 47.04 -9.62 39.58
CA GLN E 87 46.25 -8.56 38.97
C GLN E 87 46.99 -7.22 38.97
N THR E 88 48.31 -7.28 39.10
CA THR E 88 49.12 -6.09 39.21
C THR E 88 49.50 -5.50 37.85
N LEU E 89 48.98 -6.08 36.78
CA LEU E 89 49.30 -5.64 35.43
C LEU E 89 48.60 -4.32 35.08
N GLU E 90 49.39 -3.33 34.67
CA GLU E 90 48.85 -2.04 34.26
C GLU E 90 49.11 -1.79 32.78
N LEU E 91 48.17 -1.15 32.10
CA LEU E 91 48.31 -0.87 30.68
C LEU E 91 48.19 0.62 30.38
N GLN E 92 49.22 1.16 29.74
CA GLN E 92 49.20 2.55 29.30
C GLN E 92 49.15 2.60 27.78
N VAL E 93 48.10 3.19 27.24
CA VAL E 93 47.92 3.22 25.79
C VAL E 93 47.94 4.64 25.25
N TYR E 94 48.84 4.88 24.29
CA TYR E 94 48.94 6.18 23.65
C TYR E 94 48.20 6.18 22.32
N MET E 95 47.28 7.13 22.15
CA MET E 95 46.59 7.29 20.88
C MET E 95 47.22 8.45 20.13
N ASN E 96 48.03 8.13 19.13
CA ASN E 96 48.79 9.16 18.44
C ASN E 96 48.18 9.54 17.10
N ASP E 97 48.31 10.83 16.78
CA ASP E 97 47.90 11.35 15.48
C ASP E 97 48.55 12.71 15.29
N LEU E 98 48.33 13.30 14.12
CA LEU E 98 48.83 14.63 13.83
C LEU E 98 48.00 15.68 14.57
N PHE E 99 48.56 16.88 14.72
CA PHE E 99 47.80 18.02 15.21
C PHE E 99 46.72 18.33 14.18
N GLY E 100 45.63 18.94 14.63
CA GLY E 100 44.53 19.24 13.72
C GLY E 100 43.54 18.09 13.64
N ASN E 101 43.95 16.93 14.15
CA ASN E 101 43.03 15.81 14.29
C ASN E 101 42.06 16.08 15.41
N ASP E 102 40.79 15.76 15.19
CA ASP E 102 39.74 16.07 16.15
C ASP E 102 39.83 15.20 17.40
N PHE E 103 40.81 15.49 18.25
CA PHE E 103 40.99 14.78 19.51
C PHE E 103 39.79 14.98 20.44
N ASN E 104 39.04 16.06 20.23
CA ASN E 104 37.81 16.28 20.98
C ASN E 104 36.79 15.17 20.74
N THR E 105 36.55 14.86 19.47
CA THR E 105 35.66 13.78 19.08
C THR E 105 36.23 12.44 19.52
N LEU E 106 37.54 12.28 19.34
CA LEU E 106 38.24 11.07 19.75
C LEU E 106 38.06 10.81 21.23
N PHE E 107 38.29 11.83 22.05
CA PHE E 107 38.11 11.72 23.49
C PHE E 107 36.63 11.62 23.84
N LYS E 108 35.78 12.20 22.99
CA LYS E 108 34.34 12.12 23.17
C LYS E 108 33.90 10.66 23.03
N GLY E 109 34.51 9.96 22.07
CA GLY E 109 34.21 8.56 21.84
C GLY E 109 34.89 7.66 22.85
N LEU E 110 36.07 8.07 23.29
CA LEU E 110 36.83 7.32 24.29
C LEU E 110 36.15 7.34 25.66
N SER E 111 35.45 8.44 25.94
CA SER E 111 34.84 8.66 27.25
C SER E 111 33.86 7.55 27.62
N SER E 112 33.17 7.00 26.62
CA SER E 112 32.18 5.96 26.83
C SER E 112 32.78 4.56 26.66
N LYS E 113 34.07 4.42 26.96
CA LYS E 113 34.76 3.14 26.79
C LYS E 113 35.65 2.80 27.99
N VAL E 114 35.22 3.21 29.18
CA VAL E 114 35.96 2.92 30.40
C VAL E 114 35.10 3.14 31.64
N ASN E 117 36.32 -2.92 33.30
CA ASN E 117 35.87 -1.77 34.07
C ASN E 117 34.82 -2.14 35.12
N LYS E 118 35.31 -2.52 36.30
CA LYS E 118 34.56 -2.84 37.54
C LYS E 118 35.31 -3.96 38.26
N CYS E 119 35.52 -5.05 37.53
CA CYS E 119 36.28 -6.20 38.04
C CYS E 119 36.83 -7.03 36.88
N GLU E 120 37.83 -6.61 36.07
CA GLU E 120 38.85 -5.53 36.14
C GLU E 120 40.13 -6.06 36.78
N GLU E 121 40.76 -7.01 36.09
CA GLU E 121 42.07 -7.51 36.50
C GLU E 121 43.16 -6.51 36.11
N VAL E 122 42.99 -5.89 34.94
CA VAL E 122 43.99 -4.94 34.44
C VAL E 122 43.43 -3.52 34.39
N SER E 123 44.29 -2.55 34.66
CA SER E 123 43.93 -1.14 34.57
C SER E 123 44.40 -0.55 33.26
N CYS E 124 43.51 0.14 32.56
CA CYS E 124 43.85 0.73 31.27
C CYS E 124 43.78 2.26 31.30
N TYR E 125 44.93 2.91 31.12
CA TYR E 125 44.99 4.36 31.10
C TYR E 125 45.30 4.85 29.70
N VAL E 126 44.50 5.78 29.20
CA VAL E 126 44.62 6.22 27.82
C VAL E 126 45.03 7.68 27.72
N MET E 127 45.95 7.98 26.81
CA MET E 127 46.44 9.33 26.59
C MET E 127 46.47 9.68 25.10
N GLY E 128 46.64 10.96 24.81
CA GLY E 128 46.68 11.42 23.43
C GLY E 128 47.99 12.11 23.10
N VAL E 129 48.71 11.55 22.13
CA VAL E 129 50.00 12.10 21.72
C VAL E 129 49.91 12.71 20.34
N PRO E 130 49.84 14.05 20.28
CA PRO E 130 49.75 14.78 19.01
C PRO E 130 51.13 15.06 18.40
N GLY E 131 51.30 14.70 17.12
CA GLY E 131 52.55 14.92 16.43
C GLY E 131 52.79 13.88 15.36
N SER E 132 53.71 14.20 14.44
CA SER E 132 54.08 13.31 13.36
C SER E 132 54.88 12.11 13.88
N PHE E 133 54.51 10.91 13.46
CA PHE E 133 55.31 9.73 13.80
C PHE E 133 56.49 9.57 12.85
N HIS E 134 56.82 10.61 12.10
CA HIS E 134 58.03 10.60 11.29
C HIS E 134 59.15 11.21 12.10
N GLY E 135 58.79 11.74 13.27
CA GLY E 135 59.76 12.22 14.24
C GLY E 135 59.62 11.45 15.54
N ARG E 136 60.08 12.03 16.63
CA ARG E 136 60.01 11.37 17.94
C ARG E 136 58.77 11.82 18.70
N LEU E 137 58.20 10.90 19.47
CA LEU E 137 56.98 11.19 20.23
C LEU E 137 57.07 10.72 21.67
N PHE E 138 57.93 9.74 21.92
CA PHE E 138 58.07 9.15 23.25
C PHE E 138 59.54 9.05 23.64
N PRO E 139 59.82 9.05 24.96
CA PRO E 139 61.16 8.76 25.47
C PRO E 139 61.63 7.39 25.01
N ARG E 140 62.94 7.18 24.96
CA ARG E 140 63.49 5.91 24.48
C ARG E 140 63.21 4.75 25.44
N ASN E 141 63.09 3.54 24.88
CA ASN E 141 62.80 2.33 25.64
C ASN E 141 61.54 2.44 26.50
N SER E 142 60.53 3.13 25.98
CA SER E 142 59.31 3.36 26.73
C SER E 142 58.14 2.55 26.20
N LEU E 143 58.28 2.02 25.00
CA LEU E 143 57.19 1.29 24.36
C LEU E 143 57.51 -0.20 24.22
N HIS E 144 56.55 -1.04 24.60
CA HIS E 144 56.69 -2.48 24.45
C HIS E 144 55.99 -2.94 23.17
N LEU E 145 54.82 -2.37 22.91
CA LEU E 145 54.03 -2.73 21.73
C LEU E 145 53.65 -1.50 20.92
N VAL E 146 53.73 -1.62 19.61
CA VAL E 146 53.34 -0.55 18.72
C VAL E 146 52.31 -1.07 17.72
N HIS E 147 51.29 -0.25 17.44
CA HIS E 147 50.26 -0.61 16.48
C HIS E 147 49.85 0.57 15.61
N SER E 148 49.93 0.39 14.30
CA SER E 148 49.50 1.42 13.35
C SER E 148 48.74 0.75 12.21
N SER E 149 47.61 1.32 11.84
CA SER E 149 46.79 0.78 10.77
C SER E 149 46.43 1.84 9.73
N TYR E 150 46.89 1.64 8.51
CA TYR E 150 46.54 2.51 7.38
C TYR E 150 46.94 3.97 7.60
N SER E 151 48.12 4.19 8.17
CA SER E 151 48.60 5.56 8.38
C SER E 151 50.06 5.72 7.95
N VAL E 152 50.82 4.63 8.02
CA VAL E 152 52.25 4.71 7.74
C VAL E 152 52.52 4.90 6.25
N HIS E 153 51.50 4.65 5.43
CA HIS E 153 51.65 4.83 3.99
C HIS E 153 51.43 6.28 3.56
N TRP E 154 51.28 7.19 4.51
CA TRP E 154 51.26 8.62 4.22
C TRP E 154 52.67 9.19 4.30
N LEU E 155 53.03 10.02 3.32
CA LEU E 155 54.38 10.57 3.24
C LEU E 155 54.48 11.90 3.99
N THR E 156 55.71 12.32 4.32
CA THR E 156 55.94 13.61 4.97
C THR E 156 55.57 14.77 4.05
N GLN E 157 55.62 14.51 2.76
CA GLN E 157 55.44 15.53 1.75
C GLN E 157 55.11 14.90 0.41
N ALA E 158 54.60 15.71 -0.52
CA ALA E 158 54.48 15.28 -1.89
C ALA E 158 55.89 14.96 -2.38
N PRO E 159 56.07 13.77 -2.96
CA PRO E 159 57.41 13.23 -3.25
C PRO E 159 58.32 14.19 -4.00
N LYS E 160 59.45 14.52 -3.39
CA LYS E 160 60.40 15.42 -4.03
C LYS E 160 60.99 14.73 -5.25
N GLY E 161 61.17 15.49 -6.33
CA GLY E 161 61.63 14.91 -7.58
C GLY E 161 60.61 15.11 -8.68
N LEU E 162 59.42 15.56 -8.31
CA LEU E 162 58.40 15.94 -9.28
C LEU E 162 58.51 17.43 -9.57
N THR E 163 59.74 17.93 -9.41
CA THR E 163 60.07 19.32 -9.63
C THR E 163 61.61 19.49 -9.52
N SER E 164 62.20 20.38 -10.30
CA SER E 164 61.43 21.12 -11.28
C SER E 164 61.94 20.92 -12.69
N ARG E 165 63.15 21.33 -13.09
CA ARG E 165 64.07 22.22 -12.37
C ARG E 165 63.85 23.66 -12.80
N GLU E 166 63.31 23.84 -14.01
CA GLU E 166 62.99 25.15 -14.53
C GLU E 166 61.85 25.80 -13.75
N LEU E 168 58.75 20.92 -12.76
CA LEU E 168 58.10 22.16 -13.16
C LEU E 168 57.02 21.87 -14.19
N ALA E 169 56.77 20.58 -14.42
CA ALA E 169 55.66 20.09 -15.21
C ALA E 169 54.71 19.33 -14.26
N LEU E 170 55.06 18.19 -13.64
CA LEU E 170 56.12 17.23 -13.94
C LEU E 170 55.42 15.88 -14.05
N ASN E 171 54.41 15.70 -13.20
CA ASN E 171 53.47 14.58 -13.30
C ASN E 171 52.08 15.08 -13.76
N LYS E 172 52.01 15.55 -15.00
CA LYS E 172 50.76 15.97 -15.59
C LYS E 172 50.03 14.75 -16.17
N GLY E 173 48.73 14.68 -15.96
CA GLY E 173 47.99 15.68 -15.23
C GLY E 173 47.13 15.04 -14.15
N ARG E 174 47.78 14.42 -13.19
CA ARG E 174 47.08 13.67 -12.14
C ARG E 174 47.73 13.89 -10.78
N ILE E 175 47.31 13.09 -9.80
CA ILE E 175 47.73 13.31 -8.43
C ILE E 175 48.53 12.13 -7.84
N TYR E 176 48.87 11.16 -8.68
CA TYR E 176 49.56 9.96 -8.22
C TYR E 176 50.22 9.22 -9.40
N ILE E 177 50.97 8.18 -9.08
CA ILE E 177 51.55 7.31 -10.11
C ILE E 177 50.45 6.73 -10.98
N SER E 178 50.43 7.15 -12.24
CA SER E 178 49.45 6.65 -13.18
C SER E 178 50.17 6.00 -14.37
N LYS E 179 49.39 5.46 -15.29
CA LYS E 179 49.95 4.88 -16.50
C LYS E 179 50.58 5.96 -17.37
N THR E 180 49.94 7.12 -17.42
CA THR E 180 50.42 8.22 -18.25
C THR E 180 51.30 9.19 -17.48
N SER E 181 52.38 8.66 -16.91
CA SER E 181 53.30 9.49 -16.14
C SER E 181 54.73 9.03 -16.34
N PRO E 182 55.65 10.00 -16.58
CA PRO E 182 57.09 9.76 -16.68
C PRO E 182 57.58 8.84 -15.56
N PRO E 183 58.47 7.90 -15.88
CA PRO E 183 58.99 6.90 -14.95
C PRO E 183 59.61 7.48 -13.67
N VAL E 184 59.97 8.76 -13.71
CA VAL E 184 60.51 9.44 -12.54
C VAL E 184 59.45 9.58 -11.44
N VAL E 185 58.19 9.65 -11.84
CA VAL E 185 57.09 9.73 -10.89
C VAL E 185 57.11 8.51 -10.00
N ARG E 186 57.00 7.34 -10.63
CA ARG E 186 57.11 6.06 -9.95
C ARG E 186 58.43 5.98 -9.15
N GLU E 187 59.51 6.46 -9.75
CA GLU E 187 60.81 6.48 -9.11
C GLU E 187 60.84 7.35 -7.86
N ALA E 188 60.20 8.52 -7.94
CA ALA E 188 60.24 9.48 -6.85
C ALA E 188 59.49 8.98 -5.61
N TYR E 189 58.33 8.38 -5.83
CA TYR E 189 57.48 7.87 -4.75
C TYR E 189 58.20 6.85 -3.88
N LEU E 190 58.77 5.83 -4.51
CA LEU E 190 59.54 4.83 -3.77
C LEU E 190 60.70 5.50 -3.06
N SER E 191 61.40 6.38 -3.76
CA SER E 191 62.52 7.12 -3.18
C SER E 191 62.03 7.98 -2.01
N GLN E 192 60.81 8.48 -2.13
CA GLN E 192 60.20 9.28 -1.08
C GLN E 192 59.78 8.39 0.09
N PHE E 193 58.96 7.40 -0.22
CA PHE E 193 58.46 6.46 0.78
C PHE E 193 59.60 5.73 1.48
N HIS E 194 60.73 5.60 0.79
CA HIS E 194 61.93 5.00 1.37
C HIS E 194 62.41 5.81 2.56
N GLU E 195 62.50 7.13 2.36
CA GLU E 195 62.99 8.04 3.38
C GLU E 195 62.05 8.17 4.58
N ASP E 196 60.76 8.39 4.31
CA ASP E 196 59.76 8.63 5.35
C ASP E 196 59.58 7.40 6.25
N PHE E 197 59.40 6.24 5.63
CA PHE E 197 59.22 4.99 6.36
C PHE E 197 60.46 4.70 7.20
N THR E 198 61.62 5.07 6.68
CA THR E 198 62.87 4.87 7.41
C THR E 198 62.92 5.71 8.68
N MET E 199 62.42 6.94 8.60
CA MET E 199 62.33 7.81 9.78
C MET E 199 61.45 7.15 10.82
N PHE E 200 60.27 6.72 10.38
CA PHE E 200 59.34 6.00 11.23
C PHE E 200 60.02 4.81 11.90
N LEU E 201 60.71 4.00 11.09
CA LEU E 201 61.45 2.85 11.59
C LEU E 201 62.56 3.28 12.55
N ASN E 202 63.26 4.37 12.22
CA ASN E 202 64.35 4.87 13.06
C ASN E 202 63.87 5.48 14.37
N ALA E 203 62.85 6.33 14.27
CA ALA E 203 62.30 6.98 15.45
C ALA E 203 61.70 5.96 16.41
N ARG E 204 60.99 4.99 15.86
CA ARG E 204 60.44 3.90 16.66
C ARG E 204 61.56 3.01 17.18
N SER E 205 62.68 2.96 16.46
CA SER E 205 63.83 2.17 16.88
C SER E 205 64.49 2.76 18.13
N GLN E 206 64.00 3.91 18.58
CA GLN E 206 64.48 4.53 19.81
C GLN E 206 63.45 4.33 20.92
N GLU E 207 62.18 4.58 20.59
CA GLU E 207 61.10 4.58 21.57
C GLU E 207 60.66 3.18 21.97
N VAL E 208 61.01 2.18 21.16
CA VAL E 208 60.62 0.81 21.44
C VAL E 208 61.68 0.08 22.25
N VAL E 209 61.24 -0.55 23.34
CA VAL E 209 62.06 -1.42 24.17
C VAL E 209 62.75 -2.49 23.35
N PRO E 210 64.04 -2.75 23.61
CA PRO E 210 64.71 -3.86 22.92
C PRO E 210 63.92 -5.15 23.04
N ASN E 211 63.85 -5.92 21.95
CA ASN E 211 63.07 -7.16 21.89
C ASN E 211 61.57 -6.86 22.00
N GLY E 212 61.21 -5.59 21.82
CA GLY E 212 59.82 -5.17 21.83
C GLY E 212 59.14 -5.48 20.52
N CYS E 213 57.84 -5.23 20.43
CA CYS E 213 57.09 -5.62 19.23
C CYS E 213 56.41 -4.46 18.52
N MET E 214 56.04 -4.71 17.26
CA MET E 214 55.38 -3.70 16.44
C MET E 214 54.44 -4.36 15.43
N VAL E 215 53.21 -3.84 15.35
CA VAL E 215 52.22 -4.37 14.41
C VAL E 215 51.76 -3.26 13.46
N LEU E 216 52.15 -3.36 12.20
CA LEU E 216 51.83 -2.32 11.22
C LEU E 216 50.92 -2.84 10.12
N ILE E 217 49.89 -2.06 9.79
CA ILE E 217 49.01 -2.38 8.67
C ILE E 217 48.89 -1.15 7.76
N LEU E 218 49.22 -1.33 6.48
CA LEU E 218 49.15 -0.23 5.53
C LEU E 218 48.66 -0.71 4.16
N ARG E 219 48.07 0.20 3.40
CA ARG E 219 47.62 -0.13 2.05
C ARG E 219 48.79 -0.46 1.15
N GLY E 220 48.63 -1.51 0.34
CA GLY E 220 49.67 -1.89 -0.58
C GLY E 220 49.15 -2.23 -1.95
N ARG E 221 49.75 -3.26 -2.54
CA ARG E 221 49.39 -3.72 -3.88
C ARG E 221 49.87 -5.15 -4.07
N GLN E 222 49.14 -5.89 -4.90
CA GLN E 222 49.51 -7.26 -5.23
C GLN E 222 50.49 -7.25 -6.39
N SER E 223 50.17 -6.47 -7.41
CA SER E 223 51.02 -6.34 -8.59
C SER E 223 52.30 -5.60 -8.23
N SER E 224 53.28 -5.62 -9.15
CA SER E 224 54.55 -4.94 -8.91
C SER E 224 54.64 -3.63 -9.69
N ASP E 225 53.63 -3.35 -10.51
CA ASP E 225 53.58 -2.10 -11.25
C ASP E 225 52.64 -1.12 -10.56
N PRO E 226 53.18 0.04 -10.15
CA PRO E 226 52.42 1.03 -9.38
C PRO E 226 51.24 1.59 -10.16
N SER E 227 51.36 1.63 -11.47
CA SER E 227 50.32 2.20 -12.32
C SER E 227 49.18 1.22 -12.58
N ASP E 228 49.32 0.00 -12.10
CA ASP E 228 48.27 -1.01 -12.21
C ASP E 228 46.98 -0.49 -11.57
N MET E 229 45.88 -0.57 -12.32
CA MET E 229 44.61 0.02 -11.90
C MET E 229 44.18 -0.45 -10.51
N GLN E 230 44.57 -1.68 -10.16
CA GLN E 230 44.30 -2.24 -8.85
C GLN E 230 45.02 -1.49 -7.72
N SER E 231 46.17 -0.91 -8.05
CA SER E 231 47.01 -0.24 -7.06
C SER E 231 46.56 1.18 -6.77
N CYS E 232 45.98 1.85 -7.75
CA CYS E 232 45.79 3.29 -7.66
C CYS E 232 44.44 3.82 -8.13
N PHE E 233 43.40 2.99 -8.07
CA PHE E 233 42.10 3.40 -8.59
C PHE E 233 41.54 4.62 -7.86
N ILE E 234 41.72 4.68 -6.54
CA ILE E 234 41.23 5.82 -5.76
C ILE E 234 41.77 7.14 -6.29
N TRP E 235 43.09 7.22 -6.41
CA TRP E 235 43.72 8.44 -6.90
C TRP E 235 43.47 8.61 -8.40
N GLU E 236 43.42 7.51 -9.13
CA GLU E 236 43.08 7.55 -10.55
C GLU E 236 41.69 8.15 -10.74
N LEU E 237 40.68 7.51 -10.16
CA LEU E 237 39.29 7.97 -10.30
C LEU E 237 39.13 9.41 -9.86
N LEU E 238 39.78 9.77 -8.76
CA LEU E 238 39.76 11.15 -8.27
C LEU E 238 40.34 12.10 -9.31
N ALA E 239 41.50 11.72 -9.85
CA ALA E 239 42.18 12.54 -10.86
C ALA E 239 41.26 12.80 -12.06
N ILE E 240 40.52 11.77 -12.47
CA ILE E 240 39.57 11.92 -13.56
C ILE E 240 38.44 12.85 -13.15
N ALA E 241 37.99 12.70 -11.90
CA ALA E 241 36.94 13.56 -11.37
C ALA E 241 37.42 15.00 -11.30
N ILE E 242 38.65 15.20 -10.85
CA ILE E 242 39.25 16.53 -10.82
C ILE E 242 39.39 17.06 -12.24
N ALA E 243 39.97 16.26 -13.13
CA ALA E 243 40.18 16.66 -14.51
C ALA E 243 38.87 16.96 -15.21
N GLU E 244 37.83 16.20 -14.89
CA GLU E 244 36.51 16.43 -15.47
C GLU E 244 35.98 17.78 -15.02
N LEU E 245 36.28 18.15 -13.78
CA LEU E 245 35.89 19.46 -13.27
C LEU E 245 36.76 20.57 -13.86
N VAL E 246 37.99 20.23 -14.22
CA VAL E 246 38.91 21.21 -14.79
C VAL E 246 38.42 21.67 -16.17
N SER E 247 38.13 20.70 -17.03
CA SER E 247 37.62 21.02 -18.37
C SER E 247 36.26 21.70 -18.29
N GLN E 248 35.54 21.41 -17.21
CA GLN E 248 34.27 22.08 -16.94
C GLN E 248 34.50 23.56 -16.64
N GLY E 249 35.68 23.88 -16.11
CA GLY E 249 36.07 25.24 -15.83
C GLY E 249 35.93 25.61 -14.36
N LEU E 250 35.43 24.66 -13.57
CA LEU E 250 35.24 24.85 -12.14
C LEU E 250 36.58 24.95 -11.42
N ILE E 251 37.59 24.31 -11.99
CA ILE E 251 38.91 24.25 -11.37
C ILE E 251 40.02 24.64 -12.34
N ASP E 252 40.96 25.44 -11.86
CA ASP E 252 42.14 25.79 -12.66
C ASP E 252 43.00 24.55 -12.91
N GLU E 253 43.52 24.43 -14.13
CA GLU E 253 44.28 23.26 -14.53
C GLU E 253 45.66 23.21 -13.86
N ASP E 254 46.22 24.38 -13.60
CA ASP E 254 47.54 24.48 -12.97
C ASP E 254 47.61 23.71 -11.67
N LYS E 255 46.49 23.64 -10.95
CA LYS E 255 46.45 22.96 -9.65
C LYS E 255 46.48 21.44 -9.80
N LEU E 256 45.80 20.91 -10.82
CA LEU E 256 45.76 19.46 -11.06
C LEU E 256 47.16 18.91 -11.31
N ASP E 257 47.87 19.53 -12.23
CA ASP E 257 49.19 19.06 -12.63
C ASP E 257 50.20 19.26 -11.51
N THR E 258 50.17 20.43 -10.88
CA THR E 258 51.08 20.75 -9.79
C THR E 258 50.88 19.82 -8.58
N PHE E 259 49.63 19.56 -8.23
CA PHE E 259 49.32 18.78 -7.04
C PHE E 259 49.61 17.30 -7.23
N ASN E 260 50.16 16.68 -6.18
CA ASN E 260 50.35 15.25 -6.12
C ASN E 260 50.10 14.77 -4.71
N ILE E 261 49.55 13.56 -4.57
CA ILE E 261 49.21 13.02 -3.26
C ILE E 261 50.43 12.55 -2.50
N PRO E 262 50.60 13.05 -1.27
CA PRO E 262 51.72 12.65 -0.40
C PRO E 262 51.46 11.30 0.26
N CYS E 263 51.05 10.33 -0.55
CA CYS E 263 50.76 8.99 -0.09
C CYS E 263 51.28 7.97 -1.08
N TYR E 264 51.72 6.82 -0.58
CA TYR E 264 52.27 5.79 -1.44
C TYR E 264 51.84 4.39 -1.02
N PHE E 265 51.48 3.58 -2.00
CA PHE E 265 51.09 2.20 -1.75
C PHE E 265 52.20 1.28 -2.20
N PRO E 266 53.02 0.81 -1.26
CA PRO E 266 54.18 -0.03 -1.58
C PRO E 266 53.79 -1.46 -1.91
N SER E 267 54.80 -2.27 -2.22
CA SER E 267 54.59 -3.70 -2.43
C SER E 267 55.32 -4.46 -1.33
N LEU E 268 55.09 -5.77 -1.28
CA LEU E 268 55.73 -6.63 -0.29
C LEU E 268 57.27 -6.58 -0.40
N GLU E 269 57.79 -6.64 -1.64
CA GLU E 269 59.24 -6.61 -1.84
C GLU E 269 59.85 -5.29 -1.38
N GLU E 270 59.23 -4.18 -1.78
CA GLU E 270 59.72 -2.85 -1.42
C GLU E 270 59.74 -2.66 0.10
N VAL E 271 58.63 -2.97 0.76
CA VAL E 271 58.50 -2.87 2.21
C VAL E 271 59.59 -3.67 2.93
N LYS E 272 59.88 -4.86 2.42
CA LYS E 272 60.85 -5.75 3.05
C LYS E 272 62.26 -5.17 2.98
N ASP E 273 62.62 -4.63 1.81
CA ASP E 273 63.94 -4.05 1.60
C ASP E 273 64.18 -2.86 2.51
N ILE E 274 63.17 -2.00 2.63
CA ILE E 274 63.28 -0.80 3.47
C ILE E 274 63.53 -1.18 4.93
N VAL E 275 62.84 -2.21 5.41
CA VAL E 275 63.00 -2.67 6.78
C VAL E 275 64.38 -3.30 6.97
N GLU E 276 64.94 -3.86 5.91
CA GLU E 276 66.21 -4.58 6.01
C GLU E 276 67.44 -3.67 6.09
N ARG E 277 67.46 -2.60 5.27
CA ARG E 277 68.58 -1.67 5.30
C ARG E 277 68.72 -1.05 6.67
N ASP E 278 67.65 -0.44 7.16
CA ASP E 278 67.58 0.00 8.55
C ASP E 278 67.48 -1.24 9.45
N GLY E 279 68.63 -1.80 9.81
CA GLY E 279 68.68 -3.04 10.57
C GLY E 279 68.16 -2.95 12.00
N SER E 280 67.30 -1.98 12.28
CA SER E 280 66.79 -1.78 13.63
C SER E 280 65.71 -2.82 14.00
N PHE E 281 65.03 -3.37 13.00
CA PHE E 281 63.95 -4.32 13.27
C PHE E 281 64.04 -5.60 12.46
N THR E 282 63.66 -6.72 13.08
CA THR E 282 63.56 -7.99 12.37
C THR E 282 62.10 -8.28 12.01
N ILE E 283 61.88 -8.86 10.84
CA ILE E 283 60.54 -9.14 10.37
C ILE E 283 60.06 -10.50 10.90
N ASP E 284 59.29 -10.47 11.98
CA ASP E 284 58.71 -11.70 12.54
C ASP E 284 57.70 -12.30 11.57
N HIS E 285 56.91 -11.43 10.95
CA HIS E 285 55.87 -11.87 10.01
C HIS E 285 55.46 -10.73 9.07
N MET E 286 55.25 -11.07 7.80
CA MET E 286 54.77 -10.10 6.82
C MET E 286 53.91 -10.80 5.77
N GLU E 287 52.74 -10.22 5.49
CA GLU E 287 51.81 -10.83 4.56
C GLU E 287 50.98 -9.76 3.84
N GLY E 288 50.34 -10.16 2.75
CA GLY E 288 49.44 -9.28 2.04
C GLY E 288 48.10 -9.96 1.83
N PHE E 289 47.02 -9.30 2.27
CA PHE E 289 45.68 -9.81 2.02
C PHE E 289 44.84 -8.76 1.31
N GLU E 290 43.66 -9.17 0.85
CA GLU E 290 42.79 -8.31 0.07
C GLU E 290 41.34 -8.37 0.52
N LEU E 291 40.66 -7.22 0.45
CA LEU E 291 39.24 -7.13 0.77
C LEU E 291 38.50 -6.45 -0.38
N ASP E 292 37.23 -6.79 -0.55
CA ASP E 292 36.40 -6.13 -1.55
C ASP E 292 36.30 -4.64 -1.23
N SER E 293 36.50 -3.80 -2.25
CA SER E 293 36.51 -2.35 -2.07
C SER E 293 35.19 -1.83 -1.54
N LEU E 294 34.13 -2.63 -1.72
CA LEU E 294 32.80 -2.26 -1.26
C LEU E 294 31.98 -3.50 -0.90
N GLN E 295 30.76 -3.26 -0.43
CA GLN E 295 29.71 -4.27 -0.38
C GLN E 295 28.69 -3.85 -1.44
N MET E 296 28.53 -4.51 -2.59
CA MET E 296 28.93 -5.87 -3.01
C MET E 296 28.07 -6.92 -2.31
N GLN E 297 27.42 -6.51 -1.22
CA GLN E 297 26.32 -7.27 -0.65
C GLN E 297 25.04 -6.49 -0.87
N GLU E 298 25.18 -5.38 -1.58
CA GLU E 298 24.06 -4.51 -1.94
C GLU E 298 23.85 -4.52 -3.45
N ASN E 299 22.60 -4.50 -3.88
CA ASN E 299 22.28 -4.58 -5.29
C ASN E 299 22.13 -3.21 -5.97
N ASP E 300 21.88 -2.19 -5.17
CA ASP E 300 21.76 -0.84 -5.70
C ASP E 300 23.14 -0.26 -5.97
N LYS E 301 23.56 -0.33 -7.23
CA LYS E 301 24.88 0.16 -7.63
C LYS E 301 25.05 1.65 -7.37
N TRP E 302 23.94 2.38 -7.29
CA TRP E 302 23.98 3.81 -7.01
C TRP E 302 23.87 4.08 -5.52
N VAL E 303 24.06 3.06 -4.70
CA VAL E 303 24.01 3.23 -3.25
C VAL E 303 25.32 2.77 -2.62
N ARG E 304 25.84 1.63 -3.08
CA ARG E 304 27.12 1.15 -2.61
C ARG E 304 28.24 2.03 -3.14
N GLY E 305 27.92 2.83 -4.16
CA GLY E 305 28.84 3.82 -4.68
C GLY E 305 28.89 5.04 -3.78
N GLU E 306 27.73 5.40 -3.23
CA GLU E 306 27.66 6.54 -2.32
C GLU E 306 28.35 6.24 -1.00
N LYS E 307 28.13 5.03 -0.49
CA LYS E 307 28.79 4.58 0.73
C LYS E 307 30.31 4.56 0.53
N PHE E 308 30.73 4.28 -0.69
CA PHE E 308 32.14 4.29 -1.05
C PHE E 308 32.64 5.71 -1.33
N ALA E 309 31.73 6.58 -1.76
CA ALA E 309 32.09 7.97 -2.03
C ALA E 309 32.39 8.69 -0.73
N LYS E 310 31.48 8.53 0.23
CA LYS E 310 31.62 9.16 1.53
C LYS E 310 32.89 8.74 2.24
N ILE E 311 33.18 7.44 2.23
CA ILE E 311 34.34 6.91 2.92
C ILE E 311 35.63 7.38 2.22
N VAL E 312 35.56 7.61 0.91
CA VAL E 312 36.70 8.18 0.20
C VAL E 312 36.85 9.65 0.58
N ARG E 313 35.73 10.36 0.66
CA ARG E 313 35.74 11.77 1.05
C ARG E 313 36.21 11.93 2.50
N ALA E 314 35.98 10.90 3.30
CA ALA E 314 36.37 10.93 4.71
C ALA E 314 37.88 11.09 4.89
N PHE E 315 38.67 10.38 4.08
CA PHE E 315 40.12 10.43 4.25
C PHE E 315 40.84 11.25 3.19
N THR E 316 40.10 11.99 2.37
CA THR E 316 40.72 12.78 1.33
C THR E 316 40.26 14.25 1.29
N GLU E 317 39.07 14.55 1.81
CA GLU E 317 38.56 15.91 1.77
C GLU E 317 39.50 16.95 2.41
N PRO E 318 40.06 16.67 3.61
CA PRO E 318 40.98 17.67 4.16
C PRO E 318 42.16 18.01 3.25
N ILE E 319 42.90 17.01 2.77
CA ILE E 319 44.10 17.25 1.98
C ILE E 319 43.78 17.81 0.60
N ILE E 320 42.69 17.34 0.00
CA ILE E 320 42.30 17.78 -1.34
C ILE E 320 41.70 19.18 -1.30
N SER E 321 40.83 19.45 -0.33
CA SER E 321 40.21 20.77 -0.22
C SER E 321 41.24 21.85 0.03
N ASN E 322 42.29 21.52 0.77
CA ASN E 322 43.37 22.46 1.02
C ASN E 322 43.96 23.00 -0.28
N GLN E 323 43.94 22.17 -1.32
CA GLN E 323 44.49 22.54 -2.61
C GLN E 323 43.44 23.15 -3.56
N PHE E 324 42.24 22.61 -3.53
CA PHE E 324 41.20 23.01 -4.48
C PHE E 324 40.07 23.83 -3.87
N GLY E 325 40.10 24.00 -2.56
CA GLY E 325 39.08 24.79 -1.89
C GLY E 325 37.88 23.97 -1.45
N HIS E 326 37.27 24.37 -0.34
CA HIS E 326 36.08 23.70 0.18
C HIS E 326 34.88 23.94 -0.74
N GLU E 327 34.94 25.03 -1.48
CA GLU E 327 33.82 25.49 -2.30
C GLU E 327 33.36 24.46 -3.33
N ILE E 328 34.32 23.77 -3.96
CA ILE E 328 34.02 22.91 -5.09
C ILE E 328 33.96 21.42 -4.71
N MET E 329 34.19 21.13 -3.43
CA MET E 329 34.27 19.74 -2.96
C MET E 329 32.99 18.95 -3.21
N ASP E 330 31.84 19.58 -2.99
CA ASP E 330 30.56 18.92 -3.21
C ASP E 330 30.38 18.51 -4.67
N LYS E 331 30.86 19.34 -5.59
CA LYS E 331 30.82 19.01 -7.01
C LYS E 331 31.78 17.87 -7.33
N LEU E 332 32.94 17.89 -6.68
CA LEU E 332 33.99 16.92 -6.96
C LEU E 332 33.56 15.50 -6.61
N TYR E 333 33.23 15.28 -5.34
CA TYR E 333 32.86 13.94 -4.90
C TYR E 333 31.50 13.50 -5.46
N ASP E 334 30.77 14.45 -6.06
CA ASP E 334 29.56 14.09 -6.81
C ASP E 334 29.96 13.48 -8.15
N LYS E 335 30.93 14.12 -8.82
CA LYS E 335 31.46 13.59 -10.07
C LYS E 335 32.18 12.28 -9.83
N PHE E 336 32.82 12.16 -8.67
CA PHE E 336 33.46 10.92 -8.25
C PHE E 336 32.45 9.77 -8.30
N THR E 337 31.33 9.94 -7.59
CA THR E 337 30.28 8.93 -7.52
C THR E 337 29.75 8.53 -8.89
N HIS E 338 29.44 9.52 -9.72
CA HIS E 338 28.94 9.27 -11.07
C HIS E 338 29.88 8.40 -11.87
N ILE E 339 31.17 8.50 -11.59
CA ILE E 339 32.17 7.67 -12.26
C ILE E 339 32.05 6.20 -11.80
N VAL E 340 32.14 5.99 -10.49
CA VAL E 340 32.08 4.63 -9.94
C VAL E 340 30.74 3.96 -10.23
N VAL E 341 29.66 4.70 -10.06
CA VAL E 341 28.31 4.14 -10.19
C VAL E 341 27.93 3.84 -11.64
N SER E 342 28.30 4.75 -12.55
CA SER E 342 27.88 4.61 -13.95
C SER E 342 28.98 4.07 -14.87
N ASP E 343 30.14 4.71 -14.86
CA ASP E 343 31.23 4.32 -15.77
C ASP E 343 31.78 2.93 -15.47
N LEU E 344 31.84 2.58 -14.18
CA LEU E 344 32.41 1.30 -13.78
C LEU E 344 31.36 0.34 -13.20
N GLU E 345 30.11 0.79 -13.17
CA GLU E 345 28.98 0.01 -12.67
C GLU E 345 29.19 -0.53 -11.25
N ALA E 346 29.73 0.34 -10.38
CA ALA E 346 29.97 0.01 -8.99
C ALA E 346 30.81 -1.25 -8.80
N LYS E 347 31.81 -1.42 -9.65
CA LYS E 347 32.74 -2.54 -9.54
C LYS E 347 34.18 -2.04 -9.53
N LEU E 348 34.90 -2.31 -8.45
CA LEU E 348 36.25 -1.81 -8.27
C LEU E 348 37.23 -2.93 -7.96
N PRO E 349 38.50 -2.75 -8.35
CA PRO E 349 39.55 -3.73 -8.03
C PRO E 349 39.66 -3.97 -6.53
N LYS E 350 40.16 -5.16 -6.16
CA LYS E 350 40.35 -5.49 -4.77
C LYS E 350 41.41 -4.60 -4.11
N THR E 351 41.10 -4.11 -2.92
CA THR E 351 42.04 -3.30 -2.15
C THR E 351 43.03 -4.20 -1.39
N THR E 352 44.32 -3.96 -1.58
CA THR E 352 45.36 -4.79 -0.97
C THR E 352 45.94 -4.16 0.28
N SER E 353 45.93 -4.91 1.38
CA SER E 353 46.52 -4.46 2.64
C SER E 353 47.72 -5.29 3.02
N ILE E 354 48.62 -4.73 3.82
CA ILE E 354 49.84 -5.42 4.21
C ILE E 354 50.00 -5.43 5.73
N ILE E 355 50.26 -6.61 6.28
CA ILE E 355 50.46 -6.74 7.72
C ILE E 355 51.94 -6.93 8.06
N LEU E 356 52.46 -6.07 8.95
CA LEU E 356 53.85 -6.11 9.36
C LEU E 356 53.98 -6.40 10.84
N VAL E 357 54.73 -7.44 11.18
CA VAL E 357 55.04 -7.72 12.58
C VAL E 357 56.54 -7.66 12.80
N LEU E 358 56.97 -6.70 13.62
CA LEU E 358 58.39 -6.45 13.82
C LEU E 358 58.83 -6.58 15.27
N SER E 359 60.13 -6.84 15.44
CA SER E 359 60.75 -6.85 16.76
C SER E 359 62.06 -6.09 16.75
N LYS E 360 62.27 -5.26 17.76
CA LYS E 360 63.55 -4.58 17.90
C LYS E 360 64.60 -5.64 18.23
N ILE E 361 65.78 -5.52 17.64
CA ILE E 361 66.75 -6.61 17.67
C ILE E 361 67.98 -6.28 18.53
N VAL E 362 67.98 -6.79 19.76
CA VAL E 362 69.13 -6.71 20.67
C VAL E 362 68.87 -7.58 21.90
N VAL F 2 -0.61 34.28 -30.62
CA VAL F 2 0.24 35.42 -30.30
C VAL F 2 1.49 35.43 -31.16
N LYS F 3 2.19 34.29 -31.21
CA LYS F 3 3.37 34.17 -32.06
C LYS F 3 3.01 34.32 -33.53
N GLU F 4 1.77 34.01 -33.87
CA GLU F 4 1.29 34.10 -35.25
C GLU F 4 0.97 35.55 -35.63
N VAL F 5 0.75 36.40 -34.64
CA VAL F 5 0.28 37.76 -34.90
C VAL F 5 1.19 38.85 -34.34
N LEU F 6 2.25 38.48 -33.62
CA LEU F 6 3.14 39.47 -33.03
C LEU F 6 4.42 39.66 -33.85
N PHE F 7 4.61 40.87 -34.34
CA PHE F 7 5.83 41.28 -35.02
C PHE F 7 5.88 42.80 -35.08
N MET F 8 6.80 43.34 -35.87
CA MET F 8 6.86 44.78 -36.07
C MET F 8 6.38 45.12 -37.48
N ASN F 9 6.24 46.41 -37.76
CA ASN F 9 5.76 46.88 -39.06
C ASN F 9 6.52 46.26 -40.23
N THR F 10 5.78 45.56 -41.09
CA THR F 10 6.36 44.79 -42.19
C THR F 10 6.38 45.56 -43.51
N GLY F 11 7.51 46.19 -43.81
CA GLY F 11 7.62 46.95 -45.03
C GLY F 11 9.04 47.35 -45.40
N GLU F 12 9.21 47.77 -46.65
CA GLU F 12 10.50 48.19 -47.19
C GLU F 12 11.18 49.38 -46.47
N GLY F 13 10.47 50.48 -46.18
CA GLY F 13 9.07 50.71 -46.51
C GLY F 13 8.61 52.12 -46.19
N GLU F 14 7.37 52.42 -46.57
CA GLU F 14 6.79 53.74 -46.35
C GLU F 14 6.52 53.98 -44.87
N SER F 15 5.96 52.97 -44.21
CA SER F 15 5.68 53.04 -42.78
C SER F 15 6.05 51.74 -42.08
N SER F 16 7.34 51.47 -41.99
CA SER F 16 7.82 50.22 -41.41
C SER F 16 8.78 50.45 -40.25
N TYR F 17 9.25 49.37 -39.63
CA TYR F 17 10.12 49.48 -38.47
C TYR F 17 11.56 49.78 -38.87
N VAL F 18 11.94 49.46 -40.10
CA VAL F 18 13.30 49.73 -40.56
C VAL F 18 13.55 51.24 -40.65
N GLN F 19 12.47 52.01 -40.74
CA GLN F 19 12.56 53.46 -40.77
C GLN F 19 12.36 54.02 -39.37
N ASN F 20 11.59 53.28 -38.58
CA ASN F 20 11.25 53.71 -37.23
C ASN F 20 11.91 52.85 -36.15
N SER F 21 13.22 52.69 -36.28
CA SER F 21 13.99 51.99 -35.26
C SER F 21 15.01 52.95 -34.67
N SER F 22 14.61 54.22 -34.60
CA SER F 22 15.49 55.31 -34.20
C SER F 22 15.88 55.25 -32.72
N PHE F 23 14.89 55.09 -31.84
CA PHE F 23 15.18 55.07 -30.40
C PHE F 23 15.90 53.79 -30.00
N THR F 24 15.48 52.67 -30.57
CA THR F 24 16.10 51.38 -30.28
C THR F 24 17.55 51.36 -30.75
N GLU F 25 17.86 52.24 -31.69
CA GLU F 25 19.21 52.38 -32.20
C GLU F 25 20.11 53.01 -31.14
N LYS F 26 19.58 53.99 -30.42
CA LYS F 26 20.33 54.65 -29.36
C LYS F 26 20.65 53.69 -28.22
N VAL F 27 19.66 52.86 -27.87
CA VAL F 27 19.82 51.87 -26.81
C VAL F 27 20.89 50.83 -27.17
N ALA F 28 20.75 50.25 -28.35
CA ALA F 28 21.69 49.22 -28.81
C ALA F 28 23.10 49.78 -28.94
N SER F 29 23.19 51.03 -29.36
CA SER F 29 24.47 51.70 -29.48
C SER F 29 25.03 52.04 -28.10
N MET F 30 24.14 52.32 -27.15
CA MET F 30 24.55 52.63 -25.78
C MET F 30 25.06 51.39 -25.06
N ALA F 31 24.61 50.23 -25.52
CA ALA F 31 25.01 48.97 -24.90
C ALA F 31 26.13 48.30 -25.68
N MET F 32 26.66 49.03 -26.66
CA MET F 32 27.85 48.59 -27.39
C MET F 32 29.03 48.26 -26.47
N PRO F 33 29.29 49.08 -25.44
CA PRO F 33 30.37 48.67 -24.54
C PRO F 33 30.11 47.33 -23.88
N ALA F 34 28.90 47.12 -23.35
CA ALA F 34 28.54 45.85 -22.76
C ALA F 34 28.70 44.72 -23.77
N LEU F 35 28.30 44.97 -25.01
CA LEU F 35 28.43 44.00 -26.08
C LEU F 35 29.91 43.77 -26.44
N GLU F 36 30.65 44.87 -26.59
CA GLU F 36 32.09 44.82 -26.90
C GLU F 36 32.86 43.92 -25.94
N ASN F 37 32.76 44.21 -24.65
CA ASN F 37 33.43 43.42 -23.62
C ASN F 37 32.97 41.96 -23.67
N ALA F 38 31.67 41.76 -23.86
CA ALA F 38 31.09 40.42 -23.89
C ALA F 38 31.57 39.58 -25.05
N VAL F 39 32.03 40.24 -26.12
CA VAL F 39 32.61 39.52 -27.25
C VAL F 39 34.04 39.12 -26.88
N GLU F 40 34.77 40.03 -26.24
CA GLU F 40 36.15 39.78 -25.83
C GLU F 40 36.22 38.78 -24.68
N THR F 41 35.10 38.56 -23.97
CA THR F 41 35.04 37.56 -22.92
C THR F 41 35.23 36.16 -23.49
N LEU F 42 34.67 35.94 -24.68
CA LEU F 42 34.75 34.64 -25.33
C LEU F 42 36.19 34.32 -25.70
N PHE F 43 36.97 35.36 -26.00
CA PHE F 43 38.36 35.19 -26.38
C PHE F 43 39.24 34.91 -25.18
N SER F 44 38.94 35.54 -24.05
CA SER F 44 39.69 35.30 -22.82
C SER F 44 39.29 33.96 -22.22
N LYS F 45 38.17 33.42 -22.69
CA LYS F 45 37.66 32.14 -22.20
C LYS F 45 38.34 30.96 -22.90
N ASP F 46 39.45 31.25 -23.57
CA ASP F 46 40.31 30.23 -24.18
C ASP F 46 39.61 29.36 -25.23
N PHE F 47 39.01 28.26 -24.78
CA PHE F 47 38.51 27.21 -25.68
C PHE F 47 37.35 27.61 -26.58
N HIS F 48 37.18 28.90 -26.82
CA HIS F 48 36.16 29.39 -27.76
C HIS F 48 36.78 29.73 -29.11
N LEU F 49 38.11 29.93 -29.13
CA LEU F 49 38.82 30.15 -30.38
C LEU F 49 39.12 28.83 -31.08
N PHE F 50 38.09 28.00 -31.18
CA PHE F 50 38.17 26.69 -31.83
C PHE F 50 36.79 26.04 -31.85
N GLN F 51 36.27 25.73 -33.04
CA GLN F 51 36.94 26.05 -34.30
C GLN F 51 36.35 27.35 -34.86
N ALA F 52 35.03 27.45 -34.82
CA ALA F 52 34.35 28.68 -35.19
C ALA F 52 33.41 29.09 -34.07
N ILE F 53 33.12 30.38 -33.96
CA ILE F 53 32.27 30.87 -32.88
C ILE F 53 30.85 31.11 -33.38
N ASN F 54 29.87 30.84 -32.52
CA ASN F 54 28.47 30.99 -32.87
C ASN F 54 27.81 32.13 -32.11
N ALA F 55 27.17 33.03 -32.85
CA ALA F 55 26.45 34.14 -32.25
C ALA F 55 24.98 34.12 -32.67
N ALA F 56 24.09 34.39 -31.71
CA ALA F 56 22.66 34.44 -31.99
C ALA F 56 22.10 35.81 -31.64
N ASP F 57 21.17 36.29 -32.46
CA ASP F 57 20.54 37.59 -32.25
C ASP F 57 19.01 37.46 -32.37
N LEU F 58 18.33 37.64 -31.25
CA LEU F 58 16.88 37.40 -31.15
C LEU F 58 16.19 38.37 -30.19
N GLY F 59 15.18 39.09 -30.67
CA GLY F 59 14.76 39.07 -32.06
C GLY F 59 15.43 40.17 -32.85
N CYS F 60 15.17 40.23 -34.14
CA CYS F 60 15.90 41.16 -35.02
C CYS F 60 14.97 42.03 -35.85
N ALA F 61 13.70 41.64 -35.91
CA ALA F 61 12.69 42.36 -36.68
C ALA F 61 13.11 42.49 -38.13
N THR F 62 12.92 43.69 -38.67
CA THR F 62 13.34 43.98 -40.04
C THR F 62 14.28 45.18 -40.02
N GLY F 63 14.31 45.88 -38.89
CA GLY F 63 15.13 47.07 -38.73
C GLY F 63 16.61 46.84 -38.93
N PRO F 64 17.37 47.94 -39.15
CA PRO F 64 18.81 47.91 -39.43
C PRO F 64 19.67 47.68 -38.18
N ASN F 65 19.04 47.57 -37.01
CA ASN F 65 19.75 47.44 -35.74
C ASN F 65 20.47 46.12 -35.58
N THR F 66 19.86 45.06 -36.10
CA THR F 66 20.44 43.73 -35.97
C THR F 66 21.73 43.59 -36.75
N PHE F 67 21.93 44.48 -37.72
CA PHE F 67 23.14 44.48 -38.51
C PHE F 67 24.28 45.11 -37.71
N ALA F 68 23.91 46.01 -36.81
CA ALA F 68 24.90 46.68 -35.97
C ALA F 68 25.54 45.73 -34.98
N VAL F 69 24.82 44.68 -34.59
CA VAL F 69 25.34 43.74 -33.60
C VAL F 69 26.20 42.68 -34.28
N ILE F 70 25.93 42.40 -35.56
CA ILE F 70 26.76 41.48 -36.32
C ILE F 70 28.04 42.20 -36.73
N SER F 71 27.89 43.47 -37.09
CA SER F 71 29.02 44.29 -37.54
C SER F 71 30.07 44.49 -36.46
N THR F 72 29.62 44.59 -35.21
CA THR F 72 30.53 44.85 -34.10
C THR F 72 31.16 43.57 -33.56
N ILE F 73 30.46 42.44 -33.67
CA ILE F 73 31.02 41.16 -33.24
C ILE F 73 32.17 40.76 -34.17
N LYS F 74 31.97 40.95 -35.47
CA LYS F 74 33.01 40.68 -36.47
C LYS F 74 34.22 41.59 -36.31
N ARG F 75 33.98 42.84 -35.94
CA ARG F 75 35.06 43.82 -35.79
C ARG F 75 35.90 43.53 -34.55
N MET F 76 35.23 43.10 -33.48
CA MET F 76 35.93 42.72 -32.25
C MET F 76 36.78 41.47 -32.52
N MET F 77 36.22 40.57 -33.32
CA MET F 77 36.89 39.34 -33.69
C MET F 77 38.14 39.62 -34.51
N GLU F 78 38.00 40.45 -35.53
CA GLU F 78 39.12 40.83 -36.39
C GLU F 78 40.24 41.49 -35.59
N LYS F 79 39.87 42.29 -34.61
CA LYS F 79 40.82 42.93 -33.73
C LYS F 79 41.50 41.89 -32.84
N LYS F 80 40.72 40.91 -32.41
CA LYS F 80 41.23 39.83 -31.58
C LYS F 80 42.03 38.84 -32.41
N CYS F 81 41.57 38.58 -33.63
CA CYS F 81 42.23 37.63 -34.52
C CYS F 81 43.60 38.15 -34.97
N ARG F 82 43.70 39.47 -35.14
CA ARG F 82 44.94 40.08 -35.57
C ARG F 82 46.02 39.97 -34.50
N GLU F 83 45.65 40.26 -33.26
CA GLU F 83 46.60 40.22 -32.15
C GLU F 83 46.95 38.80 -31.75
N LEU F 84 45.98 37.89 -31.85
CA LEU F 84 46.19 36.51 -31.42
C LEU F 84 46.86 35.66 -32.51
N ASN F 85 47.34 36.33 -33.56
CA ASN F 85 48.01 35.66 -34.68
C ASN F 85 47.19 34.54 -35.30
N CYS F 86 45.89 34.78 -35.46
CA CYS F 86 44.99 33.77 -36.00
C CYS F 86 44.20 34.32 -37.18
N GLN F 87 44.41 33.73 -38.36
CA GLN F 87 43.64 34.09 -39.54
C GLN F 87 42.76 32.91 -39.94
N THR F 88 42.22 32.23 -38.93
CA THR F 88 41.44 31.02 -39.14
C THR F 88 40.04 31.12 -38.54
N LEU F 89 39.78 32.23 -37.86
CA LEU F 89 38.50 32.41 -37.18
C LEU F 89 37.33 32.49 -38.16
N GLU F 90 36.25 31.78 -37.83
CA GLU F 90 35.03 31.84 -38.60
C GLU F 90 33.85 32.13 -37.67
N LEU F 91 32.85 32.83 -38.18
CA LEU F 91 31.71 33.22 -37.36
C LEU F 91 30.40 32.85 -38.02
N GLN F 92 29.52 32.21 -37.26
CA GLN F 92 28.19 31.92 -37.75
C GLN F 92 27.17 32.67 -36.90
N VAL F 93 26.42 33.57 -37.53
CA VAL F 93 25.45 34.38 -36.82
C VAL F 93 24.03 33.95 -37.15
N TYR F 94 23.22 33.74 -36.11
CA TYR F 94 21.82 33.39 -36.30
C TYR F 94 20.94 34.61 -36.03
N MET F 95 20.18 35.02 -37.05
CA MET F 95 19.21 36.09 -36.88
C MET F 95 17.81 35.50 -36.67
N ASN F 96 17.29 35.66 -35.46
CA ASN F 96 16.05 35.01 -35.06
C ASN F 96 14.87 35.97 -34.88
N ASP F 97 13.67 35.48 -35.20
CA ASP F 97 12.43 36.20 -34.95
C ASP F 97 11.26 35.24 -35.09
N LEU F 98 10.05 35.75 -34.94
CA LEU F 98 8.83 34.94 -35.11
C LEU F 98 8.49 34.76 -36.58
N PHE F 99 7.61 33.81 -36.87
CA PHE F 99 7.05 33.66 -38.21
C PHE F 99 6.16 34.87 -38.50
N GLY F 100 6.02 35.22 -39.77
CA GLY F 100 5.22 36.38 -40.13
C GLY F 100 6.08 37.62 -40.20
N ASN F 101 7.28 37.53 -39.64
CA ASN F 101 8.28 38.58 -39.77
C ASN F 101 8.59 38.78 -41.24
N ASP F 102 8.89 40.01 -41.64
CA ASP F 102 9.21 40.28 -43.04
C ASP F 102 10.70 40.05 -43.32
N PHE F 103 11.09 38.78 -43.38
CA PHE F 103 12.49 38.39 -43.54
C PHE F 103 13.09 38.86 -44.87
N ASN F 104 12.29 38.82 -45.92
CA ASN F 104 12.76 39.21 -47.26
C ASN F 104 13.21 40.67 -47.29
N THR F 105 12.54 41.47 -46.45
CA THR F 105 12.87 42.87 -46.26
C THR F 105 14.07 42.98 -45.31
N LEU F 106 14.14 42.06 -44.35
CA LEU F 106 15.28 41.98 -43.46
C LEU F 106 16.50 41.47 -44.22
N PHE F 107 16.27 40.49 -45.09
CA PHE F 107 17.32 39.97 -45.95
C PHE F 107 17.77 41.02 -46.95
N LYS F 108 16.83 41.87 -47.35
CA LYS F 108 17.11 42.97 -48.27
C LYS F 108 18.21 43.87 -47.70
N GLY F 109 18.18 44.06 -46.38
CA GLY F 109 19.19 44.84 -45.71
C GLY F 109 20.49 44.08 -45.53
N LEU F 110 20.38 42.77 -45.30
CA LEU F 110 21.56 41.92 -45.09
C LEU F 110 22.31 41.70 -46.40
N SER F 111 21.58 41.64 -47.50
CA SER F 111 22.17 41.40 -48.81
C SER F 111 23.23 42.46 -49.16
N SER F 112 23.02 43.69 -48.67
CA SER F 112 23.98 44.75 -48.89
C SER F 112 24.92 44.91 -47.70
N LYS F 113 25.13 43.83 -46.96
CA LYS F 113 26.02 43.84 -45.81
C LYS F 113 27.11 42.78 -45.97
N VAL F 114 27.73 42.75 -47.16
CA VAL F 114 28.75 41.78 -47.50
C VAL F 114 29.41 42.22 -48.81
N GLU F 121 39.62 40.53 -42.12
CA GLU F 121 40.40 39.32 -42.38
C GLU F 121 39.71 38.09 -41.77
N VAL F 122 38.46 38.27 -41.36
CA VAL F 122 37.67 37.20 -40.79
C VAL F 122 36.40 36.97 -41.60
N SER F 123 35.96 35.72 -41.71
CA SER F 123 34.80 35.37 -42.53
C SER F 123 33.60 34.95 -41.68
N CYS F 124 32.44 35.54 -41.96
CA CYS F 124 31.23 35.27 -41.19
C CYS F 124 30.05 34.89 -42.09
N TYR F 125 29.21 33.98 -41.58
CA TYR F 125 28.06 33.48 -42.35
C TYR F 125 26.78 33.61 -41.55
N VAL F 126 25.82 34.38 -42.09
CA VAL F 126 24.59 34.67 -41.36
C VAL F 126 23.41 33.85 -41.88
N MET F 127 22.58 33.37 -40.94
CA MET F 127 21.40 32.59 -41.30
C MET F 127 20.15 33.19 -40.65
N GLY F 128 18.98 32.69 -41.03
CA GLY F 128 17.73 33.19 -40.51
C GLY F 128 16.91 32.11 -39.80
N VAL F 129 16.61 32.35 -38.53
CA VAL F 129 15.92 31.36 -37.72
C VAL F 129 14.54 31.87 -37.26
N PRO F 130 13.48 31.44 -37.97
CA PRO F 130 12.11 31.84 -37.59
C PRO F 130 11.53 30.95 -36.49
N GLY F 131 10.95 31.58 -35.46
CA GLY F 131 10.35 30.84 -34.36
C GLY F 131 10.42 31.57 -33.04
N SER F 132 9.69 31.08 -32.05
CA SER F 132 9.69 31.68 -30.71
C SER F 132 10.92 31.26 -29.91
N PHE F 133 11.53 32.20 -29.21
CA PHE F 133 12.70 31.90 -28.38
C PHE F 133 12.27 31.44 -26.98
N HIS F 134 10.96 31.29 -26.80
CA HIS F 134 10.41 30.74 -25.57
C HIS F 134 10.51 29.22 -25.61
N GLY F 135 10.74 28.69 -26.81
CA GLY F 135 10.95 27.26 -26.99
C GLY F 135 12.35 26.99 -27.49
N ARG F 136 12.55 25.85 -28.13
CA ARG F 136 13.88 25.48 -28.62
C ARG F 136 14.06 25.88 -30.09
N LEU F 137 15.21 26.46 -30.39
CA LEU F 137 15.52 26.91 -31.74
C LEU F 137 16.87 26.39 -32.22
N PHE F 138 17.76 26.09 -31.27
CA PHE F 138 19.11 25.67 -31.60
C PHE F 138 19.49 24.38 -30.89
N PRO F 139 20.41 23.59 -31.49
CA PRO F 139 20.92 22.37 -30.87
C PRO F 139 21.70 22.66 -29.58
N ARG F 140 22.00 21.62 -28.82
CA ARG F 140 22.68 21.78 -27.53
C ARG F 140 24.15 22.17 -27.66
N ASN F 141 24.61 23.03 -26.75
CA ASN F 141 26.01 23.47 -26.71
C ASN F 141 26.50 24.02 -28.04
N SER F 142 25.61 24.72 -28.75
CA SER F 142 25.90 25.18 -30.10
C SER F 142 26.04 26.69 -30.17
N LEU F 143 25.62 27.38 -29.11
CA LEU F 143 25.66 28.84 -29.09
C LEU F 143 26.68 29.37 -28.09
N HIS F 144 27.66 30.11 -28.59
CA HIS F 144 28.68 30.73 -27.74
C HIS F 144 28.15 32.01 -27.10
N LEU F 145 27.38 32.79 -27.87
CA LEU F 145 26.91 34.10 -27.42
C LEU F 145 25.51 34.41 -27.95
N VAL F 146 24.65 34.91 -27.08
CA VAL F 146 23.30 35.27 -27.46
C VAL F 146 23.02 36.74 -27.15
N HIS F 147 22.45 37.46 -28.12
CA HIS F 147 22.15 38.88 -27.95
C HIS F 147 20.66 39.18 -28.17
N SER F 148 20.07 39.97 -27.27
CA SER F 148 18.66 40.30 -27.31
C SER F 148 18.38 41.76 -26.98
N SER F 149 17.78 42.49 -27.92
CA SER F 149 17.46 43.89 -27.69
C SER F 149 15.97 44.19 -27.80
N TYR F 150 15.37 44.56 -26.68
CA TYR F 150 13.96 44.96 -26.62
C TYR F 150 13.05 43.89 -27.22
N SER F 151 13.32 42.63 -26.89
CA SER F 151 12.53 41.53 -27.42
C SER F 151 12.12 40.57 -26.30
N VAL F 152 12.96 40.48 -25.27
CA VAL F 152 12.69 39.58 -24.16
C VAL F 152 11.55 40.09 -23.29
N HIS F 153 11.16 41.35 -23.48
CA HIS F 153 10.09 41.96 -22.71
C HIS F 153 8.73 41.40 -23.08
N TRP F 154 8.55 41.08 -24.36
CA TRP F 154 7.29 40.52 -24.86
C TRP F 154 6.99 39.16 -24.25
N LEU F 155 5.71 38.88 -24.03
CA LEU F 155 5.28 37.66 -23.36
C LEU F 155 4.71 36.65 -24.35
N THR F 156 4.58 35.39 -23.92
CA THR F 156 3.96 34.36 -24.74
C THR F 156 2.49 34.66 -25.01
N GLN F 157 1.84 35.22 -23.99
CA GLN F 157 0.42 35.50 -24.03
C GLN F 157 0.06 36.65 -23.11
N ALA F 158 -1.14 37.19 -23.28
CA ALA F 158 -1.69 38.17 -22.35
C ALA F 158 -1.78 37.55 -20.97
N PRO F 159 -1.33 38.27 -19.93
CA PRO F 159 -1.24 37.75 -18.56
C PRO F 159 -2.51 37.08 -18.05
N LYS F 160 -2.42 35.79 -17.74
CA LYS F 160 -3.54 35.07 -17.15
C LYS F 160 -3.87 35.67 -15.78
N GLY F 161 -5.15 35.64 -15.43
CA GLY F 161 -5.61 36.29 -14.22
C GLY F 161 -6.31 37.59 -14.55
N LEU F 162 -6.47 37.86 -15.84
CA LEU F 162 -7.19 39.04 -16.30
C LEU F 162 -8.67 38.71 -16.48
N THR F 163 -9.01 37.46 -16.15
CA THR F 163 -10.38 36.94 -16.29
C THR F 163 -10.44 35.53 -15.71
N SER F 164 -11.52 35.20 -14.99
CA SER F 164 -12.63 36.12 -14.72
C SER F 164 -13.23 35.99 -13.29
N ARG F 165 -13.64 34.81 -12.82
CA ARG F 165 -13.52 33.51 -13.51
C ARG F 165 -14.76 33.22 -14.35
N GLU F 166 -15.86 33.88 -14.01
CA GLU F 166 -17.12 33.73 -14.74
C GLU F 166 -17.01 34.32 -16.14
N LEU F 168 -17.51 40.28 -15.57
CA LEU F 168 -17.02 39.85 -16.87
C LEU F 168 -15.50 39.97 -16.92
N ALA F 169 -14.95 40.81 -16.04
CA ALA F 169 -13.51 40.84 -15.73
C ALA F 169 -12.60 41.37 -16.84
N LEU F 170 -11.48 42.03 -16.49
CA LEU F 170 -11.12 42.43 -15.13
C LEU F 170 -10.29 43.72 -15.16
N ASN F 171 -9.70 44.03 -16.32
CA ASN F 171 -8.89 45.23 -16.47
C ASN F 171 -9.60 46.33 -17.26
N LYS F 172 -10.66 46.87 -16.68
CA LYS F 172 -11.37 47.98 -17.28
C LYS F 172 -10.76 49.31 -16.82
N GLY F 173 -10.49 50.20 -17.76
CA GLY F 173 -10.73 49.95 -19.17
C GLY F 173 -9.48 50.22 -20.00
N ARG F 174 -8.33 49.76 -19.51
CA ARG F 174 -7.07 49.97 -20.20
C ARG F 174 -6.50 48.65 -20.75
N ILE F 175 -5.32 48.73 -21.36
CA ILE F 175 -4.68 47.58 -21.99
C ILE F 175 -3.49 47.07 -21.19
N TYR F 176 -3.12 47.81 -20.16
CA TYR F 176 -1.92 47.52 -19.38
C TYR F 176 -2.12 47.97 -17.93
N ILE F 177 -1.15 47.65 -17.08
CA ILE F 177 -1.18 48.06 -15.67
C ILE F 177 -1.28 49.57 -15.54
N SER F 178 -2.38 50.04 -14.95
CA SER F 178 -2.60 51.46 -14.73
C SER F 178 -3.06 51.73 -13.30
N LYS F 179 -3.32 52.99 -12.98
CA LYS F 179 -3.83 53.35 -11.66
C LYS F 179 -5.19 52.69 -11.42
N THR F 180 -6.02 52.67 -12.47
CA THR F 180 -7.35 52.08 -12.39
C THR F 180 -7.32 50.61 -12.80
N SER F 181 -6.73 49.78 -11.93
CA SER F 181 -6.65 48.34 -12.17
C SER F 181 -6.45 47.60 -10.84
N PRO F 182 -7.40 46.74 -10.47
CA PRO F 182 -7.37 46.01 -9.19
C PRO F 182 -6.43 44.81 -9.20
N PRO F 183 -5.28 44.92 -8.53
CA PRO F 183 -4.27 43.84 -8.58
C PRO F 183 -4.66 42.63 -7.73
N VAL F 185 -3.70 42.37 -11.49
CA VAL F 185 -3.09 42.90 -12.72
C VAL F 185 -1.57 42.98 -12.57
N ARG F 186 -1.09 43.79 -11.64
CA ARG F 186 0.33 43.94 -11.40
C ARG F 186 0.94 42.61 -10.97
N GLU F 187 0.21 41.87 -10.15
CA GLU F 187 0.62 40.54 -9.72
C GLU F 187 0.55 39.56 -10.88
N ALA F 188 -0.44 39.77 -11.76
CA ALA F 188 -0.63 38.88 -12.91
C ALA F 188 0.47 39.05 -13.94
N TYR F 189 0.90 40.29 -14.15
CA TYR F 189 1.97 40.58 -15.10
C TYR F 189 3.31 40.03 -14.62
N LEU F 190 3.57 40.18 -13.32
CA LEU F 190 4.78 39.61 -12.73
C LEU F 190 4.72 38.09 -12.81
N SER F 191 3.51 37.55 -12.66
CA SER F 191 3.29 36.11 -12.71
C SER F 191 3.49 35.59 -14.14
N GLN F 192 3.01 36.33 -15.12
CA GLN F 192 3.12 35.93 -16.52
C GLN F 192 4.56 36.07 -17.02
N PHE F 193 5.16 37.23 -16.75
CA PHE F 193 6.53 37.50 -17.17
C PHE F 193 7.51 36.54 -16.49
N HIS F 194 7.12 36.02 -15.33
CA HIS F 194 7.94 35.04 -14.60
C HIS F 194 8.10 33.76 -15.41
N GLU F 195 6.97 33.19 -15.82
CA GLU F 195 6.94 31.95 -16.59
C GLU F 195 7.67 32.07 -17.92
N ASP F 196 7.45 33.20 -18.61
CA ASP F 196 7.95 33.41 -19.97
C ASP F 196 9.45 33.64 -20.01
N PHE F 197 9.95 34.49 -19.13
CA PHE F 197 11.38 34.75 -19.05
C PHE F 197 12.08 33.48 -18.60
N THR F 198 11.40 32.68 -17.77
CA THR F 198 11.96 31.41 -17.31
C THR F 198 12.17 30.45 -18.48
N MET F 199 11.22 30.45 -19.42
CA MET F 199 11.34 29.63 -20.62
C MET F 199 12.56 30.06 -21.44
N PHE F 200 12.71 31.38 -21.60
CA PHE F 200 13.85 31.94 -22.31
C PHE F 200 15.16 31.49 -21.69
N LEU F 201 15.22 31.56 -20.36
CA LEU F 201 16.41 31.16 -19.62
C LEU F 201 16.67 29.66 -19.72
N ASN F 202 15.61 28.88 -19.60
CA ASN F 202 15.70 27.42 -19.69
C ASN F 202 16.05 26.95 -21.10
N ALA F 203 15.35 27.48 -22.09
CA ALA F 203 15.58 27.10 -23.48
C ALA F 203 16.99 27.46 -23.92
N ARG F 204 17.44 28.64 -23.51
CA ARG F 204 18.79 29.07 -23.79
C ARG F 204 19.80 28.19 -23.07
N SER F 205 19.55 27.94 -21.78
CA SER F 205 20.43 27.13 -20.93
C SER F 205 20.94 25.86 -21.61
N GLN F 206 20.11 25.26 -22.44
CA GLN F 206 20.48 24.06 -23.16
C GLN F 206 21.09 24.39 -24.52
N GLU F 207 21.04 25.66 -24.90
CA GLU F 207 21.55 26.08 -26.21
C GLU F 207 22.91 26.79 -26.09
N VAL F 208 23.15 27.46 -24.97
CA VAL F 208 24.42 28.15 -24.77
C VAL F 208 25.51 27.19 -24.29
N VAL F 209 26.71 27.38 -24.81
CA VAL F 209 27.87 26.61 -24.39
C VAL F 209 28.15 26.86 -22.90
N PRO F 210 28.74 25.86 -22.22
CA PRO F 210 29.15 26.05 -20.82
C PRO F 210 30.05 27.28 -20.66
N ASN F 211 29.80 28.06 -19.62
CA ASN F 211 30.45 29.36 -19.44
C ASN F 211 30.28 30.26 -20.66
N GLY F 212 29.13 30.16 -21.32
CA GLY F 212 28.84 30.94 -22.51
C GLY F 212 28.15 32.25 -22.20
N CYS F 213 28.58 33.31 -22.86
CA CYS F 213 28.05 34.64 -22.57
C CYS F 213 26.66 34.87 -23.16
N MET F 214 25.93 35.79 -22.55
CA MET F 214 24.61 36.18 -23.04
C MET F 214 24.32 37.63 -22.69
N VAL F 215 23.91 38.41 -23.68
CA VAL F 215 23.65 39.84 -23.50
C VAL F 215 22.22 40.22 -23.86
N LEU F 216 21.43 40.59 -22.86
CA LEU F 216 20.03 40.92 -23.08
C LEU F 216 19.72 42.36 -22.70
N ILE F 217 18.94 43.04 -23.55
CA ILE F 217 18.43 44.37 -23.24
C ILE F 217 16.91 44.35 -23.31
N LEU F 218 16.26 44.93 -22.31
CA LEU F 218 14.80 45.00 -22.28
C LEU F 218 14.35 46.33 -21.69
N ARG F 219 13.15 46.77 -22.08
CA ARG F 219 12.58 47.97 -21.50
C ARG F 219 12.03 47.66 -20.11
N GLY F 220 12.34 48.52 -19.15
CA GLY F 220 11.92 48.30 -17.78
C GLY F 220 11.58 49.57 -17.04
N ARG F 221 11.31 49.45 -15.75
CA ARG F 221 11.01 50.59 -14.89
C ARG F 221 12.13 50.80 -13.89
N GLN F 222 12.05 51.91 -13.15
CA GLN F 222 12.95 52.17 -12.05
C GLN F 222 12.15 52.62 -10.84
N SER F 223 10.86 52.82 -11.04
CA SER F 223 9.99 53.39 -10.02
C SER F 223 9.48 52.35 -9.02
N SER F 224 9.75 51.07 -9.33
CA SER F 224 9.29 49.92 -8.54
C SER F 224 7.76 49.86 -8.46
N ASP F 225 7.08 50.68 -9.26
CA ASP F 225 5.62 50.70 -9.31
C ASP F 225 5.13 50.71 -10.76
N PRO F 226 4.44 49.63 -11.16
CA PRO F 226 3.99 49.44 -12.56
C PRO F 226 3.01 50.52 -13.03
N SER F 227 2.24 51.05 -12.09
CA SER F 227 1.19 52.03 -12.39
C SER F 227 1.75 53.42 -12.72
N ASP F 228 3.06 53.58 -12.54
CA ASP F 228 3.70 54.88 -12.76
C ASP F 228 3.74 55.22 -14.24
N MET F 229 3.56 56.50 -14.55
CA MET F 229 3.53 56.96 -15.94
C MET F 229 4.83 56.59 -16.65
N GLN F 230 5.96 56.92 -16.04
CA GLN F 230 7.28 56.56 -16.55
C GLN F 230 7.37 55.06 -16.86
N SER F 231 6.68 54.28 -16.05
CA SER F 231 6.69 52.82 -16.20
C SER F 231 5.69 52.34 -17.25
N CYS F 232 4.68 53.14 -17.56
CA CYS F 232 3.62 52.68 -18.46
C CYS F 232 2.95 53.76 -19.29
N PHE F 233 3.66 54.82 -19.67
CA PHE F 233 3.02 55.92 -20.40
C PHE F 233 2.62 55.53 -21.82
N ILE F 234 3.42 54.69 -22.48
CA ILE F 234 3.13 54.28 -23.85
C ILE F 234 1.76 53.62 -23.93
N TRP F 235 1.50 52.68 -23.02
CA TRP F 235 0.27 51.93 -23.02
C TRP F 235 -0.89 52.72 -22.41
N GLU F 236 -0.60 53.50 -21.37
CA GLU F 236 -1.61 54.32 -20.72
C GLU F 236 -2.13 55.38 -21.70
N LEU F 237 -1.21 56.04 -22.40
CA LEU F 237 -1.59 57.03 -23.40
C LEU F 237 -2.33 56.37 -24.57
N LEU F 238 -1.88 55.19 -24.96
CA LEU F 238 -2.52 54.46 -26.06
C LEU F 238 -3.93 54.01 -25.65
N ALA F 239 -4.05 53.38 -24.49
CA ALA F 239 -5.34 52.94 -23.99
C ALA F 239 -6.28 54.13 -23.76
N ILE F 240 -5.70 55.28 -23.45
CA ILE F 240 -6.46 56.52 -23.34
C ILE F 240 -6.84 57.02 -24.73
N ALA F 241 -5.96 56.79 -25.70
CA ALA F 241 -6.22 57.17 -27.08
C ALA F 241 -7.32 56.30 -27.68
N ILE F 242 -7.31 55.01 -27.33
CA ILE F 242 -8.40 54.12 -27.75
C ILE F 242 -9.71 54.58 -27.14
N ALA F 243 -9.63 55.07 -25.90
CA ALA F 243 -10.80 55.41 -25.10
C ALA F 243 -11.69 56.49 -25.74
N GLU F 244 -11.08 57.50 -26.34
CA GLU F 244 -11.88 58.56 -26.95
C GLU F 244 -12.52 58.07 -28.25
N LEU F 245 -11.77 57.30 -29.03
CA LEU F 245 -12.30 56.72 -30.25
C LEU F 245 -13.29 55.62 -29.89
N VAL F 246 -13.20 55.14 -28.66
CA VAL F 246 -14.22 54.25 -28.10
C VAL F 246 -15.46 55.09 -27.74
N SER F 247 -15.22 56.25 -27.13
CA SER F 247 -16.32 57.14 -26.73
C SER F 247 -16.98 57.76 -27.96
N GLN F 248 -16.23 57.87 -29.04
CA GLN F 248 -16.75 58.43 -30.29
C GLN F 248 -17.77 57.50 -30.92
N GLY F 249 -17.75 56.23 -30.51
CA GLY F 249 -18.63 55.23 -31.09
C GLY F 249 -18.01 54.58 -32.30
N LEU F 250 -16.76 54.93 -32.58
CA LEU F 250 -16.04 54.38 -33.72
C LEU F 250 -15.56 52.97 -33.43
N ILE F 251 -15.35 52.66 -32.15
CA ILE F 251 -14.82 51.37 -31.73
C ILE F 251 -15.60 50.81 -30.55
N ASP F 252 -15.96 49.53 -30.63
CA ASP F 252 -16.69 48.86 -29.56
C ASP F 252 -15.93 48.92 -28.23
N GLU F 253 -16.63 49.31 -27.17
CA GLU F 253 -16.00 49.63 -25.89
C GLU F 253 -15.49 48.41 -25.15
N ASP F 254 -16.33 47.39 -25.04
CA ASP F 254 -16.05 46.22 -24.21
C ASP F 254 -14.77 45.48 -24.63
N LYS F 255 -14.40 45.61 -25.90
CA LYS F 255 -13.22 44.91 -26.42
C LYS F 255 -11.94 45.44 -25.77
N LEU F 256 -11.91 46.73 -25.48
CA LEU F 256 -10.76 47.36 -24.85
C LEU F 256 -10.54 46.83 -23.43
N ASP F 257 -11.64 46.51 -22.75
CA ASP F 257 -11.57 45.94 -21.41
C ASP F 257 -10.92 44.56 -21.44
N THR F 258 -11.34 43.72 -22.38
CA THR F 258 -10.88 42.34 -22.44
C THR F 258 -9.48 42.20 -23.00
N PHE F 259 -8.85 43.34 -23.31
CA PHE F 259 -7.49 43.34 -23.84
C PHE F 259 -6.47 43.59 -22.75
N PRO F 262 0.10 42.48 -23.07
CA PRO F 262 0.84 41.45 -23.81
C PRO F 262 2.35 41.70 -23.78
N CYS F 263 2.74 42.71 -23.02
CA CYS F 263 4.15 43.06 -22.87
C CYS F 263 4.41 43.51 -21.42
N TYR F 264 5.66 43.49 -21.01
CA TYR F 264 5.97 43.86 -19.63
C TYR F 264 7.32 44.55 -19.46
N PHE F 265 7.35 45.52 -18.56
CA PHE F 265 8.58 46.26 -18.25
C PHE F 265 9.01 45.94 -16.83
N PRO F 266 9.95 45.00 -16.68
CA PRO F 266 10.38 44.56 -15.34
C PRO F 266 11.23 45.58 -14.60
N SER F 267 11.20 45.55 -13.28
CA SER F 267 12.11 46.36 -12.48
C SER F 267 13.44 45.62 -12.34
N LEU F 268 14.46 46.33 -11.88
CA LEU F 268 15.80 45.76 -11.75
C LEU F 268 15.86 44.61 -10.76
N GLU F 269 15.18 44.75 -9.62
CA GLU F 269 15.24 43.75 -8.56
C GLU F 269 14.46 42.48 -8.94
N GLU F 270 13.29 42.67 -9.55
CA GLU F 270 12.44 41.56 -9.94
C GLU F 270 13.09 40.68 -11.01
N VAL F 271 13.81 41.31 -11.93
CA VAL F 271 14.48 40.57 -13.00
C VAL F 271 15.67 39.78 -12.45
N LYS F 272 16.21 40.23 -11.31
CA LYS F 272 17.32 39.54 -10.66
C LYS F 272 16.82 38.27 -9.99
N ASP F 273 15.71 38.39 -9.27
CA ASP F 273 15.10 37.25 -8.59
C ASP F 273 14.65 36.22 -9.63
N ILE F 274 14.07 36.70 -10.73
CA ILE F 274 13.63 35.83 -11.80
C ILE F 274 14.81 35.10 -12.46
N VAL F 275 15.95 35.79 -12.56
CA VAL F 275 17.15 35.20 -13.14
C VAL F 275 17.87 34.29 -12.16
N GLU F 276 17.94 34.71 -10.90
CA GLU F 276 18.71 33.98 -9.89
C GLU F 276 18.08 32.65 -9.49
N ARG F 277 16.75 32.61 -9.41
CA ARG F 277 16.03 31.40 -9.02
C ARG F 277 16.40 30.25 -9.95
N ASP F 278 16.42 30.55 -11.25
CA ASP F 278 16.94 29.63 -12.26
C ASP F 278 18.47 29.64 -12.19
N GLY F 279 19.07 28.46 -12.05
CA GLY F 279 20.51 28.40 -11.84
C GLY F 279 21.34 28.31 -13.10
N SER F 280 20.71 28.54 -14.26
CA SER F 280 21.41 28.38 -15.53
C SER F 280 22.43 29.51 -15.80
N PHE F 281 22.08 30.74 -15.43
CA PHE F 281 22.97 31.86 -15.67
C PHE F 281 23.24 32.70 -14.42
N THR F 282 24.48 33.15 -14.28
CA THR F 282 24.84 34.07 -13.22
C THR F 282 24.96 35.46 -13.80
N ILE F 283 24.64 36.48 -13.00
CA ILE F 283 24.65 37.85 -13.48
C ILE F 283 26.05 38.47 -13.40
N ASP F 284 26.71 38.56 -14.55
CA ASP F 284 28.01 39.23 -14.65
C ASP F 284 27.85 40.72 -14.37
N HIS F 285 26.92 41.34 -15.07
CA HIS F 285 26.66 42.76 -14.89
C HIS F 285 25.20 43.09 -15.16
N MET F 286 24.64 43.99 -14.35
CA MET F 286 23.26 44.42 -14.52
C MET F 286 23.12 45.90 -14.15
N GLU F 287 22.48 46.67 -15.02
CA GLU F 287 22.35 48.09 -14.79
C GLU F 287 21.13 48.68 -15.49
N GLY F 288 20.70 49.86 -15.01
CA GLY F 288 19.58 50.57 -15.60
C GLY F 288 19.99 51.97 -16.05
N PHE F 289 19.55 52.35 -17.24
CA PHE F 289 19.87 53.66 -17.78
C PHE F 289 18.68 54.24 -18.52
N GLU F 290 18.62 55.57 -18.60
CA GLU F 290 17.48 56.25 -19.22
C GLU F 290 17.89 57.16 -20.37
N LEU F 291 17.01 57.25 -21.36
CA LEU F 291 17.21 58.10 -22.53
C LEU F 291 15.97 58.94 -22.77
N ASP F 292 16.14 60.14 -23.31
CA ASP F 292 15.00 61.01 -23.64
C ASP F 292 14.09 60.32 -24.64
N SER F 293 12.81 60.23 -24.33
CA SER F 293 11.83 59.53 -25.18
C SER F 293 11.85 60.05 -26.61
N LEU F 294 11.85 61.36 -26.76
CA LEU F 294 11.97 61.99 -28.07
C LEU F 294 13.16 62.94 -28.11
N GLN F 295 13.41 63.54 -29.26
CA GLN F 295 14.32 64.67 -29.35
C GLN F 295 13.47 65.94 -29.48
N MET F 296 13.43 66.86 -28.50
CA MET F 296 14.38 67.18 -27.41
C MET F 296 15.67 67.76 -27.98
N GLN F 297 15.74 67.84 -29.30
CA GLN F 297 16.78 68.60 -30.00
C GLN F 297 16.08 69.47 -31.04
N GLU F 298 14.76 69.31 -31.12
CA GLU F 298 13.94 70.05 -32.07
C GLU F 298 13.01 71.01 -31.33
N ASN F 299 13.04 72.28 -31.74
CA ASN F 299 12.22 73.31 -31.11
C ASN F 299 10.72 73.10 -31.35
N ASP F 300 10.38 72.65 -32.55
CA ASP F 300 8.98 72.36 -32.89
C ASP F 300 8.48 71.18 -32.07
N LYS F 301 7.18 71.17 -31.78
CA LYS F 301 6.60 70.19 -30.87
C LYS F 301 5.64 69.25 -31.59
N TRP F 302 4.96 69.77 -32.61
CA TRP F 302 4.02 68.97 -33.38
C TRP F 302 4.75 67.85 -34.15
N VAL F 303 5.99 68.12 -34.56
CA VAL F 303 6.78 67.16 -35.31
C VAL F 303 7.40 66.13 -34.38
N ARG F 304 7.67 66.55 -33.13
CA ARG F 304 8.24 65.68 -32.12
C ARG F 304 7.36 64.47 -31.86
N GLY F 305 6.10 64.73 -31.54
CA GLY F 305 5.14 63.68 -31.26
C GLY F 305 4.92 62.80 -32.48
N GLU F 306 4.94 63.41 -33.67
CA GLU F 306 4.77 62.67 -34.91
C GLU F 306 5.87 61.62 -35.08
N LYS F 307 7.12 62.06 -34.97
CA LYS F 307 8.25 61.15 -35.04
C LYS F 307 8.15 60.08 -33.96
N PHE F 308 7.60 60.46 -32.81
CA PHE F 308 7.37 59.55 -31.70
C PHE F 308 6.16 58.65 -31.96
N ALA F 309 5.28 59.09 -32.85
CA ALA F 309 4.06 58.34 -33.14
C ALA F 309 4.33 57.19 -34.09
N LYS F 310 5.02 57.49 -35.19
CA LYS F 310 5.36 56.49 -36.20
C LYS F 310 6.21 55.37 -35.60
N ILE F 311 7.09 55.72 -34.68
CA ILE F 311 7.98 54.72 -34.08
C ILE F 311 7.20 53.84 -33.10
N VAL F 312 6.12 54.39 -32.54
CA VAL F 312 5.21 53.61 -31.72
C VAL F 312 4.33 52.78 -32.64
N ARG F 313 3.96 53.36 -33.78
CA ARG F 313 3.15 52.67 -34.78
C ARG F 313 3.91 51.47 -35.34
N ALA F 314 5.21 51.62 -35.54
CA ALA F 314 6.03 50.53 -36.05
C ALA F 314 6.08 49.37 -35.07
N PHE F 315 6.10 49.68 -33.78
CA PHE F 315 6.24 48.65 -32.74
C PHE F 315 4.92 47.97 -32.41
N THR F 316 3.80 48.66 -32.62
CA THR F 316 2.53 48.18 -32.11
C THR F 316 1.38 48.11 -33.12
N GLU F 317 1.60 48.50 -34.37
CA GLU F 317 0.52 48.44 -35.36
C GLU F 317 -0.07 47.03 -35.51
N PRO F 318 0.77 46.00 -35.77
CA PRO F 318 0.14 44.69 -36.00
C PRO F 318 -0.48 44.05 -34.76
N ILE F 319 0.08 44.32 -33.57
CA ILE F 319 -0.41 43.69 -32.36
C ILE F 319 -1.75 44.28 -31.92
N ILE F 320 -1.99 45.55 -32.26
CA ILE F 320 -3.25 46.21 -31.93
C ILE F 320 -4.27 46.03 -33.05
N SER F 321 -3.81 46.00 -34.29
CA SER F 321 -4.68 45.82 -35.44
C SER F 321 -5.44 44.50 -35.43
N ASN F 322 -4.78 43.44 -34.94
CA ASN F 322 -5.42 42.13 -34.79
C ASN F 322 -6.68 42.19 -33.94
N GLN F 323 -6.65 43.09 -32.96
CA GLN F 323 -7.76 43.24 -32.01
C GLN F 323 -8.79 44.26 -32.47
N PHE F 324 -8.33 45.36 -33.08
CA PHE F 324 -9.23 46.47 -33.42
C PHE F 324 -9.44 46.66 -34.92
N GLY F 325 -8.92 45.74 -35.74
CA GLY F 325 -9.06 45.85 -37.17
C GLY F 325 -8.09 46.86 -37.77
N HIS F 326 -7.66 46.62 -39.00
CA HIS F 326 -6.65 47.47 -39.63
C HIS F 326 -7.25 48.78 -40.15
N GLU F 327 -8.58 48.86 -40.18
CA GLU F 327 -9.26 50.00 -40.77
C GLU F 327 -9.13 51.27 -39.94
N ILE F 328 -9.46 51.18 -38.65
CA ILE F 328 -9.50 52.35 -37.78
C ILE F 328 -8.13 52.72 -37.19
N MET F 329 -7.09 52.03 -37.64
CA MET F 329 -5.74 52.26 -37.11
C MET F 329 -5.19 53.63 -37.49
N ASP F 330 -5.49 54.07 -38.70
CA ASP F 330 -5.04 55.37 -39.18
C ASP F 330 -5.56 56.48 -38.28
N LYS F 331 -6.83 56.38 -37.90
CA LYS F 331 -7.46 57.38 -37.06
C LYS F 331 -6.96 57.34 -35.63
N LEU F 332 -6.61 56.14 -35.16
CA LEU F 332 -6.20 55.93 -33.77
C LEU F 332 -4.92 56.70 -33.42
N TYR F 333 -3.90 56.53 -34.23
CA TYR F 333 -2.59 57.13 -33.96
C TYR F 333 -2.59 58.64 -34.20
N ASP F 334 -3.68 59.16 -34.75
CA ASP F 334 -3.82 60.61 -34.89
C ASP F 334 -4.18 61.24 -33.55
N LYS F 335 -5.06 60.56 -32.80
CA LYS F 335 -5.42 61.02 -31.46
C LYS F 335 -4.25 60.85 -30.52
N PHE F 336 -3.48 59.78 -30.73
CA PHE F 336 -2.25 59.54 -29.98
C PHE F 336 -1.31 60.73 -30.13
N THR F 337 -1.05 61.15 -31.37
CA THR F 337 -0.22 62.30 -31.64
C THR F 337 -0.76 63.54 -30.97
N HIS F 338 -2.04 63.82 -31.23
CA HIS F 338 -2.71 64.99 -30.67
C HIS F 338 -2.64 65.00 -29.15
N ILE F 339 -2.70 63.83 -28.54
CA ILE F 339 -2.60 63.71 -27.09
C ILE F 339 -1.19 64.11 -26.63
N VAL F 340 -0.19 63.59 -27.34
CA VAL F 340 1.20 63.87 -27.00
C VAL F 340 1.65 65.25 -27.49
N VAL F 341 1.23 65.65 -28.68
CA VAL F 341 1.73 66.88 -29.27
C VAL F 341 1.15 68.15 -28.65
N SER F 342 -0.03 68.05 -28.04
CA SER F 342 -0.71 69.23 -27.53
C SER F 342 -0.91 69.24 -26.01
N ASP F 343 -1.58 68.23 -25.49
CA ASP F 343 -1.94 68.18 -24.07
C ASP F 343 -0.72 68.14 -23.16
N LEU F 344 0.26 67.32 -23.54
CA LEU F 344 1.44 67.10 -22.72
C LEU F 344 2.64 67.91 -23.22
N GLU F 345 2.37 68.81 -24.16
CA GLU F 345 3.38 69.73 -24.72
C GLU F 345 4.57 69.00 -25.33
N ALA F 346 4.32 67.84 -25.93
CA ALA F 346 5.34 67.04 -26.61
C ALA F 346 6.54 66.75 -25.72
N LYS F 347 6.29 66.52 -24.43
CA LYS F 347 7.33 66.15 -23.48
C LYS F 347 6.85 64.94 -22.67
N LEU F 348 7.73 63.94 -22.53
CA LEU F 348 7.37 62.66 -21.95
C LEU F 348 8.40 62.16 -20.94
N PRO F 349 7.98 61.28 -20.00
CA PRO F 349 8.94 60.66 -19.07
C PRO F 349 10.06 59.94 -19.80
N LYS F 350 11.22 59.83 -19.16
CA LYS F 350 12.37 59.13 -19.75
C LYS F 350 12.09 57.63 -19.84
N THR F 351 12.74 56.97 -20.80
CA THR F 351 12.58 55.53 -20.98
C THR F 351 13.71 54.75 -20.31
N THR F 352 13.37 53.87 -19.38
CA THR F 352 14.37 53.10 -18.65
C THR F 352 14.64 51.76 -19.32
N SER F 353 15.90 51.54 -19.66
CA SER F 353 16.31 50.29 -20.29
C SER F 353 17.27 49.53 -19.39
N ILE F 354 17.18 48.21 -19.40
CA ILE F 354 18.01 47.37 -18.54
C ILE F 354 18.88 46.42 -19.35
N ILE F 355 20.20 46.60 -19.25
CA ILE F 355 21.13 45.70 -19.91
C ILE F 355 21.63 44.64 -18.94
N LEU F 356 21.42 43.36 -19.29
CA LEU F 356 21.80 42.27 -18.41
C LEU F 356 22.77 41.29 -19.09
N VAL F 357 23.92 41.09 -18.47
CA VAL F 357 24.91 40.13 -18.97
C VAL F 357 24.85 38.84 -18.16
N LEU F 358 24.77 37.71 -18.85
CA LEU F 358 24.64 36.41 -18.19
C LEU F 358 25.65 35.39 -18.73
N SER F 359 25.96 34.39 -17.92
CA SER F 359 26.92 33.36 -18.32
C SER F 359 26.54 32.00 -17.73
N LYS F 360 26.72 30.94 -18.52
CA LYS F 360 26.45 29.59 -18.04
C LYS F 360 27.42 29.21 -16.94
N ILE F 361 27.03 28.26 -16.10
CA ILE F 361 27.85 27.88 -14.96
C ILE F 361 28.12 26.36 -14.96
N VAL F 362 28.51 25.85 -16.13
CA VAL F 362 28.88 24.46 -16.26
C VAL F 362 30.38 24.31 -16.44
N VAL G 2 5.14 -54.10 -10.07
CA VAL G 2 5.95 -52.90 -9.91
C VAL G 2 7.20 -52.99 -10.79
N LYS G 3 7.92 -54.10 -10.66
CA LYS G 3 9.10 -54.35 -11.47
C LYS G 3 8.76 -54.37 -12.96
N GLU G 4 7.51 -54.71 -13.26
CA GLU G 4 7.06 -54.77 -14.64
C GLU G 4 6.76 -53.39 -15.21
N VAL G 5 6.52 -52.43 -14.33
CA VAL G 5 6.09 -51.11 -14.76
C VAL G 5 7.00 -49.97 -14.30
N LEU G 6 8.02 -50.30 -13.49
CA LEU G 6 8.95 -49.29 -13.01
C LEU G 6 10.13 -49.09 -13.96
N PHE G 7 10.25 -47.87 -14.49
CA PHE G 7 11.38 -47.47 -15.31
C PHE G 7 11.37 -45.95 -15.45
N MET G 8 12.51 -45.38 -15.84
CA MET G 8 12.61 -43.94 -16.08
C MET G 8 11.97 -43.62 -17.41
N ASN G 9 11.71 -42.33 -17.64
CA ASN G 9 11.06 -41.90 -18.86
C ASN G 9 11.84 -42.38 -20.09
N THR G 10 11.22 -43.29 -20.82
CA THR G 10 11.87 -43.98 -21.92
C THR G 10 12.35 -43.04 -23.01
N GLY G 11 13.28 -43.53 -23.82
CA GLY G 11 13.74 -42.81 -24.99
C GLY G 11 14.82 -41.79 -24.70
N GLU G 12 15.11 -40.97 -25.71
CA GLU G 12 16.10 -39.92 -25.60
C GLU G 12 15.45 -38.56 -25.93
N GLY G 13 14.14 -38.50 -25.78
CA GLY G 13 13.39 -37.29 -26.08
C GLY G 13 13.68 -36.16 -25.10
N GLU G 14 13.11 -34.99 -25.38
CA GLU G 14 13.35 -33.79 -24.59
C GLU G 14 12.88 -33.95 -23.14
N SER G 15 11.91 -34.83 -22.94
CA SER G 15 11.35 -35.05 -21.60
C SER G 15 11.82 -36.39 -21.04
N SER G 16 12.78 -37.01 -21.71
CA SER G 16 13.31 -38.30 -21.26
C SER G 16 14.30 -38.10 -20.12
N TYR G 17 14.83 -39.20 -19.60
CA TYR G 17 15.73 -39.14 -18.46
C TYR G 17 17.15 -38.75 -18.87
N VAL G 18 17.52 -39.06 -20.10
CA VAL G 18 18.85 -38.74 -20.59
C VAL G 18 19.06 -37.23 -20.71
N GLN G 19 17.97 -36.49 -20.89
CA GLN G 19 18.03 -35.05 -20.99
C GLN G 19 17.98 -34.41 -19.61
N ASN G 20 17.33 -35.10 -18.68
CA ASN G 20 17.15 -34.59 -17.34
C ASN G 20 17.77 -35.51 -16.30
N SER G 21 19.08 -35.73 -16.42
CA SER G 21 19.83 -36.50 -15.44
C SER G 21 20.83 -35.57 -14.78
N SER G 22 20.51 -34.28 -14.78
CA SER G 22 21.42 -33.23 -14.34
C SER G 22 21.70 -33.26 -12.84
N PHE G 23 20.68 -33.53 -12.04
CA PHE G 23 20.88 -33.61 -10.59
C PHE G 23 21.75 -34.81 -10.23
N THR G 24 21.40 -35.97 -10.79
CA THR G 24 22.11 -37.20 -10.46
C THR G 24 23.55 -37.14 -10.98
N GLU G 25 23.80 -36.21 -11.89
CA GLU G 25 25.15 -35.96 -12.38
C GLU G 25 25.99 -35.35 -11.27
N LYS G 26 25.38 -34.45 -10.50
CA LYS G 26 26.06 -33.83 -9.37
C LYS G 26 26.40 -34.87 -8.31
N VAL G 27 25.42 -35.71 -8.00
CA VAL G 27 25.59 -36.79 -7.03
C VAL G 27 26.72 -37.72 -7.45
N ALA G 28 26.78 -38.02 -8.75
CA ALA G 28 27.85 -38.84 -9.30
C ALA G 28 29.20 -38.18 -9.09
N SER G 29 29.25 -36.86 -9.27
CA SER G 29 30.47 -36.10 -9.05
C SER G 29 30.88 -36.11 -7.59
N MET G 30 29.88 -36.06 -6.70
CA MET G 30 30.15 -36.01 -5.26
C MET G 30 30.67 -37.33 -4.70
N ALA G 31 30.26 -38.43 -5.31
CA ALA G 31 30.62 -39.74 -4.76
C ALA G 31 31.67 -40.45 -5.62
N MET G 32 32.21 -39.74 -6.60
CA MET G 32 33.30 -40.26 -7.40
C MET G 32 34.52 -40.63 -6.56
N PRO G 33 34.86 -39.82 -5.53
CA PRO G 33 35.95 -40.27 -4.65
C PRO G 33 35.69 -41.61 -3.98
N ALA G 34 34.45 -41.84 -3.55
CA ALA G 34 34.09 -43.10 -2.93
C ALA G 34 34.30 -44.26 -3.90
N LEU G 35 33.92 -44.02 -5.15
CA LEU G 35 34.10 -45.00 -6.21
C LEU G 35 35.59 -45.28 -6.42
N GLU G 36 36.35 -44.22 -6.69
CA GLU G 36 37.79 -44.33 -6.93
C GLU G 36 38.50 -45.06 -5.79
N ASN G 37 38.26 -44.60 -4.56
CA ASN G 37 38.89 -45.18 -3.38
C ASN G 37 38.58 -46.67 -3.26
N ALA G 38 37.35 -47.03 -3.55
CA ALA G 38 36.92 -48.43 -3.53
C ALA G 38 37.70 -49.25 -4.56
N VAL G 39 37.85 -48.70 -5.76
CA VAL G 39 38.62 -49.36 -6.81
C VAL G 39 40.07 -49.52 -6.38
N GLU G 40 40.60 -48.51 -5.69
CA GLU G 40 41.98 -48.54 -5.20
C GLU G 40 42.20 -49.70 -4.24
N THR G 41 41.19 -50.02 -3.43
CA THR G 41 41.32 -51.09 -2.45
C THR G 41 41.37 -52.45 -3.13
N LEU G 42 40.64 -52.60 -4.24
CA LEU G 42 40.60 -53.85 -4.99
C LEU G 42 42.01 -54.24 -5.45
N PHE G 43 42.79 -53.22 -5.82
CA PHE G 43 44.18 -53.43 -6.17
C PHE G 43 45.01 -53.71 -4.92
N SER G 44 44.68 -53.03 -3.83
CA SER G 44 45.38 -53.22 -2.56
C SER G 44 45.00 -54.56 -1.92
N LYS G 45 43.78 -55.00 -2.19
CA LYS G 45 43.32 -56.32 -1.74
C LYS G 45 44.00 -57.42 -2.52
N ASP G 46 44.75 -57.01 -3.55
CA ASP G 46 45.69 -57.86 -4.27
C ASP G 46 45.03 -58.95 -5.11
N PHE G 47 44.28 -59.84 -4.48
CA PHE G 47 43.70 -60.99 -5.15
C PHE G 47 42.92 -60.65 -6.43
N HIS G 48 42.36 -59.44 -6.48
CA HIS G 48 41.52 -59.02 -7.59
C HIS G 48 42.36 -58.57 -8.80
N LEU G 49 43.66 -58.40 -8.59
CA LEU G 49 44.59 -58.05 -9.66
C LEU G 49 44.55 -59.07 -10.79
N PHE G 50 44.45 -60.34 -10.42
CA PHE G 50 44.41 -61.43 -11.41
C PHE G 50 43.02 -62.05 -11.44
N GLN G 51 42.45 -62.17 -12.64
CA GLN G 51 43.09 -61.71 -13.87
C GLN G 51 42.21 -60.68 -14.57
N ALA G 52 40.91 -60.76 -14.33
CA ALA G 52 39.96 -59.81 -14.92
C ALA G 52 38.97 -59.32 -13.86
N ILE G 53 38.81 -58.01 -13.75
CA ILE G 53 37.93 -57.43 -12.75
C ILE G 53 36.52 -57.25 -13.29
N ASN G 54 35.55 -57.88 -12.65
CA ASN G 54 34.14 -57.72 -13.02
C ASN G 54 33.45 -56.69 -12.14
N ALA G 55 32.76 -55.74 -12.78
CA ALA G 55 32.04 -54.70 -12.05
C ALA G 55 30.62 -54.58 -12.59
N ALA G 56 29.67 -54.33 -11.69
CA ALA G 56 28.28 -54.21 -12.08
C ALA G 56 27.67 -52.88 -11.62
N ASP G 57 27.03 -52.17 -12.54
CA ASP G 57 26.36 -50.93 -12.20
C ASP G 57 24.85 -51.13 -12.21
N LEU G 58 24.27 -51.37 -11.04
CA LEU G 58 22.85 -51.67 -10.93
C LEU G 58 21.99 -50.42 -11.06
N GLY G 59 20.87 -50.53 -11.75
CA GLY G 59 20.00 -49.39 -11.99
C GLY G 59 20.67 -48.33 -12.85
N CYS G 60 21.12 -48.73 -14.03
CA CYS G 60 21.88 -47.85 -14.91
C CYS G 60 21.00 -46.91 -15.72
N ALA G 61 19.72 -47.26 -15.82
CA ALA G 61 18.74 -46.48 -16.60
C ALA G 61 19.17 -46.29 -18.05
N THR G 62 18.59 -45.29 -18.69
CA THR G 62 18.96 -44.93 -20.04
C THR G 62 19.99 -43.82 -20.00
N GLY G 63 20.01 -43.11 -18.86
CA GLY G 63 20.86 -41.94 -18.67
C GLY G 63 22.35 -42.13 -18.88
N PRO G 64 23.05 -41.02 -19.13
CA PRO G 64 24.49 -41.03 -19.40
C PRO G 64 25.37 -41.18 -18.16
N ASN G 65 24.76 -41.10 -16.97
CA ASN G 65 25.52 -41.15 -15.72
C ASN G 65 26.22 -42.50 -15.50
N THR G 66 25.66 -43.54 -16.10
CA THR G 66 26.21 -44.89 -15.94
C THR G 66 27.44 -45.11 -16.82
N PHE G 67 27.68 -44.17 -17.74
CA PHE G 67 28.90 -44.20 -18.53
C PHE G 67 30.01 -43.55 -17.71
N ALA G 68 29.62 -42.58 -16.89
CA ALA G 68 30.58 -41.86 -16.06
C ALA G 68 31.28 -42.78 -15.07
N VAL G 69 30.54 -43.73 -14.48
CA VAL G 69 31.10 -44.65 -13.51
C VAL G 69 32.06 -45.64 -14.18
N ILE G 70 31.67 -46.19 -15.32
CA ILE G 70 32.54 -47.11 -16.06
C ILE G 70 33.87 -46.44 -16.39
N SER G 71 33.81 -45.17 -16.78
CA SER G 71 35.00 -44.41 -17.14
C SER G 71 36.01 -44.33 -16.00
N THR G 72 35.55 -43.91 -14.82
CA THR G 72 36.45 -43.76 -13.68
C THR G 72 36.96 -45.11 -13.18
N ILE G 73 36.17 -46.15 -13.36
CA ILE G 73 36.64 -47.50 -13.04
C ILE G 73 37.80 -47.86 -13.96
N LYS G 74 37.59 -47.69 -15.25
CA LYS G 74 38.60 -47.97 -16.26
C LYS G 74 39.81 -47.05 -16.10
N ARG G 75 39.54 -45.79 -15.79
CA ARG G 75 40.57 -44.77 -15.63
C ARG G 75 41.50 -45.12 -14.47
N MET G 76 40.90 -45.39 -13.31
CA MET G 76 41.67 -45.84 -12.14
C MET G 76 42.40 -47.14 -12.44
N MET G 77 41.73 -48.04 -13.19
CA MET G 77 42.31 -49.33 -13.54
C MET G 77 43.52 -49.17 -14.46
N GLU G 78 43.43 -48.20 -15.36
CA GLU G 78 44.52 -47.91 -16.29
C GLU G 78 45.77 -47.43 -15.55
N LYS G 79 45.55 -46.55 -14.59
CA LYS G 79 46.62 -45.99 -13.78
C LYS G 79 47.34 -47.06 -12.97
N LYS G 80 46.58 -47.88 -12.26
CA LYS G 80 47.15 -48.94 -11.42
C LYS G 80 47.87 -49.99 -12.26
N CYS G 81 47.49 -50.10 -13.53
CA CYS G 81 48.10 -51.06 -14.43
C CYS G 81 49.50 -50.60 -14.86
N ARG G 82 49.67 -49.28 -14.96
CA ARG G 82 50.96 -48.70 -15.34
C ARG G 82 52.00 -48.94 -14.26
N GLU G 83 51.60 -48.76 -13.00
CA GLU G 83 52.47 -48.99 -11.86
C GLU G 83 52.82 -50.46 -11.71
N LEU G 84 51.84 -51.31 -11.97
CA LEU G 84 52.02 -52.76 -11.87
C LEU G 84 52.97 -53.28 -12.94
N ASN G 85 52.60 -53.06 -14.20
CA ASN G 85 53.38 -53.48 -15.36
C ASN G 85 53.56 -54.99 -15.47
N CYS G 86 52.99 -55.58 -16.52
CA CYS G 86 52.26 -54.84 -17.55
C CYS G 86 50.77 -55.16 -17.52
N GLN G 87 49.98 -54.27 -18.11
CA GLN G 87 48.52 -54.41 -18.09
C GLN G 87 48.02 -55.59 -18.90
N THR G 88 47.62 -56.65 -18.20
CA THR G 88 46.95 -57.78 -18.84
C THR G 88 45.52 -57.82 -18.33
N LEU G 89 45.13 -56.73 -17.67
CA LEU G 89 43.84 -56.64 -17.01
C LEU G 89 42.70 -56.42 -17.99
N GLU G 90 41.58 -57.06 -17.73
CA GLU G 90 40.38 -56.89 -18.54
C GLU G 90 39.21 -56.47 -17.67
N LEU G 91 38.38 -55.58 -18.20
CA LEU G 91 37.25 -55.06 -17.45
C LEU G 91 35.93 -55.51 -18.03
N GLN G 92 35.13 -56.21 -17.23
CA GLN G 92 33.81 -56.64 -17.64
C GLN G 92 32.77 -55.86 -16.85
N VAL G 93 32.06 -54.96 -17.52
CA VAL G 93 31.09 -54.11 -16.84
C VAL G 93 29.65 -54.49 -17.15
N TYR G 94 28.90 -54.81 -16.10
CA TYR G 94 27.49 -55.16 -16.25
C TYR G 94 26.60 -53.96 -15.99
N MET G 95 25.76 -53.62 -16.96
CA MET G 95 24.78 -52.57 -16.78
C MET G 95 23.43 -53.18 -16.47
N ASN G 96 22.99 -53.03 -15.24
CA ASN G 96 21.75 -53.67 -14.83
C ASN G 96 20.60 -52.67 -14.69
N ASP G 97 19.43 -53.09 -15.15
CA ASP G 97 18.22 -52.32 -14.96
C ASP G 97 17.02 -53.23 -15.17
N LEU G 98 15.84 -52.74 -14.79
CA LEU G 98 14.61 -53.51 -14.94
C LEU G 98 14.24 -53.65 -16.41
N PHE G 99 13.39 -54.64 -16.71
CA PHE G 99 12.80 -54.73 -18.04
C PHE G 99 11.88 -53.52 -18.19
N GLY G 100 11.64 -53.10 -19.42
CA GLY G 100 10.84 -51.92 -19.67
C GLY G 100 11.71 -50.68 -19.67
N ASN G 101 12.98 -50.86 -19.36
CA ASN G 101 13.97 -49.81 -19.51
C ASN G 101 14.45 -49.78 -20.95
N ASP G 102 14.71 -48.58 -21.47
CA ASP G 102 15.12 -48.45 -22.86
C ASP G 102 16.59 -48.80 -23.04
N PHE G 103 16.88 -50.09 -23.07
CA PHE G 103 18.23 -50.60 -23.27
C PHE G 103 18.76 -50.22 -24.65
N ASN G 104 17.85 -50.02 -25.60
CA ASN G 104 18.22 -49.56 -26.94
C ASN G 104 18.85 -48.18 -26.90
N THR G 105 18.21 -47.24 -26.21
CA THR G 105 18.75 -45.90 -26.05
C THR G 105 20.06 -45.95 -25.27
N LEU G 106 20.09 -46.76 -24.21
CA LEU G 106 21.28 -46.94 -23.40
C LEU G 106 22.45 -47.47 -24.22
N PHE G 107 22.21 -48.55 -24.96
CA PHE G 107 23.24 -49.15 -25.80
C PHE G 107 23.65 -48.20 -26.93
N LYS G 108 22.70 -47.36 -27.37
CA LYS G 108 22.99 -46.37 -28.40
C LYS G 108 23.98 -45.34 -27.87
N GLY G 109 23.79 -44.92 -26.62
CA GLY G 109 24.69 -44.00 -25.97
C GLY G 109 26.01 -44.68 -25.68
N LEU G 110 25.94 -45.95 -25.32
CA LEU G 110 27.12 -46.77 -25.06
C LEU G 110 27.99 -46.89 -26.30
N SER G 111 27.35 -46.85 -27.47
CA SER G 111 28.04 -47.02 -28.74
C SER G 111 29.15 -45.98 -28.96
N SER G 112 29.02 -44.82 -28.33
CA SER G 112 29.99 -43.75 -28.50
C SER G 112 30.95 -43.65 -27.32
N LYS G 113 31.02 -44.71 -26.51
CA LYS G 113 31.92 -44.73 -25.36
C LYS G 113 32.70 -46.04 -25.29
N VAL G 114 33.20 -46.49 -26.44
CA VAL G 114 33.92 -47.76 -26.50
C VAL G 114 35.01 -47.73 -27.57
N ASN G 117 38.87 -46.38 -28.16
CA ASN G 117 39.54 -46.06 -29.41
C ASN G 117 41.06 -45.86 -29.23
N LYS G 118 41.74 -46.87 -28.66
CA LYS G 118 43.21 -46.93 -28.58
C LYS G 118 43.81 -45.93 -27.59
N CYS G 119 44.95 -46.22 -26.95
CA CYS G 119 45.73 -47.47 -27.03
C CYS G 119 46.69 -47.53 -25.82
N GLU G 120 46.56 -48.51 -24.91
CA GLU G 120 45.55 -49.56 -24.85
C GLU G 120 45.61 -50.19 -23.46
N GLU G 121 45.58 -49.34 -22.44
CA GLU G 121 45.81 -49.76 -21.05
C GLU G 121 44.96 -50.95 -20.64
N VAL G 122 43.67 -50.72 -20.46
CA VAL G 122 42.76 -51.80 -20.09
C VAL G 122 41.69 -52.02 -21.15
N SER G 123 41.28 -53.28 -21.30
CA SER G 123 40.21 -53.63 -22.21
C SER G 123 38.88 -53.55 -21.48
N CYS G 124 37.90 -52.90 -22.08
CA CYS G 124 36.60 -52.74 -21.44
C CYS G 124 35.47 -53.40 -22.23
N TYR G 125 34.73 -54.29 -21.57
CA TYR G 125 33.59 -54.96 -22.19
C TYR G 125 32.30 -54.66 -21.44
N VAL G 126 31.31 -54.15 -22.16
CA VAL G 126 30.07 -53.71 -21.54
C VAL G 126 28.89 -54.58 -21.95
N MET G 127 28.13 -55.04 -20.96
CA MET G 127 26.98 -55.90 -21.18
C MET G 127 25.77 -55.41 -20.40
N GLY G 128 24.57 -55.72 -20.89
CA GLY G 128 23.36 -55.32 -20.21
C GLY G 128 22.66 -56.49 -19.54
N VAL G 129 22.41 -56.38 -18.24
CA VAL G 129 21.73 -57.43 -17.49
C VAL G 129 20.35 -56.96 -17.06
N PRO G 130 19.32 -57.34 -17.83
CA PRO G 130 17.95 -56.94 -17.51
C PRO G 130 17.32 -57.80 -16.41
N GLY G 131 16.79 -57.15 -15.38
CA GLY G 131 16.17 -57.85 -14.27
C GLY G 131 16.31 -57.10 -12.96
N SER G 132 15.44 -57.41 -12.00
CA SER G 132 15.46 -56.77 -10.69
C SER G 132 16.68 -57.21 -9.88
N PHE G 133 17.30 -56.26 -9.17
CA PHE G 133 18.39 -56.61 -8.28
C PHE G 133 17.87 -56.99 -6.90
N HIS G 134 16.55 -57.18 -6.78
CA HIS G 134 15.99 -57.72 -5.55
C HIS G 134 16.03 -59.24 -5.61
N GLY G 135 16.54 -59.75 -6.73
CA GLY G 135 16.79 -61.16 -6.89
C GLY G 135 18.21 -61.40 -7.37
N ARG G 136 18.47 -62.59 -7.89
CA ARG G 136 19.81 -62.92 -8.38
C ARG G 136 19.95 -62.50 -9.84
N LEU G 137 21.15 -62.07 -10.21
CA LEU G 137 21.44 -61.62 -11.56
C LEU G 137 22.70 -62.26 -12.13
N PHE G 138 23.68 -62.48 -11.25
CA PHE G 138 24.98 -63.00 -11.64
C PHE G 138 25.30 -64.29 -10.89
N PRO G 139 26.10 -65.17 -11.52
CA PRO G 139 26.56 -66.38 -10.84
C PRO G 139 27.34 -66.06 -9.57
N ARG G 140 27.57 -67.07 -8.74
CA ARG G 140 28.23 -66.87 -7.44
C ARG G 140 29.69 -66.45 -7.57
N ASN G 141 30.07 -65.44 -6.78
CA ASN G 141 31.44 -64.94 -6.77
C ASN G 141 31.93 -64.56 -8.15
N SER G 142 31.13 -63.76 -8.85
CA SER G 142 31.50 -63.32 -10.19
C SER G 142 31.77 -61.82 -10.20
N LEU G 143 31.40 -61.14 -9.13
CA LEU G 143 31.55 -59.68 -9.05
C LEU G 143 32.62 -59.25 -8.04
N HIS G 144 33.50 -58.35 -8.46
CA HIS G 144 34.49 -57.79 -7.56
C HIS G 144 34.00 -56.46 -7.01
N LEU G 145 33.34 -55.68 -7.87
CA LEU G 145 32.88 -54.35 -7.51
C LEU G 145 31.43 -54.11 -7.91
N VAL G 146 30.63 -53.59 -6.99
CA VAL G 146 29.23 -53.30 -7.29
C VAL G 146 28.90 -51.84 -7.00
N HIS G 147 28.43 -51.13 -8.03
CA HIS G 147 28.06 -49.73 -7.86
C HIS G 147 26.59 -49.53 -8.20
N SER G 148 25.92 -48.70 -7.41
CA SER G 148 24.51 -48.41 -7.63
C SER G 148 24.18 -47.02 -7.12
N SER G 149 23.61 -46.20 -7.99
CA SER G 149 23.31 -44.82 -7.67
C SER G 149 21.83 -44.52 -7.85
N TYR G 150 21.17 -44.18 -6.75
CA TYR G 150 19.79 -43.70 -6.78
C TYR G 150 18.78 -44.71 -7.37
N SER G 151 19.00 -45.99 -7.10
CA SER G 151 18.08 -47.02 -7.57
C SER G 151 17.60 -47.89 -6.41
N VAL G 152 18.43 -47.99 -5.38
CA VAL G 152 18.17 -48.91 -4.28
C VAL G 152 17.03 -48.46 -3.37
N HIS G 153 16.70 -47.17 -3.42
CA HIS G 153 15.63 -46.66 -2.57
C HIS G 153 14.24 -47.03 -3.10
N TRP G 154 14.19 -47.58 -4.31
CA TRP G 154 12.94 -48.10 -4.86
C TRP G 154 12.65 -49.47 -4.27
N LEU G 155 11.36 -49.80 -4.14
CA LEU G 155 10.93 -51.02 -3.47
C LEU G 155 10.35 -52.02 -4.46
N THR G 156 10.24 -53.27 -4.03
CA THR G 156 9.60 -54.31 -4.83
C THR G 156 8.12 -54.01 -5.04
N GLN G 157 7.55 -53.26 -4.12
CA GLN G 157 6.11 -53.01 -4.10
C GLN G 157 5.80 -51.85 -3.17
N ALA G 158 4.62 -51.27 -3.34
CA ALA G 158 4.11 -50.33 -2.35
C ALA G 158 3.97 -51.09 -1.04
N PRO G 159 4.34 -50.44 0.08
CA PRO G 159 4.39 -51.10 1.38
C PRO G 159 3.14 -51.91 1.71
N LYS G 160 3.29 -53.22 1.82
CA LYS G 160 2.20 -54.08 2.26
C LYS G 160 1.83 -53.71 3.68
N GLY G 161 0.56 -53.40 3.90
CA GLY G 161 0.11 -52.94 5.20
C GLY G 161 -0.46 -51.54 5.11
N LEU G 162 -0.39 -50.96 3.90
CA LEU G 162 -1.03 -49.69 3.62
C LEU G 162 -2.47 -49.93 3.20
N THR G 163 -2.93 -51.16 3.45
CA THR G 163 -4.31 -51.58 3.21
C THR G 163 -4.51 -53.01 3.70
N SER G 164 -5.57 -53.25 4.47
CA SER G 164 -6.48 -52.19 4.92
C SER G 164 -6.91 -52.32 6.40
N ARG G 165 -7.35 -53.48 6.90
CA ARG G 165 -7.51 -54.75 6.16
C ARG G 165 -8.96 -54.94 5.75
N GLU G 166 -9.84 -54.07 6.24
CA GLU G 166 -11.26 -54.12 5.93
C GLU G 166 -11.50 -53.83 4.46
N ALA G 169 -7.90 -48.52 4.09
CA ALA G 169 -8.39 -47.41 3.26
C ALA G 169 -7.30 -46.77 2.38
N LEU G 170 -6.14 -46.33 2.89
CA LEU G 170 -5.75 -46.28 4.31
C LEU G 170 -4.89 -45.02 4.53
N ASN G 171 -4.30 -44.54 3.44
CA ASN G 171 -3.51 -43.30 3.44
C ASN G 171 -4.15 -42.27 2.50
N LYS G 172 -5.22 -41.64 2.96
CA LYS G 172 -6.03 -40.77 2.11
C LYS G 172 -5.33 -39.48 1.70
N GLY G 173 -5.55 -39.08 0.45
CA GLY G 173 -5.04 -37.81 -0.05
C GLY G 173 -3.53 -37.74 -0.21
N ARG G 174 -2.86 -38.87 -0.05
CA ARG G 174 -1.41 -38.89 -0.14
C ARG G 174 -0.88 -40.11 -0.91
N ILE G 175 0.37 -40.01 -1.36
CA ILE G 175 1.03 -41.10 -2.05
C ILE G 175 2.32 -41.50 -1.32
N TYR G 176 2.56 -40.87 -0.18
CA TYR G 176 3.76 -41.12 0.62
C TYR G 176 3.54 -40.63 2.06
N ILE G 177 4.49 -40.94 2.93
CA ILE G 177 4.46 -40.49 4.31
C ILE G 177 4.37 -38.96 4.40
N SER G 178 3.44 -38.49 5.24
CA SER G 178 3.21 -37.05 5.35
C SER G 178 2.93 -36.65 6.80
N LYS G 179 2.65 -35.37 7.00
CA LYS G 179 2.22 -34.88 8.30
C LYS G 179 0.77 -35.26 8.55
N THR G 180 0.07 -35.64 7.48
CA THR G 180 -1.31 -36.06 7.57
C THR G 180 -1.45 -37.59 7.50
N SER G 181 -0.30 -38.28 7.50
CA SER G 181 -0.29 -39.74 7.39
C SER G 181 -0.36 -40.43 8.75
N PRO G 182 -1.32 -41.37 8.89
CA PRO G 182 -1.46 -42.23 10.08
C PRO G 182 -0.13 -42.81 10.56
N PRO G 183 -0.02 -43.11 11.87
CA PRO G 183 1.18 -43.70 12.46
C PRO G 183 1.63 -44.99 11.80
N VAL G 184 0.72 -45.67 11.10
CA VAL G 184 1.04 -46.92 10.42
C VAL G 184 1.87 -46.69 9.16
N VAL G 185 1.59 -45.58 8.49
CA VAL G 185 2.22 -45.26 7.20
C VAL G 185 3.74 -45.25 7.30
N ARG G 186 4.26 -44.53 8.29
CA ARG G 186 5.69 -44.46 8.52
C ARG G 186 6.28 -45.83 8.83
N GLU G 187 5.54 -46.64 9.59
CA GLU G 187 6.01 -47.96 9.98
C GLU G 187 6.09 -48.91 8.78
N ALA G 188 5.13 -48.80 7.88
CA ALA G 188 5.05 -49.69 6.72
C ALA G 188 6.25 -49.52 5.80
N TYR G 189 6.54 -48.28 5.42
CA TYR G 189 7.63 -47.95 4.51
C TYR G 189 8.98 -48.38 5.07
N LEU G 190 9.21 -48.11 6.35
CA LEU G 190 10.41 -48.55 7.03
C LEU G 190 10.55 -50.06 6.99
N SER G 191 9.47 -50.76 7.34
CA SER G 191 9.48 -52.22 7.38
C SER G 191 9.61 -52.79 5.98
N GLN G 192 9.02 -52.10 5.01
CA GLN G 192 9.08 -52.51 3.60
C GLN G 192 10.50 -52.41 3.07
N PHE G 193 11.09 -51.23 3.18
CA PHE G 193 12.45 -50.99 2.73
C PHE G 193 13.43 -51.88 3.47
N HIS G 194 13.13 -52.18 4.72
CA HIS G 194 13.96 -53.09 5.50
C HIS G 194 14.01 -54.45 4.82
N GLU G 195 12.85 -54.94 4.39
CA GLU G 195 12.74 -56.24 3.74
C GLU G 195 13.42 -56.25 2.37
N ASP G 196 13.16 -55.21 1.58
CA ASP G 196 13.64 -55.13 0.20
C ASP G 196 15.14 -54.95 0.12
N PHE G 197 15.68 -54.07 0.96
CA PHE G 197 17.11 -53.82 0.97
C PHE G 197 17.86 -55.07 1.44
N THR G 198 17.24 -55.84 2.34
CA THR G 198 17.84 -57.08 2.80
C THR G 198 17.96 -58.09 1.68
N MET G 199 16.91 -58.18 0.87
CA MET G 199 16.90 -59.03 -0.32
C MET G 199 18.03 -58.63 -1.25
N PHE G 200 18.17 -57.33 -1.48
CA PHE G 200 19.25 -56.78 -2.28
C PHE G 200 20.59 -57.22 -1.71
N LEU G 201 20.79 -56.96 -0.43
CA LEU G 201 22.03 -57.34 0.24
C LEU G 201 22.24 -58.86 0.20
N ASN G 202 21.17 -59.62 0.40
CA ASN G 202 21.27 -61.09 0.43
C ASN G 202 21.62 -61.67 -0.93
N ALA G 203 21.03 -61.12 -1.98
CA ALA G 203 21.31 -61.59 -3.34
C ALA G 203 22.73 -61.18 -3.71
N ARG G 204 23.11 -59.97 -3.33
CA ARG G 204 24.45 -59.48 -3.55
C ARG G 204 25.47 -60.23 -2.69
N SER G 205 25.00 -60.83 -1.59
CA SER G 205 25.86 -61.57 -0.67
C SER G 205 26.43 -62.84 -1.29
N GLN G 206 25.93 -63.20 -2.46
CA GLN G 206 26.35 -64.45 -3.10
C GLN G 206 27.02 -64.17 -4.45
N GLU G 207 26.71 -63.02 -5.03
CA GLU G 207 27.23 -62.67 -6.34
C GLU G 207 28.60 -61.97 -6.25
N VAL G 208 28.90 -61.40 -5.08
CA VAL G 208 30.13 -60.64 -4.89
C VAL G 208 31.24 -61.50 -4.29
N VAL G 209 32.42 -61.43 -4.92
CA VAL G 209 33.61 -62.10 -4.44
C VAL G 209 33.92 -61.71 -3.00
N PRO G 210 34.33 -62.70 -2.18
CA PRO G 210 34.76 -62.42 -0.80
C PRO G 210 35.83 -61.34 -0.74
N ASN G 211 35.72 -60.43 0.23
CA ASN G 211 36.59 -59.27 0.33
C ASN G 211 36.48 -58.39 -0.93
N GLY G 212 35.35 -58.51 -1.62
CA GLY G 212 35.03 -57.65 -2.74
C GLY G 212 34.42 -56.37 -2.20
N CYS G 213 34.04 -55.46 -3.09
CA CYS G 213 33.54 -54.17 -2.65
C CYS G 213 32.19 -53.79 -3.25
N MET G 214 31.49 -52.88 -2.58
CA MET G 214 30.19 -52.43 -3.02
C MET G 214 30.00 -50.95 -2.71
N VAL G 215 29.57 -50.18 -3.71
CA VAL G 215 29.39 -48.74 -3.54
C VAL G 215 27.96 -48.32 -3.86
N LEU G 216 27.20 -47.98 -2.82
CA LEU G 216 25.78 -47.68 -2.97
C LEU G 216 25.48 -46.21 -2.73
N ILE G 217 24.63 -45.63 -3.58
CA ILE G 217 24.18 -44.26 -3.40
C ILE G 217 22.66 -44.19 -3.56
N LEU G 218 22.00 -43.52 -2.62
CA LEU G 218 20.56 -43.42 -2.64
C LEU G 218 20.07 -42.14 -1.99
N ARG G 219 18.83 -41.77 -2.28
CA ARG G 219 18.19 -40.63 -1.65
C ARG G 219 17.90 -40.93 -0.19
N GLY G 220 18.11 -39.94 0.67
CA GLY G 220 17.85 -40.11 2.10
C GLY G 220 17.29 -38.86 2.74
N ARG G 221 17.58 -38.69 4.02
CA ARG G 221 17.08 -37.54 4.79
C ARG G 221 17.95 -37.31 6.02
N GLN G 222 18.00 -36.06 6.48
CA GLN G 222 18.83 -35.71 7.63
C GLN G 222 18.06 -35.87 8.93
N SER G 223 16.81 -35.41 8.92
CA SER G 223 15.93 -35.55 10.07
C SER G 223 15.57 -37.01 10.31
N SER G 224 15.02 -37.30 11.50
CA SER G 224 14.60 -38.65 11.83
C SER G 224 13.10 -38.80 11.63
N ASP G 225 12.51 -37.85 10.93
CA ASP G 225 11.07 -37.83 10.67
C ASP G 225 10.80 -37.86 9.18
N PRO G 226 10.26 -38.99 8.69
CA PRO G 226 9.95 -39.18 7.27
C PRO G 226 8.94 -38.19 6.72
N SER G 227 8.27 -37.45 7.60
CA SER G 227 7.26 -36.50 7.17
C SER G 227 7.82 -35.09 7.06
N ASP G 228 9.03 -34.89 7.58
CA ASP G 228 9.69 -33.59 7.50
C ASP G 228 9.83 -33.18 6.03
N MET G 229 9.43 -31.95 5.73
CA MET G 229 9.33 -31.46 4.36
C MET G 229 10.60 -31.68 3.54
N GLN G 230 11.74 -31.79 4.22
CA GLN G 230 13.02 -31.99 3.57
C GLN G 230 13.17 -33.39 2.97
N SER G 231 12.43 -34.36 3.48
CA SER G 231 12.59 -35.75 3.04
C SER G 231 11.66 -36.09 1.88
N CYS G 232 10.48 -35.48 1.86
CA CYS G 232 9.43 -35.95 0.98
C CYS G 232 8.74 -34.86 0.16
N PHE G 233 9.44 -33.75 -0.08
CA PHE G 233 8.82 -32.64 -0.81
C PHE G 233 8.42 -33.06 -2.23
N ILE G 234 9.17 -33.96 -2.84
CA ILE G 234 8.83 -34.45 -4.16
C ILE G 234 7.46 -35.10 -4.18
N TRP G 235 7.27 -36.09 -3.31
CA TRP G 235 6.02 -36.83 -3.26
C TRP G 235 4.90 -35.98 -2.67
N GLU G 236 5.24 -35.12 -1.72
CA GLU G 236 4.26 -34.25 -1.08
C GLU G 236 3.67 -33.28 -2.10
N LEU G 237 4.54 -32.58 -2.82
CA LEU G 237 4.11 -31.64 -3.86
C LEU G 237 3.31 -32.34 -4.93
N LEU G 238 3.79 -33.51 -5.37
CA LEU G 238 3.08 -34.31 -6.35
C LEU G 238 1.67 -34.66 -5.85
N ALA G 239 1.56 -35.00 -4.57
CA ALA G 239 0.27 -35.32 -3.97
C ALA G 239 -0.65 -34.11 -3.96
N ILE G 240 -0.07 -32.93 -3.79
CA ILE G 240 -0.85 -31.69 -3.81
C ILE G 240 -1.35 -31.42 -5.22
N ALA G 241 -0.53 -31.73 -6.22
CA ALA G 241 -0.91 -31.53 -7.62
C ALA G 241 -2.02 -32.49 -8.03
N ILE G 242 -1.91 -33.75 -7.61
CA ILE G 242 -2.94 -34.74 -7.90
C ILE G 242 -4.26 -34.37 -7.27
N ALA G 243 -4.22 -34.00 -5.98
CA ALA G 243 -5.41 -33.61 -5.24
C ALA G 243 -6.09 -32.39 -5.89
N GLU G 244 -5.27 -31.50 -6.45
CA GLU G 244 -5.80 -30.34 -7.16
C GLU G 244 -6.58 -30.76 -8.39
N LEU G 245 -6.07 -31.74 -9.12
CA LEU G 245 -6.73 -32.24 -10.31
C LEU G 245 -8.03 -32.95 -9.95
N VAL G 246 -8.08 -33.52 -8.74
CA VAL G 246 -9.29 -34.18 -8.27
C VAL G 246 -10.37 -33.17 -7.94
N SER G 247 -9.98 -32.09 -7.26
CA SER G 247 -10.92 -31.01 -6.95
C SER G 247 -11.50 -30.44 -8.23
N GLN G 248 -10.71 -30.44 -9.30
CA GLN G 248 -11.18 -30.00 -10.60
C GLN G 248 -12.08 -31.05 -11.24
N GLY G 249 -12.01 -32.27 -10.73
CA GLY G 249 -12.84 -33.36 -11.22
C GLY G 249 -12.17 -34.13 -12.35
N LEU G 250 -10.87 -33.91 -12.53
CA LEU G 250 -10.12 -34.54 -13.59
C LEU G 250 -9.72 -35.97 -13.23
N ILE G 251 -9.49 -36.21 -11.95
CA ILE G 251 -9.07 -37.52 -11.47
C ILE G 251 -10.01 -38.03 -10.37
N ASP G 252 -10.35 -39.31 -10.44
CA ASP G 252 -11.11 -39.96 -9.38
C ASP G 252 -10.28 -40.02 -8.10
N GLU G 253 -10.87 -39.63 -6.97
CA GLU G 253 -10.10 -39.51 -5.72
C GLU G 253 -9.88 -40.83 -5.00
N ASP G 254 -10.56 -41.88 -5.43
CA ASP G 254 -10.30 -43.20 -4.85
C ASP G 254 -8.88 -43.62 -5.24
N LYS G 255 -8.41 -43.10 -6.37
CA LYS G 255 -7.08 -43.43 -6.87
C LYS G 255 -5.96 -42.79 -6.04
N LEU G 256 -6.12 -41.52 -5.67
CA LEU G 256 -5.12 -40.82 -4.85
C LEU G 256 -4.88 -41.55 -3.52
N ASP G 257 -5.98 -41.85 -2.82
CA ASP G 257 -5.90 -42.46 -1.50
C ASP G 257 -5.23 -43.83 -1.54
N THR G 258 -5.80 -44.73 -2.32
CA THR G 258 -5.29 -46.10 -2.41
C THR G 258 -3.86 -46.15 -2.94
N PHE G 259 -3.53 -45.26 -3.89
CA PHE G 259 -2.20 -45.28 -4.48
C PHE G 259 -1.16 -44.72 -3.53
N ASN G 260 -0.05 -45.46 -3.41
CA ASN G 260 1.11 -45.02 -2.66
C ASN G 260 2.36 -45.36 -3.45
N ILE G 261 3.41 -44.56 -3.29
CA ILE G 261 4.63 -44.72 -4.07
C ILE G 261 5.57 -45.79 -3.50
N PRO G 262 5.98 -46.74 -4.35
CA PRO G 262 6.89 -47.82 -3.97
C PRO G 262 8.33 -47.35 -3.80
N CYS G 263 8.51 -46.22 -3.14
CA CYS G 263 9.83 -45.65 -2.93
C CYS G 263 9.93 -45.07 -1.53
N TYR G 264 11.07 -45.28 -0.87
CA TYR G 264 11.25 -44.82 0.49
C TYR G 264 12.65 -44.28 0.72
N PHE G 265 12.72 -43.10 1.33
CA PHE G 265 14.00 -42.46 1.61
C PHE G 265 14.34 -42.60 3.09
N PRO G 266 15.33 -43.44 3.40
CA PRO G 266 15.69 -43.76 4.78
C PRO G 266 16.64 -42.76 5.42
N SER G 267 16.97 -43.00 6.68
CA SER G 267 17.97 -42.21 7.39
C SER G 267 19.23 -43.04 7.62
N LEU G 268 20.31 -42.36 7.99
CA LEU G 268 21.61 -43.00 8.21
C LEU G 268 21.52 -44.14 9.24
N GLU G 269 20.85 -43.90 10.35
CA GLU G 269 20.72 -44.90 11.40
C GLU G 269 19.95 -46.12 10.92
N GLU G 270 18.88 -45.89 10.15
CA GLU G 270 18.07 -46.97 9.61
C GLU G 270 18.89 -47.83 8.65
N VAL G 271 19.52 -47.18 7.68
CA VAL G 271 20.39 -47.85 6.71
C VAL G 271 21.45 -48.69 7.39
N LYS G 272 22.08 -48.11 8.41
CA LYS G 272 23.10 -48.80 9.18
C LYS G 272 22.55 -50.07 9.84
N ASP G 273 21.35 -49.96 10.40
CA ASP G 273 20.71 -51.09 11.07
C ASP G 273 20.41 -52.24 10.09
N ILE G 274 19.83 -51.89 8.94
CA ILE G 274 19.48 -52.90 7.95
C ILE G 274 20.73 -53.61 7.40
N VAL G 275 21.84 -52.88 7.31
CA VAL G 275 23.09 -53.46 6.80
C VAL G 275 23.75 -54.36 7.85
N GLU G 276 23.66 -53.98 9.12
CA GLU G 276 24.31 -54.73 10.19
C GLU G 276 23.69 -56.12 10.43
N ARG G 277 22.36 -56.16 10.54
CA ARG G 277 21.64 -57.40 10.85
C ARG G 277 21.95 -58.50 9.85
N ASP G 278 21.84 -58.17 8.57
CA ASP G 278 22.32 -59.04 7.50
C ASP G 278 23.84 -58.96 7.49
N GLY G 279 24.49 -59.90 8.18
CA GLY G 279 25.92 -59.80 8.42
C GLY G 279 26.84 -60.17 7.28
N SER G 280 26.38 -59.99 6.04
CA SER G 280 27.20 -60.37 4.88
C SER G 280 28.14 -59.25 4.42
N PHE G 281 27.81 -58.01 4.76
CA PHE G 281 28.66 -56.89 4.38
C PHE G 281 29.04 -56.02 5.56
N THR G 282 30.26 -55.52 5.57
CA THR G 282 30.69 -54.58 6.59
C THR G 282 30.79 -53.18 5.99
N ILE G 283 30.43 -52.18 6.79
CA ILE G 283 30.42 -50.80 6.32
C ILE G 283 31.81 -50.18 6.42
N ASP G 284 32.51 -50.14 5.29
CA ASP G 284 33.82 -49.50 5.22
C ASP G 284 33.69 -48.00 5.42
N HIS G 285 32.58 -47.45 4.93
CA HIS G 285 32.34 -46.01 5.02
C HIS G 285 30.88 -45.68 4.72
N MET G 286 30.34 -44.69 5.43
CA MET G 286 28.96 -44.29 5.24
C MET G 286 28.71 -42.86 5.69
N GLU G 287 28.29 -42.00 4.76
CA GLU G 287 28.06 -40.61 5.07
C GLU G 287 26.91 -40.06 4.22
N GLY G 288 26.26 -39.01 4.72
CA GLY G 288 25.20 -38.37 3.99
C GLY G 288 25.50 -36.91 3.71
N PHE G 289 25.03 -36.43 2.55
CA PHE G 289 25.21 -35.04 2.19
C PHE G 289 24.00 -34.52 1.43
N GLU G 290 23.85 -33.20 1.40
CA GLU G 290 22.70 -32.61 0.73
C GLU G 290 23.10 -31.51 -0.24
N LEU G 291 22.43 -31.49 -1.39
CA LEU G 291 22.69 -30.52 -2.44
C LEU G 291 21.39 -29.79 -2.78
N ASP G 292 21.48 -28.65 -3.45
CA ASP G 292 20.31 -27.88 -3.84
C ASP G 292 19.39 -28.72 -4.73
N SER G 293 18.08 -28.70 -4.41
CA SER G 293 17.11 -29.47 -5.19
C SER G 293 17.07 -28.98 -6.63
N LEU G 294 17.14 -27.66 -6.80
CA LEU G 294 17.18 -27.05 -8.12
C LEU G 294 18.43 -26.19 -8.27
N GLN G 295 18.69 -25.75 -9.50
CA GLN G 295 19.79 -24.86 -9.78
C GLN G 295 19.24 -23.59 -10.44
N MET G 296 19.09 -22.42 -9.79
CA MET G 296 19.49 -21.89 -8.45
C MET G 296 20.63 -20.91 -8.72
N GLN G 297 21.33 -21.12 -9.82
CA GLN G 297 22.17 -20.09 -10.40
C GLN G 297 21.33 -19.29 -11.40
N GLU G 298 20.36 -19.98 -11.99
CA GLU G 298 19.34 -19.35 -12.82
C GLU G 298 18.42 -18.50 -11.94
N ASN G 299 18.04 -17.33 -12.47
CA ASN G 299 17.21 -16.40 -11.71
C ASN G 299 15.76 -16.40 -12.19
N ASP G 300 15.56 -16.84 -13.43
CA ASP G 300 14.21 -16.96 -13.97
C ASP G 300 13.47 -18.10 -13.27
N LYS G 301 12.72 -17.75 -12.23
CA LYS G 301 12.06 -18.71 -11.37
C LYS G 301 11.11 -19.65 -12.12
N TRP G 302 10.52 -19.17 -13.21
CA TRP G 302 9.61 -19.98 -14.02
C TRP G 302 10.37 -20.91 -14.95
N VAL G 303 11.68 -20.70 -15.06
CA VAL G 303 12.54 -21.57 -15.85
C VAL G 303 13.23 -22.56 -14.92
N ARG G 304 13.58 -22.06 -13.73
CA ARG G 304 14.20 -22.86 -12.69
C ARG G 304 13.36 -24.07 -12.30
N GLY G 305 12.06 -23.84 -12.19
CA GLY G 305 11.13 -24.89 -11.82
C GLY G 305 10.97 -25.90 -12.93
N GLU G 306 10.99 -25.44 -14.18
CA GLU G 306 10.86 -26.32 -15.32
C GLU G 306 12.04 -27.27 -15.43
N LYS G 307 13.22 -26.82 -14.99
CA LYS G 307 14.38 -27.69 -14.96
C LYS G 307 14.19 -28.74 -13.87
N PHE G 308 13.38 -28.39 -12.88
CA PHE G 308 13.09 -29.31 -11.78
C PHE G 308 11.82 -30.10 -12.04
N ALA G 309 10.90 -29.52 -12.80
CA ALA G 309 9.64 -30.20 -13.11
C ALA G 309 9.86 -31.30 -14.14
N LYS G 310 10.70 -31.01 -15.13
CA LYS G 310 11.00 -31.98 -16.18
C LYS G 310 11.81 -33.15 -15.63
N ILE G 311 12.74 -32.86 -14.72
CA ILE G 311 13.58 -33.92 -14.17
C ILE G 311 12.78 -34.80 -13.21
N VAL G 312 11.81 -34.21 -12.50
CA VAL G 312 10.92 -34.98 -11.65
C VAL G 312 10.00 -35.84 -12.53
N ARG G 313 9.59 -35.28 -13.65
CA ARG G 313 8.76 -36.02 -14.60
C ARG G 313 9.53 -37.18 -15.18
N ALA G 314 10.85 -37.05 -15.25
CA ALA G 314 11.70 -38.08 -15.83
C ALA G 314 11.67 -39.36 -15.00
N PHE G 315 11.81 -39.24 -13.69
CA PHE G 315 11.87 -40.43 -12.85
C PHE G 315 10.55 -40.76 -12.15
N THR G 316 9.46 -40.09 -12.56
CA THR G 316 8.16 -40.38 -11.96
C THR G 316 7.03 -40.67 -12.94
N GLU G 317 7.09 -40.10 -14.15
CA GLU G 317 5.97 -40.22 -15.09
C GLU G 317 5.50 -41.66 -15.30
N PRO G 318 6.40 -42.59 -15.68
CA PRO G 318 5.91 -43.95 -15.94
C PRO G 318 5.17 -44.59 -14.76
N ILE G 319 5.69 -44.49 -13.54
CA ILE G 319 5.06 -45.14 -12.40
C ILE G 319 3.75 -44.43 -12.02
N ILE G 320 3.70 -43.12 -12.21
CA ILE G 320 2.49 -42.37 -11.90
C ILE G 320 1.47 -42.48 -13.04
N SER G 321 1.95 -42.47 -14.29
CA SER G 321 1.06 -42.60 -15.45
C SER G 321 0.34 -43.93 -15.46
N ASN G 322 0.93 -44.95 -14.84
CA ASN G 322 0.30 -46.26 -14.74
C ASN G 322 -1.01 -46.17 -13.98
N GLN G 323 -1.00 -45.44 -12.88
CA GLN G 323 -2.15 -45.42 -11.97
C GLN G 323 -3.23 -44.41 -12.39
N PHE G 324 -2.81 -43.32 -13.03
CA PHE G 324 -3.74 -42.25 -13.36
C PHE G 324 -3.94 -42.05 -14.87
N GLY G 325 -3.21 -42.82 -15.67
CA GLY G 325 -3.35 -42.74 -17.11
C GLY G 325 -2.43 -41.73 -17.74
N HIS G 326 -2.06 -41.95 -19.00
CA HIS G 326 -1.20 -41.03 -19.74
C HIS G 326 -1.93 -39.73 -20.08
N GLU G 327 -3.25 -39.79 -20.12
CA GLU G 327 -4.07 -38.68 -20.61
C GLU G 327 -3.95 -37.40 -19.78
N ILE G 328 -3.76 -37.55 -18.48
CA ILE G 328 -3.81 -36.41 -17.56
C ILE G 328 -2.41 -35.97 -17.12
N MET G 329 -1.38 -36.57 -17.71
CA MET G 329 0.00 -36.31 -17.30
C MET G 329 0.43 -34.87 -17.57
N ASP G 330 0.11 -34.37 -18.74
CA ASP G 330 0.50 -33.00 -19.12
C ASP G 330 -0.11 -31.97 -18.19
N LYS G 331 -1.33 -32.25 -17.71
CA LYS G 331 -2.03 -31.34 -16.82
C LYS G 331 -1.45 -31.42 -15.41
N LEU G 332 -1.01 -32.62 -15.03
CA LEU G 332 -0.46 -32.86 -13.70
C LEU G 332 0.86 -32.13 -13.47
N TYR G 333 1.85 -32.43 -14.29
CA TYR G 333 3.19 -31.88 -14.11
C TYR G 333 3.23 -30.38 -14.40
N ASP G 334 2.17 -29.85 -15.00
CA ASP G 334 2.05 -28.42 -15.18
C ASP G 334 1.63 -27.77 -13.87
N LYS G 335 0.66 -28.37 -13.20
CA LYS G 335 0.19 -27.88 -11.91
C LYS G 335 1.26 -28.14 -10.84
N PHE G 336 2.01 -29.21 -11.00
CA PHE G 336 3.16 -29.48 -10.14
C PHE G 336 4.19 -28.36 -10.29
N THR G 337 4.43 -27.96 -11.54
CA THR G 337 5.37 -26.89 -11.81
C THR G 337 4.85 -25.56 -11.26
N HIS G 338 3.55 -25.33 -11.41
CA HIS G 338 2.91 -24.12 -10.93
C HIS G 338 3.04 -23.97 -9.42
N ILE G 339 2.96 -25.09 -8.71
CA ILE G 339 3.06 -25.11 -7.25
C ILE G 339 4.48 -24.73 -6.80
N VAL G 340 5.49 -25.26 -7.47
CA VAL G 340 6.88 -24.96 -7.11
C VAL G 340 7.25 -23.53 -7.45
N VAL G 341 6.82 -23.07 -8.62
CA VAL G 341 7.22 -21.75 -9.12
C VAL G 341 6.54 -20.61 -8.37
N SER G 342 5.26 -20.76 -8.05
CA SER G 342 4.50 -19.68 -7.44
C SER G 342 4.31 -19.85 -5.93
N ASP G 343 3.81 -21.01 -5.51
CA ASP G 343 3.53 -21.24 -4.10
C ASP G 343 4.79 -21.27 -3.24
N LEU G 344 5.82 -21.98 -3.71
CA LEU G 344 7.08 -22.05 -2.97
C LEU G 344 8.11 -21.07 -3.51
N GLU G 345 7.71 -20.29 -4.52
CA GLU G 345 8.56 -19.27 -5.13
C GLU G 345 9.90 -19.83 -5.58
N ALA G 346 9.87 -21.00 -6.22
CA ALA G 346 11.06 -21.66 -6.74
C ALA G 346 12.11 -21.88 -5.65
N LYS G 347 11.68 -22.39 -4.51
CA LYS G 347 12.57 -22.70 -3.40
C LYS G 347 12.16 -23.99 -2.72
N LEU G 348 13.11 -24.90 -2.56
CA LEU G 348 12.86 -26.22 -1.98
C LEU G 348 13.92 -26.59 -0.96
N PRO G 349 13.61 -27.51 -0.04
CA PRO G 349 14.63 -27.99 0.89
C PRO G 349 15.80 -28.68 0.19
N LYS G 350 16.96 -28.69 0.84
CA LYS G 350 18.13 -29.38 0.30
C LYS G 350 17.87 -30.89 0.19
N THR G 351 18.39 -31.50 -0.87
CA THR G 351 18.18 -32.92 -1.12
C THR G 351 19.32 -33.81 -0.61
N THR G 352 19.04 -34.59 0.42
CA THR G 352 20.06 -35.43 1.05
C THR G 352 20.31 -36.73 0.29
N SER G 353 21.57 -37.10 0.17
CA SER G 353 21.97 -38.35 -0.47
C SER G 353 22.93 -39.15 0.41
N ILE G 354 22.77 -40.46 0.41
CA ILE G 354 23.54 -41.32 1.30
C ILE G 354 24.58 -42.14 0.53
N ILE G 355 25.83 -42.07 0.98
CA ILE G 355 26.89 -42.88 0.38
C ILE G 355 27.13 -44.11 1.25
N LEU G 356 27.26 -45.26 0.61
CA LEU G 356 27.48 -46.51 1.32
C LEU G 356 28.58 -47.33 0.65
N VAL G 357 29.67 -47.54 1.37
CA VAL G 357 30.76 -48.35 0.86
C VAL G 357 30.90 -49.64 1.66
N LEU G 358 30.63 -50.76 1.01
CA LEU G 358 30.64 -52.05 1.68
C LEU G 358 31.78 -52.95 1.20
N SER G 359 32.17 -53.87 2.07
CA SER G 359 33.07 -54.95 1.70
C SER G 359 32.50 -56.27 2.21
N LYS G 360 32.50 -57.29 1.37
CA LYS G 360 31.98 -58.60 1.77
C LYS G 360 32.89 -59.22 2.82
N ILE G 361 32.28 -59.74 3.89
CA ILE G 361 33.05 -60.33 4.97
C ILE G 361 33.25 -61.83 4.73
N VAL G 362 34.50 -62.28 4.84
CA VAL G 362 34.86 -63.66 4.55
C VAL G 362 34.45 -64.61 5.68
N VAL H 2 -34.58 16.20 -0.78
CA VAL H 2 -35.39 15.01 -0.60
C VAL H 2 -35.65 14.73 0.87
N LYS H 3 -34.57 14.65 1.65
CA LYS H 3 -34.68 14.38 3.08
C LYS H 3 -35.62 15.35 3.78
N GLU H 4 -35.73 16.56 3.23
CA GLU H 4 -36.62 17.57 3.78
C GLU H 4 -37.96 17.59 3.03
N VAL H 5 -38.01 16.89 1.90
CA VAL H 5 -39.20 16.94 1.05
C VAL H 5 -39.87 15.58 0.91
N LEU H 6 -39.18 14.51 1.30
CA LEU H 6 -39.73 13.16 1.16
C LEU H 6 -40.44 12.69 2.42
N PHE H 7 -41.69 12.28 2.23
CA PHE H 7 -42.53 11.72 3.28
C PHE H 7 -43.79 11.20 2.62
N MET H 8 -44.45 10.21 3.24
CA MET H 8 -45.73 9.73 2.71
C MET H 8 -46.81 10.79 2.92
N ASN H 9 -47.97 10.56 2.33
CA ASN H 9 -49.07 11.51 2.43
C ASN H 9 -49.50 11.68 3.88
N THR H 10 -49.27 12.87 4.41
CA THR H 10 -49.54 13.16 5.82
C THR H 10 -51.04 13.24 6.11
N GLY H 11 -51.46 12.58 7.19
CA GLY H 11 -52.83 12.67 7.65
C GLY H 11 -53.62 11.37 7.68
N GLU H 12 -54.91 11.50 7.96
CA GLU H 12 -55.80 10.34 8.03
C GLU H 12 -57.08 10.56 7.24
N GLY H 13 -56.94 10.68 5.93
CA GLY H 13 -58.08 10.85 5.05
C GLY H 13 -58.12 9.76 3.99
N GLU H 14 -59.00 9.92 3.01
CA GLU H 14 -59.10 8.97 1.90
C GLU H 14 -57.80 8.99 1.09
N SER H 15 -57.25 10.18 0.92
CA SER H 15 -55.96 10.35 0.28
C SER H 15 -54.86 10.43 1.34
N SER H 16 -54.66 9.34 2.07
CA SER H 16 -53.63 9.26 3.09
C SER H 16 -52.98 7.88 3.08
N TYR H 17 -51.92 7.70 3.85
CA TYR H 17 -51.23 6.42 3.87
C TYR H 17 -51.75 5.49 4.98
N VAL H 18 -52.34 6.07 6.02
CA VAL H 18 -52.90 5.25 7.11
C VAL H 18 -54.10 4.46 6.60
N GLN H 19 -54.86 5.04 5.70
CA GLN H 19 -56.06 4.40 5.15
C GLN H 19 -55.72 3.63 3.88
N ASN H 20 -54.67 4.07 3.19
CA ASN H 20 -54.18 3.37 2.01
C ASN H 20 -52.81 2.74 2.24
N SER H 21 -52.82 1.54 2.82
CA SER H 21 -51.61 0.76 2.99
C SER H 21 -51.98 -0.71 2.88
N SER H 22 -52.75 -1.02 1.84
CA SER H 22 -53.38 -2.33 1.68
C SER H 22 -52.41 -3.40 1.22
N PHE H 23 -51.46 -3.02 0.36
CA PHE H 23 -50.57 -3.98 -0.29
C PHE H 23 -49.25 -4.17 0.47
N THR H 24 -48.69 -3.08 0.99
CA THR H 24 -47.43 -3.14 1.74
C THR H 24 -47.61 -4.04 2.97
N GLU H 25 -48.82 -4.00 3.51
CA GLU H 25 -49.17 -4.78 4.67
C GLU H 25 -49.29 -6.26 4.29
N LYS H 26 -49.47 -6.55 2.99
CA LYS H 26 -49.45 -7.93 2.51
C LYS H 26 -48.01 -8.41 2.38
N VAL H 27 -47.11 -7.48 2.11
CA VAL H 27 -45.67 -7.75 2.09
C VAL H 27 -45.21 -7.99 3.52
N ALA H 28 -45.82 -7.26 4.45
CA ALA H 28 -45.58 -7.45 5.88
C ALA H 28 -45.92 -8.88 6.27
N SER H 29 -46.97 -9.43 5.65
CA SER H 29 -47.36 -10.81 5.89
C SER H 29 -46.28 -11.79 5.43
N MET H 30 -45.81 -11.61 4.20
CA MET H 30 -44.82 -12.51 3.62
C MET H 30 -43.43 -12.34 4.26
N ALA H 31 -43.29 -11.31 5.07
CA ALA H 31 -42.03 -11.03 5.74
C ALA H 31 -42.16 -11.20 7.25
N MET H 32 -43.40 -11.40 7.71
CA MET H 32 -43.68 -11.59 9.13
C MET H 32 -43.00 -12.82 9.75
N PRO H 33 -43.04 -13.99 9.06
CA PRO H 33 -42.38 -15.13 9.70
C PRO H 33 -40.86 -15.01 9.74
N ALA H 34 -40.30 -14.13 8.90
CA ALA H 34 -38.87 -13.87 8.90
C ALA H 34 -38.48 -13.27 10.25
N LEU H 35 -39.31 -12.35 10.74
CA LEU H 35 -39.17 -11.80 12.08
C LEU H 35 -39.13 -12.93 13.11
N GLU H 36 -40.23 -13.68 13.20
CA GLU H 36 -40.34 -14.84 14.08
C GLU H 36 -39.10 -15.73 14.00
N ASN H 37 -38.58 -15.90 12.79
CA ASN H 37 -37.35 -16.65 12.58
C ASN H 37 -36.12 -15.89 13.05
N ALA H 38 -36.04 -14.61 12.68
CA ALA H 38 -34.88 -13.78 13.03
C ALA H 38 -34.88 -13.37 14.49
N VAL H 39 -36.07 -13.19 15.06
CA VAL H 39 -36.20 -12.87 16.48
C VAL H 39 -35.73 -14.06 17.31
N GLU H 40 -35.99 -15.26 16.80
CA GLU H 40 -35.58 -16.49 17.47
C GLU H 40 -34.06 -16.58 17.62
N THR H 41 -33.32 -16.01 16.67
CA THR H 41 -31.87 -16.05 16.69
C THR H 41 -31.31 -15.12 17.77
N LEU H 42 -32.05 -14.06 18.06
CA LEU H 42 -31.67 -13.11 19.11
C LEU H 42 -31.60 -13.84 20.45
N PHE H 43 -32.56 -14.72 20.68
CA PHE H 43 -32.59 -15.54 21.89
C PHE H 43 -31.60 -16.68 21.76
N SER H 44 -31.33 -17.10 20.52
CA SER H 44 -30.34 -18.15 20.26
C SER H 44 -28.93 -17.60 20.45
N LYS H 45 -28.73 -16.35 20.03
CA LYS H 45 -27.45 -15.67 20.23
C LYS H 45 -27.19 -15.47 21.73
N ASP H 46 -28.28 -15.36 22.50
CA ASP H 46 -28.25 -15.34 23.96
C ASP H 46 -27.50 -14.16 24.58
N PHE H 47 -26.65 -13.50 23.79
CA PHE H 47 -25.98 -12.30 24.27
C PHE H 47 -26.97 -11.15 24.38
N HIS H 48 -28.10 -11.29 23.69
CA HIS H 48 -29.14 -10.27 23.68
C HIS H 48 -30.24 -10.61 24.67
N LEU H 49 -30.09 -11.76 25.34
CA LEU H 49 -31.02 -12.18 26.38
C LEU H 49 -31.10 -11.16 27.52
N PHE H 50 -29.94 -10.72 27.97
CA PHE H 50 -29.84 -9.76 29.07
C PHE H 50 -29.42 -8.38 28.56
N GLN H 51 -30.19 -7.36 28.90
CA GLN H 51 -31.38 -7.52 29.72
C GLN H 51 -32.60 -6.90 29.03
N ALA H 52 -32.34 -6.01 28.08
CA ALA H 52 -33.40 -5.35 27.32
C ALA H 52 -33.01 -5.27 25.86
N ILE H 53 -33.97 -5.54 24.97
CA ILE H 53 -33.71 -5.56 23.53
C ILE H 53 -34.19 -4.30 22.84
N ASN H 54 -33.33 -3.70 22.02
CA ASN H 54 -33.68 -2.50 21.27
C ASN H 54 -33.93 -2.80 19.80
N ALA H 55 -35.16 -2.57 19.36
CA ALA H 55 -35.52 -2.77 17.96
C ALA H 55 -35.81 -1.42 17.30
N ALA H 56 -35.34 -1.25 16.07
CA ALA H 56 -35.54 0.01 15.35
C ALA H 56 -36.24 -0.21 14.01
N ASP H 57 -37.49 0.23 13.92
CA ASP H 57 -38.24 0.17 12.67
C ASP H 57 -37.96 1.42 11.84
N LEU H 58 -37.03 1.29 10.91
CA LEU H 58 -36.61 2.42 10.08
C LEU H 58 -37.53 2.56 8.87
N GLY H 59 -38.42 3.55 8.92
CA GLY H 59 -39.43 3.72 7.90
C GLY H 59 -40.78 3.27 8.41
N CYS H 60 -41.44 4.11 9.20
CA CYS H 60 -42.69 3.72 9.87
C CYS H 60 -43.90 4.46 9.31
N ALA H 61 -43.65 5.42 8.43
CA ALA H 61 -44.71 6.23 7.81
C ALA H 61 -45.67 6.78 8.86
N THR H 62 -46.95 6.63 8.60
CA THR H 62 -47.99 7.00 9.55
C THR H 62 -48.94 5.82 9.67
N GLY H 63 -48.89 4.95 8.67
CA GLY H 63 -49.80 3.83 8.55
C GLY H 63 -49.73 2.77 9.65
N PRO H 64 -50.55 1.72 9.52
CA PRO H 64 -50.70 0.66 10.52
C PRO H 64 -49.67 -0.46 10.42
N ASN H 65 -49.04 -0.63 9.26
CA ASN H 65 -48.16 -1.78 9.02
C ASN H 65 -46.91 -1.77 9.90
N THR H 66 -46.61 -0.62 10.50
CA THR H 66 -45.48 -0.49 11.42
C THR H 66 -45.84 -0.88 12.85
N PHE H 67 -47.13 -1.06 13.11
CA PHE H 67 -47.57 -1.55 14.40
C PHE H 67 -47.57 -3.07 14.37
N ALA H 68 -47.60 -3.62 13.15
CA ALA H 68 -47.56 -5.05 12.96
C ALA H 68 -46.20 -5.61 13.42
N VAL H 69 -45.11 -5.02 12.94
CA VAL H 69 -43.77 -5.52 13.23
C VAL H 69 -43.46 -5.54 14.73
N ILE H 70 -43.80 -4.46 15.44
CA ILE H 70 -43.55 -4.38 16.87
C ILE H 70 -44.28 -5.50 17.62
N SER H 71 -45.52 -5.77 17.18
CA SER H 71 -46.36 -6.76 17.84
C SER H 71 -45.78 -8.18 17.70
N THR H 72 -45.39 -8.56 16.49
CA THR H 72 -44.81 -9.89 16.28
C THR H 72 -43.44 -10.03 16.96
N ILE H 73 -42.77 -8.89 17.17
CA ILE H 73 -41.53 -8.91 17.93
C ILE H 73 -41.82 -9.28 19.38
N LYS H 74 -42.68 -8.49 20.02
CA LYS H 74 -43.01 -8.69 21.43
C LYS H 74 -43.71 -10.02 21.69
N ARG H 75 -44.58 -10.42 20.75
CA ARG H 75 -45.33 -11.67 20.89
C ARG H 75 -44.39 -12.88 20.86
N MET H 76 -43.51 -12.92 19.88
CA MET H 76 -42.50 -13.97 19.79
C MET H 76 -41.54 -13.86 20.97
N MET H 77 -41.35 -12.62 21.44
CA MET H 77 -40.53 -12.35 22.61
C MET H 77 -41.25 -12.78 23.88
N GLU H 78 -42.57 -12.65 23.88
CA GLU H 78 -43.38 -13.01 25.04
C GLU H 78 -43.29 -14.50 25.35
N LYS H 79 -43.28 -15.32 24.32
CA LYS H 79 -43.20 -16.76 24.49
C LYS H 79 -41.85 -17.19 25.08
N LYS H 80 -40.79 -16.50 24.68
CA LYS H 80 -39.45 -16.85 25.14
C LYS H 80 -39.25 -16.43 26.60
N CYS H 81 -40.12 -15.56 27.10
CA CYS H 81 -40.11 -15.18 28.50
C CYS H 81 -40.62 -16.34 29.35
N ARG H 82 -41.47 -17.17 28.75
CA ARG H 82 -42.03 -18.34 29.43
C ARG H 82 -41.01 -19.48 29.43
N GLU H 83 -40.29 -19.63 28.32
CA GLU H 83 -39.27 -20.66 28.22
C GLU H 83 -38.12 -20.38 29.18
N LEU H 84 -37.81 -19.10 29.38
CA LEU H 84 -36.76 -18.72 30.31
C LEU H 84 -37.32 -18.49 31.70
N ASN H 85 -36.45 -18.13 32.65
CA ASN H 85 -36.84 -18.05 34.05
C ASN H 85 -37.40 -16.70 34.48
N CYS H 86 -36.87 -15.63 33.89
CA CYS H 86 -37.20 -14.28 34.34
C CYS H 86 -38.12 -13.55 33.37
N GLN H 87 -39.05 -12.78 33.93
CA GLN H 87 -39.91 -11.91 33.14
C GLN H 87 -39.31 -10.51 33.09
N THR H 88 -38.05 -10.40 33.46
CA THR H 88 -37.38 -9.11 33.57
C THR H 88 -37.07 -8.48 32.22
N LEU H 89 -37.00 -9.31 31.18
CA LEU H 89 -36.67 -8.84 29.83
C LEU H 89 -37.59 -7.72 29.37
N GLU H 90 -37.01 -6.67 28.82
CA GLU H 90 -37.78 -5.49 28.41
C GLU H 90 -37.57 -5.19 26.92
N LEU H 91 -38.57 -4.58 26.30
CA LEU H 91 -38.50 -4.25 24.88
C LEU H 91 -38.59 -2.75 24.61
N GLN H 92 -37.55 -2.20 23.99
CA GLN H 92 -37.55 -0.80 23.57
C GLN H 92 -37.53 -0.70 22.06
N VAL H 93 -38.58 -0.10 21.50
CA VAL H 93 -38.69 0.00 20.04
C VAL H 93 -38.51 1.44 19.59
N TYR H 94 -37.86 1.62 18.44
CA TYR H 94 -37.67 2.95 17.87
C TYR H 94 -38.42 3.09 16.55
N MET H 95 -39.32 4.06 16.48
CA MET H 95 -40.06 4.35 15.25
C MET H 95 -39.35 5.44 14.47
N ASN H 96 -38.82 5.08 13.31
CA ASN H 96 -37.99 5.99 12.54
C ASN H 96 -38.59 6.36 11.20
N ASP H 97 -38.53 7.64 10.87
CA ASP H 97 -38.95 8.14 9.58
C ASP H 97 -38.40 9.56 9.37
N LEU H 98 -38.47 10.04 8.13
CA LEU H 98 -37.97 11.36 7.80
C LEU H 98 -38.71 12.47 8.56
N PHE H 99 -38.03 13.60 8.72
CA PHE H 99 -38.68 14.81 9.23
C PHE H 99 -39.81 15.19 8.29
N GLY H 100 -40.92 15.65 8.85
CA GLY H 100 -42.07 16.03 8.04
C GLY H 100 -43.09 14.92 7.95
N ASN H 101 -42.68 13.71 8.30
CA ASN H 101 -43.62 12.61 8.43
C ASN H 101 -44.61 12.95 9.53
N ASP H 102 -45.89 12.64 9.31
CA ASP H 102 -46.90 13.01 10.28
C ASP H 102 -46.83 12.12 11.53
N PHE H 103 -45.83 12.38 12.37
CA PHE H 103 -45.63 11.63 13.60
C PHE H 103 -46.84 11.73 14.53
N ASN H 104 -47.58 12.82 14.43
CA ASN H 104 -48.79 12.99 15.23
C ASN H 104 -49.83 11.92 14.90
N THR H 105 -50.07 11.69 13.61
CA THR H 105 -51.00 10.65 13.17
C THR H 105 -50.46 9.29 13.55
N LEU H 106 -49.16 9.11 13.42
CA LEU H 106 -48.49 7.86 13.80
C LEU H 106 -48.63 7.60 15.28
N PHE H 107 -48.31 8.60 16.09
CA PHE H 107 -48.40 8.47 17.53
C PHE H 107 -49.86 8.42 18.01
N LYS H 108 -50.76 8.99 17.23
CA LYS H 108 -52.19 8.93 17.55
C LYS H 108 -52.66 7.48 17.51
N GLY H 109 -52.26 6.78 16.45
CA GLY H 109 -52.56 5.36 16.33
C GLY H 109 -51.72 4.51 17.26
N LEU H 110 -50.59 5.04 17.70
CA LEU H 110 -49.68 4.32 18.60
C LEU H 110 -50.32 4.11 19.96
N SER H 111 -51.13 5.08 20.39
CA SER H 111 -51.78 5.01 21.70
C SER H 111 -52.70 3.79 21.77
N SER H 112 -53.18 3.36 20.62
CA SER H 112 -54.05 2.18 20.54
C SER H 112 -53.28 0.88 20.73
N LYS H 113 -51.96 0.93 20.52
CA LYS H 113 -51.14 -0.26 20.63
C LYS H 113 -50.39 -0.32 21.97
N VAL H 114 -50.95 0.34 22.99
CA VAL H 114 -50.34 0.34 24.32
C VAL H 114 -51.36 0.81 25.36
N LYS H 118 -53.71 -5.92 31.25
CA LYS H 118 -53.59 -6.12 32.69
C LYS H 118 -52.20 -6.64 33.08
N CYS H 119 -52.10 -7.94 33.24
CA CYS H 119 -50.85 -8.58 33.62
C CYS H 119 -50.71 -9.93 32.92
N GLU H 120 -49.48 -10.30 32.56
CA GLU H 120 -48.30 -9.47 32.79
C GLU H 120 -47.45 -9.34 31.53
N GLU H 121 -46.72 -10.41 31.20
CA GLU H 121 -45.87 -10.47 30.01
C GLU H 121 -44.78 -9.40 29.98
N VAL H 122 -44.11 -9.28 28.84
CA VAL H 122 -43.00 -8.33 28.68
C VAL H 122 -43.49 -6.90 28.54
N SER H 123 -42.66 -5.95 28.96
CA SER H 123 -43.00 -4.53 28.86
C SER H 123 -42.53 -3.96 27.52
N CYS H 124 -43.30 -3.03 26.97
CA CYS H 124 -42.97 -2.45 25.68
C CYS H 124 -42.92 -0.92 25.75
N TYR H 125 -41.79 -0.35 25.32
CA TYR H 125 -41.59 1.09 25.34
C TYR H 125 -41.21 1.62 23.95
N VAL H 126 -42.09 2.42 23.37
CA VAL H 126 -41.89 2.91 22.02
C VAL H 126 -41.47 4.38 22.00
N MET H 127 -40.47 4.69 21.18
CA MET H 127 -40.01 6.06 21.00
C MET H 127 -40.05 6.45 19.53
N GLY H 128 -40.05 7.75 19.27
CA GLY H 128 -40.09 8.23 17.90
C GLY H 128 -38.80 8.93 17.51
N VAL H 129 -38.03 8.30 16.63
CA VAL H 129 -36.76 8.86 16.21
C VAL H 129 -36.89 9.44 14.81
N PRO H 130 -36.92 10.78 14.72
CA PRO H 130 -37.00 11.43 13.40
C PRO H 130 -35.62 11.67 12.79
N GLY H 131 -35.54 11.58 11.46
CA GLY H 131 -34.28 11.77 10.77
C GLY H 131 -34.00 10.64 9.81
N SER H 132 -33.10 10.87 8.87
CA SER H 132 -32.78 9.88 7.84
C SER H 132 -31.85 8.80 8.37
N PHE H 133 -32.09 7.56 7.96
CA PHE H 133 -31.23 6.46 8.34
C PHE H 133 -29.98 6.40 7.45
N HIS H 134 -29.90 7.31 6.50
CA HIS H 134 -28.73 7.43 5.64
C HIS H 134 -27.54 7.96 6.43
N GLY H 135 -27.82 8.43 7.65
CA GLY H 135 -26.77 8.82 8.58
C GLY H 135 -26.89 8.04 9.88
N ARG H 136 -26.15 8.46 10.90
CA ARG H 136 -26.20 7.84 12.21
C ARG H 136 -27.39 8.36 13.01
N LEU H 137 -28.12 7.45 13.65
CA LEU H 137 -29.32 7.83 14.38
C LEU H 137 -29.30 7.36 15.83
N PHE H 138 -28.46 6.37 16.12
CA PHE H 138 -28.43 5.80 17.46
C PHE H 138 -26.99 5.73 17.98
N PRO H 139 -26.83 5.77 19.32
CA PRO H 139 -25.53 5.56 19.96
C PRO H 139 -24.92 4.23 19.55
N ARG H 140 -23.59 4.13 19.68
CA ARG H 140 -22.87 2.93 19.26
C ARG H 140 -23.26 1.69 20.07
N ASN H 141 -23.43 0.57 19.39
CA ASN H 141 -23.81 -0.71 20.00
C ASN H 141 -25.09 -0.60 20.82
N SER H 142 -26.16 -0.12 20.20
CA SER H 142 -27.42 0.08 20.91
C SER H 142 -28.54 -0.79 20.36
N LEU H 143 -28.45 -1.16 19.09
CA LEU H 143 -29.52 -1.90 18.43
C LEU H 143 -29.21 -3.39 18.31
N HIS H 144 -30.11 -4.22 18.85
CA HIS H 144 -29.99 -5.67 18.69
C HIS H 144 -30.71 -6.11 17.42
N LEU H 145 -31.86 -5.50 17.16
CA LEU H 145 -32.68 -5.83 16.01
C LEU H 145 -33.00 -4.57 15.19
N VAL H 146 -32.83 -4.66 13.87
CA VAL H 146 -33.13 -3.53 12.99
C VAL H 146 -34.02 -3.97 11.83
N HIS H 147 -35.11 -3.24 11.62
CA HIS H 147 -36.05 -3.56 10.57
C HIS H 147 -36.42 -2.35 9.72
N SER H 148 -36.59 -2.59 8.42
CA SER H 148 -37.00 -1.53 7.48
C SER H 148 -37.76 -2.14 6.30
N SER H 149 -39.01 -1.72 6.11
CA SER H 149 -39.87 -2.25 5.07
C SER H 149 -40.22 -1.20 4.03
N TYR H 150 -39.86 -1.46 2.77
CA TYR H 150 -40.17 -0.56 1.66
C TYR H 150 -39.72 0.87 1.90
N SER H 151 -38.47 1.03 2.31
CA SER H 151 -37.94 2.34 2.66
C SER H 151 -36.50 2.56 2.21
N VAL H 152 -35.78 1.47 2.00
CA VAL H 152 -34.37 1.56 1.67
C VAL H 152 -34.15 1.75 0.17
N HIS H 153 -35.21 1.58 -0.61
CA HIS H 153 -35.13 1.75 -2.05
C HIS H 153 -35.14 3.24 -2.42
N TRP H 154 -35.62 4.07 -1.50
CA TRP H 154 -35.55 5.52 -1.68
C TRP H 154 -34.10 5.97 -1.51
N LEU H 155 -33.79 7.16 -2.01
CA LEU H 155 -32.41 7.63 -2.02
C LEU H 155 -32.28 9.01 -1.36
N THR H 156 -31.05 9.45 -1.16
CA THR H 156 -30.78 10.80 -0.66
C THR H 156 -31.16 11.83 -1.72
N GLN H 157 -30.81 11.51 -2.97
CA GLN H 157 -30.97 12.42 -4.08
C GLN H 157 -31.25 11.65 -5.37
N ALA H 158 -31.78 12.35 -6.37
CA ALA H 158 -31.84 11.81 -7.71
C ALA H 158 -30.41 11.56 -8.16
N PRO H 159 -30.20 10.51 -8.98
CA PRO H 159 -28.86 10.11 -9.41
C PRO H 159 -27.97 11.29 -9.80
N LYS H 160 -26.74 11.30 -9.27
CA LYS H 160 -25.80 12.39 -9.53
C LYS H 160 -25.55 12.56 -11.02
N GLY H 161 -25.59 11.45 -11.75
CA GLY H 161 -25.42 11.47 -13.18
C GLY H 161 -26.75 11.54 -13.91
N LEU H 162 -27.41 12.69 -13.82
CA LEU H 162 -28.65 12.92 -14.56
C LEU H 162 -28.60 14.28 -15.26
N THR H 163 -27.48 14.97 -15.08
CA THR H 163 -27.28 16.29 -15.66
C THR H 163 -25.82 16.73 -15.47
N SER H 164 -25.17 17.25 -16.52
CA SER H 164 -25.72 17.36 -17.87
C SER H 164 -24.66 17.34 -19.00
N ARG H 165 -23.55 18.10 -18.92
CA ARG H 165 -23.18 18.96 -17.81
C ARG H 165 -23.57 20.42 -18.03
N GLU H 166 -22.85 21.10 -18.93
CA GLU H 166 -23.13 22.50 -19.24
C GLU H 166 -24.35 22.63 -20.13
N LEU H 170 -30.90 15.40 -19.59
CA LEU H 170 -30.56 14.03 -19.98
C LEU H 170 -31.82 13.17 -20.14
N ASN H 171 -32.04 12.26 -19.21
CA ASN H 171 -33.19 11.36 -19.25
C ASN H 171 -34.49 12.14 -19.28
N LYS H 172 -35.23 11.99 -20.38
CA LYS H 172 -36.44 12.76 -20.62
C LYS H 172 -37.19 12.17 -21.83
N GLY H 173 -38.52 12.18 -21.79
CA GLY H 173 -39.27 12.69 -20.66
C GLY H 173 -39.86 11.58 -19.80
N ARG H 174 -39.05 11.10 -18.86
CA ARG H 174 -39.49 10.07 -17.93
C ARG H 174 -39.01 10.42 -16.53
N ILE H 175 -39.59 9.76 -15.52
CA ILE H 175 -39.24 10.04 -14.14
C ILE H 175 -38.43 8.91 -13.51
N TYR H 176 -38.01 7.97 -14.35
CA TYR H 176 -37.30 6.77 -13.89
C TYR H 176 -36.70 6.03 -15.09
N ILE H 177 -35.89 5.03 -14.80
CA ILE H 177 -35.33 4.14 -15.83
C ILE H 177 -36.43 3.51 -16.68
N SER H 178 -36.62 4.03 -17.89
CA SER H 178 -37.58 3.47 -18.82
C SER H 178 -36.85 2.73 -19.95
N LYS H 179 -37.61 2.17 -20.88
CA LYS H 179 -37.01 1.49 -22.03
C LYS H 179 -36.36 2.50 -22.96
N THR H 180 -36.75 3.76 -22.83
CA THR H 180 -36.19 4.85 -23.64
C THR H 180 -34.99 5.49 -22.96
N SER H 181 -34.58 4.95 -21.82
CA SER H 181 -33.49 5.54 -21.05
C SER H 181 -32.13 5.38 -21.71
N PRO H 182 -31.38 6.51 -21.83
CA PRO H 182 -29.99 6.67 -22.24
C PRO H 182 -29.04 5.69 -21.50
N PRO H 183 -27.77 5.57 -21.95
CA PRO H 183 -26.90 4.55 -21.37
C PRO H 183 -26.63 4.67 -19.88
N VAL H 184 -26.32 5.87 -19.41
CA VAL H 184 -25.88 6.06 -18.02
C VAL H 184 -27.03 6.15 -17.02
N VAL H 185 -28.26 6.32 -17.52
CA VAL H 185 -29.42 6.49 -16.65
C VAL H 185 -29.58 5.32 -15.69
N ARG H 186 -29.57 4.11 -16.24
CA ARG H 186 -29.61 2.91 -15.43
C ARG H 186 -28.39 2.80 -14.52
N GLU H 187 -27.22 3.12 -15.07
CA GLU H 187 -25.97 3.04 -14.32
C GLU H 187 -25.94 4.08 -13.21
N ALA H 188 -26.45 5.27 -13.51
CA ALA H 188 -26.49 6.35 -12.53
C ALA H 188 -27.31 5.95 -11.31
N TYR H 189 -28.44 5.29 -11.54
CA TYR H 189 -29.28 4.79 -10.45
C TYR H 189 -28.57 3.66 -9.72
N LEU H 190 -28.00 2.73 -10.48
CA LEU H 190 -27.24 1.62 -9.91
C LEU H 190 -26.06 2.13 -9.08
N SER H 191 -25.30 3.07 -9.65
CA SER H 191 -24.15 3.65 -8.96
C SER H 191 -24.61 4.47 -7.75
N GLN H 192 -25.85 4.96 -7.81
CA GLN H 192 -26.43 5.74 -6.73
C GLN H 192 -26.86 4.84 -5.58
N PHE H 193 -27.63 3.80 -5.90
CA PHE H 193 -28.08 2.86 -4.89
C PHE H 193 -26.90 2.14 -4.25
N HIS H 194 -25.82 1.99 -5.02
CA HIS H 194 -24.54 1.57 -4.47
C HIS H 194 -24.13 2.52 -3.35
N GLU H 195 -24.18 3.81 -3.66
CA GLU H 195 -23.70 4.89 -2.78
C GLU H 195 -24.54 5.08 -1.51
N ASP H 196 -25.85 5.18 -1.68
CA ASP H 196 -26.74 5.47 -0.56
C ASP H 196 -26.88 4.29 0.40
N PHE H 197 -26.85 3.08 -0.13
CA PHE H 197 -26.98 1.88 0.69
C PHE H 197 -25.75 1.73 1.59
N THR H 198 -24.56 2.02 1.06
CA THR H 198 -23.34 1.97 1.85
C THR H 198 -23.44 2.85 3.08
N MET H 199 -23.85 4.11 2.89
CA MET H 199 -24.02 5.05 3.98
C MET H 199 -24.95 4.45 5.03
N PHE H 200 -26.08 3.94 4.58
CA PHE H 200 -27.03 3.28 5.47
C PHE H 200 -26.41 2.06 6.15
N LEU H 201 -25.73 1.23 5.37
CA LEU H 201 -25.06 0.06 5.93
C LEU H 201 -23.92 0.46 6.87
N ASN H 202 -23.10 1.42 6.44
CA ASN H 202 -21.94 1.87 7.23
C ASN H 202 -22.35 2.61 8.50
N ALA H 203 -23.40 3.42 8.42
CA ALA H 203 -23.92 4.09 9.60
C ALA H 203 -24.50 3.05 10.55
N ARG H 204 -25.22 2.09 10.01
CA ARG H 204 -25.74 1.00 10.81
C ARG H 204 -24.58 0.15 11.32
N SER H 205 -23.52 0.03 10.53
CA SER H 205 -22.35 -0.76 10.90
C SER H 205 -21.66 -0.29 12.18
N GLN H 206 -22.10 0.84 12.73
CA GLN H 206 -21.59 1.32 14.00
C GLN H 206 -22.71 1.28 15.04
N GLU H 207 -23.93 1.00 14.58
CA GLU H 207 -25.11 1.07 15.44
C GLU H 207 -25.50 -0.28 16.00
N VAL H 208 -25.75 -1.24 15.12
CA VAL H 208 -26.16 -2.57 15.54
C VAL H 208 -25.08 -3.27 16.35
N VAL H 209 -25.48 -3.84 17.48
CA VAL H 209 -24.58 -4.58 18.35
C VAL H 209 -23.92 -5.73 17.57
N PRO H 210 -22.68 -6.08 17.93
CA PRO H 210 -22.02 -7.24 17.32
C PRO H 210 -22.89 -8.49 17.38
N ASN H 211 -22.90 -9.27 16.29
CA ASN H 211 -23.75 -10.45 16.14
C ASN H 211 -25.25 -10.08 16.18
N GLY H 212 -25.53 -8.79 16.03
CA GLY H 212 -26.90 -8.32 15.99
C GLY H 212 -27.54 -8.71 14.68
N CYS H 213 -28.87 -8.66 14.63
CA CYS H 213 -29.60 -9.08 13.45
C CYS H 213 -30.23 -7.90 12.71
N MET H 214 -30.48 -8.09 11.41
CA MET H 214 -31.11 -7.05 10.61
C MET H 214 -32.03 -7.65 9.55
N VAL H 215 -33.24 -7.11 9.43
CA VAL H 215 -34.21 -7.60 8.47
C VAL H 215 -34.81 -6.45 7.66
N LEU H 216 -34.51 -6.43 6.36
CA LEU H 216 -34.98 -5.34 5.50
C LEU H 216 -35.85 -5.86 4.35
N ILE H 217 -36.96 -5.16 4.11
CA ILE H 217 -37.81 -5.46 2.95
C ILE H 217 -37.95 -4.23 2.06
N LEU H 218 -37.90 -4.42 0.75
CA LEU H 218 -37.99 -3.31 -0.20
C LEU H 218 -38.52 -3.75 -1.56
N ARG H 219 -38.80 -2.76 -2.40
CA ARG H 219 -39.26 -3.00 -3.77
C ARG H 219 -38.09 -3.34 -4.69
N GLY H 220 -38.24 -4.39 -5.48
CA GLY H 220 -37.19 -4.80 -6.38
C GLY H 220 -37.67 -5.30 -7.73
N ARG H 221 -36.77 -5.91 -8.48
CA ARG H 221 -37.10 -6.44 -9.80
C ARG H 221 -36.51 -7.83 -10.01
N GLN H 222 -37.20 -8.63 -10.82
CA GLN H 222 -36.73 -9.97 -11.14
C GLN H 222 -36.26 -10.04 -12.59
N SER H 223 -36.28 -8.89 -13.26
CA SER H 223 -36.02 -8.83 -14.69
C SER H 223 -34.53 -8.81 -15.04
N SER H 224 -33.69 -8.46 -14.05
CA SER H 224 -32.25 -8.25 -14.25
C SER H 224 -31.94 -7.05 -15.15
N ASP H 225 -32.89 -6.69 -16.02
CA ASP H 225 -32.82 -5.45 -16.78
C ASP H 225 -33.87 -4.49 -16.24
N PRO H 226 -33.44 -3.31 -15.77
CA PRO H 226 -34.29 -2.39 -14.99
C PRO H 226 -35.40 -1.73 -15.80
N SER H 227 -35.17 -1.55 -17.10
CA SER H 227 -36.14 -0.83 -17.94
C SER H 227 -37.40 -1.66 -18.21
N ASP H 228 -37.34 -2.95 -17.90
CA ASP H 228 -38.46 -3.86 -18.11
C ASP H 228 -39.73 -3.37 -17.42
N MET H 229 -40.86 -3.53 -18.09
CA MET H 229 -42.14 -3.05 -17.59
C MET H 229 -42.48 -3.66 -16.23
N GLN H 230 -41.95 -4.85 -15.97
CA GLN H 230 -42.19 -5.53 -14.70
C GLN H 230 -41.63 -4.74 -13.52
N SER H 231 -40.57 -3.97 -13.77
CA SER H 231 -39.86 -3.26 -12.71
C SER H 231 -40.37 -1.84 -12.51
N CYS H 232 -40.65 -1.15 -13.61
CA CYS H 232 -40.88 0.30 -13.54
C CYS H 232 -42.25 0.73 -14.04
N PHE H 233 -43.25 -0.11 -13.86
CA PHE H 233 -44.57 0.16 -14.41
C PHE H 233 -45.34 1.25 -13.67
N ILE H 234 -45.05 1.46 -12.39
CA ILE H 234 -45.66 2.57 -11.67
C ILE H 234 -45.09 3.89 -12.15
N TRP H 235 -43.76 3.97 -12.24
CA TRP H 235 -43.09 5.20 -12.62
C TRP H 235 -43.31 5.52 -14.10
N GLU H 236 -43.39 4.48 -14.94
CA GLU H 236 -43.61 4.66 -16.37
C GLU H 236 -45.04 5.12 -16.64
N LEU H 237 -45.98 4.60 -15.87
CA LEU H 237 -47.38 5.01 -15.98
C LEU H 237 -47.57 6.45 -15.49
N LEU H 238 -46.84 6.81 -14.44
CA LEU H 238 -46.87 8.18 -13.93
C LEU H 238 -46.20 9.15 -14.90
N ALA H 239 -45.14 8.69 -15.55
CA ALA H 239 -44.45 9.50 -16.56
C ALA H 239 -45.36 9.71 -17.76
N ILE H 240 -46.19 8.72 -18.05
CA ILE H 240 -47.16 8.82 -19.13
C ILE H 240 -48.29 9.77 -18.75
N ALA H 241 -48.72 9.70 -17.50
CA ALA H 241 -49.80 10.56 -17.01
C ALA H 241 -49.33 12.00 -16.88
N ILE H 242 -48.07 12.17 -16.51
CA ILE H 242 -47.47 13.49 -16.38
C ILE H 242 -47.19 14.11 -17.75
N ALA H 243 -47.06 13.25 -18.76
CA ALA H 243 -46.76 13.70 -20.11
C ALA H 243 -48.01 14.23 -20.82
N GLU H 244 -49.15 13.60 -20.54
CA GLU H 244 -50.42 14.00 -21.15
C GLU H 244 -50.77 15.45 -20.81
N LEU H 245 -50.46 15.87 -19.60
CA LEU H 245 -50.82 17.20 -19.14
C LEU H 245 -49.90 18.25 -19.74
N VAL H 246 -48.73 17.82 -20.21
CA VAL H 246 -47.81 18.70 -20.93
C VAL H 246 -48.38 19.04 -22.30
N SER H 247 -48.98 18.05 -22.95
CA SER H 247 -49.64 18.27 -24.23
C SER H 247 -50.81 19.23 -24.08
N GLN H 248 -51.56 19.06 -23.00
CA GLN H 248 -52.66 19.95 -22.68
C GLN H 248 -52.13 21.32 -22.27
N GLY H 249 -50.86 21.38 -21.93
CA GLY H 249 -50.21 22.62 -21.55
C GLY H 249 -50.35 22.91 -20.07
N LEU H 250 -50.93 21.95 -19.35
CA LEU H 250 -51.14 22.10 -17.91
C LEU H 250 -49.82 22.25 -17.16
N ILE H 251 -48.83 21.46 -17.57
CA ILE H 251 -47.50 21.50 -16.95
C ILE H 251 -46.43 21.73 -18.00
N ASP H 252 -45.42 22.53 -17.66
CA ASP H 252 -44.30 22.81 -18.57
C ASP H 252 -43.53 21.53 -18.89
N GLU H 253 -43.07 21.42 -20.14
CA GLU H 253 -42.43 20.19 -20.60
C GLU H 253 -41.10 19.90 -19.90
N ASP H 254 -40.32 20.95 -19.65
CA ASP H 254 -39.00 20.79 -19.05
C ASP H 254 -39.07 20.23 -17.63
N LYS H 255 -40.20 20.42 -16.97
CA LYS H 255 -40.40 19.97 -15.60
C LYS H 255 -40.36 18.44 -15.51
N LEU H 256 -41.17 17.78 -16.34
CA LEU H 256 -41.20 16.32 -16.37
C LEU H 256 -39.88 15.77 -16.92
N ASP H 257 -39.21 16.59 -17.73
CA ASP H 257 -37.96 16.20 -18.37
C ASP H 257 -36.85 16.02 -17.34
N THR H 258 -36.59 17.08 -16.58
CA THR H 258 -35.45 17.10 -15.65
C THR H 258 -35.79 16.53 -14.27
N PHE H 259 -37.03 16.12 -14.07
CA PHE H 259 -37.39 15.50 -12.80
C PHE H 259 -37.42 13.98 -12.88
N ASN H 260 -36.49 13.35 -12.18
CA ASN H 260 -36.45 11.91 -12.03
C ASN H 260 -36.51 11.54 -10.56
N ILE H 261 -37.26 10.49 -10.25
CA ILE H 261 -37.57 10.14 -8.86
C ILE H 261 -36.38 9.52 -8.13
N PRO H 262 -36.08 10.05 -6.92
CA PRO H 262 -35.01 9.53 -6.05
C PRO H 262 -35.43 8.22 -5.39
N CYS H 263 -35.59 7.19 -6.22
CA CYS H 263 -36.01 5.87 -5.76
C CYS H 263 -35.60 4.82 -6.78
N TYR H 264 -35.08 3.70 -6.30
CA TYR H 264 -34.52 2.69 -7.19
C TYR H 264 -34.81 1.27 -6.72
N PHE H 265 -35.18 0.40 -7.67
CA PHE H 265 -35.46 -1.01 -7.39
C PHE H 265 -34.39 -1.90 -8.01
N PRO H 266 -33.57 -2.53 -7.17
CA PRO H 266 -32.45 -3.35 -7.63
C PRO H 266 -32.78 -4.84 -7.78
N SER H 267 -31.98 -5.57 -8.55
CA SER H 267 -32.14 -7.01 -8.63
C SER H 267 -31.34 -7.65 -7.49
N LEU H 268 -31.52 -8.96 -7.31
CA LEU H 268 -30.89 -9.68 -6.21
C LEU H 268 -29.37 -9.63 -6.25
N GLU H 269 -28.82 -9.79 -7.46
CA GLU H 269 -27.37 -9.78 -7.63
C GLU H 269 -26.76 -8.43 -7.25
N GLU H 270 -27.49 -7.35 -7.52
CA GLU H 270 -27.02 -6.01 -7.20
C GLU H 270 -26.96 -5.82 -5.69
N VAL H 271 -28.07 -6.10 -5.03
CA VAL H 271 -28.16 -6.05 -3.58
C VAL H 271 -27.00 -6.80 -2.94
N LYS H 272 -26.80 -8.05 -3.38
CA LYS H 272 -25.70 -8.90 -2.93
C LYS H 272 -24.38 -8.16 -3.01
N ASP H 273 -24.01 -7.72 -4.21
CA ASP H 273 -22.77 -6.98 -4.45
C ASP H 273 -22.58 -5.78 -3.50
N ILE H 274 -23.69 -5.18 -3.09
CA ILE H 274 -23.66 -4.04 -2.18
C ILE H 274 -23.34 -4.44 -0.74
N VAL H 275 -23.76 -5.64 -0.34
CA VAL H 275 -23.55 -6.11 1.04
C VAL H 275 -22.25 -6.90 1.20
N GLU H 276 -21.64 -7.34 0.10
CA GLU H 276 -20.37 -8.06 0.20
C GLU H 276 -19.19 -7.09 0.26
N ARG H 277 -19.21 -6.11 -0.63
CA ARG H 277 -18.13 -5.13 -0.76
C ARG H 277 -17.88 -4.42 0.56
N ASP H 278 -18.95 -4.15 1.31
CA ASP H 278 -18.83 -3.66 2.69
C ASP H 278 -19.17 -4.81 3.65
N GLY H 279 -18.14 -5.40 4.24
CA GLY H 279 -18.30 -6.60 5.05
C GLY H 279 -18.74 -6.40 6.49
N SER H 280 -19.65 -5.46 6.70
CA SER H 280 -20.16 -5.17 8.03
C SER H 280 -21.09 -6.29 8.52
N PHE H 281 -21.92 -6.79 7.62
CA PHE H 281 -22.88 -7.84 7.93
C PHE H 281 -22.74 -9.02 6.96
N THR H 282 -23.21 -10.18 7.39
CA THR H 282 -23.30 -11.35 6.51
C THR H 282 -24.76 -11.69 6.23
N ILE H 283 -25.02 -12.18 5.01
CA ILE H 283 -26.38 -12.48 4.58
C ILE H 283 -26.84 -13.85 5.09
N ASP H 284 -27.79 -13.86 6.03
CA ASP H 284 -28.34 -15.10 6.57
C ASP H 284 -29.40 -15.67 5.64
N HIS H 285 -30.23 -14.81 5.08
CA HIS H 285 -31.30 -15.24 4.22
C HIS H 285 -31.74 -14.12 3.29
N MET H 286 -31.88 -14.45 2.00
CA MET H 286 -32.37 -13.49 1.01
C MET H 286 -33.36 -14.17 0.07
N GLU H 287 -34.42 -13.45 -0.27
CA GLU H 287 -35.50 -14.01 -1.07
C GLU H 287 -36.30 -12.93 -1.78
N GLY H 288 -36.63 -13.17 -3.04
CA GLY H 288 -37.45 -12.25 -3.81
C GLY H 288 -38.75 -12.88 -4.25
N PHE H 289 -39.86 -12.26 -3.86
CA PHE H 289 -41.17 -12.78 -4.23
C PHE H 289 -42.00 -11.70 -4.92
N GLU H 290 -42.81 -12.12 -5.89
CA GLU H 290 -43.65 -11.19 -6.64
C GLU H 290 -45.12 -11.40 -6.33
N LEU H 291 -45.81 -10.29 -6.04
CA LEU H 291 -47.24 -10.35 -5.74
C LEU H 291 -48.03 -9.47 -6.70
N ASP H 292 -49.32 -9.79 -6.85
CA ASP H 292 -50.21 -9.01 -7.71
C ASP H 292 -50.22 -7.55 -7.29
N SER H 293 -50.08 -6.64 -8.26
CA SER H 293 -50.01 -5.21 -7.98
C SER H 293 -51.22 -4.72 -7.20
N LEU H 294 -52.37 -5.34 -7.44
CA LEU H 294 -53.60 -5.04 -6.71
C LEU H 294 -54.47 -6.29 -6.61
N GLN H 295 -55.54 -6.19 -5.82
CA GLN H 295 -56.60 -7.20 -5.79
C GLN H 295 -57.86 -6.55 -6.37
N MET H 296 -58.34 -6.88 -7.59
CA MET H 296 -58.10 -8.05 -8.49
C MET H 296 -58.95 -9.23 -8.04
N GLN H 297 -59.16 -9.35 -6.73
CA GLN H 297 -60.21 -10.22 -6.23
C GLN H 297 -61.54 -9.62 -6.65
N GLU H 298 -61.60 -8.29 -6.61
CA GLU H 298 -62.71 -7.53 -7.16
C GLU H 298 -62.74 -7.68 -8.69
N ASN H 299 -63.94 -7.75 -9.27
CA ASN H 299 -64.09 -7.95 -10.71
C ASN H 299 -64.40 -6.67 -11.48
N ASP H 300 -64.55 -5.57 -10.75
CA ASP H 300 -64.90 -4.29 -11.36
C ASP H 300 -63.67 -3.43 -11.60
N LYS H 301 -63.35 -3.19 -12.86
CA LYS H 301 -62.15 -2.45 -13.25
C LYS H 301 -62.21 -0.97 -12.87
N TRP H 302 -63.38 -0.49 -12.49
CA TRP H 302 -63.56 0.93 -12.19
C TRP H 302 -63.15 1.27 -10.76
N VAL H 303 -63.12 0.26 -9.89
CA VAL H 303 -62.76 0.49 -8.49
C VAL H 303 -61.43 -0.17 -8.12
N ARG H 304 -60.93 -1.07 -8.96
CA ARG H 304 -59.62 -1.68 -8.73
C ARG H 304 -58.54 -0.62 -8.90
N GLY H 305 -58.77 0.27 -9.87
CA GLY H 305 -57.88 1.38 -10.10
C GLY H 305 -57.99 2.37 -8.96
N GLU H 306 -59.16 2.44 -8.33
CA GLU H 306 -59.37 3.36 -7.23
C GLU H 306 -58.50 3.00 -6.03
N LYS H 307 -58.53 1.74 -5.62
CA LYS H 307 -57.71 1.27 -4.52
C LYS H 307 -56.22 1.31 -4.89
N PHE H 308 -55.92 1.00 -6.15
CA PHE H 308 -54.54 0.99 -6.62
C PHE H 308 -53.95 2.39 -6.67
N ALA H 309 -54.65 3.31 -7.34
CA ALA H 309 -54.18 4.69 -7.46
C ALA H 309 -54.04 5.35 -6.10
N LYS H 310 -55.00 5.09 -5.21
CA LYS H 310 -54.97 5.64 -3.87
C LYS H 310 -53.72 5.17 -3.12
N ILE H 311 -53.38 3.91 -3.31
CA ILE H 311 -52.16 3.36 -2.74
C ILE H 311 -50.93 4.00 -3.39
N VAL H 312 -51.01 4.22 -4.70
CA VAL H 312 -49.92 4.87 -5.43
C VAL H 312 -49.83 6.35 -5.07
N ARG H 313 -50.98 7.03 -5.08
CA ARG H 313 -51.03 8.46 -4.78
C ARG H 313 -50.61 8.74 -3.34
N ALA H 314 -50.76 7.74 -2.48
CA ALA H 314 -50.41 7.87 -1.07
C ALA H 314 -48.92 8.16 -0.88
N PHE H 315 -48.08 7.36 -1.53
CA PHE H 315 -46.64 7.49 -1.31
C PHE H 315 -45.94 8.33 -2.38
N THR H 316 -46.72 8.99 -3.24
CA THR H 316 -46.13 9.74 -4.34
C THR H 316 -46.51 11.22 -4.41
N GLU H 317 -47.67 11.60 -3.87
CA GLU H 317 -48.11 12.98 -3.95
C GLU H 317 -47.07 13.97 -3.38
N PRO H 318 -46.55 13.73 -2.16
CA PRO H 318 -45.57 14.70 -1.66
C PRO H 318 -44.33 14.83 -2.53
N ILE H 319 -43.82 13.72 -3.07
CA ILE H 319 -42.62 13.76 -3.90
C ILE H 319 -42.89 14.49 -5.22
N ILE H 320 -44.09 14.29 -5.74
CA ILE H 320 -44.48 14.88 -7.02
C ILE H 320 -44.94 16.33 -6.86
N SER H 321 -45.59 16.64 -5.74
CA SER H 321 -46.11 17.98 -5.47
C SER H 321 -45.02 19.05 -5.44
N ASN H 322 -43.83 18.67 -5.02
CA ASN H 322 -42.72 19.61 -4.92
C ASN H 322 -42.32 20.15 -6.28
N GLN H 323 -42.36 19.27 -7.29
CA GLN H 323 -41.92 19.62 -8.64
C GLN H 323 -43.02 20.26 -9.49
N PHE H 324 -44.26 19.87 -9.28
CA PHE H 324 -45.34 20.30 -10.16
C PHE H 324 -46.47 21.06 -9.46
N GLY H 325 -46.62 20.85 -8.16
CA GLY H 325 -47.61 21.58 -7.39
C GLY H 325 -48.86 20.78 -7.06
N HIS H 326 -49.60 21.23 -6.07
CA HIS H 326 -50.79 20.52 -5.58
C HIS H 326 -51.97 20.62 -6.54
N GLU H 327 -52.03 21.72 -7.29
CA GLU H 327 -53.18 22.04 -8.14
C GLU H 327 -53.44 20.97 -9.19
N ILE H 328 -52.38 20.52 -9.85
CA ILE H 328 -52.49 19.61 -10.98
C ILE H 328 -52.46 18.14 -10.54
N MET H 329 -52.35 17.91 -9.23
CA MET H 329 -52.26 16.56 -8.69
C MET H 329 -53.53 15.75 -8.91
N ASP H 330 -54.69 16.38 -8.72
CA ASP H 330 -55.96 15.72 -8.90
C ASP H 330 -56.12 15.21 -10.34
N LYS H 331 -55.72 16.04 -11.29
CA LYS H 331 -55.77 15.66 -12.70
C LYS H 331 -54.76 14.56 -13.02
N LEU H 332 -53.59 14.64 -12.38
CA LEU H 332 -52.52 13.68 -12.60
C LEU H 332 -52.94 12.26 -12.24
N TYR H 333 -53.54 12.09 -11.06
CA TYR H 333 -53.94 10.77 -10.60
C TYR H 333 -55.24 10.32 -11.26
N ASP H 334 -56.01 11.28 -11.77
CA ASP H 334 -57.22 10.97 -12.53
C ASP H 334 -56.83 10.36 -13.88
N LYS H 335 -55.87 10.99 -14.55
CA LYS H 335 -55.38 10.48 -15.82
C LYS H 335 -54.62 9.17 -15.61
N PHE H 336 -53.86 9.09 -14.52
CA PHE H 336 -53.14 7.87 -14.16
C PHE H 336 -54.11 6.70 -14.05
N THR H 337 -55.17 6.88 -13.25
CA THR H 337 -56.18 5.85 -13.06
C THR H 337 -56.86 5.47 -14.37
N HIS H 338 -57.08 6.47 -15.23
CA HIS H 338 -57.72 6.26 -16.52
C HIS H 338 -56.84 5.35 -17.39
N ILE H 339 -55.55 5.64 -17.45
CA ILE H 339 -54.61 4.84 -18.22
C ILE H 339 -54.54 3.40 -17.68
N VAL H 340 -54.57 3.27 -16.36
CA VAL H 340 -54.58 1.93 -15.75
C VAL H 340 -55.85 1.16 -16.12
N VAL H 341 -56.98 1.84 -16.11
CA VAL H 341 -58.26 1.20 -16.37
C VAL H 341 -58.62 1.09 -17.84
N SER H 342 -58.33 2.13 -18.62
CA SER H 342 -58.73 2.15 -20.03
C SER H 342 -57.69 1.49 -20.94
N ASP H 343 -56.42 1.77 -20.71
CA ASP H 343 -55.37 1.25 -21.58
C ASP H 343 -54.95 -0.17 -21.21
N LEU H 344 -54.73 -0.43 -19.92
CA LEU H 344 -54.28 -1.75 -19.50
C LEU H 344 -55.43 -2.65 -19.00
N GLU H 345 -56.65 -2.13 -19.06
CA GLU H 345 -57.86 -2.86 -18.63
C GLU H 345 -57.72 -3.44 -17.22
N ALA H 346 -57.28 -2.60 -16.29
CA ALA H 346 -57.04 -2.98 -14.89
C ALA H 346 -56.13 -4.19 -14.77
N LYS H 347 -55.11 -4.27 -15.63
CA LYS H 347 -54.12 -5.32 -15.56
C LYS H 347 -52.73 -4.73 -15.41
N LEU H 348 -51.98 -5.21 -14.42
CA LEU H 348 -50.64 -4.70 -14.15
C LEU H 348 -49.68 -5.84 -13.81
N PRO H 349 -48.39 -5.69 -14.15
CA PRO H 349 -47.39 -6.70 -13.82
C PRO H 349 -47.30 -6.92 -12.31
N LYS H 350 -46.99 -8.15 -11.89
CA LYS H 350 -46.83 -8.46 -10.48
C LYS H 350 -45.70 -7.64 -9.86
N THR H 351 -45.76 -7.41 -8.55
CA THR H 351 -44.79 -6.57 -7.87
C THR H 351 -43.78 -7.38 -7.05
N THR H 352 -42.51 -7.28 -7.43
CA THR H 352 -41.44 -8.03 -6.77
C THR H 352 -40.97 -7.36 -5.48
N SER H 353 -41.07 -8.08 -4.38
CA SER H 353 -40.58 -7.60 -3.09
C SER H 353 -39.34 -8.38 -2.68
N ILE H 354 -38.43 -7.73 -1.96
CA ILE H 354 -37.18 -8.36 -1.59
C ILE H 354 -36.99 -8.44 -0.07
N ILE H 355 -36.69 -9.63 0.43
CA ILE H 355 -36.38 -9.80 1.85
C ILE H 355 -34.88 -10.03 2.04
N LEU H 356 -34.28 -9.24 2.94
CA LEU H 356 -32.86 -9.38 3.24
C LEU H 356 -32.65 -9.50 4.74
N VAL H 357 -32.21 -10.69 5.17
CA VAL H 357 -31.92 -10.94 6.59
C VAL H 357 -30.40 -10.99 6.82
N LEU H 358 -29.92 -10.13 7.71
CA LEU H 358 -28.49 -9.98 7.94
C LEU H 358 -28.11 -10.13 9.41
N SER H 359 -26.83 -10.38 9.66
CA SER H 359 -26.29 -10.33 11.01
C SER H 359 -24.90 -9.73 11.00
N LYS H 360 -24.59 -8.96 12.05
CA LYS H 360 -23.33 -8.21 12.13
C LYS H 360 -22.11 -9.13 12.04
N ILE H 361 -21.25 -8.88 11.07
CA ILE H 361 -20.10 -9.74 10.84
C ILE H 361 -18.96 -9.49 11.82
N VAL H 362 -18.79 -8.24 12.23
CA VAL H 362 -17.70 -7.84 13.12
C VAL H 362 -17.72 -8.61 14.44
N SAH I . -21.74 4.27 -32.28
CA SAH I . -22.34 4.64 -33.55
CB SAH I . -21.33 4.52 -34.69
CG SAH I . -21.24 3.16 -35.37
SD SAH I . -19.54 2.61 -35.56
C SAH I . -23.57 3.77 -33.80
O SAH I . -24.40 4.05 -34.67
OXT SAH I . -23.77 2.74 -33.16
C5' SAH I . -19.56 3.05 -37.32
C4' SAH I . -20.15 1.93 -38.17
O4' SAH I . -20.29 2.33 -39.53
C3' SAH I . -19.29 0.68 -38.16
O3' SAH I . -19.95 -0.38 -37.50
C2' SAH I . -19.11 0.28 -39.61
O2' SAH I . -19.42 -1.07 -39.80
C1' SAH I . -20.13 1.17 -40.32
N9 SAH I . -19.70 1.46 -41.70
C8 SAH I . -18.50 1.97 -42.11
N7 SAH I . -18.51 2.07 -43.46
C5 SAH I . -19.70 1.62 -43.91
C6 SAH I . -20.24 1.48 -45.18
N6 SAH I . -19.53 1.85 -46.24
N1 SAH I . -21.51 0.98 -45.33
C2 SAH I . -22.24 0.58 -44.22
N3 SAH I . -21.71 0.71 -42.95
C4 SAH I . -20.46 1.22 -42.81
C4 EXU J . -15.28 6.14 -33.18
C5 EXU J . -14.36 7.04 -32.80
C6 EXU J . -13.58 7.66 -33.86
C8 EXU J . -15.40 6.32 -30.94
N1 EXU J . -13.79 7.32 -35.18
N3 EXU J . -15.39 5.71 -34.51
CAK EXU J . -16.49 4.89 -34.87
C2 EXU J . -14.61 6.25 -35.52
O2 EXU J . -14.93 6.10 -36.68
CAJ EXU J . -12.93 7.86 -36.18
O6 EXU J . -12.67 8.46 -33.59
N9 EXU J . -16.03 5.79 -32.05
O8 EXU J . -15.85 6.33 -29.79
N7 EXU J . -14.35 7.09 -31.42
CAL EXU J . -13.52 7.92 -30.59
N SAH K . 7.36 -13.97 34.74
CA SAH K . 6.85 -13.58 33.43
CB SAH K . 7.08 -14.71 32.43
CG SAH K . 8.31 -14.49 31.56
SD SAH K . 9.59 -15.76 31.70
C SAH K . 5.39 -13.14 33.51
O SAH K . 4.55 -13.61 32.74
OXT SAH K . 5.03 -12.31 34.33
C5' SAH K . 9.88 -15.60 29.92
C4' SAH K . 9.33 -16.79 29.13
O4' SAH K . 9.13 -16.42 27.78
C3' SAH K . 10.29 -17.97 29.11
O3' SAH K . 9.71 -19.06 29.80
C2' SAH K . 10.47 -18.34 27.66
O2' SAH K . 10.25 -19.72 27.47
C1' SAH K . 9.38 -17.55 26.95
N9 SAH K . 9.78 -17.17 25.58
C8 SAH K . 10.95 -16.61 25.17
N7 SAH K . 10.90 -16.43 23.84
C5 SAH K . 9.70 -16.88 23.39
C6 SAH K . 9.12 -16.94 22.11
N6 SAH K . 9.79 -16.50 21.05
N1 SAH K . 7.86 -17.47 21.96
C2 SAH K . 7.17 -17.94 23.06
N3 SAH K . 7.74 -17.87 24.32
C4 SAH K . 8.99 -17.35 24.48
C4 EXU L . 14.07 -12.47 33.76
C5 EXU L . 15.09 -11.67 34.13
C6 EXU L . 16.00 -11.23 33.10
C8 EXU L . 13.92 -12.19 35.99
N1 EXU L . 15.93 -11.77 31.82
N3 EXU L . 13.93 -12.89 32.44
CAK EXU L . 12.66 -13.37 32.03
C2 EXU L . 14.87 -12.60 31.45
O2 EXU L . 14.61 -12.78 30.29
CAJ EXU L . 16.78 -11.26 30.80
O6 EXU L . 17.00 -10.55 33.39
N9 EXU L . 13.25 -12.66 34.87
O8 EXU L . 13.43 -12.06 37.11
N7 EXU L . 15.06 -11.54 35.52
CAL EXU L . 15.91 -10.71 36.31
SD SAH M . -12.98 46.99 6.15
C5' SAH M . -14.32 47.56 7.22
C4' SAH M . -13.95 48.83 8.00
O4' SAH M . -15.12 49.45 8.53
C3' SAH M . -13.05 48.52 9.18
O3' SAH M . -11.77 49.06 8.99
C2' SAH M . -13.69 49.19 10.38
O2' SAH M . -12.75 50.00 11.04
C1' SAH M . -14.80 50.04 9.77
N9 SAH M . -15.96 50.13 10.69
C8 SAH M . -16.54 49.10 11.39
N7 SAH M . -17.58 49.61 12.11
C5 SAH M . -17.66 50.94 11.87
C6 SAH M . -18.52 51.93 12.33
N6 SAH M . -19.48 51.63 13.18
N1 SAH M . -18.35 53.23 11.90
C2 SAH M . -17.34 53.54 11.02
N3 SAH M . -16.49 52.55 10.55
C4 SAH M . -16.64 51.27 10.97
C4 EXU N . -14.19 40.90 6.25
C5 EXU N . -14.60 39.63 6.39
C6 EXU N . -15.60 39.34 7.40
C8 EXU N . -13.14 39.69 4.67
N1 EXU N . -16.13 40.37 8.17
N3 EXU N . -14.72 41.91 7.06
CAK EXU N . -14.37 43.26 6.75
C2 EXU N . -15.71 41.68 8.00
O2 EXU N . -16.05 42.55 8.78
CAJ EXU N . -17.13 40.07 9.14
O6 EXU N . -15.94 38.17 7.65
N9 EXU N . -13.21 40.93 5.26
O8 EXU N . -12.28 39.34 3.86
N7 EXU N . -13.91 38.85 5.46
CAL EXU N . -14.10 37.45 5.21
N SAH O . -6.49 -42.87 21.49
CA SAH O . -7.36 -42.06 22.34
CB SAH O . -6.78 -41.97 23.75
CG SAH O . -7.83 -41.80 24.84
SD SAH O . -7.20 -42.09 26.51
C SAH O . -7.54 -40.68 21.72
O SAH O . -7.57 -39.66 22.42
OXT SAH O . -7.65 -40.54 20.51
C5' SAH O . -8.61 -41.22 27.22
C4' SAH O . -8.20 -39.95 27.95
O4' SAH O . -9.35 -39.28 28.47
C3' SAH O . -7.31 -40.24 29.16
O3' SAH O . -6.00 -39.79 28.92
C2' SAH O . -7.94 -39.52 30.33
O2' SAH O . -7.00 -38.70 30.97
C1' SAH O . -9.02 -38.66 29.70
N9 SAH O . -10.18 -38.51 30.61
C8 SAH O . -10.82 -39.48 31.32
N7 SAH O . -11.81 -38.91 32.03
C5 SAH O . -11.80 -37.58 31.80
C6 SAH O . -12.58 -36.53 32.28
N6 SAH O . -13.58 -36.75 33.13
N1 SAH O . -12.33 -35.24 31.84
C2 SAH O . -11.29 -35.00 30.96
N3 SAH O . -10.53 -36.05 30.49
C4 SAH O . -10.77 -37.32 30.91
C4 EXU P . -8.51 -47.69 26.00
C5 EXU P . -8.99 -48.95 25.88
C6 EXU P . -10.23 -49.28 26.53
C8 EXU P . -7.12 -48.79 24.63
N1 EXU P . -10.94 -48.30 27.21
N3 EXU P . -9.25 -46.72 26.68
CAK EXU P . -8.78 -45.38 26.69
C2 EXU P . -10.45 -47.01 27.33
O2 EXU P . -10.83 -46.29 28.24
CAJ EXU P . -11.93 -48.72 28.14
O6 EXU P . -10.56 -50.46 26.70
N9 EXU P . -7.31 -47.60 25.31
O8 EXU P . -6.59 -48.88 23.52
N7 EXU P . -8.05 -49.69 25.14
CAL EXU P . -8.08 -51.09 24.87
N SAH Q . 41.60 4.60 9.78
CA SAH Q . 42.46 3.72 10.58
CB SAH Q . 43.42 4.56 11.43
CG SAH Q . 44.27 5.49 10.60
SD SAH Q . 43.39 6.72 9.62
C SAH Q . 41.64 2.78 11.45
O SAH Q . 42.13 2.21 12.42
OXT SAH Q . 40.46 2.56 11.19
C5' SAH Q . 45.00 7.48 9.32
C4' SAH Q . 45.30 8.55 10.35
O4' SAH Q . 46.71 8.70 10.51
C3' SAH Q . 44.78 9.89 9.88
O3' SAH Q . 43.81 10.38 10.78
C2' SAH Q . 45.98 10.83 9.84
O2' SAH Q . 45.66 12.02 10.50
C1' SAH Q . 47.05 10.08 10.60
N9 SAH Q . 48.38 10.33 10.04
C8 SAH Q . 48.74 10.34 8.72
N7 SAH Q . 50.06 10.62 8.65
C5 SAH Q . 50.54 10.79 9.90
C6 SAH Q . 51.80 11.10 10.39
N6 SAH Q . 52.83 11.27 9.56
N1 SAH Q . 51.99 11.21 11.75
C2 SAH Q . 50.92 11.03 12.62
N3 SAH Q . 49.68 10.73 12.12
C4 SAH Q . 49.49 10.62 10.77
C4 EXU R . 41.71 4.54 4.19
C5 EXU R . 41.51 4.07 2.94
C6 EXU R . 42.55 4.33 1.97
C8 EXU R . 39.64 3.64 4.13
N1 EXU R . 43.65 5.09 2.32
N3 EXU R . 42.84 5.28 4.52
CAK EXU R . 43.17 5.44 5.90
C2 EXU R . 43.79 5.64 3.58
O2 EXU R . 44.88 6.03 3.95
CAJ EXU R . 44.67 5.33 1.35
O6 EXU R . 42.42 3.96 0.80
N9 EXU R . 40.61 4.15 4.97
O8 EXU R . 38.63 3.02 4.51
N7 EXU R . 40.23 3.52 2.88
CAL EXU R . 39.63 2.85 1.76
SD SAH S . 12.41 44.60 -32.44
C5' SAH S . 11.77 43.27 -31.39
C4' SAH S . 11.44 42.00 -32.17
O4' SAH S . 11.35 40.88 -31.31
C3' SAH S . 10.09 42.10 -32.89
O3' SAH S . 10.28 42.25 -34.27
C2' SAH S . 9.39 40.79 -32.61
O2' SAH S . 9.03 40.14 -33.80
C1' SAH S . 10.43 39.96 -31.87
N9 SAH S . 9.79 39.10 -30.86
C8 SAH S . 8.87 39.47 -29.92
N7 SAH S . 8.53 38.37 -29.21
C5 SAH S . 9.23 37.31 -29.70
C6 SAH S . 9.26 35.97 -29.34
N6 SAH S . 8.51 35.52 -28.35
N1 SAH S . 10.09 35.11 -30.03
C2 SAH S . 10.87 35.57 -31.06
N3 SAH S . 10.83 36.91 -31.41
C4 SAH S . 10.02 37.76 -30.73
C4 EXU T . 10.65 49.53 -28.81
C5 EXU T . 10.33 50.61 -28.06
C6 EXU T . 9.64 50.37 -26.81
C8 EXU T . 11.30 51.38 -29.94
N1 EXU T . 9.22 49.08 -26.47
N3 EXU T . 10.35 48.24 -28.37
CAK EXU T . 10.65 47.15 -29.25
C2 EXU T . 9.60 47.99 -27.23
O2 EXU T . 9.48 46.86 -26.80
CAJ EXU T . 8.57 48.86 -25.22
O6 EXU T . 9.36 51.30 -26.05
N9 EXU T . 11.31 49.99 -29.95
O8 EXU T . 12.02 52.09 -30.65
N7 EXU T . 10.78 51.75 -28.71
CAL EXU T . 10.53 53.10 -28.32
N SAH U . 21.94 -41.93 -12.45
CA SAH U . 21.85 -43.32 -12.03
CB SAH U . 20.59 -43.98 -12.59
CG SAH U . 19.41 -43.99 -11.61
SD SAH U . 17.80 -44.14 -12.42
C SAH U . 23.11 -44.08 -12.41
O SAH U . 23.14 -45.32 -12.43
OXT SAH U . 24.14 -43.48 -12.74
C5' SAH U . 17.39 -45.61 -11.45
C4' SAH U . 17.19 -46.84 -12.32
O4' SAH U . 17.14 -48.01 -11.52
C3' SAH U . 15.86 -46.80 -13.08
O3' SAH U . 16.06 -46.67 -14.47
C2' SAH U . 15.16 -48.11 -12.78
O2' SAH U . 14.79 -48.77 -13.96
C1' SAH U . 16.19 -48.93 -12.04
N9 SAH U . 15.55 -49.71 -10.96
C8 SAH U . 14.64 -49.27 -10.03
N7 SAH U . 14.30 -50.31 -9.24
C5 SAH U . 14.96 -51.41 -9.66
C6 SAH U . 14.99 -52.73 -9.22
N6 SAH U . 14.25 -53.11 -8.18
N1 SAH U . 15.79 -53.64 -9.86
C2 SAH U . 16.56 -53.26 -10.94
N3 SAH U . 16.54 -51.95 -11.38
C4 SAH U . 15.75 -51.05 -10.74
C4 EXU V . 16.26 -39.53 -9.16
C5 EXU V . 15.84 -38.53 -8.36
C6 EXU V . 14.99 -38.88 -7.25
C8 EXU V . 17.29 -37.65 -9.85
N1 EXU V . 14.45 -40.17 -7.15
N3 EXU V . 15.82 -40.84 -8.96
CAK EXU V . 16.54 -41.89 -9.61
C2 EXU V . 14.85 -41.17 -8.03
O2 EXU V . 14.66 -42.33 -7.73
CAJ EXU V . 13.75 -40.53 -5.97
O6 EXU V . 14.56 -38.01 -6.48
N9 EXU V . 17.17 -39.01 -10.06
O8 EXU V . 17.77 -36.85 -10.65
N7 EXU V . 16.38 -37.33 -8.85
CAL EXU V . 16.26 -36.04 -8.25
N SAH W . -44.34 -0.95 5.85
CA SAH W . -44.14 0.44 6.23
CB SAH W . -43.92 1.28 4.98
CG SAH W . -43.16 2.58 5.21
SD SAH W . -43.52 3.86 3.98
C SAH W . -45.34 0.95 7.03
O SAH W . -45.22 1.39 8.17
OXT SAH W . -46.47 0.92 6.56
C5' SAH W . -41.76 4.20 3.76
C4' SAH W . -41.28 5.33 4.67
O4' SAH W . -39.86 5.48 4.62
C3' SAH W . -41.87 6.68 4.27
O3' SAH W . -42.83 7.10 5.20
C2' SAH W . -40.70 7.64 4.24
O2' SAH W . -40.97 8.78 5.01
C1' SAH W . -39.56 6.85 4.86
N9 SAH W . -38.25 7.26 4.29
C8 SAH W . -37.96 7.58 2.99
N7 SAH W . -36.66 7.90 2.90
C5 SAH W . -36.10 7.79 4.13
C6 SAH W . -34.80 8.00 4.60
N6 SAH W . -33.84 8.40 3.78
N1 SAH W . -34.54 7.82 5.94
C2 SAH W . -35.55 7.41 6.80
N3 SAH W . -36.82 7.20 6.32
C4 SAH W . -37.10 7.39 5.00
C4 EXU X . -45.38 1.49 -1.05
C5 EXU X . -45.45 1.02 -2.31
C6 EXU X . -44.28 1.17 -3.13
C8 EXU X . -47.42 0.55 -1.30
N1 EXU X . -43.35 2.16 -2.81
N3 EXU X . -44.29 2.26 -0.64
CAK EXU X . -44.04 2.41 0.75
C2 EXU X . -43.34 2.72 -1.54
O2 EXU X . -42.34 3.29 -1.14
CAJ EXU X . -42.23 2.35 -3.66
O6 EXU X . -44.23 0.65 -4.25
N9 EXU X . -46.54 1.09 -0.39
O8 EXU X . -48.41 -0.11 -1.01
N7 EXU X . -46.73 0.46 -2.50
CAL EXU X . -47.32 0.12 -3.76
#